data_6MYA
#
_entry.id   6MYA
#
_cell.length_a   69.650
_cell.length_b   244.370
_cell.length_c   115.020
_cell.angle_alpha   90.000
_cell.angle_beta   90.090
_cell.angle_gamma   90.000
#
_symmetry.space_group_name_H-M   'P 1 21 1'
#
loop_
_entity.id
_entity.type
_entity.pdbx_description
1 polymer Hemagglutinin
2 branched 2-acetamido-2-deoxy-beta-D-glucopyranose-(1-4)-2-acetamido-2-deoxy-beta-D-glucopyranose
3 non-polymer 2-acetamido-2-deoxy-beta-D-glucopyranose
4 non-polymer 1,2-ETHANEDIOL
5 non-polymer DI(HYDROXYETHYL)ETHER
6 water water
#
_entity_poly.entity_id   1
_entity_poly.type   'polypeptide(L)'
_entity_poly.pdbx_seq_one_letter_code
;GSDTICIGYHANNSTDTVDTLLEKNVTVTHSVNLLEDSHNGKLCKLKGIAPLQLGKCNIAGWLLGNPECDSLLPARSWSY
IVETPNSENGACYPGDFIDYEELKEQLSSVSSLERFEIFPKESSWPNHNTLKGVTASCSHGGKSSFYRNLLWLTKTGDSY
PKLTNSYVNNKGKEVLVLWGVHHPSSSNEQQSLYHNVNAYVSVVSSNYNRRFTPEIAARPKVRDQPGRMNYYWTLLEPGD
TIIFEATGNLIAPWYAFALSRGFGSSIIISNASMHECNTKCQTPQGAINSSLPFQNIHPVTIGECPKYVRSTKLRMVTGL
RNIPSIQSRGLFGAIAGFIEGGWTGMIDGWYGYHHQNEQGSGYAADQKSTQNAINGITNKVNSVIEKMNTQFTTVGKEFN
NLEKRMENLNKKVDDGFLDIWTYNAELLVLLENERTLDFHDSNVKNLYEKVKSQLKNNAKEIGNGCFEFYHKCDNECMES
VRNGTYDYPKYSEEFLVPR
;
_entity_poly.pdbx_strand_id   A,B,C,D,E,F
#
# COMPACT_ATOMS: atom_id res chain seq x y z
N SER A 2 -26.47 79.68 -11.52
CA SER A 2 -25.21 80.22 -12.02
C SER A 2 -24.01 79.44 -11.48
N ASP A 3 -23.99 79.20 -10.17
CA ASP A 3 -22.86 78.51 -9.56
C ASP A 3 -22.82 77.06 -10.01
N THR A 4 -21.61 76.55 -10.23
CA THR A 4 -21.44 75.23 -10.82
C THR A 4 -20.33 74.46 -10.09
N ILE A 5 -20.51 73.13 -10.02
CA ILE A 5 -19.44 72.23 -9.59
C ILE A 5 -19.35 71.08 -10.58
N CYS A 6 -18.14 70.73 -10.97
CA CYS A 6 -17.89 69.73 -11.99
C CYS A 6 -17.01 68.62 -11.41
N ILE A 7 -17.26 67.37 -11.82
CA ILE A 7 -16.44 66.24 -11.43
C ILE A 7 -15.55 65.88 -12.60
N GLY A 8 -14.26 65.68 -12.32
CA GLY A 8 -13.30 65.42 -13.36
C GLY A 8 -12.08 64.65 -12.87
N TYR A 9 -11.07 64.57 -13.72
CA TYR A 9 -9.90 63.77 -13.42
C TYR A 9 -8.63 64.51 -13.84
N HIS A 10 -7.50 64.01 -13.35
CA HIS A 10 -6.21 64.69 -13.45
C HIS A 10 -5.67 64.65 -14.88
N ALA A 11 -4.89 65.68 -15.23
CA ALA A 11 -4.08 65.68 -16.43
C ALA A 11 -2.80 66.45 -16.12
N ASN A 12 -1.74 66.14 -16.88
CA ASN A 12 -0.45 66.79 -16.67
C ASN A 12 0.30 66.83 -18.00
N ASN A 13 1.60 67.08 -17.94
CA ASN A 13 2.42 67.19 -19.15
C ASN A 13 3.15 65.89 -19.46
N SER A 14 2.69 64.77 -18.91
CA SER A 14 3.36 63.50 -19.12
C SER A 14 3.29 63.05 -20.58
N THR A 15 4.43 62.62 -21.10
CA THR A 15 4.54 62.04 -22.42
C THR A 15 4.70 60.52 -22.38
N ASP A 16 4.51 59.91 -21.21
CA ASP A 16 4.66 58.46 -21.11
C ASP A 16 3.50 57.76 -21.81
N THR A 17 3.82 56.68 -22.52
CA THR A 17 2.82 55.88 -23.23
C THR A 17 2.88 54.44 -22.77
N VAL A 18 1.72 53.79 -22.71
CA VAL A 18 1.62 52.37 -22.42
C VAL A 18 0.74 51.73 -23.50
N ASP A 19 0.77 50.41 -23.53
CA ASP A 19 -0.01 49.62 -24.49
C ASP A 19 -1.02 48.76 -23.76
N THR A 20 -2.11 48.46 -24.47
CA THR A 20 -3.07 47.46 -24.05
C THR A 20 -3.33 46.56 -25.26
N LEU A 21 -4.15 45.52 -25.05
CA LEU A 21 -4.56 44.70 -26.18
C LEU A 21 -5.40 45.50 -27.16
N LEU A 22 -6.20 46.43 -26.66
CA LEU A 22 -7.09 47.23 -27.50
C LEU A 22 -6.36 48.39 -28.18
N GLU A 23 -5.37 48.98 -27.52
CA GLU A 23 -4.75 50.22 -27.97
C GLU A 23 -3.25 50.20 -27.75
N LYS A 24 -2.55 50.93 -28.62
CA LYS A 24 -1.12 51.13 -28.50
C LYS A 24 -0.82 52.61 -28.25
N ASN A 25 0.28 52.88 -27.55
CA ASN A 25 0.79 54.24 -27.32
C ASN A 25 -0.29 55.12 -26.70
N VAL A 26 -0.80 54.69 -25.54
CA VAL A 26 -1.77 55.49 -24.80
C VAL A 26 -0.99 56.39 -23.85
N THR A 27 -1.09 57.69 -24.07
CA THR A 27 -0.40 58.61 -23.19
C THR A 27 -1.14 58.67 -21.86
N VAL A 28 -0.41 58.48 -20.77
CA VAL A 28 -1.01 58.36 -19.46
C VAL A 28 -0.28 59.30 -18.49
N THR A 29 -0.97 59.64 -17.41
CA THR A 29 -0.44 60.64 -16.50
C THR A 29 0.72 60.09 -15.67
N HIS A 30 0.65 58.81 -15.28
CA HIS A 30 1.68 58.22 -14.44
C HIS A 30 1.86 56.76 -14.80
N SER A 31 3.10 56.29 -14.74
CA SER A 31 3.40 54.92 -15.09
C SER A 31 4.75 54.54 -14.51
N VAL A 32 5.01 53.23 -14.47
CA VAL A 32 6.27 52.70 -13.92
CA VAL A 32 6.26 52.69 -13.91
C VAL A 32 6.92 51.79 -14.96
N ASN A 33 8.22 51.96 -15.13
CA ASN A 33 8.99 51.07 -15.99
C ASN A 33 9.37 49.82 -15.20
N LEU A 34 9.13 48.63 -15.79
CA LEU A 34 9.49 47.37 -15.15
C LEU A 34 10.71 46.69 -15.78
N LEU A 35 11.30 47.29 -16.80
CA LEU A 35 12.34 46.65 -17.60
C LEU A 35 13.64 47.41 -17.44
N GLU A 36 14.63 46.77 -16.81
CA GLU A 36 15.96 47.37 -16.69
C GLU A 36 16.74 47.16 -17.97
N ASP A 37 17.28 48.26 -18.52
CA ASP A 37 18.08 48.18 -19.74
C ASP A 37 19.42 48.90 -19.61
N SER A 38 19.82 49.30 -18.41
CA SER A 38 21.06 50.03 -18.20
C SER A 38 21.99 49.22 -17.31
N HIS A 39 23.27 49.20 -17.68
CA HIS A 39 24.33 48.57 -16.90
C HIS A 39 25.56 49.47 -16.96
N ASN A 40 26.54 49.19 -16.10
CA ASN A 40 27.74 50.04 -16.03
C ASN A 40 28.86 49.60 -16.98
N GLY A 41 28.63 48.58 -17.78
CA GLY A 41 29.60 48.13 -18.77
C GLY A 41 30.92 47.65 -18.19
N LYS A 42 30.97 47.37 -16.89
CA LYS A 42 32.20 46.98 -16.23
C LYS A 42 31.98 45.70 -15.43
N LEU A 43 33.09 45.02 -15.12
CA LEU A 43 33.11 43.93 -14.17
C LEU A 43 33.34 44.47 -12.76
N CYS A 44 32.56 43.99 -11.81
CA CYS A 44 32.61 44.50 -10.45
C CYS A 44 32.79 43.36 -9.46
N LYS A 45 33.09 43.76 -8.22
CA LYS A 45 33.07 42.83 -7.10
C LYS A 45 31.62 42.46 -6.79
N LEU A 46 31.44 41.26 -6.23
CA LEU A 46 30.13 40.75 -5.87
C LEU A 46 30.09 40.59 -4.36
N LYS A 47 29.24 41.38 -3.69
CA LYS A 47 29.16 41.37 -2.23
C LYS A 47 30.54 41.57 -1.59
N GLY A 48 31.34 42.46 -2.18
CA GLY A 48 32.64 42.80 -1.64
C GLY A 48 33.82 41.93 -2.06
N ILE A 49 33.59 40.88 -2.85
CA ILE A 49 34.65 39.94 -3.24
C ILE A 49 34.87 40.02 -4.74
N ALA A 50 36.12 40.25 -5.15
CA ALA A 50 36.45 40.32 -6.57
C ALA A 50 36.40 38.95 -7.23
N PRO A 51 36.13 38.91 -8.54
CA PRO A 51 36.20 37.64 -9.26
C PRO A 51 37.64 37.25 -9.57
N LEU A 52 37.80 36.00 -10.00
CA LEU A 52 39.09 35.52 -10.50
C LEU A 52 39.14 35.77 -12.01
N GLN A 53 40.07 36.62 -12.44
CA GLN A 53 40.26 36.94 -13.86
C GLN A 53 41.41 36.09 -14.41
N LEU A 54 41.07 35.09 -15.22
CA LEU A 54 42.10 34.22 -15.78
C LEU A 54 42.90 34.90 -16.89
N GLY A 55 42.38 36.00 -17.42
CA GLY A 55 43.15 36.79 -18.37
C GLY A 55 43.44 36.02 -19.63
N LYS A 56 44.72 35.90 -19.95
CA LYS A 56 45.13 35.23 -21.18
C LYS A 56 45.06 33.71 -21.09
N CYS A 57 44.65 33.18 -19.94
CA CYS A 57 44.60 31.75 -19.69
C CYS A 57 43.16 31.26 -19.64
N ASN A 58 42.95 29.98 -19.99
CA ASN A 58 41.66 29.35 -19.71
C ASN A 58 41.82 28.48 -18.47
N ILE A 59 40.75 27.76 -18.14
CA ILE A 59 40.74 26.95 -16.92
C ILE A 59 41.86 25.92 -16.96
N ALA A 60 42.05 25.28 -18.11
CA ALA A 60 43.10 24.27 -18.26
C ALA A 60 44.47 24.87 -17.98
N GLY A 61 44.77 26.02 -18.59
CA GLY A 61 46.07 26.64 -18.37
C GLY A 61 46.26 27.01 -16.91
N TRP A 62 45.19 27.46 -16.25
CA TRP A 62 45.27 27.79 -14.84
C TRP A 62 45.54 26.55 -14.01
N LEU A 63 44.70 25.52 -14.14
CA LEU A 63 44.79 24.39 -13.23
C LEU A 63 46.02 23.52 -13.54
N LEU A 64 46.39 23.40 -14.82
CA LEU A 64 47.62 22.69 -15.15
C LEU A 64 48.84 23.48 -14.76
N GLY A 65 48.71 24.81 -14.67
CA GLY A 65 49.88 25.62 -14.39
C GLY A 65 50.72 25.86 -15.63
N ASN A 66 50.09 26.12 -16.75
CA ASN A 66 50.80 26.60 -17.91
C ASN A 66 51.74 27.72 -17.46
N PRO A 67 53.03 27.63 -17.78
CA PRO A 67 54.00 28.60 -17.24
C PRO A 67 53.67 30.03 -17.58
N GLU A 68 52.85 30.28 -18.59
CA GLU A 68 52.43 31.64 -18.92
C GLU A 68 51.32 32.15 -18.01
N CYS A 69 50.88 31.35 -17.06
CA CYS A 69 49.77 31.71 -16.17
C CYS A 69 50.22 31.87 -14.72
N ASP A 70 51.51 32.09 -14.50
CA ASP A 70 52.07 32.10 -13.14
C ASP A 70 51.39 33.13 -12.24
N SER A 71 50.87 34.21 -12.80
CA SER A 71 50.18 35.19 -11.97
C SER A 71 48.94 34.61 -11.30
N LEU A 72 48.40 33.51 -11.81
CA LEU A 72 47.21 32.89 -11.25
C LEU A 72 47.52 31.90 -10.13
N LEU A 73 48.79 31.55 -9.91
CA LEU A 73 49.13 30.58 -8.87
C LEU A 73 48.77 30.99 -7.46
N PRO A 74 48.86 32.26 -7.04
CA PRO A 74 48.46 32.61 -5.68
C PRO A 74 46.96 32.59 -5.44
N ALA A 75 46.16 32.23 -6.45
CA ALA A 75 44.70 32.34 -6.37
C ALA A 75 44.15 31.60 -5.14
N ARG A 76 43.32 32.30 -4.37
CA ARG A 76 42.76 31.77 -3.13
C ARG A 76 41.25 31.74 -3.20
N SER A 77 40.57 32.90 -3.22
CA SER A 77 39.11 32.95 -3.19
C SER A 77 38.60 34.00 -4.17
N TRP A 78 37.35 33.80 -4.63
CA TRP A 78 36.75 34.65 -5.63
C TRP A 78 35.24 34.52 -5.55
N SER A 79 34.53 35.46 -6.20
CA SER A 79 33.08 35.42 -6.27
C SER A 79 32.55 34.82 -7.56
N TYR A 80 33.32 34.90 -8.65
CA TYR A 80 33.03 34.23 -9.90
C TYR A 80 34.34 34.17 -10.68
N ILE A 81 34.35 33.40 -11.75
CA ILE A 81 35.54 33.22 -12.58
C ILE A 81 35.26 33.76 -13.97
N VAL A 82 36.23 34.47 -14.53
CA VAL A 82 36.09 35.15 -15.81
C VAL A 82 37.12 34.60 -16.79
N GLU A 83 36.65 33.97 -17.85
CA GLU A 83 37.49 33.71 -19.01
C GLU A 83 37.27 34.83 -20.00
N THR A 84 38.33 35.20 -20.69
CA THR A 84 38.19 36.17 -21.75
C THR A 84 38.14 35.47 -23.10
N PRO A 85 37.58 36.12 -24.13
CA PRO A 85 37.65 35.53 -25.47
C PRO A 85 39.08 35.44 -26.01
N ASN A 86 40.04 36.08 -25.35
CA ASN A 86 41.45 36.07 -25.76
C ASN A 86 42.26 34.93 -25.16
N SER A 87 41.64 33.86 -24.69
CA SER A 87 42.43 32.78 -24.09
C SER A 87 43.41 32.16 -25.06
N GLU A 88 44.69 32.49 -24.92
CA GLU A 88 45.75 31.89 -25.70
C GLU A 88 46.54 30.84 -24.93
N ASN A 89 46.33 30.71 -23.62
CA ASN A 89 47.16 29.85 -22.79
C ASN A 89 46.34 28.79 -22.08
N GLY A 90 46.36 27.57 -22.62
CA GLY A 90 45.72 26.44 -21.99
C GLY A 90 46.71 25.31 -21.82
N ALA A 91 46.43 24.15 -22.42
CA ALA A 91 47.36 23.03 -22.42
C ALA A 91 48.41 23.30 -23.50
N CYS A 92 49.57 23.81 -23.08
CA CYS A 92 50.61 24.14 -24.06
C CYS A 92 51.10 22.91 -24.82
N TYR A 93 51.20 21.76 -24.14
CA TYR A 93 51.56 20.52 -24.82
C TYR A 93 50.29 19.87 -25.37
N PRO A 94 50.21 19.65 -26.68
CA PRO A 94 48.94 19.23 -27.28
C PRO A 94 48.46 17.86 -26.81
N GLY A 95 47.15 17.75 -26.64
CA GLY A 95 46.52 16.51 -26.21
C GLY A 95 45.08 16.80 -25.85
N ASP A 96 44.39 15.74 -25.43
CA ASP A 96 43.00 15.85 -25.00
CA ASP A 96 43.00 15.87 -25.01
C ASP A 96 42.94 16.04 -23.49
N PHE A 97 42.01 16.86 -23.04
CA PHE A 97 41.75 17.07 -21.62
C PHE A 97 40.43 16.34 -21.36
N ILE A 98 40.50 15.13 -20.83
CA ILE A 98 39.32 14.28 -20.70
C ILE A 98 38.35 14.89 -19.69
N ASP A 99 37.07 14.95 -20.05
CA ASP A 99 36.01 15.46 -19.16
C ASP A 99 36.30 16.91 -18.71
N TYR A 100 36.85 17.71 -19.63
CA TYR A 100 37.16 19.11 -19.32
C TYR A 100 35.90 19.88 -18.95
N GLU A 101 34.83 19.69 -19.73
CA GLU A 101 33.57 20.39 -19.44
C GLU A 101 33.03 20.01 -18.07
N GLU A 102 33.15 18.73 -17.69
CA GLU A 102 32.69 18.31 -16.38
C GLU A 102 33.50 18.98 -15.28
N LEU A 103 34.83 19.09 -15.49
CA LEU A 103 35.68 19.77 -14.52
C LEU A 103 35.25 21.23 -14.35
N LYS A 104 35.00 21.92 -15.45
CA LYS A 104 34.56 23.31 -15.34
C LYS A 104 33.24 23.41 -14.60
N GLU A 105 32.34 22.47 -14.86
CA GLU A 105 31.08 22.45 -14.13
C GLU A 105 31.33 22.29 -12.64
N GLN A 106 32.33 21.46 -12.27
CA GLN A 106 32.69 21.28 -10.87
C GLN A 106 33.20 22.57 -10.25
N LEU A 107 34.10 23.25 -10.97
CA LEU A 107 34.67 24.52 -10.50
C LEU A 107 33.63 25.60 -10.33
N SER A 108 32.50 25.51 -11.04
CA SER A 108 31.49 26.56 -10.97
C SER A 108 30.87 26.69 -9.58
N SER A 109 30.96 25.66 -8.75
CA SER A 109 30.47 25.73 -7.37
C SER A 109 31.61 25.79 -6.35
N VAL A 110 32.81 26.15 -6.79
CA VAL A 110 33.97 26.26 -5.91
C VAL A 110 34.19 27.73 -5.60
N SER A 111 34.19 28.05 -4.31
CA SER A 111 34.41 29.42 -3.88
C SER A 111 35.86 29.72 -3.56
N SER A 112 36.63 28.69 -3.23
CA SER A 112 38.05 28.86 -2.97
C SER A 112 38.73 27.50 -3.10
N LEU A 113 40.01 27.54 -3.44
CA LEU A 113 40.83 26.34 -3.43
C LEU A 113 42.16 26.66 -2.78
N GLU A 114 42.77 25.64 -2.18
CA GLU A 114 44.13 25.73 -1.63
C GLU A 114 45.04 24.88 -2.51
N ARG A 115 45.93 25.53 -3.23
CA ARG A 115 46.95 24.83 -3.99
C ARG A 115 48.01 24.29 -3.03
N PHE A 116 48.30 23.01 -3.12
CA PHE A 116 49.30 22.45 -2.22
C PHE A 116 50.09 21.37 -2.93
N GLU A 117 51.28 21.10 -2.40
CA GLU A 117 52.22 20.18 -3.02
C GLU A 117 51.80 18.74 -2.67
N ILE A 118 51.04 18.10 -3.55
CA ILE A 118 50.57 16.75 -3.23
C ILE A 118 51.73 15.75 -3.22
N PHE A 119 52.67 15.87 -4.17
CA PHE A 119 53.85 15.01 -4.26
C PHE A 119 55.08 15.90 -4.35
N PRO A 120 55.72 16.24 -3.21
CA PRO A 120 56.92 17.09 -3.27
C PRO A 120 57.95 16.56 -4.26
N LYS A 121 58.33 17.42 -5.22
CA LYS A 121 59.20 17.01 -6.31
C LYS A 121 60.52 16.43 -5.80
N GLU A 122 61.11 17.04 -4.78
CA GLU A 122 62.45 16.63 -4.38
C GLU A 122 62.46 15.35 -3.56
N SER A 123 61.33 14.87 -3.06
CA SER A 123 61.35 13.71 -2.19
C SER A 123 60.44 12.57 -2.64
N SER A 124 59.54 12.81 -3.58
CA SER A 124 58.54 11.79 -3.89
C SER A 124 59.06 10.74 -4.87
N TRP A 125 60.11 11.03 -5.62
CA TRP A 125 60.50 10.20 -6.75
C TRP A 125 62.00 9.88 -6.73
N PRO A 126 62.46 9.15 -5.72
CA PRO A 126 63.91 8.91 -5.61
C PRO A 126 64.49 8.08 -6.74
N ASN A 127 63.67 7.30 -7.46
CA ASN A 127 64.18 6.36 -8.45
C ASN A 127 63.96 6.83 -9.89
N HIS A 128 63.58 8.08 -10.11
CA HIS A 128 63.28 8.57 -11.44
C HIS A 128 63.86 9.96 -11.61
N ASN A 129 63.96 10.41 -12.85
CA ASN A 129 64.57 11.69 -13.13
C ASN A 129 63.51 12.77 -13.12
N THR A 130 63.70 13.78 -12.28
CA THR A 130 62.76 14.89 -12.18
C THR A 130 63.22 16.14 -12.91
N LEU A 131 64.37 16.10 -13.59
CA LEU A 131 64.94 17.33 -14.11
C LEU A 131 64.88 17.48 -15.62
N LYS A 132 64.67 16.40 -16.36
CA LYS A 132 64.72 16.46 -17.82
C LYS A 132 63.38 16.80 -18.45
N GLY A 133 62.32 16.96 -17.66
CA GLY A 133 60.97 17.07 -18.16
C GLY A 133 60.50 18.46 -18.53
N VAL A 134 61.18 19.10 -19.47
CA VAL A 134 60.81 20.41 -20.00
C VAL A 134 60.70 20.30 -21.51
N THR A 135 60.01 21.27 -22.11
CA THR A 135 59.70 21.18 -23.53
C THR A 135 59.49 22.57 -24.13
N ALA A 136 59.86 22.71 -25.40
CA ALA A 136 59.65 23.97 -26.10
C ALA A 136 58.17 24.28 -26.31
N SER A 137 57.30 23.27 -26.27
CA SER A 137 55.85 23.51 -26.36
C SER A 137 55.33 24.33 -25.19
N CYS A 138 56.02 24.31 -24.06
CA CYS A 138 55.61 25.06 -22.87
C CYS A 138 56.69 26.03 -22.43
N SER A 139 57.03 27.00 -23.26
CA SER A 139 58.14 27.89 -22.96
C SER A 139 57.75 28.97 -21.95
N HIS A 140 58.78 29.51 -21.29
CA HIS A 140 58.64 30.65 -20.40
C HIS A 140 59.92 31.45 -20.46
N GLY A 141 59.80 32.74 -20.76
CA GLY A 141 61.00 33.56 -20.83
C GLY A 141 62.00 33.10 -21.86
N GLY A 142 61.51 32.58 -22.98
CA GLY A 142 62.39 32.10 -24.05
C GLY A 142 63.14 30.83 -23.73
N LYS A 143 62.77 30.11 -22.68
CA LYS A 143 63.40 28.84 -22.35
C LYS A 143 62.32 27.77 -22.23
N SER A 144 62.67 26.55 -22.66
CA SER A 144 61.74 25.44 -22.53
CA SER A 144 61.76 25.43 -22.53
C SER A 144 61.37 25.22 -21.08
N SER A 145 60.11 24.90 -20.83
CA SER A 145 59.62 24.79 -19.46
C SER A 145 58.53 23.72 -19.40
N PHE A 146 57.73 23.75 -18.34
CA PHE A 146 56.65 22.78 -18.20
C PHE A 146 55.64 23.36 -17.23
N TYR A 147 54.51 22.67 -17.14
CA TYR A 147 53.46 23.03 -16.19
C TYR A 147 54.02 23.17 -14.77
N ARG A 148 53.46 24.12 -14.02
CA ARG A 148 53.89 24.32 -12.65
C ARG A 148 53.28 23.29 -11.70
N ASN A 149 52.18 22.65 -12.10
CA ASN A 149 51.46 21.75 -11.21
C ASN A 149 51.66 20.28 -11.55
N LEU A 150 52.39 19.97 -12.63
CA LEU A 150 52.67 18.59 -13.02
C LEU A 150 54.17 18.40 -13.13
N LEU A 151 54.60 17.14 -13.15
CA LEU A 151 56.03 16.78 -13.20
C LEU A 151 56.25 15.67 -14.21
N TRP A 152 57.04 15.95 -15.26
CA TRP A 152 57.32 15.01 -16.34
C TRP A 152 58.47 14.10 -15.95
N LEU A 153 58.17 12.96 -15.33
CA LEU A 153 59.20 12.03 -14.88
C LEU A 153 59.81 11.29 -16.08
N THR A 154 61.11 11.06 -16.03
CA THR A 154 61.77 10.30 -17.09
C THR A 154 62.73 9.33 -16.45
N LYS A 155 63.38 8.51 -17.28
CA LYS A 155 64.25 7.48 -16.74
C LYS A 155 65.52 8.12 -16.20
N THR A 156 66.09 7.52 -15.17
CA THR A 156 67.42 7.90 -14.69
C THR A 156 68.39 6.73 -14.89
N GLY A 157 69.54 7.03 -15.49
CA GLY A 157 70.50 5.97 -15.76
C GLY A 157 69.90 4.81 -16.54
N ASP A 158 69.15 5.13 -17.59
CA ASP A 158 68.53 4.15 -18.48
C ASP A 158 67.66 3.16 -17.70
N SER A 159 67.02 3.61 -16.62
CA SER A 159 66.12 2.75 -15.87
C SER A 159 64.91 3.55 -15.42
N TYR A 160 63.75 2.91 -15.51
CA TYR A 160 62.48 3.49 -15.06
C TYR A 160 61.79 2.37 -14.30
N PRO A 161 62.07 2.23 -13.01
CA PRO A 161 61.42 1.17 -12.24
C PRO A 161 59.93 1.45 -12.13
N LYS A 162 59.17 0.40 -11.86
CA LYS A 162 57.77 0.57 -11.56
C LYS A 162 57.65 1.47 -10.33
N LEU A 163 56.93 2.58 -10.49
CA LEU A 163 56.72 3.47 -9.36
C LEU A 163 55.34 3.20 -8.77
N THR A 164 55.24 3.41 -7.46
CA THR A 164 53.96 3.34 -6.74
C THR A 164 54.01 4.46 -5.71
N ASN A 165 53.07 5.40 -5.79
CA ASN A 165 52.97 6.51 -4.86
C ASN A 165 51.52 6.73 -4.47
N SER A 166 51.28 6.85 -3.17
CA SER A 166 49.95 7.07 -2.60
C SER A 166 49.91 8.41 -1.88
N TYR A 167 48.72 8.99 -1.87
CA TYR A 167 48.45 10.21 -1.12
C TYR A 167 47.11 10.06 -0.43
N VAL A 168 47.10 10.27 0.88
CA VAL A 168 45.89 10.23 1.68
C VAL A 168 45.35 11.64 1.78
N ASN A 169 44.08 11.82 1.44
CA ASN A 169 43.49 13.15 1.58
C ASN A 169 43.21 13.45 3.05
N ASN A 170 44.05 14.28 3.67
CA ASN A 170 43.88 14.65 5.08
C ASN A 170 43.43 16.09 5.24
N LYS A 171 42.90 16.68 4.17
CA LYS A 171 42.53 18.09 4.11
C LYS A 171 41.13 18.38 4.64
N GLY A 172 40.31 17.36 4.87
CA GLY A 172 38.93 17.57 5.27
C GLY A 172 38.04 18.14 4.19
N LYS A 173 38.51 18.18 2.96
CA LYS A 173 37.78 18.71 1.82
C LYS A 173 38.08 17.81 0.63
N GLU A 174 37.29 17.97 -0.42
CA GLU A 174 37.64 17.31 -1.68
C GLU A 174 38.99 17.82 -2.17
N VAL A 175 39.79 16.91 -2.73
CA VAL A 175 41.05 17.31 -3.37
C VAL A 175 40.95 16.99 -4.86
N LEU A 176 41.16 18.00 -5.68
CA LEU A 176 41.24 17.84 -7.13
C LEU A 176 42.67 17.49 -7.48
N VAL A 177 42.86 16.31 -8.05
CA VAL A 177 44.16 15.85 -8.49
C VAL A 177 44.15 15.82 -10.01
N LEU A 178 45.17 16.41 -10.64
CA LEU A 178 45.37 16.40 -12.08
C LEU A 178 46.65 15.65 -12.45
N TRP A 179 46.62 14.94 -13.58
CA TRP A 179 47.83 14.30 -14.06
C TRP A 179 47.74 14.17 -15.58
N GLY A 180 48.84 13.71 -16.18
CA GLY A 180 48.87 13.51 -17.60
C GLY A 180 49.48 12.17 -17.96
N VAL A 181 49.24 11.75 -19.19
CA VAL A 181 49.86 10.55 -19.77
C VAL A 181 50.44 10.94 -21.11
N HIS A 182 51.71 10.63 -21.31
CA HIS A 182 52.41 11.06 -22.51
C HIS A 182 52.43 9.95 -23.57
N HIS A 183 52.22 10.35 -24.83
CA HIS A 183 52.19 9.46 -25.98
C HIS A 183 53.28 9.86 -26.96
N PRO A 184 54.44 9.20 -26.93
CA PRO A 184 55.52 9.52 -27.88
C PRO A 184 55.10 9.24 -29.32
N SER A 185 55.88 9.79 -30.25
CA SER A 185 55.61 9.58 -31.67
C SER A 185 56.47 8.46 -32.27
N SER A 186 57.34 7.85 -31.47
CA SER A 186 58.14 6.71 -31.94
C SER A 186 58.55 5.85 -30.75
N SER A 187 58.88 4.58 -31.04
CA SER A 187 59.41 3.68 -30.02
C SER A 187 60.78 4.12 -29.54
N ASN A 188 61.61 4.64 -30.45
CA ASN A 188 62.88 5.21 -30.01
CA ASN A 188 62.89 5.22 -30.03
C ASN A 188 62.66 6.30 -28.97
N GLU A 189 61.71 7.20 -29.21
CA GLU A 189 61.39 8.21 -28.20
C GLU A 189 60.86 7.58 -26.92
N GLN A 190 59.97 6.58 -27.04
CA GLN A 190 59.50 5.86 -25.85
C GLN A 190 60.67 5.34 -25.04
N GLN A 191 61.64 4.71 -25.71
CA GLN A 191 62.79 4.17 -25.00
C GLN A 191 63.73 5.27 -24.51
N SER A 192 63.92 6.32 -25.30
CA SER A 192 64.81 7.39 -24.85
C SER A 192 64.27 8.05 -23.59
N LEU A 193 62.94 8.15 -23.47
CA LEU A 193 62.35 8.82 -22.32
C LEU A 193 62.16 7.90 -21.11
N TYR A 194 61.68 6.68 -21.34
CA TYR A 194 61.20 5.85 -20.24
C TYR A 194 61.84 4.46 -20.21
N HIS A 195 62.74 4.16 -21.15
CA HIS A 195 63.39 2.85 -21.32
C HIS A 195 62.43 1.73 -21.71
N ASN A 196 61.39 1.52 -20.90
CA ASN A 196 60.49 0.39 -21.10
C ASN A 196 59.65 0.57 -22.35
N VAL A 197 59.67 -0.45 -23.21
CA VAL A 197 58.98 -0.35 -24.49
C VAL A 197 57.48 -0.30 -24.28
N ASN A 198 56.97 -1.14 -23.39
CA ASN A 198 55.55 -1.30 -23.11
C ASN A 198 55.25 -0.90 -21.67
N ALA A 199 54.93 0.36 -21.46
CA ALA A 199 54.65 0.93 -20.16
C ALA A 199 53.14 1.04 -19.96
N TYR A 200 52.77 1.35 -18.72
CA TYR A 200 51.39 1.66 -18.41
C TYR A 200 51.38 2.62 -17.24
N VAL A 201 50.24 3.28 -17.07
CA VAL A 201 49.97 4.17 -15.95
C VAL A 201 48.68 3.67 -15.33
N SER A 202 48.64 3.58 -14.01
CA SER A 202 47.45 3.19 -13.30
C SER A 202 47.15 4.22 -12.23
N VAL A 203 45.89 4.63 -12.12
CA VAL A 203 45.47 5.63 -11.14
C VAL A 203 44.18 5.12 -10.48
N VAL A 204 44.24 4.86 -9.16
CA VAL A 204 43.12 4.23 -8.47
C VAL A 204 42.90 4.89 -7.11
N SER A 205 41.63 5.22 -6.82
CA SER A 205 41.20 5.64 -5.50
C SER A 205 40.11 4.68 -5.01
N SER A 206 39.30 5.07 -4.04
CA SER A 206 38.19 4.21 -3.66
C SER A 206 37.03 4.30 -4.64
N ASN A 207 36.97 5.36 -5.45
CA ASN A 207 35.89 5.53 -6.43
C ASN A 207 36.37 5.93 -7.80
N TYR A 208 37.67 5.83 -8.08
CA TYR A 208 38.24 6.04 -9.40
C TYR A 208 39.21 4.90 -9.67
N ASN A 209 39.26 4.46 -10.93
CA ASN A 209 40.05 3.29 -11.31
C ASN A 209 40.23 3.33 -12.83
N ARG A 210 41.40 3.76 -13.27
CA ARG A 210 41.64 3.81 -14.71
C ARG A 210 43.09 3.45 -15.00
N ARG A 211 43.28 2.79 -16.13
CA ARG A 211 44.59 2.37 -16.60
CA ARG A 211 44.59 2.37 -16.60
C ARG A 211 44.85 2.95 -17.99
N PHE A 212 46.06 3.45 -18.21
CA PHE A 212 46.42 4.13 -19.44
C PHE A 212 47.62 3.43 -20.05
N THR A 213 47.53 3.16 -21.33
CA THR A 213 48.60 2.60 -22.15
C THR A 213 49.02 3.63 -23.19
N PRO A 214 50.31 3.88 -23.37
CA PRO A 214 50.73 4.83 -24.40
C PRO A 214 50.36 4.29 -25.77
N GLU A 215 49.91 5.18 -26.64
CA GLU A 215 49.56 4.82 -28.01
C GLU A 215 50.49 5.59 -28.93
N ILE A 216 51.44 4.87 -29.52
CA ILE A 216 52.47 5.44 -30.37
CA ILE A 216 52.46 5.46 -30.37
C ILE A 216 52.00 5.39 -31.81
N ALA A 217 52.01 6.54 -32.49
CA ALA A 217 51.65 6.58 -33.90
C ALA A 217 52.12 7.89 -34.51
N ALA A 218 52.16 7.91 -35.85
CA ALA A 218 52.43 9.13 -36.59
C ALA A 218 51.20 10.05 -36.51
N ARG A 219 51.43 11.30 -36.12
CA ARG A 219 50.38 12.29 -35.91
C ARG A 219 50.80 13.63 -36.48
N PRO A 220 49.85 14.45 -36.93
CA PRO A 220 50.21 15.81 -37.37
C PRO A 220 50.69 16.66 -36.20
N LYS A 221 51.65 17.54 -36.50
CA LYS A 221 52.20 18.41 -35.47
C LYS A 221 51.19 19.48 -35.08
N VAL A 222 50.97 19.62 -33.78
CA VAL A 222 50.24 20.74 -33.21
C VAL A 222 51.23 21.56 -32.40
N ARG A 223 51.40 22.83 -32.78
CA ARG A 223 52.42 23.70 -32.21
CA ARG A 223 52.41 23.68 -32.19
C ARG A 223 53.77 23.00 -32.23
N ASP A 224 54.15 22.57 -33.45
CA ASP A 224 55.43 21.92 -33.76
C ASP A 224 55.69 20.67 -32.92
N GLN A 225 54.66 19.94 -32.52
CA GLN A 225 54.82 18.78 -31.64
C GLN A 225 54.00 17.59 -32.13
N PRO A 226 54.64 16.50 -32.60
CA PRO A 226 53.87 15.33 -33.03
C PRO A 226 53.48 14.38 -31.90
N GLY A 227 54.07 14.53 -30.72
CA GLY A 227 53.63 13.77 -29.56
C GLY A 227 52.30 14.28 -29.05
N ARG A 228 51.72 13.54 -28.11
CA ARG A 228 50.52 13.99 -27.44
C ARG A 228 50.64 13.72 -25.96
N MET A 229 49.89 14.50 -25.19
CA MET A 229 49.84 14.37 -23.74
C MET A 229 48.38 14.58 -23.33
N ASN A 230 47.74 13.53 -22.84
CA ASN A 230 46.35 13.65 -22.42
C ASN A 230 46.31 13.95 -20.94
N TYR A 231 45.35 14.80 -20.54
CA TYR A 231 45.25 15.29 -19.18
C TYR A 231 44.00 14.73 -18.54
N TYR A 232 44.12 14.34 -17.26
CA TYR A 232 43.04 13.72 -16.52
C TYR A 232 42.96 14.34 -15.12
N TRP A 233 41.82 14.13 -14.47
CA TRP A 233 41.57 14.69 -13.15
C TRP A 233 40.59 13.77 -12.43
N THR A 234 40.59 13.86 -11.10
CA THR A 234 39.56 13.22 -10.28
C THR A 234 39.43 14.02 -8.99
N LEU A 235 38.27 13.88 -8.35
CA LEU A 235 38.02 14.45 -7.03
C LEU A 235 38.24 13.36 -5.99
N LEU A 236 39.22 13.56 -5.12
CA LEU A 236 39.55 12.61 -4.06
C LEU A 236 38.78 12.99 -2.80
N GLU A 237 37.91 12.08 -2.35
CA GLU A 237 37.08 12.37 -1.17
C GLU A 237 37.94 12.49 0.09
N PRO A 238 37.48 13.26 1.07
CA PRO A 238 38.17 13.34 2.38
C PRO A 238 38.37 11.96 2.97
N GLY A 239 39.59 11.70 3.45
CA GLY A 239 39.92 10.39 3.98
C GLY A 239 40.30 9.34 2.95
N ASP A 240 40.06 9.57 1.67
CA ASP A 240 40.38 8.56 0.68
C ASP A 240 41.84 8.68 0.25
N THR A 241 42.35 7.61 -0.34
CA THR A 241 43.71 7.52 -0.85
C THR A 241 43.68 7.38 -2.37
N ILE A 242 44.61 8.03 -3.04
CA ILE A 242 44.81 7.81 -4.46
C ILE A 242 46.20 7.21 -4.65
N ILE A 243 46.29 6.20 -5.50
CA ILE A 243 47.55 5.48 -5.73
C ILE A 243 47.91 5.59 -7.21
N PHE A 244 49.09 6.10 -7.48
CA PHE A 244 49.65 6.15 -8.82
C PHE A 244 50.66 5.03 -8.99
N GLU A 245 50.54 4.27 -10.07
CA GLU A 245 51.45 3.19 -10.39
C GLU A 245 51.77 3.32 -11.88
N ALA A 246 53.05 3.25 -12.24
CA ALA A 246 53.45 3.52 -13.61
C ALA A 246 54.81 2.89 -13.91
N THR A 247 55.01 2.44 -15.15
CA THR A 247 56.30 2.01 -15.66
C THR A 247 56.81 2.95 -16.76
N GLY A 248 56.16 4.09 -16.94
CA GLY A 248 56.59 5.10 -17.89
C GLY A 248 55.44 6.03 -18.17
N ASN A 249 55.75 7.15 -18.83
CA ASN A 249 54.76 8.01 -19.48
C ASN A 249 53.85 8.76 -18.53
N LEU A 250 54.07 8.67 -17.22
CA LEU A 250 53.26 9.40 -16.28
C LEU A 250 53.74 10.85 -16.19
N ILE A 251 52.83 11.78 -16.40
CA ILE A 251 53.07 13.18 -16.05
C ILE A 251 52.44 13.36 -14.68
N ALA A 252 53.26 13.26 -13.64
CA ALA A 252 52.79 13.06 -12.28
C ALA A 252 52.20 14.33 -11.68
N PRO A 253 51.22 14.19 -10.78
CA PRO A 253 50.81 15.33 -9.96
C PRO A 253 51.99 15.83 -9.16
N TRP A 254 52.14 17.16 -9.13
CA TRP A 254 53.06 17.85 -8.22
C TRP A 254 52.32 18.73 -7.22
N TYR A 255 51.43 19.59 -7.70
CA TYR A 255 50.53 20.38 -6.88
C TYR A 255 49.11 19.92 -7.14
N ALA A 256 48.31 19.94 -6.08
CA ALA A 256 46.89 19.61 -6.12
C ALA A 256 46.10 20.75 -5.49
N PHE A 257 44.79 20.59 -5.40
CA PHE A 257 43.90 21.66 -4.93
C PHE A 257 42.89 21.10 -3.94
N ALA A 258 42.90 21.62 -2.71
CA ALA A 258 41.84 21.34 -1.76
C ALA A 258 40.71 22.32 -2.03
N LEU A 259 39.52 21.81 -2.33
CA LEU A 259 38.39 22.61 -2.81
C LEU A 259 37.40 22.91 -1.70
N SER A 260 36.93 24.15 -1.65
CA SER A 260 35.82 24.54 -0.79
C SER A 260 34.60 24.86 -1.64
N ARG A 261 33.48 24.25 -1.29
CA ARG A 261 32.25 24.45 -2.03
C ARG A 261 31.57 25.72 -1.56
N GLY A 262 30.99 26.46 -2.51
CA GLY A 262 30.26 27.67 -2.21
C GLY A 262 28.97 27.73 -2.99
N PHE A 263 28.21 28.79 -2.75
CA PHE A 263 26.91 28.95 -3.37
C PHE A 263 26.91 30.22 -4.22
N GLY A 264 26.32 30.13 -5.42
CA GLY A 264 26.14 31.31 -6.24
C GLY A 264 27.32 31.73 -7.09
N SER A 265 28.36 30.91 -7.18
CA SER A 265 29.49 31.23 -8.03
C SER A 265 29.22 30.72 -9.45
N SER A 266 30.09 31.11 -10.39
CA SER A 266 29.97 30.65 -11.77
C SER A 266 31.25 30.99 -12.54
N ILE A 267 31.31 30.49 -13.78
CA ILE A 267 32.34 30.84 -14.75
C ILE A 267 31.65 31.55 -15.90
N ILE A 268 32.15 32.73 -16.26
CA ILE A 268 31.59 33.46 -17.39
C ILE A 268 32.71 33.84 -18.34
N ILE A 269 32.33 34.16 -19.58
CA ILE A 269 33.22 34.66 -20.61
C ILE A 269 32.86 36.12 -20.83
N SER A 270 33.85 37.00 -20.70
CA SER A 270 33.58 38.43 -20.82
C SER A 270 34.84 39.16 -21.23
N ASN A 271 34.68 40.18 -22.06
CA ASN A 271 35.78 41.09 -22.39
C ASN A 271 35.64 42.44 -21.72
N ALA A 272 34.71 42.57 -20.76
CA ALA A 272 34.62 43.80 -20.01
C ALA A 272 35.76 43.89 -19.00
N SER A 273 36.03 45.11 -18.53
CA SER A 273 37.16 45.34 -17.65
C SER A 273 36.74 45.42 -16.19
N MET A 274 37.66 45.03 -15.32
CA MET A 274 37.45 45.11 -13.88
C MET A 274 37.63 46.55 -13.41
N HIS A 275 36.73 46.99 -12.52
CA HIS A 275 36.78 48.32 -11.92
C HIS A 275 36.58 48.20 -10.41
N GLU A 276 36.79 49.30 -9.70
CA GLU A 276 36.63 49.33 -8.24
C GLU A 276 35.18 49.67 -7.92
N CYS A 277 34.28 48.74 -8.29
CA CYS A 277 32.84 48.88 -8.06
C CYS A 277 32.32 47.65 -7.34
N ASN A 278 31.20 47.82 -6.63
CA ASN A 278 30.55 46.72 -5.95
C ASN A 278 29.11 46.62 -6.40
N THR A 279 28.63 45.40 -6.62
CA THR A 279 27.31 45.16 -7.16
C THR A 279 26.70 43.93 -6.50
N LYS A 280 25.37 43.87 -6.55
CA LYS A 280 24.63 42.67 -6.21
C LYS A 280 24.31 41.83 -7.44
N CYS A 281 24.55 42.36 -8.64
CA CYS A 281 24.20 41.62 -9.86
C CYS A 281 25.22 41.90 -10.94
N GLN A 282 25.82 40.83 -11.49
CA GLN A 282 26.83 40.92 -12.53
C GLN A 282 26.42 40.11 -13.75
N THR A 283 26.60 40.70 -14.93
CA THR A 283 26.46 40.05 -16.22
C THR A 283 27.77 40.18 -16.98
N PRO A 284 27.96 39.40 -18.05
CA PRO A 284 29.21 39.52 -18.83
C PRO A 284 29.39 40.87 -19.50
N GLN A 285 28.31 41.61 -19.76
CA GLN A 285 28.42 42.90 -20.41
C GLN A 285 28.57 44.03 -19.42
N GLY A 286 28.25 43.80 -18.16
CA GLY A 286 28.31 44.83 -17.15
C GLY A 286 27.44 44.49 -15.96
N ALA A 287 27.62 45.27 -14.90
CA ALA A 287 26.89 45.10 -13.66
C ALA A 287 25.58 45.89 -13.70
N ILE A 288 24.59 45.38 -12.96
CA ILE A 288 23.25 45.95 -12.91
C ILE A 288 22.97 46.41 -11.50
N ASN A 289 22.47 47.64 -11.36
CA ASN A 289 22.07 48.20 -10.08
C ASN A 289 20.59 48.56 -10.23
N SER A 290 19.73 47.65 -9.81
CA SER A 290 18.33 47.84 -10.13
C SER A 290 17.48 47.03 -9.16
N SER A 291 16.26 47.52 -8.95
CA SER A 291 15.23 46.81 -8.22
C SER A 291 14.09 46.35 -9.12
N LEU A 292 14.20 46.60 -10.43
CA LEU A 292 13.13 46.26 -11.36
C LEU A 292 13.04 44.74 -11.52
N PRO A 293 11.85 44.21 -11.83
CA PRO A 293 11.72 42.75 -11.91
C PRO A 293 12.39 42.15 -13.12
N PHE A 294 12.51 42.89 -14.23
CA PHE A 294 13.01 42.32 -15.48
C PHE A 294 14.19 43.12 -15.98
N GLN A 295 14.97 42.46 -16.83
CA GLN A 295 16.10 43.10 -17.49
C GLN A 295 16.25 42.47 -18.87
N ASN A 296 16.77 43.25 -19.82
CA ASN A 296 17.02 42.73 -21.16
C ASN A 296 18.49 42.86 -21.51
N ILE A 297 19.35 42.89 -20.51
CA ILE A 297 20.77 43.13 -20.74
C ILE A 297 21.49 41.84 -21.11
N HIS A 298 21.30 40.77 -20.34
CA HIS A 298 22.01 39.54 -20.65
C HIS A 298 21.35 38.36 -19.95
N PRO A 299 21.24 37.20 -20.62
CA PRO A 299 20.72 36.00 -19.93
C PRO A 299 21.68 35.42 -18.89
N VAL A 300 22.96 35.72 -18.95
CA VAL A 300 23.93 35.19 -17.99
C VAL A 300 24.05 36.18 -16.84
N THR A 301 23.78 35.73 -15.62
CA THR A 301 23.80 36.61 -14.46
C THR A 301 24.50 35.94 -13.30
N ILE A 302 25.06 36.76 -12.39
CA ILE A 302 25.68 36.30 -11.16
C ILE A 302 25.11 37.12 -10.02
N GLY A 303 24.70 36.45 -8.94
CA GLY A 303 24.15 37.18 -7.81
C GLY A 303 22.64 37.19 -7.76
N GLU A 304 22.04 38.32 -7.41
CA GLU A 304 20.58 38.46 -7.34
C GLU A 304 20.15 39.51 -8.35
N CYS A 305 19.57 39.07 -9.44
CA CYS A 305 19.40 39.84 -10.65
C CYS A 305 17.95 39.83 -11.10
N PRO A 306 17.55 40.82 -11.90
CA PRO A 306 16.22 40.78 -12.53
C PRO A 306 16.15 39.66 -13.55
N LYS A 307 14.93 39.20 -13.79
CA LYS A 307 14.70 38.12 -14.73
C LYS A 307 14.94 38.61 -16.17
N TYR A 308 15.70 37.83 -16.95
CA TYR A 308 16.01 38.20 -18.32
C TYR A 308 14.81 37.95 -19.22
N VAL A 309 14.47 38.95 -20.04
CA VAL A 309 13.42 38.80 -21.03
C VAL A 309 13.93 39.46 -22.31
N ARG A 310 13.32 39.08 -23.43
CA ARG A 310 13.67 39.67 -24.71
C ARG A 310 13.01 41.02 -24.94
N SER A 311 12.11 41.44 -24.05
CA SER A 311 11.29 42.61 -24.29
C SER A 311 12.15 43.87 -24.41
N THR A 312 11.66 44.82 -25.20
CA THR A 312 12.27 46.14 -25.26
C THR A 312 11.43 47.20 -24.55
N LYS A 313 10.20 46.89 -24.17
CA LYS A 313 9.40 47.80 -23.37
C LYS A 313 8.46 47.00 -22.49
N LEU A 314 8.50 47.28 -21.18
CA LEU A 314 7.55 46.77 -20.18
C LEU A 314 7.17 47.94 -19.31
N ARG A 315 6.00 48.55 -19.58
CA ARG A 315 5.58 49.72 -18.83
C ARG A 315 4.15 49.55 -18.36
N MET A 316 3.94 49.64 -17.05
CA MET A 316 2.62 49.52 -16.44
C MET A 316 2.08 50.91 -16.17
N VAL A 317 0.86 51.17 -16.64
CA VAL A 317 0.20 52.42 -16.32
C VAL A 317 -0.29 52.35 -14.87
N THR A 318 -0.02 53.40 -14.12
CA THR A 318 -0.59 53.55 -12.79
C THR A 318 -1.65 54.64 -12.73
N GLY A 319 -1.48 55.73 -13.47
CA GLY A 319 -2.45 56.80 -13.55
C GLY A 319 -3.49 56.61 -14.65
N LEU A 320 -4.00 57.74 -15.16
CA LEU A 320 -5.10 57.77 -16.11
C LEU A 320 -4.60 58.18 -17.48
N ARG A 321 -5.40 57.90 -18.52
CA ARG A 321 -5.07 58.45 -19.83
CA ARG A 321 -5.12 58.46 -19.85
C ARG A 321 -4.97 59.97 -19.72
N ASN A 322 -3.97 60.52 -20.39
CA ASN A 322 -3.66 61.94 -20.28
C ASN A 322 -4.43 62.70 -21.35
N ILE A 323 -5.45 63.46 -20.93
CA ILE A 323 -6.28 64.26 -21.82
C ILE A 323 -6.24 65.73 -21.36
N PRO A 324 -5.18 66.46 -21.67
CA PRO A 324 -5.11 67.87 -21.25
C PRO A 324 -5.79 68.81 -22.23
N SER A 325 -6.52 69.77 -21.66
CA SER A 325 -7.27 70.78 -22.44
C SER A 325 -6.38 71.51 -23.44
N GLY A 330 -13.95 54.33 -23.21
CA GLY A 330 -13.79 53.65 -21.93
C GLY A 330 -14.92 52.68 -21.62
N LEU A 331 -14.65 51.70 -20.76
CA LEU A 331 -15.62 50.67 -20.48
C LEU A 331 -16.77 51.18 -19.63
N PHE A 332 -16.55 52.24 -18.86
CA PHE A 332 -17.59 52.79 -17.99
C PHE A 332 -18.15 54.12 -18.48
N GLY A 333 -17.55 54.73 -19.51
CA GLY A 333 -18.18 55.83 -20.20
C GLY A 333 -17.84 57.21 -19.69
N ALA A 334 -17.08 57.31 -18.59
CA ALA A 334 -16.77 58.61 -17.98
C ALA A 334 -15.53 59.24 -18.60
N ILE A 335 -14.36 58.67 -18.31
CA ILE A 335 -13.11 59.21 -18.86
C ILE A 335 -13.12 59.07 -20.36
N ALA A 336 -12.78 60.14 -21.06
CA ALA A 336 -12.91 60.22 -22.51
C ALA A 336 -14.35 59.93 -22.95
N GLY A 337 -15.31 60.14 -22.06
CA GLY A 337 -16.69 59.85 -22.34
C GLY A 337 -17.55 61.08 -22.13
N PHE A 338 -18.50 61.04 -21.19
CA PHE A 338 -19.30 62.23 -20.96
C PHE A 338 -18.48 63.32 -20.27
N ILE A 339 -17.41 62.97 -19.56
CA ILE A 339 -16.41 63.92 -19.11
C ILE A 339 -15.30 63.86 -20.15
N GLU A 340 -15.35 64.78 -21.12
CA GLU A 340 -14.57 64.63 -22.34
C GLU A 340 -13.08 64.80 -22.13
N GLY A 341 -12.65 65.46 -21.05
CA GLY A 341 -11.24 65.75 -20.90
C GLY A 341 -10.83 65.91 -19.45
N GLY A 342 -9.50 65.87 -19.23
CA GLY A 342 -8.93 66.02 -17.91
C GLY A 342 -8.54 67.45 -17.60
N TRP A 343 -8.19 67.69 -16.33
CA TRP A 343 -7.87 69.02 -15.82
C TRP A 343 -6.39 69.10 -15.50
N THR A 344 -5.63 69.86 -16.29
CA THR A 344 -4.25 70.15 -15.92
C THR A 344 -4.20 70.99 -14.65
N GLY A 345 -5.25 71.76 -14.38
CA GLY A 345 -5.28 72.60 -13.20
C GLY A 345 -5.34 71.83 -11.89
N MET A 346 -5.78 70.56 -11.91
CA MET A 346 -5.92 69.79 -10.69
C MET A 346 -4.61 69.03 -10.46
N ILE A 347 -3.78 69.54 -9.55
CA ILE A 347 -2.41 69.06 -9.36
C ILE A 347 -2.25 68.22 -8.10
N ASP A 348 -3.32 67.99 -7.34
CA ASP A 348 -3.18 67.35 -6.03
C ASP A 348 -3.87 65.99 -5.91
N GLY A 349 -4.47 65.47 -6.97
CA GLY A 349 -5.12 64.17 -6.87
C GLY A 349 -5.54 63.66 -8.24
N TRP A 350 -6.00 62.40 -8.24
CA TRP A 350 -6.43 61.75 -9.49
C TRP A 350 -7.84 62.14 -9.88
N TYR A 351 -8.76 62.21 -8.91
CA TYR A 351 -10.14 62.61 -9.16
C TYR A 351 -10.51 63.76 -8.22
N GLY A 352 -11.34 64.68 -8.72
CA GLY A 352 -11.73 65.80 -7.89
C GLY A 352 -12.81 66.65 -8.51
N TYR A 353 -12.90 67.90 -8.05
CA TYR A 353 -13.98 68.81 -8.42
C TYR A 353 -13.42 70.17 -8.85
N HIS A 354 -14.04 70.75 -9.86
CA HIS A 354 -13.81 72.15 -10.23
C HIS A 354 -15.11 72.92 -10.03
N HIS A 355 -15.03 74.08 -9.39
CA HIS A 355 -16.18 74.91 -9.08
C HIS A 355 -16.03 76.28 -9.73
N GLN A 356 -17.16 76.97 -9.87
CA GLN A 356 -17.23 78.34 -10.40
C GLN A 356 -18.44 79.02 -9.76
N ASN A 357 -18.21 79.73 -8.66
CA ASN A 357 -19.22 80.53 -7.99
C ASN A 357 -18.80 82.01 -8.02
N GLU A 358 -19.57 82.85 -7.32
CA GLU A 358 -19.28 84.28 -7.29
C GLU A 358 -17.91 84.57 -6.68
N GLN A 359 -17.48 83.75 -5.73
CA GLN A 359 -16.16 83.93 -5.13
C GLN A 359 -15.07 83.40 -6.07
N GLY A 362 -11.78 77.02 -9.28
CA GLY A 362 -10.96 76.39 -8.26
C GLY A 362 -11.01 74.88 -8.30
N TYR A 363 -9.85 74.26 -8.47
CA TYR A 363 -9.74 72.80 -8.52
C TYR A 363 -9.42 72.30 -7.11
N ALA A 364 -10.05 71.19 -6.73
CA ALA A 364 -9.77 70.56 -5.44
C ALA A 364 -9.92 69.05 -5.57
N ALA A 365 -8.94 68.30 -5.08
CA ALA A 365 -8.95 66.85 -5.25
C ALA A 365 -9.79 66.16 -4.18
N ASP A 366 -10.48 65.10 -4.58
CA ASP A 366 -11.22 64.25 -3.64
C ASP A 366 -10.25 63.25 -3.02
N GLN A 367 -9.94 63.43 -1.72
CA GLN A 367 -8.92 62.59 -1.10
C GLN A 367 -9.36 61.14 -0.95
N LYS A 368 -10.66 60.89 -0.77
CA LYS A 368 -11.11 59.54 -0.43
C LYS A 368 -11.05 58.61 -1.63
N SER A 369 -11.63 59.01 -2.77
CA SER A 369 -11.59 58.16 -3.95
C SER A 369 -10.17 58.04 -4.47
N THR A 370 -9.40 59.13 -4.44
CA THR A 370 -8.03 59.09 -4.92
C THR A 370 -7.18 58.13 -4.09
N GLN A 371 -7.29 58.20 -2.76
CA GLN A 371 -6.43 57.37 -1.91
C GLN A 371 -6.79 55.89 -1.99
N ASN A 372 -8.08 55.56 -2.19
CA ASN A 372 -8.44 54.16 -2.37
C ASN A 372 -7.91 53.61 -3.69
N ALA A 373 -7.94 54.44 -4.74
CA ALA A 373 -7.37 54.01 -6.01
C ALA A 373 -5.85 53.93 -5.93
N ILE A 374 -5.23 54.84 -5.20
CA ILE A 374 -3.78 54.78 -5.04
C ILE A 374 -3.36 53.46 -4.39
N ASN A 375 -4.09 53.05 -3.34
CA ASN A 375 -3.74 51.81 -2.65
C ASN A 375 -3.90 50.60 -3.57
N GLY A 376 -5.00 50.54 -4.33
CA GLY A 376 -5.23 49.41 -5.22
C GLY A 376 -4.15 49.30 -6.28
N ILE A 377 -3.80 50.43 -6.91
CA ILE A 377 -2.79 50.41 -7.96
C ILE A 377 -1.42 50.07 -7.38
N THR A 378 -1.10 50.64 -6.21
CA THR A 378 0.15 50.31 -5.55
C THR A 378 0.21 48.83 -5.18
N ASN A 379 -0.91 48.28 -4.74
CA ASN A 379 -0.96 46.86 -4.42
C ASN A 379 -0.86 46.02 -5.69
N LYS A 380 -1.48 46.46 -6.78
CA LYS A 380 -1.39 45.66 -8.01
C LYS A 380 0.02 45.62 -8.55
N VAL A 381 0.70 46.76 -8.61
CA VAL A 381 2.05 46.76 -9.16
C VAL A 381 2.97 45.89 -8.30
N ASN A 382 2.88 46.04 -6.98
CA ASN A 382 3.72 45.25 -6.08
C ASN A 382 3.39 43.76 -6.18
N SER A 383 2.11 43.43 -6.35
CA SER A 383 1.74 42.02 -6.49
C SER A 383 2.33 41.43 -7.75
N VAL A 384 2.30 42.20 -8.84
CA VAL A 384 2.88 41.70 -10.09
C VAL A 384 4.38 41.50 -9.91
N ILE A 385 5.05 42.49 -9.31
CA ILE A 385 6.50 42.40 -9.12
C ILE A 385 6.84 41.22 -8.23
N GLU A 386 6.06 41.02 -7.17
CA GLU A 386 6.33 39.91 -6.26
C GLU A 386 6.24 38.56 -6.97
N LYS A 387 5.33 38.44 -7.95
CA LYS A 387 5.16 37.20 -8.70
C LYS A 387 6.36 36.91 -9.59
N MET A 388 7.16 37.92 -9.92
CA MET A 388 8.35 37.80 -10.77
C MET A 388 9.56 37.58 -9.88
N ASN A 389 9.82 36.32 -9.56
CA ASN A 389 10.88 35.98 -8.63
C ASN A 389 12.25 36.35 -9.20
N THR A 390 13.15 36.79 -8.33
CA THR A 390 14.48 37.19 -8.74
C THR A 390 15.22 36.05 -9.44
N GLN A 391 16.11 36.41 -10.35
CA GLN A 391 16.94 35.45 -11.06
C GLN A 391 18.29 35.33 -10.34
N PHE A 392 18.60 34.13 -9.85
CA PHE A 392 19.88 33.90 -9.19
C PHE A 392 20.93 33.41 -10.20
N THR A 393 22.16 33.22 -9.71
CA THR A 393 23.29 32.94 -10.57
C THR A 393 22.97 31.82 -11.55
N THR A 394 23.11 32.12 -12.83
CA THR A 394 22.91 31.12 -13.87
C THR A 394 24.17 30.27 -14.04
N VAL A 395 23.98 28.99 -14.29
CA VAL A 395 25.11 28.08 -14.47
C VAL A 395 25.42 27.95 -15.96
N GLY A 396 26.63 28.36 -16.36
CA GLY A 396 27.03 28.18 -17.74
C GLY A 396 27.03 26.71 -18.11
N LYS A 397 26.85 26.44 -19.40
CA LYS A 397 26.81 25.08 -19.92
C LYS A 397 27.68 24.99 -21.17
N GLU A 398 28.69 24.14 -21.14
CA GLU A 398 29.61 23.94 -22.25
C GLU A 398 29.67 22.46 -22.60
N PHE A 399 29.84 22.19 -23.90
CA PHE A 399 29.77 20.84 -24.44
C PHE A 399 30.89 20.62 -25.45
N ASN A 400 31.42 19.40 -25.50
CA ASN A 400 32.50 19.17 -26.45
C ASN A 400 31.91 18.79 -27.83
N ASN A 401 32.78 18.49 -28.78
CA ASN A 401 32.30 18.38 -30.16
C ASN A 401 31.57 17.06 -30.42
N LEU A 402 31.49 16.16 -29.41
CA LEU A 402 30.68 14.95 -29.48
C LEU A 402 29.46 15.02 -28.57
N GLU A 403 29.01 16.22 -28.25
CA GLU A 403 27.85 16.42 -27.39
C GLU A 403 26.93 17.45 -28.00
N LYS A 404 26.84 17.43 -29.32
CA LYS A 404 26.00 18.39 -30.03
C LYS A 404 24.54 18.24 -29.64
N ARG A 405 24.08 17.00 -29.45
CA ARG A 405 22.68 16.80 -29.10
C ARG A 405 22.36 17.42 -27.75
N MET A 406 23.18 17.12 -26.75
CA MET A 406 23.04 17.74 -25.44
C MET A 406 23.17 19.26 -25.51
N GLU A 407 24.09 19.75 -26.35
CA GLU A 407 24.19 21.20 -26.53
C GLU A 407 22.88 21.77 -27.08
N ASN A 408 22.27 21.09 -28.06
CA ASN A 408 21.03 21.60 -28.65
C ASN A 408 19.85 21.45 -27.69
N LEU A 409 19.83 20.39 -26.90
CA LEU A 409 18.81 20.26 -25.85
C LEU A 409 18.89 21.40 -24.85
N ASN A 410 20.10 21.71 -24.40
CA ASN A 410 20.27 22.82 -23.47
C ASN A 410 19.75 24.12 -24.07
N LYS A 411 19.99 24.31 -25.38
CA LYS A 411 19.54 25.52 -26.07
C LYS A 411 18.02 25.55 -26.21
N LYS A 412 17.41 24.41 -26.55
CA LYS A 412 15.95 24.33 -26.58
C LYS A 412 15.38 24.66 -25.19
N VAL A 413 16.01 24.16 -24.14
CA VAL A 413 15.56 24.48 -22.78
C VAL A 413 15.66 25.97 -22.52
N ASP A 414 16.82 26.57 -22.79
CA ASP A 414 16.98 27.99 -22.52
C ASP A 414 16.03 28.84 -23.37
N ASP A 415 15.96 28.55 -24.68
CA ASP A 415 15.08 29.30 -25.56
C ASP A 415 13.62 29.14 -25.15
N GLY A 416 13.22 27.94 -24.75
CA GLY A 416 11.82 27.72 -24.41
C GLY A 416 11.37 28.51 -23.19
N PHE A 417 12.18 28.49 -22.13
CA PHE A 417 11.85 29.27 -20.94
C PHE A 417 11.87 30.76 -21.23
N LEU A 418 12.85 31.22 -22.04
CA LEU A 418 12.93 32.63 -22.41
C LEU A 418 11.69 33.07 -23.18
N ASP A 419 11.23 32.23 -24.12
CA ASP A 419 10.01 32.53 -24.84
C ASP A 419 8.83 32.71 -23.88
N ILE A 420 8.72 31.80 -22.92
CA ILE A 420 7.56 31.81 -22.03
C ILE A 420 7.57 33.01 -21.11
N TRP A 421 8.74 33.34 -20.53
CA TRP A 421 8.76 34.48 -19.60
C TRP A 421 8.57 35.81 -20.34
N THR A 422 9.12 35.93 -21.56
CA THR A 422 8.88 37.14 -22.34
C THR A 422 7.38 37.26 -22.67
N TYR A 423 6.76 36.15 -23.03
CA TYR A 423 5.32 36.15 -23.27
C TYR A 423 4.55 36.51 -22.01
N ASN A 424 4.90 35.85 -20.89
CA ASN A 424 4.23 36.11 -19.61
C ASN A 424 4.36 37.57 -19.21
N ALA A 425 5.57 38.11 -19.29
CA ALA A 425 5.78 39.47 -18.83
C ALA A 425 4.98 40.46 -19.68
N GLU A 426 5.08 40.33 -21.00
CA GLU A 426 4.43 41.29 -21.88
C GLU A 426 2.90 41.21 -21.78
N LEU A 427 2.37 39.99 -21.74
CA LEU A 427 0.92 39.84 -21.71
C LEU A 427 0.33 40.34 -20.41
N LEU A 428 0.96 40.02 -19.27
CA LEU A 428 0.44 40.48 -18.00
C LEU A 428 0.35 41.99 -17.95
N VAL A 429 1.38 42.67 -18.49
CA VAL A 429 1.39 44.13 -18.48
C VAL A 429 0.28 44.69 -19.38
N LEU A 430 0.10 44.10 -20.56
CA LEU A 430 -0.98 44.53 -21.44
C LEU A 430 -2.34 44.36 -20.79
N LEU A 431 -2.59 43.18 -20.20
CA LEU A 431 -3.86 42.90 -19.55
C LEU A 431 -4.10 43.82 -18.36
N GLU A 432 -3.07 44.00 -17.51
CA GLU A 432 -3.27 44.83 -16.34
C GLU A 432 -3.38 46.31 -16.69
N ASN A 433 -2.72 46.74 -17.78
CA ASN A 433 -2.87 48.12 -18.22
C ASN A 433 -4.30 48.43 -18.60
N GLU A 434 -4.94 47.51 -19.35
CA GLU A 434 -6.33 47.72 -19.72
C GLU A 434 -7.24 47.79 -18.49
N ARG A 435 -7.05 46.88 -17.52
CA ARG A 435 -7.89 46.88 -16.32
C ARG A 435 -7.64 48.13 -15.47
N THR A 436 -6.41 48.65 -15.46
CA THR A 436 -6.08 49.83 -14.66
C THR A 436 -6.79 51.06 -15.22
N LEU A 437 -6.77 51.22 -16.54
CA LEU A 437 -7.49 52.32 -17.17
C LEU A 437 -8.98 52.22 -16.90
N ASP A 438 -9.54 51.01 -17.03
CA ASP A 438 -10.95 50.80 -16.71
C ASP A 438 -11.24 51.05 -15.24
N PHE A 439 -10.28 50.73 -14.38
CA PHE A 439 -10.41 50.97 -12.94
C PHE A 439 -10.63 52.47 -12.66
N HIS A 440 -9.82 53.33 -13.27
CA HIS A 440 -10.00 54.77 -13.10
C HIS A 440 -11.36 55.20 -13.65
N ASP A 441 -11.73 54.70 -14.83
CA ASP A 441 -13.03 55.01 -15.43
C ASP A 441 -14.15 54.68 -14.48
N SER A 442 -14.10 53.49 -13.86
CA SER A 442 -15.10 53.13 -12.86
C SER A 442 -15.07 54.08 -11.68
N ASN A 443 -13.88 54.50 -11.25
CA ASN A 443 -13.79 55.35 -10.08
C ASN A 443 -14.40 56.72 -10.36
N VAL A 444 -14.06 57.32 -11.52
CA VAL A 444 -14.65 58.60 -11.88
C VAL A 444 -16.15 58.48 -12.00
N LYS A 445 -16.61 57.41 -12.65
CA LYS A 445 -18.04 57.18 -12.81
C LYS A 445 -18.74 57.10 -11.46
N ASN A 446 -18.15 56.34 -10.54
CA ASN A 446 -18.75 56.15 -9.23
C ASN A 446 -18.79 57.44 -8.42
N LEU A 447 -17.73 58.25 -8.53
CA LEU A 447 -17.71 59.54 -7.84
C LEU A 447 -18.76 60.49 -8.40
N TYR A 448 -18.90 60.53 -9.73
CA TYR A 448 -19.92 61.38 -10.33
C TYR A 448 -21.29 61.01 -9.82
N GLU A 449 -21.57 59.71 -9.76
CA GLU A 449 -22.90 59.27 -9.33
C GLU A 449 -23.11 59.53 -7.84
N LYS A 450 -22.04 59.48 -7.04
CA LYS A 450 -22.17 59.84 -5.62
C LYS A 450 -22.52 61.31 -5.46
N VAL A 451 -21.86 62.18 -6.21
CA VAL A 451 -22.17 63.61 -6.14
C VAL A 451 -23.54 63.88 -6.73
N LYS A 452 -23.89 63.19 -7.81
CA LYS A 452 -25.21 63.34 -8.41
C LYS A 452 -26.29 62.84 -7.47
N SER A 453 -25.98 61.81 -6.68
CA SER A 453 -26.97 61.33 -5.71
C SER A 453 -27.09 62.25 -4.51
N GLN A 454 -26.03 63.00 -4.19
CA GLN A 454 -26.09 64.00 -3.13
C GLN A 454 -26.90 65.21 -3.57
N LEU A 455 -26.75 65.61 -4.82
CA LEU A 455 -27.34 66.86 -5.24
C LEU A 455 -28.81 66.69 -5.58
N LYS A 456 -29.19 65.53 -6.13
CA LYS A 456 -30.57 65.28 -6.53
C LYS A 456 -31.10 66.49 -7.29
N ASN A 457 -32.40 66.76 -7.18
CA ASN A 457 -33.05 67.89 -7.85
C ASN A 457 -32.59 69.28 -7.40
N ASN A 458 -31.57 69.41 -6.56
CA ASN A 458 -31.14 70.74 -6.18
C ASN A 458 -30.25 71.42 -7.22
N ALA A 459 -29.94 70.72 -8.31
CA ALA A 459 -29.06 71.25 -9.35
C ALA A 459 -29.40 70.65 -10.70
N LYS A 460 -29.00 71.35 -11.75
CA LYS A 460 -29.19 70.88 -13.11
C LYS A 460 -27.98 70.06 -13.55
N GLU A 461 -28.24 68.90 -14.16
CA GLU A 461 -27.20 68.02 -14.67
C GLU A 461 -26.82 68.45 -16.07
N ILE A 462 -25.72 69.21 -16.20
CA ILE A 462 -25.32 69.74 -17.49
C ILE A 462 -24.93 68.65 -18.47
N GLY A 463 -24.50 67.48 -17.98
CA GLY A 463 -24.19 66.34 -18.82
C GLY A 463 -22.72 66.12 -19.11
N ASN A 464 -21.89 67.13 -18.88
CA ASN A 464 -20.45 67.06 -19.12
C ASN A 464 -19.67 66.83 -17.83
N GLY A 465 -20.28 66.11 -16.89
CA GLY A 465 -19.75 65.98 -15.54
C GLY A 465 -19.95 67.19 -14.65
N CYS A 466 -20.78 68.15 -15.05
CA CYS A 466 -21.02 69.38 -14.29
C CYS A 466 -22.45 69.44 -13.77
N PHE A 467 -22.61 70.12 -12.63
CA PHE A 467 -23.91 70.38 -12.03
C PHE A 467 -24.09 71.90 -11.88
N GLU A 468 -25.20 72.41 -12.38
CA GLU A 468 -25.54 73.83 -12.29
C GLU A 468 -26.49 74.00 -11.10
N PHE A 469 -26.01 74.66 -10.04
CA PHE A 469 -26.83 74.84 -8.84
C PHE A 469 -28.02 75.75 -9.11
N TYR A 470 -29.17 75.37 -8.53
CA TYR A 470 -30.40 76.15 -8.56
C TYR A 470 -30.48 77.16 -7.43
N HIS A 471 -29.64 77.00 -6.42
CA HIS A 471 -29.50 77.96 -5.34
C HIS A 471 -28.07 78.49 -5.35
N LYS A 472 -27.81 79.48 -4.50
CA LYS A 472 -26.46 80.00 -4.39
C LYS A 472 -25.61 79.04 -3.58
N CYS A 473 -24.43 78.70 -4.10
CA CYS A 473 -23.53 77.75 -3.45
C CYS A 473 -22.18 78.43 -3.30
N ASP A 474 -21.89 78.91 -2.09
CA ASP A 474 -20.67 79.65 -1.79
C ASP A 474 -19.53 78.65 -1.55
N ASN A 475 -18.35 79.14 -1.16
CA ASN A 475 -17.24 78.24 -0.87
C ASN A 475 -17.56 77.31 0.30
N GLU A 476 -18.39 77.75 1.25
CA GLU A 476 -18.80 76.88 2.34
C GLU A 476 -19.73 75.78 1.83
N CYS A 477 -20.61 76.12 0.88
CA CYS A 477 -21.49 75.13 0.27
C CYS A 477 -20.71 74.15 -0.60
N MET A 478 -19.73 74.64 -1.37
CA MET A 478 -18.92 73.76 -2.21
C MET A 478 -18.17 72.73 -1.39
N GLU A 479 -17.54 73.15 -0.29
CA GLU A 479 -16.81 72.22 0.57
C GLU A 479 -17.71 71.11 1.10
N SER A 480 -18.97 71.45 1.43
CA SER A 480 -19.93 70.44 1.88
C SER A 480 -20.13 69.35 0.83
N VAL A 481 -20.17 69.72 -0.45
CA VAL A 481 -20.37 68.74 -1.52
C VAL A 481 -19.19 67.78 -1.59
N ARG A 482 -17.97 68.31 -1.55
CA ARG A 482 -16.76 67.48 -1.58
C ARG A 482 -16.67 66.59 -0.33
N ASN A 483 -17.09 67.12 0.82
CA ASN A 483 -17.05 66.39 2.08
C ASN A 483 -17.96 65.16 2.04
N GLY A 484 -19.10 65.29 1.39
CA GLY A 484 -20.11 64.26 1.42
C GLY A 484 -21.18 64.60 2.43
N THR A 485 -21.22 65.85 2.88
CA THR A 485 -22.09 66.34 3.93
C THR A 485 -23.07 67.38 3.38
N TYR A 486 -23.45 67.23 2.11
CA TYR A 486 -24.34 68.20 1.50
C TYR A 486 -25.72 68.11 2.16
N ASP A 487 -26.20 69.25 2.66
CA ASP A 487 -27.49 69.28 3.35
C ASP A 487 -28.55 69.58 2.31
N TYR A 488 -29.08 68.53 1.71
CA TYR A 488 -30.10 68.70 0.68
C TYR A 488 -31.37 69.41 1.14
N PRO A 489 -32.03 69.02 2.25
CA PRO A 489 -33.26 69.75 2.63
C PRO A 489 -33.02 71.23 2.93
N LYS A 490 -31.82 71.58 3.41
CA LYS A 490 -31.51 72.97 3.76
C LYS A 490 -31.44 73.88 2.54
N TYR A 491 -31.15 73.35 1.35
CA TYR A 491 -31.04 74.18 0.17
C TYR A 491 -32.18 73.97 -0.83
N SER A 492 -33.06 72.98 -0.60
CA SER A 492 -34.30 72.91 -1.35
C SER A 492 -35.21 74.10 -1.04
N GLU A 493 -35.01 74.77 0.09
CA GLU A 493 -35.78 75.95 0.45
C GLU A 493 -35.04 77.25 0.12
N GLU A 494 -33.88 77.16 -0.53
CA GLU A 494 -33.08 78.33 -0.89
C GLU A 494 -33.02 78.56 -2.41
N PHE A 495 -34.06 78.16 -3.14
CA PHE A 495 -34.12 78.36 -4.58
C PHE A 495 -34.43 79.81 -4.98
N ASP B 3 -44.48 48.91 3.04
CA ASP B 3 -44.18 50.21 2.47
C ASP B 3 -42.84 50.24 1.70
N THR B 4 -42.00 49.21 1.83
CA THR B 4 -40.68 49.26 1.23
C THR B 4 -40.32 47.95 0.54
N ILE B 5 -39.55 48.06 -0.57
CA ILE B 5 -38.93 46.93 -1.25
C ILE B 5 -37.45 47.24 -1.40
N CYS B 6 -36.60 46.28 -1.05
CA CYS B 6 -35.16 46.49 -1.07
C CYS B 6 -34.46 45.43 -1.90
N ILE B 7 -33.41 45.85 -2.61
CA ILE B 7 -32.54 44.93 -3.32
C ILE B 7 -31.23 44.86 -2.55
N GLY B 8 -30.76 43.66 -2.28
CA GLY B 8 -29.55 43.49 -1.50
C GLY B 8 -28.83 42.20 -1.83
N TYR B 9 -27.80 41.88 -1.04
CA TYR B 9 -26.97 40.72 -1.35
C TYR B 9 -26.66 39.94 -0.08
N HIS B 10 -26.20 38.72 -0.30
CA HIS B 10 -26.07 37.75 0.77
C HIS B 10 -24.90 38.09 1.68
N ALA B 11 -25.04 37.73 2.95
CA ALA B 11 -23.94 37.78 3.89
C ALA B 11 -24.05 36.61 4.84
N ASN B 12 -22.93 36.20 5.42
CA ASN B 12 -22.95 35.07 6.34
C ASN B 12 -21.82 35.26 7.35
N ASN B 13 -21.49 34.17 8.05
CA ASN B 13 -20.46 34.12 9.09
C ASN B 13 -19.15 33.53 8.60
N SER B 14 -18.95 33.42 7.29
CA SER B 14 -17.73 32.83 6.75
C SER B 14 -16.54 33.74 7.01
N THR B 15 -15.43 33.14 7.46
CA THR B 15 -14.20 33.88 7.69
C THR B 15 -13.15 33.64 6.61
N ASP B 16 -13.52 32.92 5.55
CA ASP B 16 -12.63 32.70 4.41
C ASP B 16 -12.15 34.02 3.82
N THR B 17 -10.87 34.06 3.45
CA THR B 17 -10.27 35.22 2.80
C THR B 17 -9.64 34.79 1.47
N VAL B 18 -9.73 35.67 0.48
CA VAL B 18 -9.05 35.49 -0.80
C VAL B 18 -8.29 36.77 -1.11
N ASP B 19 -7.41 36.69 -2.10
CA ASP B 19 -6.58 37.80 -2.54
C ASP B 19 -6.89 38.11 -4.01
N THR B 20 -6.73 39.37 -4.38
CA THR B 20 -6.72 39.82 -5.76
C THR B 20 -5.46 40.64 -5.97
N LEU B 21 -5.24 41.08 -7.21
CA LEU B 21 -4.14 42.01 -7.46
C LEU B 21 -4.37 43.31 -6.70
N LEU B 22 -5.62 43.72 -6.57
CA LEU B 22 -5.97 44.98 -5.93
C LEU B 22 -5.94 44.90 -4.40
N GLU B 23 -6.33 43.76 -3.83
CA GLU B 23 -6.52 43.70 -2.39
C GLU B 23 -6.06 42.36 -1.85
N LYS B 24 -5.64 42.37 -0.58
CA LYS B 24 -5.29 41.16 0.14
C LYS B 24 -6.29 40.93 1.26
N ASN B 25 -6.50 39.65 1.59
CA ASN B 25 -7.33 39.24 2.72
C ASN B 25 -8.73 39.86 2.64
N VAL B 26 -9.44 39.55 1.55
CA VAL B 26 -10.83 39.97 1.38
C VAL B 26 -11.72 38.85 1.89
N THR B 27 -12.46 39.12 2.95
CA THR B 27 -13.36 38.10 3.48
C THR B 27 -14.56 37.94 2.56
N VAL B 28 -14.86 36.67 2.19
CA VAL B 28 -15.87 36.37 1.19
C VAL B 28 -16.82 35.31 1.74
N THR B 29 -18.04 35.30 1.18
CA THR B 29 -19.10 34.43 1.70
C THR B 29 -18.90 32.97 1.32
N HIS B 30 -18.34 32.70 0.14
CA HIS B 30 -18.11 31.33 -0.31
C HIS B 30 -16.82 31.30 -1.12
N SER B 31 -16.08 30.21 -0.97
CA SER B 31 -14.80 30.05 -1.65
C SER B 31 -14.43 28.58 -1.66
N VAL B 32 -13.48 28.23 -2.54
CA VAL B 32 -13.09 26.85 -2.77
C VAL B 32 -11.56 26.76 -2.81
N ASN B 33 -11.01 25.88 -1.96
CA ASN B 33 -9.57 25.64 -1.93
C ASN B 33 -9.17 24.79 -3.14
N LEU B 34 -8.15 25.20 -3.87
CA LEU B 34 -7.64 24.43 -5.00
C LEU B 34 -6.32 23.73 -4.71
N LEU B 35 -5.76 23.90 -3.50
CA LEU B 35 -4.41 23.43 -3.18
C LEU B 35 -4.50 22.34 -2.13
N GLU B 36 -4.13 21.12 -2.51
CA GLU B 36 -4.09 20.02 -1.57
C GLU B 36 -2.79 20.08 -0.76
N ASP B 37 -2.91 20.06 0.56
CA ASP B 37 -1.75 20.06 1.43
C ASP B 37 -1.74 18.95 2.47
N SER B 38 -2.64 17.98 2.39
CA SER B 38 -2.68 16.90 3.38
C SER B 38 -2.41 15.56 2.72
N HIS B 39 -1.63 14.72 3.42
CA HIS B 39 -1.34 13.35 3.01
C HIS B 39 -1.39 12.46 4.25
N ASN B 40 -1.41 11.15 4.04
CA ASN B 40 -1.52 10.20 5.15
C ASN B 40 -0.18 9.78 5.71
N GLY B 41 0.93 10.33 5.22
CA GLY B 41 2.23 10.02 5.77
C GLY B 41 2.66 8.57 5.66
N LYS B 42 1.99 7.78 4.82
CA LYS B 42 2.28 6.35 4.69
C LYS B 42 2.54 6.01 3.23
N LEU B 43 3.20 4.86 3.02
CA LEU B 43 3.29 4.22 1.72
C LEU B 43 2.09 3.30 1.54
N CYS B 44 1.47 3.35 0.37
CA CYS B 44 0.25 2.60 0.12
C CYS B 44 0.36 1.79 -1.16
N LYS B 45 -0.61 0.89 -1.32
CA LYS B 45 -0.77 0.20 -2.58
C LYS B 45 -1.28 1.18 -3.63
N LEU B 46 -0.97 0.87 -4.88
CA LEU B 46 -1.39 1.70 -6.01
C LEU B 46 -2.31 0.84 -6.84
N LYS B 47 -3.58 1.22 -6.91
CA LYS B 47 -4.58 0.45 -7.65
C LYS B 47 -4.55 -1.02 -7.24
N GLY B 48 -4.38 -1.26 -5.94
CA GLY B 48 -4.43 -2.59 -5.39
C GLY B 48 -3.13 -3.37 -5.38
N ILE B 49 -2.06 -2.87 -6.00
CA ILE B 49 -0.81 -3.59 -6.08
C ILE B 49 0.22 -2.90 -5.19
N ALA B 50 0.92 -3.69 -4.36
CA ALA B 50 1.91 -3.21 -3.41
C ALA B 50 3.22 -2.87 -4.10
N PRO B 51 3.99 -1.94 -3.53
CA PRO B 51 5.31 -1.61 -4.08
C PRO B 51 6.34 -2.66 -3.71
N LEU B 52 7.48 -2.58 -4.37
CA LEU B 52 8.65 -3.38 -4.00
C LEU B 52 9.50 -2.56 -3.04
N GLN B 53 9.61 -3.03 -1.80
CA GLN B 53 10.36 -2.33 -0.77
C GLN B 53 11.77 -2.93 -0.69
N LEU B 54 12.76 -2.20 -1.20
CA LEU B 54 14.12 -2.73 -1.17
C LEU B 54 14.74 -2.68 0.21
N GLY B 55 14.17 -1.92 1.13
CA GLY B 55 14.61 -1.92 2.51
C GLY B 55 16.04 -1.42 2.65
N LYS B 56 16.91 -2.26 3.20
CA LYS B 56 18.31 -1.89 3.41
C LYS B 56 19.18 -2.10 2.18
N CYS B 57 18.61 -2.57 1.08
CA CYS B 57 19.35 -2.83 -0.14
C CYS B 57 19.04 -1.74 -1.16
N ASN B 58 20.00 -1.44 -2.03
CA ASN B 58 19.67 -0.59 -3.17
C ASN B 58 19.45 -1.49 -4.38
N ILE B 59 19.20 -0.86 -5.55
CA ILE B 59 18.91 -1.63 -6.75
C ILE B 59 20.06 -2.59 -7.07
N ALA B 60 21.30 -2.13 -6.93
CA ALA B 60 22.46 -3.00 -7.21
C ALA B 60 22.46 -4.23 -6.32
N GLY B 61 22.26 -4.04 -5.00
CA GLY B 61 22.25 -5.19 -4.11
C GLY B 61 21.15 -6.18 -4.44
N TRP B 62 19.99 -5.68 -4.84
CA TRP B 62 18.88 -6.52 -5.25
C TRP B 62 19.22 -7.35 -6.51
N LEU B 63 19.63 -6.67 -7.59
CA LEU B 63 19.82 -7.34 -8.87
C LEU B 63 21.06 -8.24 -8.87
N LEU B 64 22.11 -7.86 -8.18
CA LEU B 64 23.27 -8.74 -8.06
C LEU B 64 22.98 -9.90 -7.11
N GLY B 65 22.02 -9.73 -6.20
CA GLY B 65 21.77 -10.74 -5.19
C GLY B 65 22.77 -10.65 -4.05
N ASN B 66 23.09 -9.45 -3.60
CA ASN B 66 23.85 -9.28 -2.37
C ASN B 66 23.26 -10.18 -1.28
N PRO B 67 24.08 -11.00 -0.62
CA PRO B 67 23.55 -11.97 0.37
C PRO B 67 22.77 -11.34 1.52
N GLU B 68 22.92 -10.05 1.77
CA GLU B 68 22.12 -9.35 2.76
C GLU B 68 20.72 -9.00 2.23
N CYS B 69 20.41 -9.36 0.98
CA CYS B 69 19.16 -9.01 0.31
C CYS B 69 18.30 -10.22 0.00
N ASP B 70 18.52 -11.34 0.69
CA ASP B 70 17.85 -12.60 0.37
C ASP B 70 16.33 -12.49 0.43
N SER B 71 15.77 -11.66 1.31
CA SER B 71 14.32 -11.53 1.37
C SER B 71 13.72 -10.99 0.07
N LEU B 72 14.53 -10.38 -0.79
CA LEU B 72 14.04 -9.85 -2.05
C LEU B 72 14.03 -10.88 -3.17
N LEU B 73 14.56 -12.07 -2.94
CA LEU B 73 14.71 -13.04 -4.03
C LEU B 73 13.40 -13.50 -4.68
N PRO B 74 12.30 -13.72 -3.96
CA PRO B 74 11.04 -14.13 -4.61
C PRO B 74 10.28 -13.01 -5.32
N ALA B 75 10.80 -11.78 -5.33
CA ALA B 75 10.05 -10.64 -5.84
C ALA B 75 9.59 -10.87 -7.27
N ARG B 76 8.29 -10.68 -7.51
CA ARG B 76 7.67 -10.95 -8.80
C ARG B 76 7.11 -9.67 -9.41
N SER B 77 6.07 -9.06 -8.82
CA SER B 77 5.45 -7.89 -9.42
C SER B 77 5.13 -6.82 -8.38
N TRP B 78 5.09 -5.57 -8.84
CA TRP B 78 4.93 -4.41 -7.96
C TRP B 78 4.41 -3.22 -8.76
N SER B 79 3.94 -2.22 -8.01
CA SER B 79 3.42 -0.99 -8.59
C SER B 79 4.45 0.13 -8.63
N TYR B 80 5.41 0.13 -7.73
CA TYR B 80 6.54 1.05 -7.75
C TYR B 80 7.62 0.46 -6.86
N ILE B 81 8.81 1.08 -6.92
CA ILE B 81 9.96 0.55 -6.19
C ILE B 81 10.42 1.61 -5.20
N VAL B 82 10.73 1.17 -3.98
CA VAL B 82 11.12 2.09 -2.91
C VAL B 82 12.51 1.71 -2.41
N GLU B 83 13.46 2.61 -2.63
CA GLU B 83 14.72 2.59 -1.91
C GLU B 83 14.52 3.44 -0.68
N THR B 84 15.21 3.10 0.39
CA THR B 84 15.22 3.94 1.58
C THR B 84 16.49 4.77 1.60
N PRO B 85 16.53 5.86 2.36
CA PRO B 85 17.76 6.66 2.41
C PRO B 85 18.89 5.85 3.04
N ASN B 86 20.09 6.03 2.50
CA ASN B 86 21.30 5.39 2.98
C ASN B 86 21.16 3.86 3.00
N SER B 87 20.84 3.31 1.83
CA SER B 87 20.85 1.87 1.62
C SER B 87 22.28 1.38 1.80
N GLU B 88 22.54 0.60 2.83
CA GLU B 88 23.91 0.20 3.14
C GLU B 88 24.33 -1.09 2.44
N ASN B 89 23.43 -1.76 1.69
CA ASN B 89 23.74 -3.03 1.03
C ASN B 89 23.58 -2.89 -0.48
N GLY B 90 24.71 -2.73 -1.16
CA GLY B 90 24.71 -2.60 -2.60
C GLY B 90 25.64 -3.63 -3.21
N ALA B 91 26.65 -3.16 -3.95
CA ALA B 91 27.69 -4.04 -4.49
C ALA B 91 28.68 -4.29 -3.37
N CYS B 92 28.54 -5.43 -2.67
CA CYS B 92 29.39 -5.68 -1.50
C CYS B 92 30.86 -5.79 -1.87
N TYR B 93 31.17 -6.44 -2.98
CA TYR B 93 32.57 -6.48 -3.40
C TYR B 93 32.86 -5.20 -4.18
N PRO B 94 33.82 -4.39 -3.74
CA PRO B 94 33.97 -3.04 -4.31
C PRO B 94 34.35 -3.09 -5.78
N GLY B 95 33.80 -2.14 -6.53
CA GLY B 95 34.06 -2.01 -7.95
C GLY B 95 33.05 -1.06 -8.56
N ASP B 96 33.15 -0.89 -9.87
CA ASP B 96 32.27 0.02 -10.60
C ASP B 96 31.11 -0.77 -11.20
N PHE B 97 29.89 -0.22 -11.08
CA PHE B 97 28.69 -0.76 -11.73
C PHE B 97 28.46 0.09 -12.97
N ILE B 98 28.83 -0.41 -14.14
CA ILE B 98 28.84 0.39 -15.36
CA ILE B 98 28.84 0.40 -15.36
C ILE B 98 27.42 0.65 -15.83
N ASP B 99 27.12 1.91 -16.13
CA ASP B 99 25.82 2.31 -16.62
C ASP B 99 24.71 1.97 -15.61
N TYR B 100 25.03 2.14 -14.33
CA TYR B 100 24.07 1.82 -13.25
C TYR B 100 22.83 2.70 -13.35
N GLU B 101 23.00 4.01 -13.55
CA GLU B 101 21.85 4.91 -13.65
C GLU B 101 20.96 4.54 -14.84
N GLU B 102 21.57 4.14 -15.95
CA GLU B 102 20.78 3.71 -17.09
C GLU B 102 19.99 2.46 -16.74
N LEU B 103 20.60 1.53 -15.99
CA LEU B 103 19.87 0.33 -15.57
C LEU B 103 18.69 0.71 -14.68
N LYS B 104 18.90 1.64 -13.76
CA LYS B 104 17.78 2.06 -12.94
C LYS B 104 16.69 2.68 -13.80
N GLU B 105 17.08 3.48 -14.81
CA GLU B 105 16.08 4.06 -15.71
C GLU B 105 15.27 2.98 -16.42
N GLN B 106 15.94 1.91 -16.86
CA GLN B 106 15.22 0.78 -17.47
C GLN B 106 14.22 0.16 -16.48
N LEU B 107 14.66 -0.12 -15.25
CA LEU B 107 13.76 -0.74 -14.28
C LEU B 107 12.57 0.15 -13.92
N SER B 108 12.65 1.44 -14.17
CA SER B 108 11.53 2.33 -13.86
C SER B 108 10.30 2.03 -14.70
N SER B 109 10.43 1.38 -15.85
CA SER B 109 9.27 1.00 -16.66
C SER B 109 9.00 -0.50 -16.62
N VAL B 110 9.54 -1.21 -15.62
CA VAL B 110 9.37 -2.65 -15.49
C VAL B 110 8.29 -2.90 -14.44
N SER B 111 7.26 -3.64 -14.81
CA SER B 111 6.15 -3.96 -13.91
C SER B 111 6.31 -5.30 -13.20
N SER B 112 7.07 -6.21 -13.78
CA SER B 112 7.31 -7.50 -13.16
C SER B 112 8.53 -8.11 -13.83
N LEU B 113 9.19 -9.00 -13.10
CA LEU B 113 10.23 -9.80 -13.71
C LEU B 113 10.13 -11.22 -13.21
N GLU B 114 10.81 -12.12 -13.90
CA GLU B 114 10.92 -13.51 -13.50
C GLU B 114 12.40 -13.81 -13.39
N ARG B 115 12.85 -14.04 -12.17
CA ARG B 115 14.22 -14.43 -11.90
C ARG B 115 14.39 -15.89 -12.27
N PHE B 116 15.41 -16.21 -13.04
CA PHE B 116 15.59 -17.61 -13.42
C PHE B 116 17.08 -17.96 -13.53
N GLU B 117 17.38 -19.26 -13.48
CA GLU B 117 18.75 -19.75 -13.46
C GLU B 117 19.25 -19.82 -14.90
N ILE B 118 19.94 -18.75 -15.34
CA ILE B 118 20.37 -18.65 -16.74
C ILE B 118 21.46 -19.70 -17.04
N PHE B 119 22.38 -19.91 -16.11
CA PHE B 119 23.44 -20.92 -16.26
C PHE B 119 23.43 -21.78 -14.99
N PRO B 120 22.74 -22.92 -15.01
CA PRO B 120 22.71 -23.79 -13.82
C PRO B 120 24.10 -24.06 -13.27
N LYS B 121 24.30 -23.75 -11.98
CA LYS B 121 25.63 -23.80 -11.37
C LYS B 121 26.26 -25.18 -11.50
N GLU B 122 25.53 -26.24 -11.19
CA GLU B 122 26.17 -27.53 -11.04
C GLU B 122 26.56 -28.18 -12.36
N SER B 123 26.08 -27.66 -13.50
CA SER B 123 26.31 -28.32 -14.78
C SER B 123 26.82 -27.40 -15.88
N SER B 124 26.82 -26.09 -15.71
CA SER B 124 27.17 -25.22 -16.82
C SER B 124 28.69 -25.10 -17.02
N TRP B 125 29.48 -25.46 -16.02
CA TRP B 125 30.91 -25.15 -16.00
C TRP B 125 31.72 -26.40 -15.66
N PRO B 126 31.63 -27.44 -16.49
CA PRO B 126 32.27 -28.72 -16.12
C PRO B 126 33.78 -28.66 -16.03
N ASN B 127 34.41 -27.66 -16.66
CA ASN B 127 35.86 -27.57 -16.72
C ASN B 127 36.43 -26.53 -15.78
N HIS B 128 35.61 -26.02 -14.86
CA HIS B 128 36.00 -24.96 -13.95
C HIS B 128 35.43 -25.24 -12.57
N ASN B 129 35.96 -24.52 -11.59
CA ASN B 129 35.59 -24.71 -10.20
C ASN B 129 34.46 -23.75 -9.86
N THR B 130 33.33 -24.28 -9.37
CA THR B 130 32.20 -23.44 -8.99
C THR B 130 32.09 -23.25 -7.47
N LEU B 131 33.06 -23.75 -6.69
CA LEU B 131 32.88 -23.90 -5.25
C LEU B 131 33.70 -22.94 -4.39
N LYS B 132 34.77 -22.36 -4.93
CA LYS B 132 35.71 -21.59 -4.13
C LYS B 132 35.38 -20.10 -4.09
N GLY B 133 34.31 -19.68 -4.74
CA GLY B 133 34.05 -18.26 -4.93
C GLY B 133 33.27 -17.53 -3.85
N VAL B 134 33.81 -17.47 -2.63
CA VAL B 134 33.22 -16.72 -1.52
C VAL B 134 34.27 -15.73 -1.03
N THR B 135 33.80 -14.72 -0.28
CA THR B 135 34.68 -13.63 0.11
C THR B 135 34.18 -12.96 1.37
N ALA B 136 35.13 -12.43 2.15
CA ALA B 136 34.77 -11.67 3.35
C ALA B 136 34.09 -10.36 3.00
N SER B 137 34.31 -9.82 1.78
CA SER B 137 33.60 -8.61 1.38
C SER B 137 32.10 -8.83 1.30
N CYS B 138 31.67 -10.07 1.05
CA CYS B 138 30.24 -10.36 0.92
C CYS B 138 29.83 -11.38 1.98
N SER B 139 30.07 -11.05 3.23
CA SER B 139 29.84 -11.97 4.31
C SER B 139 28.37 -12.00 4.71
N HIS B 140 27.93 -13.15 5.21
CA HIS B 140 26.55 -13.31 5.63
C HIS B 140 26.49 -14.39 6.69
N GLY B 141 25.78 -14.13 7.77
CA GLY B 141 25.73 -15.08 8.89
C GLY B 141 27.09 -15.40 9.48
N GLY B 142 27.99 -14.40 9.52
CA GLY B 142 29.33 -14.57 10.06
C GLY B 142 30.26 -15.43 9.23
N LYS B 143 29.90 -15.74 7.99
CA LYS B 143 30.76 -16.49 7.10
C LYS B 143 30.93 -15.74 5.78
N SER B 144 32.02 -16.01 5.09
CA SER B 144 32.25 -15.46 3.77
C SER B 144 31.27 -16.06 2.80
N SER B 145 30.84 -15.25 1.83
CA SER B 145 29.73 -15.67 0.99
C SER B 145 29.87 -14.95 -0.35
N PHE B 146 28.79 -14.92 -1.12
CA PHE B 146 28.84 -14.24 -2.41
C PHE B 146 27.42 -13.95 -2.89
N TYR B 147 27.35 -13.16 -3.95
CA TYR B 147 26.11 -12.86 -4.64
C TYR B 147 25.35 -14.14 -5.00
N ARG B 148 24.02 -14.03 -4.96
CA ARG B 148 23.15 -15.11 -5.34
C ARG B 148 22.92 -15.16 -6.85
N ASN B 149 23.20 -14.07 -7.59
CA ASN B 149 22.85 -14.05 -8.99
C ASN B 149 24.06 -14.17 -9.90
N LEU B 150 25.26 -14.23 -9.32
CA LEU B 150 26.52 -14.39 -10.04
C LEU B 150 27.28 -15.54 -9.42
N LEU B 151 28.27 -16.05 -10.17
CA LEU B 151 29.05 -17.21 -9.79
C LEU B 151 30.52 -16.92 -10.04
N TRP B 152 31.32 -16.92 -8.99
CA TRP B 152 32.75 -16.65 -9.08
C TRP B 152 33.49 -17.90 -9.51
N LEU B 153 33.69 -18.04 -10.83
CA LEU B 153 34.40 -19.20 -11.37
C LEU B 153 35.90 -19.09 -11.12
N THR B 154 36.54 -20.21 -10.78
CA THR B 154 37.99 -20.25 -10.60
C THR B 154 38.55 -21.51 -11.27
N LYS B 155 39.87 -21.66 -11.19
CA LYS B 155 40.52 -22.78 -11.86
C LYS B 155 40.23 -24.06 -11.09
N THR B 156 40.22 -25.17 -11.81
CA THR B 156 40.16 -26.48 -11.20
C THR B 156 41.54 -27.11 -11.27
N GLY B 157 42.03 -27.58 -10.12
CA GLY B 157 43.42 -27.99 -10.02
C GLY B 157 44.29 -26.81 -10.39
N ASP B 158 44.99 -26.91 -11.52
CA ASP B 158 45.77 -25.77 -12.01
C ASP B 158 45.42 -25.47 -13.47
N SER B 159 44.17 -25.72 -13.87
CA SER B 159 43.77 -25.43 -15.24
C SER B 159 42.51 -24.58 -15.24
N TYR B 160 42.52 -23.60 -16.14
CA TYR B 160 41.36 -22.77 -16.43
C TYR B 160 41.33 -22.73 -17.95
N PRO B 161 40.70 -23.71 -18.58
CA PRO B 161 40.60 -23.72 -20.04
C PRO B 161 39.68 -22.62 -20.54
N LYS B 162 39.82 -22.29 -21.81
CA LYS B 162 38.92 -21.32 -22.43
C LYS B 162 37.50 -21.81 -22.35
N LEU B 163 36.62 -20.99 -21.77
CA LEU B 163 35.20 -21.35 -21.70
C LEU B 163 34.41 -20.58 -22.74
N THR B 164 33.36 -21.23 -23.23
CA THR B 164 32.38 -20.63 -24.15
C THR B 164 31.02 -21.13 -23.72
N ASN B 165 30.14 -20.21 -23.35
CA ASN B 165 28.80 -20.60 -22.91
C ASN B 165 27.81 -19.64 -23.53
N SER B 166 26.70 -20.19 -24.00
CA SER B 166 25.68 -19.47 -24.74
C SER B 166 24.36 -19.65 -24.04
N TYR B 167 23.55 -18.59 -24.07
CA TYR B 167 22.16 -18.69 -23.65
C TYR B 167 21.28 -18.13 -24.75
N VAL B 168 20.29 -18.92 -25.18
CA VAL B 168 19.29 -18.47 -26.13
C VAL B 168 18.07 -17.98 -25.35
N ASN B 169 17.67 -16.74 -25.59
CA ASN B 169 16.53 -16.14 -24.90
C ASN B 169 15.24 -16.67 -25.49
N ASN B 170 14.66 -17.66 -24.84
CA ASN B 170 13.39 -18.20 -25.28
C ASN B 170 12.25 -17.78 -24.37
N LYS B 171 12.45 -16.71 -23.60
CA LYS B 171 11.48 -16.28 -22.60
C LYS B 171 10.35 -15.46 -23.18
N GLY B 172 10.42 -15.07 -24.46
CA GLY B 172 9.43 -14.20 -25.04
C GLY B 172 9.46 -12.78 -24.50
N LYS B 173 10.47 -12.43 -23.72
CA LYS B 173 10.61 -11.10 -23.14
C LYS B 173 12.08 -10.76 -23.17
N GLU B 174 12.37 -9.47 -22.98
CA GLU B 174 13.73 -9.06 -22.74
C GLU B 174 14.25 -9.77 -21.51
N VAL B 175 15.49 -10.21 -21.57
CA VAL B 175 16.16 -10.82 -20.42
C VAL B 175 17.29 -9.90 -20.00
N LEU B 176 17.27 -9.49 -18.74
CA LEU B 176 18.34 -8.69 -18.17
C LEU B 176 19.43 -9.65 -17.70
N VAL B 177 20.62 -9.54 -18.30
CA VAL B 177 21.77 -10.37 -17.92
C VAL B 177 22.81 -9.49 -17.25
N LEU B 178 23.27 -9.93 -16.07
CA LEU B 178 24.34 -9.26 -15.35
C LEU B 178 25.54 -10.19 -15.19
N TRP B 179 26.73 -9.61 -15.19
CA TRP B 179 27.96 -10.35 -14.92
C TRP B 179 28.95 -9.39 -14.33
N GLY B 180 30.09 -9.92 -13.91
CA GLY B 180 31.15 -9.11 -13.33
C GLY B 180 32.51 -9.50 -13.89
N VAL B 181 33.49 -8.63 -13.66
CA VAL B 181 34.88 -8.92 -14.04
C VAL B 181 35.75 -8.60 -12.84
N HIS B 182 36.55 -9.59 -12.45
CA HIS B 182 37.36 -9.45 -11.26
C HIS B 182 38.76 -8.95 -11.61
N HIS B 183 39.28 -8.08 -10.77
CA HIS B 183 40.61 -7.50 -10.96
C HIS B 183 41.47 -7.77 -9.74
N PRO B 184 42.28 -8.82 -9.76
CA PRO B 184 43.16 -9.13 -8.61
C PRO B 184 44.13 -7.99 -8.34
N SER B 185 44.76 -8.06 -7.17
CA SER B 185 45.72 -7.06 -6.73
C SER B 185 47.16 -7.46 -7.05
N SER B 186 47.39 -8.67 -7.57
CA SER B 186 48.74 -9.07 -7.93
C SER B 186 48.69 -10.15 -9.00
N SER B 187 49.82 -10.31 -9.69
CA SER B 187 49.92 -11.38 -10.68
C SER B 187 49.83 -12.74 -10.01
N ASN B 188 50.33 -12.89 -8.78
CA ASN B 188 50.20 -14.17 -8.11
C ASN B 188 48.75 -14.50 -7.82
N GLU B 189 47.96 -13.49 -7.41
CA GLU B 189 46.54 -13.73 -7.20
C GLU B 189 45.85 -14.14 -8.50
N GLN B 190 46.21 -13.49 -9.61
CA GLN B 190 45.68 -13.89 -10.91
C GLN B 190 45.94 -15.38 -11.19
N GLN B 191 47.17 -15.82 -10.96
CA GLN B 191 47.51 -17.23 -11.18
C GLN B 191 46.83 -18.14 -10.15
N SER B 192 46.78 -17.71 -8.88
CA SER B 192 46.13 -18.54 -7.85
C SER B 192 44.65 -18.78 -8.18
N LEU B 193 43.97 -17.77 -8.71
CA LEU B 193 42.55 -17.86 -9.03
C LEU B 193 42.27 -18.46 -10.42
N TYR B 194 43.00 -18.03 -11.44
CA TYR B 194 42.60 -18.32 -12.80
C TYR B 194 43.69 -18.97 -13.63
N HIS B 195 44.86 -19.22 -13.04
CA HIS B 195 46.03 -19.78 -13.70
C HIS B 195 46.62 -18.84 -14.75
N ASN B 196 45.83 -18.49 -15.76
CA ASN B 196 46.33 -17.72 -16.90
C ASN B 196 46.73 -16.30 -16.51
N VAL B 197 47.96 -15.93 -16.86
CA VAL B 197 48.49 -14.62 -16.50
C VAL B 197 47.78 -13.52 -17.28
N ASN B 198 47.52 -13.72 -18.57
CA ASN B 198 46.89 -12.72 -19.41
C ASN B 198 45.54 -13.27 -19.89
N ALA B 199 44.49 -13.02 -19.11
CA ALA B 199 43.17 -13.53 -19.41
C ALA B 199 42.32 -12.45 -20.06
N TYR B 200 41.17 -12.87 -20.59
CA TYR B 200 40.20 -11.90 -21.09
C TYR B 200 38.81 -12.49 -20.87
N VAL B 201 37.81 -11.60 -20.94
CA VAL B 201 36.39 -11.95 -20.95
C VAL B 201 35.77 -11.31 -22.19
N SER B 202 34.96 -12.06 -22.91
CA SER B 202 34.22 -11.56 -24.06
C SER B 202 32.74 -11.86 -23.87
N VAL B 203 31.88 -10.87 -24.12
CA VAL B 203 30.42 -11.00 -24.00
C VAL B 203 29.78 -10.38 -25.25
N VAL B 204 29.08 -11.19 -26.02
CA VAL B 204 28.57 -10.72 -27.32
C VAL B 204 27.18 -11.29 -27.55
N SER B 205 26.25 -10.43 -27.94
CA SER B 205 24.94 -10.84 -28.42
C SER B 205 24.78 -10.27 -29.83
N SER B 206 23.56 -10.13 -30.32
CA SER B 206 23.40 -9.48 -31.62
C SER B 206 23.54 -7.96 -31.56
N ASN B 207 23.39 -7.34 -30.38
CA ASN B 207 23.53 -5.89 -30.27
C ASN B 207 24.40 -5.47 -29.10
N TYR B 208 25.12 -6.39 -28.48
CA TYR B 208 26.10 -6.06 -27.45
C TYR B 208 27.39 -6.77 -27.83
N ASN B 209 28.51 -6.11 -27.55
CA ASN B 209 29.82 -6.62 -28.00
C ASN B 209 30.88 -5.90 -27.16
N ARG B 210 31.42 -6.59 -26.16
CA ARG B 210 32.41 -5.93 -25.32
C ARG B 210 33.44 -6.97 -24.86
N ARG B 211 34.68 -6.52 -24.74
CA ARG B 211 35.78 -7.36 -24.27
C ARG B 211 36.42 -6.68 -23.07
N PHE B 212 36.86 -7.49 -22.10
CA PHE B 212 37.34 -7.00 -20.83
C PHE B 212 38.66 -7.67 -20.51
N THR B 213 39.64 -6.86 -20.10
CA THR B 213 40.95 -7.30 -19.69
CA THR B 213 40.91 -7.37 -19.66
C THR B 213 41.16 -6.98 -18.21
N PRO B 214 41.72 -7.88 -17.42
CA PRO B 214 42.01 -7.55 -16.02
C PRO B 214 43.07 -6.48 -15.92
N GLU B 215 42.87 -5.54 -15.01
CA GLU B 215 43.82 -4.44 -14.80
C GLU B 215 44.32 -4.57 -13.37
N ILE B 216 45.49 -5.16 -13.24
CA ILE B 216 46.06 -5.49 -11.95
C ILE B 216 46.91 -4.31 -11.48
N ALA B 217 46.65 -3.82 -10.25
CA ALA B 217 47.37 -2.65 -9.77
C ALA B 217 47.18 -2.53 -8.26
N ALA B 218 48.07 -1.74 -7.64
CA ALA B 218 47.93 -1.38 -6.24
C ALA B 218 46.75 -0.41 -6.08
N ARG B 219 45.84 -0.71 -5.14
CA ARG B 219 44.62 0.07 -4.95
C ARG B 219 44.34 0.25 -3.47
N PRO B 220 43.64 1.32 -3.08
CA PRO B 220 43.23 1.43 -1.68
C PRO B 220 42.19 0.38 -1.30
N LYS B 221 42.27 -0.08 -0.05
CA LYS B 221 41.26 -1.03 0.42
C LYS B 221 39.91 -0.34 0.55
N VAL B 222 38.87 -0.94 -0.01
CA VAL B 222 37.50 -0.53 0.26
C VAL B 222 36.84 -1.65 1.05
N ARG B 223 36.46 -1.36 2.30
CA ARG B 223 35.98 -2.37 3.23
C ARG B 223 36.95 -3.55 3.26
N ASP B 224 38.22 -3.20 3.51
CA ASP B 224 39.33 -4.15 3.66
CA ASP B 224 39.34 -4.15 3.65
C ASP B 224 39.57 -4.97 2.40
N GLN B 225 39.08 -4.53 1.25
CA GLN B 225 39.29 -5.27 0.02
C GLN B 225 40.06 -4.42 -0.99
N PRO B 226 41.32 -4.78 -1.32
CA PRO B 226 42.05 -4.04 -2.37
C PRO B 226 41.74 -4.52 -3.79
N GLY B 227 41.14 -5.69 -3.96
CA GLY B 227 40.70 -6.10 -5.27
C GLY B 227 39.52 -5.27 -5.72
N ARG B 228 39.15 -5.40 -6.99
CA ARG B 228 37.94 -4.81 -7.54
C ARG B 228 37.21 -5.82 -8.38
N MET B 229 35.90 -5.61 -8.47
CA MET B 229 35.00 -6.39 -9.30
C MET B 229 34.06 -5.38 -9.95
N ASN B 230 34.13 -5.26 -11.28
CA ASN B 230 33.24 -4.37 -12.02
C ASN B 230 32.04 -5.15 -12.53
N TYR B 231 30.88 -4.49 -12.56
CA TYR B 231 29.62 -5.14 -12.90
C TYR B 231 29.07 -4.54 -14.19
N TYR B 232 28.55 -5.40 -15.05
CA TYR B 232 28.04 -5.01 -16.36
C TYR B 232 26.69 -5.70 -16.57
N TRP B 233 25.92 -5.19 -17.52
CA TRP B 233 24.60 -5.73 -17.79
C TRP B 233 24.27 -5.46 -19.24
N THR B 234 23.35 -6.24 -19.77
CA THR B 234 22.78 -5.96 -21.08
C THR B 234 21.38 -6.53 -21.09
N LEU B 235 20.56 -5.97 -21.96
CA LEU B 235 19.20 -6.47 -22.20
C LEU B 235 19.26 -7.33 -23.45
N LEU B 236 18.99 -8.62 -23.28
CA LEU B 236 19.01 -9.58 -24.37
C LEU B 236 17.63 -9.67 -25.00
N GLU B 237 17.52 -9.33 -26.29
CA GLU B 237 16.22 -9.30 -26.94
C GLU B 237 15.64 -10.71 -27.06
N PRO B 238 14.31 -10.81 -27.10
CA PRO B 238 13.65 -12.10 -27.31
C PRO B 238 14.17 -12.80 -28.56
N GLY B 239 14.52 -14.09 -28.41
CA GLY B 239 15.05 -14.86 -29.51
C GLY B 239 16.53 -14.72 -29.75
N ASP B 240 17.20 -13.75 -29.13
CA ASP B 240 18.62 -13.55 -29.36
C ASP B 240 19.44 -14.45 -28.44
N THR B 241 20.71 -14.64 -28.82
CA THR B 241 21.70 -15.43 -28.08
C THR B 241 22.79 -14.52 -27.51
N ILE B 242 23.27 -14.83 -26.31
CA ILE B 242 24.43 -14.16 -25.71
C ILE B 242 25.54 -15.18 -25.47
N ILE B 243 26.76 -14.84 -25.87
CA ILE B 243 27.90 -15.77 -25.78
C ILE B 243 28.95 -15.16 -24.86
N PHE B 244 29.28 -15.87 -23.78
CA PHE B 244 30.37 -15.56 -22.88
C PHE B 244 31.58 -16.40 -23.26
N GLU B 245 32.74 -15.77 -23.34
CA GLU B 245 33.97 -16.47 -23.65
C GLU B 245 35.02 -15.91 -22.69
N ALA B 246 35.81 -16.78 -22.05
CA ALA B 246 36.68 -16.26 -20.99
C ALA B 246 37.88 -17.17 -20.73
N THR B 247 39.03 -16.57 -20.44
CA THR B 247 40.20 -17.32 -20.00
C THR B 247 40.55 -17.01 -18.56
N GLY B 248 39.66 -16.32 -17.86
CA GLY B 248 39.84 -16.02 -16.47
C GLY B 248 38.93 -14.88 -16.09
N ASN B 249 38.86 -14.62 -14.78
CA ASN B 249 38.31 -13.39 -14.23
C ASN B 249 36.82 -13.19 -14.47
N LEU B 250 36.11 -14.15 -15.06
CA LEU B 250 34.68 -13.96 -15.30
C LEU B 250 33.90 -14.27 -14.03
N ILE B 251 33.09 -13.31 -13.60
CA ILE B 251 32.07 -13.56 -12.58
C ILE B 251 30.79 -13.82 -13.35
N ALA B 252 30.48 -15.10 -13.54
CA ALA B 252 29.52 -15.51 -14.56
C ALA B 252 28.09 -15.21 -14.11
N PRO B 253 27.18 -14.94 -15.06
CA PRO B 253 25.76 -14.91 -14.70
C PRO B 253 25.39 -16.25 -14.10
N TRP B 254 24.62 -16.22 -13.00
CA TRP B 254 24.00 -17.41 -12.43
C TRP B 254 22.48 -17.33 -12.56
N TYR B 255 21.90 -16.23 -12.09
CA TYR B 255 20.50 -15.92 -12.29
C TYR B 255 20.37 -14.65 -13.13
N ALA B 256 19.38 -14.64 -14.02
CA ALA B 256 19.03 -13.48 -14.82
C ALA B 256 17.54 -13.20 -14.65
N PHE B 257 17.04 -12.17 -15.33
CA PHE B 257 15.68 -11.69 -15.10
C PHE B 257 14.97 -11.46 -16.42
N ALA B 258 13.84 -12.14 -16.61
CA ALA B 258 12.95 -11.88 -17.73
C ALA B 258 12.04 -10.72 -17.36
N LEU B 259 12.05 -9.66 -18.18
CA LEU B 259 11.38 -8.42 -17.84
C LEU B 259 10.04 -8.29 -18.55
N SER B 260 9.04 -7.82 -17.81
CA SER B 260 7.76 -7.42 -18.38
C SER B 260 7.63 -5.91 -18.24
N ARG B 261 7.34 -5.24 -19.34
CA ARG B 261 7.24 -3.78 -19.34
C ARG B 261 5.85 -3.33 -18.90
N GLY B 262 5.81 -2.23 -18.14
CA GLY B 262 4.55 -1.66 -17.70
C GLY B 262 4.58 -0.15 -17.82
N PHE B 263 3.45 0.46 -17.47
CA PHE B 263 3.27 1.90 -17.57
C PHE B 263 2.98 2.48 -16.18
N GLY B 264 3.56 3.64 -15.90
CA GLY B 264 3.26 4.38 -14.70
C GLY B 264 4.01 3.98 -13.44
N SER B 265 5.03 3.12 -13.56
CA SER B 265 5.85 2.75 -12.41
C SER B 265 7.04 3.72 -12.28
N SER B 266 7.77 3.60 -11.17
CA SER B 266 8.94 4.45 -10.96
C SER B 266 9.72 3.91 -9.77
N ILE B 267 10.88 4.53 -9.52
CA ILE B 267 11.70 4.27 -8.34
C ILE B 267 11.72 5.55 -7.52
N ILE B 268 11.44 5.44 -6.22
CA ILE B 268 11.50 6.58 -5.33
C ILE B 268 12.36 6.20 -4.12
N ILE B 269 12.77 7.23 -3.39
CA ILE B 269 13.43 7.10 -2.09
C ILE B 269 12.47 7.62 -1.04
N SER B 270 12.20 6.82 -0.02
CA SER B 270 11.28 7.23 1.03
C SER B 270 11.64 6.55 2.34
N ASN B 271 11.46 7.26 3.47
CA ASN B 271 11.61 6.64 4.79
C ASN B 271 10.24 6.41 5.45
N ALA B 272 9.15 6.60 4.72
CA ALA B 272 7.82 6.30 5.22
C ALA B 272 7.58 4.79 5.22
N SER B 273 6.62 4.37 6.02
CA SER B 273 6.37 2.95 6.21
C SER B 273 5.15 2.50 5.40
N MET B 274 5.18 1.22 5.03
CA MET B 274 4.08 0.61 4.29
C MET B 274 2.88 0.35 5.21
N HIS B 275 1.68 0.59 4.68
CA HIS B 275 0.43 0.31 5.39
C HIS B 275 -0.55 -0.42 4.49
N GLU B 276 -1.63 -0.88 5.11
CA GLU B 276 -2.71 -1.57 4.38
C GLU B 276 -3.72 -0.53 3.89
N CYS B 277 -3.24 0.33 2.99
CA CYS B 277 -4.03 1.40 2.39
C CYS B 277 -3.89 1.30 0.88
N ASN B 278 -4.86 1.88 0.18
CA ASN B 278 -4.86 1.92 -1.27
C ASN B 278 -5.00 3.36 -1.73
N THR B 279 -4.29 3.73 -2.79
CA THR B 279 -4.32 5.11 -3.24
C THR B 279 -4.21 5.16 -4.75
N LYS B 280 -4.68 6.27 -5.33
CA LYS B 280 -4.42 6.58 -6.73
C LYS B 280 -3.22 7.48 -6.92
N CYS B 281 -2.69 8.04 -5.83
CA CYS B 281 -1.60 9.01 -5.90
C CYS B 281 -0.67 8.81 -4.71
N GLN B 282 0.59 8.51 -4.99
CA GLN B 282 1.59 8.26 -3.97
C GLN B 282 2.75 9.24 -4.16
N THR B 283 3.22 9.79 -3.06
CA THR B 283 4.45 10.57 -3.02
C THR B 283 5.39 9.97 -1.99
N PRO B 284 6.68 10.33 -2.01
CA PRO B 284 7.62 9.78 -1.02
C PRO B 284 7.28 10.16 0.41
N GLN B 285 6.48 11.20 0.65
CA GLN B 285 6.09 11.58 2.01
C GLN B 285 4.79 10.93 2.46
N GLY B 286 3.99 10.45 1.52
CA GLY B 286 2.69 9.88 1.85
C GLY B 286 1.78 9.90 0.64
N ALA B 287 0.65 9.21 0.80
CA ALA B 287 -0.34 9.08 -0.25
C ALA B 287 -1.30 10.26 -0.21
N ILE B 288 -1.88 10.59 -1.38
CA ILE B 288 -2.80 11.71 -1.52
C ILE B 288 -4.16 11.19 -1.97
N ASN B 289 -5.21 11.62 -1.28
CA ASN B 289 -6.61 11.32 -1.58
C ASN B 289 -7.29 12.66 -1.82
N SER B 290 -7.35 13.08 -3.07
CA SER B 290 -7.77 14.43 -3.37
C SER B 290 -8.22 14.53 -4.81
N SER B 291 -9.13 15.46 -5.06
CA SER B 291 -9.52 15.83 -6.42
C SER B 291 -9.08 17.24 -6.79
N LEU B 292 -8.32 17.90 -5.94
CA LEU B 292 -7.88 19.27 -6.21
C LEU B 292 -6.86 19.29 -7.34
N PRO B 293 -6.79 20.39 -8.11
CA PRO B 293 -5.85 20.43 -9.24
C PRO B 293 -4.40 20.57 -8.83
N PHE B 294 -4.12 21.15 -7.66
CA PHE B 294 -2.75 21.44 -7.26
C PHE B 294 -2.46 20.81 -5.90
N GLN B 295 -1.16 20.62 -5.64
CA GLN B 295 -0.70 20.13 -4.36
C GLN B 295 0.69 20.70 -4.09
N ASN B 296 1.03 20.88 -2.81
CA ASN B 296 2.35 21.38 -2.43
C ASN B 296 3.07 20.37 -1.54
N ILE B 297 2.73 19.10 -1.64
CA ILE B 297 3.32 18.10 -0.76
C ILE B 297 4.68 17.63 -1.27
N HIS B 298 4.77 17.29 -2.57
CA HIS B 298 6.04 16.79 -3.07
C HIS B 298 6.06 16.83 -4.58
N PRO B 299 7.18 17.22 -5.21
CA PRO B 299 7.25 17.17 -6.68
C PRO B 299 7.30 15.74 -7.23
N VAL B 300 7.73 14.77 -6.43
CA VAL B 300 7.82 13.38 -6.87
C VAL B 300 6.48 12.70 -6.58
N THR B 301 5.83 12.20 -7.63
CA THR B 301 4.52 11.58 -7.50
C THR B 301 4.49 10.29 -8.31
N ILE B 302 3.60 9.39 -7.90
CA ILE B 302 3.28 8.15 -8.60
C ILE B 302 1.77 8.03 -8.73
N GLY B 303 1.29 7.67 -9.92
CA GLY B 303 -0.13 7.48 -10.13
C GLY B 303 -0.80 8.66 -10.81
N GLU B 304 -1.97 9.05 -10.34
CA GLU B 304 -2.70 10.19 -10.87
C GLU B 304 -2.78 11.23 -9.76
N CYS B 305 -2.02 12.30 -9.89
CA CYS B 305 -1.81 13.21 -8.77
C CYS B 305 -2.14 14.64 -9.16
N PRO B 306 -2.46 15.49 -8.19
CA PRO B 306 -2.58 16.91 -8.48
C PRO B 306 -1.21 17.46 -8.85
N LYS B 307 -1.23 18.55 -9.60
CA LYS B 307 -0.02 19.18 -10.08
C LYS B 307 0.76 19.80 -8.92
N TYR B 308 2.06 19.57 -8.88
CA TYR B 308 2.86 20.13 -7.80
C TYR B 308 3.15 21.61 -8.05
N VAL B 309 2.96 22.44 -7.02
CA VAL B 309 3.33 23.85 -7.05
C VAL B 309 3.95 24.22 -5.71
N ARG B 310 4.72 25.32 -5.70
CA ARG B 310 5.32 25.85 -4.48
C ARG B 310 4.35 26.67 -3.64
N SER B 311 3.14 26.94 -4.13
CA SER B 311 2.22 27.85 -3.45
C SER B 311 1.86 27.34 -2.05
N THR B 312 1.55 28.27 -1.16
CA THR B 312 1.06 27.94 0.17
C THR B 312 -0.43 28.19 0.34
N LYS B 313 -1.04 29.00 -0.55
CA LYS B 313 -2.48 29.18 -0.58
C LYS B 313 -2.94 29.41 -2.01
N LEU B 314 -3.98 28.69 -2.43
CA LEU B 314 -4.62 28.89 -3.74
C LEU B 314 -6.12 28.79 -3.48
N ARG B 315 -6.79 29.93 -3.34
CA ARG B 315 -8.20 29.94 -2.98
C ARG B 315 -8.97 30.86 -3.92
N MET B 316 -9.97 30.30 -4.59
CA MET B 316 -10.82 31.05 -5.51
C MET B 316 -12.08 31.44 -4.77
N VAL B 317 -12.41 32.73 -4.83
CA VAL B 317 -13.68 33.18 -4.29
C VAL B 317 -14.80 32.76 -5.23
N THR B 318 -15.88 32.25 -4.66
CA THR B 318 -17.08 31.97 -5.44
C THR B 318 -18.25 32.86 -5.06
N GLY B 319 -18.41 33.19 -3.79
CA GLY B 319 -19.46 34.08 -3.33
C GLY B 319 -19.04 35.54 -3.39
N LEU B 320 -19.62 36.36 -2.52
CA LEU B 320 -19.41 37.80 -2.56
C LEU B 320 -18.53 38.21 -1.39
N ARG B 321 -18.06 39.46 -1.40
CA ARG B 321 -17.46 39.99 -0.19
CA ARG B 321 -17.45 39.96 -0.17
C ARG B 321 -18.47 39.86 0.95
N ASN B 322 -18.00 39.40 2.11
CA ASN B 322 -18.88 39.20 3.25
C ASN B 322 -18.92 40.50 4.06
N ILE B 323 -20.05 41.19 4.02
CA ILE B 323 -20.23 42.44 4.75
C ILE B 323 -21.46 42.36 5.64
N PRO B 324 -21.37 41.76 6.82
CA PRO B 324 -22.54 41.70 7.72
C PRO B 324 -22.66 42.96 8.56
N SER B 325 -23.86 43.15 9.10
CA SER B 325 -24.15 44.31 9.96
C SER B 325 -23.18 44.44 11.13
N GLY B 330 -15.80 48.86 -5.36
CA GLY B 330 -16.26 47.92 -6.36
C GLY B 330 -16.31 48.59 -7.72
N LEU B 331 -16.22 47.79 -8.78
CA LEU B 331 -16.11 48.37 -10.10
C LEU B 331 -17.44 48.92 -10.59
N PHE B 332 -18.54 48.36 -10.12
CA PHE B 332 -19.86 48.77 -10.56
C PHE B 332 -20.63 49.57 -9.50
N GLY B 333 -20.11 49.67 -8.28
CA GLY B 333 -20.63 50.62 -7.31
C GLY B 333 -21.73 50.12 -6.39
N ALA B 334 -22.21 48.90 -6.55
CA ALA B 334 -23.30 48.39 -5.73
C ALA B 334 -22.78 47.79 -4.43
N ILE B 335 -22.13 46.62 -4.50
CA ILE B 335 -21.63 45.96 -3.31
C ILE B 335 -20.52 46.81 -2.68
N ALA B 336 -20.58 46.97 -1.36
CA ALA B 336 -19.69 47.85 -0.61
C ALA B 336 -19.75 49.28 -1.13
N GLY B 337 -20.86 49.65 -1.77
CA GLY B 337 -21.06 50.96 -2.34
C GLY B 337 -22.32 51.60 -1.81
N PHE B 338 -23.30 51.90 -2.69
CA PHE B 338 -24.54 52.48 -2.20
C PHE B 338 -25.40 51.47 -1.45
N ILE B 339 -25.22 50.18 -1.73
CA ILE B 339 -25.75 49.12 -0.87
C ILE B 339 -24.57 48.75 0.04
N GLU B 340 -24.53 49.37 1.22
CA GLU B 340 -23.32 49.33 2.02
C GLU B 340 -23.05 47.95 2.61
N GLY B 341 -24.06 47.09 2.69
CA GLY B 341 -23.87 45.82 3.38
C GLY B 341 -24.77 44.72 2.91
N GLY B 342 -24.41 43.50 3.30
CA GLY B 342 -25.17 42.33 2.98
C GLY B 342 -26.17 41.96 4.07
N TRP B 343 -27.02 41.00 3.75
CA TRP B 343 -28.10 40.55 4.63
C TRP B 343 -27.80 39.15 5.14
N THR B 344 -27.48 39.05 6.43
CA THR B 344 -27.40 37.73 7.04
C THR B 344 -28.75 37.01 7.03
N GLY B 345 -29.85 37.75 6.93
CA GLY B 345 -31.19 37.16 6.92
C GLY B 345 -31.52 36.40 5.66
N MET B 346 -30.83 36.67 4.55
CA MET B 346 -31.14 36.02 3.27
C MET B 346 -30.32 34.74 3.15
N ILE B 347 -30.97 33.60 3.40
CA ILE B 347 -30.30 32.30 3.47
C ILE B 347 -30.54 31.44 2.25
N ASP B 348 -31.27 31.93 1.25
CA ASP B 348 -31.65 31.12 0.10
C ASP B 348 -31.05 31.60 -1.22
N GLY B 349 -30.27 32.67 -1.22
CA GLY B 349 -29.66 33.11 -2.47
C GLY B 349 -28.63 34.18 -2.26
N TRP B 350 -27.90 34.47 -3.34
CA TRP B 350 -26.84 35.48 -3.31
C TRP B 350 -27.43 36.87 -3.42
N TYR B 351 -28.42 37.03 -4.27
CA TYR B 351 -29.11 38.30 -4.47
C TYR B 351 -30.59 38.11 -4.24
N GLY B 352 -31.24 39.13 -3.69
CA GLY B 352 -32.66 39.01 -3.46
C GLY B 352 -33.25 40.30 -2.96
N TYR B 353 -34.40 40.15 -2.30
CA TYR B 353 -35.17 41.29 -1.83
C TYR B 353 -35.61 41.03 -0.39
N HIS B 354 -35.77 42.11 0.36
CA HIS B 354 -36.51 42.10 1.60
C HIS B 354 -37.70 43.03 1.46
N HIS B 355 -38.89 42.53 1.77
CA HIS B 355 -40.12 43.32 1.72
C HIS B 355 -40.62 43.62 3.12
N GLN B 356 -41.44 44.65 3.21
CA GLN B 356 -42.09 45.01 4.49
C GLN B 356 -43.42 45.68 4.14
N ASN B 357 -44.49 44.90 4.13
CA ASN B 357 -45.84 45.44 3.96
C ASN B 357 -46.62 45.22 5.26
N GLU B 358 -47.91 45.61 5.25
CA GLU B 358 -48.71 45.47 6.46
C GLU B 358 -48.86 44.01 6.87
N GLN B 359 -48.93 43.10 5.90
CA GLN B 359 -49.02 41.67 6.16
C GLN B 359 -47.67 41.04 6.50
N TYR B 363 -37.54 37.89 3.84
CA TYR B 363 -36.54 37.76 2.78
C TYR B 363 -36.89 36.72 1.73
N ALA B 364 -36.59 37.06 0.48
CA ALA B 364 -36.73 36.15 -0.64
C ALA B 364 -35.61 36.46 -1.64
N ALA B 365 -34.92 35.42 -2.08
CA ALA B 365 -33.81 35.59 -3.00
C ALA B 365 -34.32 35.62 -4.43
N ASP B 366 -33.68 36.43 -5.27
CA ASP B 366 -34.03 36.45 -6.68
C ASP B 366 -33.42 35.21 -7.32
N GLN B 367 -34.27 34.23 -7.63
CA GLN B 367 -33.79 32.93 -8.08
C GLN B 367 -33.13 32.99 -9.45
N LYS B 368 -33.58 33.89 -10.33
CA LYS B 368 -33.09 33.88 -11.70
C LYS B 368 -31.66 34.42 -11.79
N SER B 369 -31.42 35.60 -11.21
CA SER B 369 -30.07 36.16 -11.20
C SER B 369 -29.12 35.30 -10.36
N THR B 370 -29.60 34.80 -9.21
CA THR B 370 -28.76 33.97 -8.38
C THR B 370 -28.35 32.69 -9.13
N GLN B 371 -29.32 32.02 -9.77
CA GLN B 371 -28.98 30.77 -10.44
C GLN B 371 -28.12 31.02 -11.67
N ASN B 372 -28.28 32.18 -12.32
CA ASN B 372 -27.41 32.52 -13.43
C ASN B 372 -26.00 32.78 -12.92
N ALA B 373 -25.88 33.38 -11.74
CA ALA B 373 -24.56 33.61 -11.16
C ALA B 373 -23.92 32.31 -10.71
N ILE B 374 -24.71 31.43 -10.09
CA ILE B 374 -24.17 30.14 -9.66
C ILE B 374 -23.68 29.33 -10.86
N ASN B 375 -24.44 29.29 -11.94
CA ASN B 375 -24.00 28.52 -13.11
C ASN B 375 -22.72 29.09 -13.68
N GLY B 376 -22.62 30.43 -13.75
CA GLY B 376 -21.42 31.05 -14.27
C GLY B 376 -20.19 30.75 -13.43
N ILE B 377 -20.32 30.88 -12.10
CA ILE B 377 -19.18 30.64 -11.22
C ILE B 377 -18.79 29.16 -11.23
N THR B 378 -19.79 28.27 -11.25
CA THR B 378 -19.52 26.84 -11.36
C THR B 378 -18.79 26.51 -12.64
N ASN B 379 -19.16 27.17 -13.73
CA ASN B 379 -18.47 26.93 -14.99
C ASN B 379 -17.05 27.48 -14.92
N LYS B 380 -16.86 28.64 -14.29
CA LYS B 380 -15.52 29.19 -14.23
C LYS B 380 -14.58 28.30 -13.41
N VAL B 381 -15.04 27.84 -12.25
CA VAL B 381 -14.17 27.01 -11.42
C VAL B 381 -13.86 25.71 -12.13
N ASN B 382 -14.88 25.08 -12.73
CA ASN B 382 -14.63 23.82 -13.42
C ASN B 382 -13.70 24.00 -14.59
N SER B 383 -13.83 25.11 -15.32
CA SER B 383 -12.96 25.36 -16.47
C SER B 383 -11.52 25.55 -16.04
N VAL B 384 -11.31 26.20 -14.90
CA VAL B 384 -9.94 26.39 -14.42
C VAL B 384 -9.31 25.04 -14.13
N ILE B 385 -10.02 24.19 -13.39
CA ILE B 385 -9.50 22.89 -13.00
C ILE B 385 -9.26 22.01 -14.22
N GLU B 386 -10.16 22.10 -15.22
CA GLU B 386 -10.00 21.30 -16.43
C GLU B 386 -8.71 21.66 -17.17
N LYS B 387 -8.31 22.92 -17.14
CA LYS B 387 -7.10 23.36 -17.84
C LYS B 387 -5.83 22.88 -17.17
N MET B 388 -5.89 22.56 -15.87
CA MET B 388 -4.75 22.11 -15.06
C MET B 388 -4.68 20.60 -15.13
N ASN B 389 -3.97 20.09 -16.13
CA ASN B 389 -3.95 18.65 -16.33
C ASN B 389 -3.28 17.96 -15.15
N THR B 390 -3.84 16.81 -14.76
CA THR B 390 -3.31 16.06 -13.62
C THR B 390 -1.86 15.68 -13.88
N GLN B 391 -1.11 15.50 -12.79
CA GLN B 391 0.29 15.10 -12.88
C GLN B 391 0.39 13.58 -12.81
N PHE B 392 0.92 12.97 -13.87
CA PHE B 392 1.12 11.53 -13.88
C PHE B 392 2.50 11.21 -13.31
N THR B 393 2.79 9.90 -13.20
CA THR B 393 4.00 9.46 -12.51
C THR B 393 5.22 10.20 -13.02
N THR B 394 5.96 10.84 -12.11
CA THR B 394 7.19 11.50 -12.51
C THR B 394 8.32 10.48 -12.57
N VAL B 395 9.16 10.59 -13.59
CA VAL B 395 10.26 9.64 -13.78
C VAL B 395 11.48 10.18 -13.05
N GLY B 396 11.96 9.45 -12.05
CA GLY B 396 13.15 9.88 -11.34
C GLY B 396 14.35 10.01 -12.26
N LYS B 397 15.28 10.87 -11.87
CA LYS B 397 16.48 11.13 -12.67
C LYS B 397 17.70 11.10 -11.75
N GLU B 398 18.63 10.19 -12.04
CA GLU B 398 19.88 10.09 -11.29
C GLU B 398 21.07 10.13 -12.25
N PHE B 399 22.19 10.63 -11.76
CA PHE B 399 23.36 10.92 -12.55
C PHE B 399 24.61 10.52 -11.79
N ASN B 400 25.62 10.02 -12.48
CA ASN B 400 26.83 9.64 -11.76
C ASN B 400 27.73 10.87 -11.60
N ASN B 401 28.89 10.70 -10.95
CA ASN B 401 29.72 11.86 -10.59
C ASN B 401 30.46 12.47 -11.78
N LEU B 402 30.32 11.89 -12.98
CA LEU B 402 30.84 12.53 -14.18
C LEU B 402 29.70 13.01 -15.06
N GLU B 403 28.54 13.24 -14.47
CA GLU B 403 27.40 13.69 -15.22
C GLU B 403 26.77 14.90 -14.55
N LYS B 404 27.62 15.77 -13.98
CA LYS B 404 27.13 16.92 -13.24
C LYS B 404 26.41 17.91 -14.15
N ARG B 405 26.86 18.05 -15.40
CA ARG B 405 26.20 18.97 -16.33
C ARG B 405 24.79 18.51 -16.63
N MET B 406 24.63 17.22 -16.94
CA MET B 406 23.30 16.68 -17.17
C MET B 406 22.42 16.82 -15.92
N GLU B 407 22.99 16.55 -14.74
CA GLU B 407 22.23 16.71 -13.50
C GLU B 407 21.76 18.15 -13.34
N ASN B 408 22.63 19.13 -13.63
CA ASN B 408 22.22 20.51 -13.51
C ASN B 408 21.22 20.89 -14.59
N LEU B 409 21.37 20.35 -15.81
CA LEU B 409 20.38 20.59 -16.85
C LEU B 409 19.01 20.05 -16.42
N ASN B 410 18.99 18.81 -15.90
CA ASN B 410 17.72 18.26 -15.40
C ASN B 410 17.12 19.15 -14.32
N LYS B 411 17.96 19.66 -13.41
CA LYS B 411 17.46 20.52 -12.35
C LYS B 411 16.91 21.82 -12.91
N LYS B 412 17.58 22.38 -13.93
CA LYS B 412 17.06 23.60 -14.57
C LYS B 412 15.69 23.37 -15.18
N VAL B 413 15.50 22.23 -15.82
CA VAL B 413 14.20 21.92 -16.38
C VAL B 413 13.15 21.81 -15.29
N ASP B 414 13.42 21.03 -14.24
CA ASP B 414 12.41 20.85 -13.20
C ASP B 414 12.08 22.15 -12.50
N ASP B 415 13.12 22.91 -12.10
CA ASP B 415 12.92 24.20 -11.46
C ASP B 415 12.19 25.16 -12.40
N GLY B 416 12.56 25.14 -13.68
CA GLY B 416 11.96 26.06 -14.63
C GLY B 416 10.48 25.82 -14.81
N PHE B 417 10.07 24.55 -14.99
CA PHE B 417 8.65 24.24 -15.11
C PHE B 417 7.89 24.58 -13.84
N LEU B 418 8.48 24.25 -12.68
CA LEU B 418 7.83 24.53 -11.41
C LEU B 418 7.60 26.02 -11.22
N ASP B 419 8.58 26.85 -11.58
CA ASP B 419 8.38 28.30 -11.51
C ASP B 419 7.19 28.73 -12.35
N ILE B 420 7.11 28.21 -13.58
CA ILE B 420 6.05 28.67 -14.47
C ILE B 420 4.70 28.22 -13.96
N TRP B 421 4.58 26.97 -13.49
CA TRP B 421 3.28 26.53 -13.03
C TRP B 421 2.86 27.20 -11.73
N THR B 422 3.80 27.48 -10.83
CA THR B 422 3.46 28.22 -9.61
C THR B 422 2.99 29.63 -9.95
N TYR B 423 3.66 30.27 -10.89
CA TYR B 423 3.25 31.60 -11.35
C TYR B 423 1.86 31.54 -12.00
N ASN B 424 1.66 30.59 -12.92
CA ASN B 424 0.38 30.49 -13.63
C ASN B 424 -0.77 30.26 -12.65
N ALA B 425 -0.60 29.33 -11.73
CA ALA B 425 -1.69 29.01 -10.82
C ALA B 425 -2.03 30.19 -9.93
N GLU B 426 -1.00 30.80 -9.34
CA GLU B 426 -1.25 31.91 -8.43
C GLU B 426 -1.87 33.10 -9.15
N LEU B 427 -1.36 33.42 -10.34
CA LEU B 427 -1.85 34.61 -11.04
C LEU B 427 -3.28 34.42 -11.52
N LEU B 428 -3.58 33.25 -12.10
CA LEU B 428 -4.94 33.03 -12.58
C LEU B 428 -5.95 33.20 -11.45
N VAL B 429 -5.62 32.70 -10.26
CA VAL B 429 -6.52 32.80 -9.12
C VAL B 429 -6.70 34.25 -8.71
N LEU B 430 -5.61 35.02 -8.64
CA LEU B 430 -5.73 36.45 -8.30
C LEU B 430 -6.60 37.18 -9.33
N LEU B 431 -6.35 36.96 -10.62
CA LEU B 431 -7.12 37.65 -11.65
C LEU B 431 -8.59 37.24 -11.62
N GLU B 432 -8.85 35.94 -11.52
CA GLU B 432 -10.25 35.51 -11.56
C GLU B 432 -10.97 35.90 -10.28
N ASN B 433 -10.25 36.00 -9.15
CA ASN B 433 -10.87 36.47 -7.92
C ASN B 433 -11.38 37.90 -8.08
N GLU B 434 -10.58 38.76 -8.72
CA GLU B 434 -11.04 40.12 -8.98
C GLU B 434 -12.25 40.12 -9.91
N ARG B 435 -12.21 39.33 -10.98
CA ARG B 435 -13.32 39.31 -11.92
C ARG B 435 -14.58 38.73 -11.28
N THR B 436 -14.44 37.77 -10.35
CA THR B 436 -15.63 37.20 -9.71
C THR B 436 -16.32 38.22 -8.81
N LEU B 437 -15.54 38.96 -8.02
CA LEU B 437 -16.12 40.01 -7.20
C LEU B 437 -16.80 41.06 -8.06
N ASP B 438 -16.15 41.45 -9.17
CA ASP B 438 -16.79 42.40 -10.08
C ASP B 438 -18.06 41.81 -10.68
N PHE B 439 -18.07 40.51 -10.94
CA PHE B 439 -19.25 39.82 -11.46
C PHE B 439 -20.43 39.97 -10.52
N HIS B 440 -20.22 39.72 -9.23
CA HIS B 440 -21.30 39.89 -8.25
C HIS B 440 -21.72 41.34 -8.16
N ASP B 441 -20.75 42.27 -8.10
CA ASP B 441 -21.08 43.69 -8.08
C ASP B 441 -21.93 44.08 -9.27
N SER B 442 -21.57 43.60 -10.46
CA SER B 442 -22.34 43.87 -11.66
C SER B 442 -23.75 43.29 -11.57
N ASN B 443 -23.88 42.09 -11.02
CA ASN B 443 -25.21 41.47 -10.96
C ASN B 443 -26.13 42.24 -10.03
N VAL B 444 -25.66 42.62 -8.84
CA VAL B 444 -26.50 43.41 -7.92
C VAL B 444 -26.90 44.73 -8.57
N LYS B 445 -25.95 45.40 -9.23
CA LYS B 445 -26.24 46.66 -9.90
C LYS B 445 -27.31 46.46 -10.97
N ASN B 446 -27.18 45.40 -11.78
CA ASN B 446 -28.16 45.14 -12.84
C ASN B 446 -29.53 44.81 -12.24
N LEU B 447 -29.54 44.05 -11.14
CA LEU B 447 -30.81 43.75 -10.47
C LEU B 447 -31.43 45.03 -9.91
N TYR B 448 -30.64 45.88 -9.28
CA TYR B 448 -31.15 47.16 -8.81
C TYR B 448 -31.70 48.00 -9.95
N GLU B 449 -30.99 48.04 -11.09
CA GLU B 449 -31.44 48.86 -12.21
C GLU B 449 -32.71 48.30 -12.85
N LYS B 450 -32.89 46.97 -12.83
CA LYS B 450 -34.14 46.40 -13.32
C LYS B 450 -35.32 46.78 -12.44
N VAL B 451 -35.14 46.74 -11.12
CA VAL B 451 -36.23 47.12 -10.22
C VAL B 451 -36.53 48.61 -10.32
N LYS B 452 -35.49 49.44 -10.46
CA LYS B 452 -35.74 50.87 -10.54
C LYS B 452 -36.48 51.26 -11.83
N SER B 453 -36.22 50.57 -12.95
CA SER B 453 -36.93 50.86 -14.19
C SER B 453 -38.32 50.24 -14.25
N GLN B 454 -38.54 49.15 -13.52
CA GLN B 454 -39.86 48.53 -13.53
C GLN B 454 -40.86 49.29 -12.69
N LEU B 455 -40.46 49.81 -11.53
CA LEU B 455 -41.44 50.48 -10.70
C LEU B 455 -41.52 51.96 -11.02
N LYS B 456 -40.59 52.47 -11.82
CA LYS B 456 -40.55 53.87 -12.26
C LYS B 456 -40.93 54.83 -11.14
N ASN B 457 -41.56 55.95 -11.48
CA ASN B 457 -41.94 56.95 -10.46
C ASN B 457 -42.94 56.46 -9.40
N ASN B 458 -43.34 55.19 -9.42
CA ASN B 458 -44.35 54.71 -8.48
C ASN B 458 -43.79 54.41 -7.09
N ALA B 459 -42.51 54.65 -6.84
CA ALA B 459 -41.93 54.42 -5.52
C ALA B 459 -40.81 55.43 -5.27
N LYS B 460 -40.60 55.76 -3.99
CA LYS B 460 -39.50 56.62 -3.61
C LYS B 460 -38.19 55.84 -3.63
N GLU B 461 -37.15 56.42 -4.24
CA GLU B 461 -35.82 55.82 -4.25
C GLU B 461 -35.03 56.35 -3.06
N ILE B 462 -34.88 55.51 -2.03
CA ILE B 462 -34.22 55.94 -0.79
C ILE B 462 -32.73 56.18 -1.04
N GLY B 463 -31.99 55.12 -1.40
CA GLY B 463 -30.57 55.26 -1.70
C GLY B 463 -29.72 54.08 -1.28
N ASN B 464 -30.32 53.14 -0.54
CA ASN B 464 -29.65 51.97 -0.01
C ASN B 464 -30.06 50.71 -0.76
N GLY B 465 -30.50 50.88 -2.01
CA GLY B 465 -31.12 49.82 -2.76
C GLY B 465 -32.57 49.54 -2.42
N CYS B 466 -33.23 50.45 -1.69
CA CYS B 466 -34.60 50.27 -1.26
C CYS B 466 -35.52 51.23 -1.99
N PHE B 467 -36.75 50.78 -2.21
CA PHE B 467 -37.79 51.61 -2.80
C PHE B 467 -38.98 51.66 -1.85
N GLU B 468 -39.45 52.88 -1.56
CA GLU B 468 -40.61 53.11 -0.71
C GLU B 468 -41.85 53.31 -1.58
N PHE B 469 -42.77 52.34 -1.54
CA PHE B 469 -43.99 52.39 -2.34
C PHE B 469 -44.90 53.54 -1.90
N TYR B 470 -45.59 54.14 -2.87
CA TYR B 470 -46.63 55.12 -2.59
C TYR B 470 -47.98 54.47 -2.35
N HIS B 471 -48.14 53.23 -2.75
CA HIS B 471 -49.33 52.45 -2.62
C HIS B 471 -49.09 51.22 -1.76
N LYS B 472 -50.19 50.54 -1.41
CA LYS B 472 -50.09 49.29 -0.68
C LYS B 472 -49.74 48.16 -1.66
N CYS B 473 -48.72 47.39 -1.31
CA CYS B 473 -48.24 46.32 -2.16
C CYS B 473 -48.25 45.07 -1.29
N ASP B 474 -49.25 44.22 -1.50
CA ASP B 474 -49.45 43.04 -0.67
C ASP B 474 -48.50 41.93 -1.11
N ASN B 475 -48.63 40.75 -0.49
CA ASN B 475 -47.83 39.60 -0.89
C ASN B 475 -48.09 39.23 -2.34
N GLU B 476 -49.29 39.50 -2.85
CA GLU B 476 -49.55 39.29 -4.28
C GLU B 476 -48.87 40.37 -5.12
N CYS B 477 -48.88 41.62 -4.64
CA CYS B 477 -48.19 42.71 -5.33
C CYS B 477 -46.67 42.63 -5.20
N MET B 478 -46.18 42.31 -3.99
CA MET B 478 -44.73 42.19 -3.82
C MET B 478 -44.16 41.15 -4.76
N GLU B 479 -44.84 40.01 -4.88
CA GLU B 479 -44.42 38.99 -5.83
C GLU B 479 -44.35 39.54 -7.25
N SER B 480 -45.24 40.47 -7.61
CA SER B 480 -45.17 41.08 -8.94
C SER B 480 -43.83 41.76 -9.19
N VAL B 481 -43.32 42.51 -8.21
CA VAL B 481 -42.02 43.15 -8.37
C VAL B 481 -40.92 42.10 -8.43
N ARG B 482 -40.96 41.13 -7.51
CA ARG B 482 -39.92 40.10 -7.47
C ARG B 482 -39.95 39.24 -8.72
N ASN B 483 -41.16 38.90 -9.22
CA ASN B 483 -41.33 38.08 -10.40
C ASN B 483 -41.16 38.86 -11.70
N GLY B 484 -40.90 40.16 -11.63
CA GLY B 484 -40.79 40.92 -12.85
C GLY B 484 -42.10 41.15 -13.55
N THR B 485 -43.23 40.98 -12.85
CA THR B 485 -44.55 41.10 -13.44
C THR B 485 -45.31 42.26 -12.83
N TYR B 486 -44.58 43.30 -12.41
CA TYR B 486 -45.19 44.45 -11.77
C TYR B 486 -46.01 45.26 -12.77
N ASP B 487 -47.28 45.51 -12.42
CA ASP B 487 -48.21 46.24 -13.27
C ASP B 487 -48.17 47.72 -12.88
N TYR B 488 -47.27 48.46 -13.53
CA TYR B 488 -47.17 49.89 -13.28
C TYR B 488 -48.47 50.65 -13.53
N PRO B 489 -49.22 50.41 -14.62
CA PRO B 489 -50.41 51.23 -14.87
C PRO B 489 -51.41 51.25 -13.74
N LYS B 490 -51.45 50.21 -12.90
CA LYS B 490 -52.42 50.23 -11.82
C LYS B 490 -52.15 51.36 -10.86
N TYR B 491 -50.91 51.82 -10.78
CA TYR B 491 -50.59 52.90 -9.85
C TYR B 491 -50.10 54.14 -10.60
N SER C 2 -47.09 58.32 -31.67
CA SER C 2 -45.87 58.97 -31.20
C SER C 2 -44.65 58.44 -31.95
N ASP C 3 -43.59 59.26 -32.00
CA ASP C 3 -42.36 58.88 -32.68
C ASP C 3 -41.39 58.27 -31.68
N THR C 4 -40.58 57.33 -32.17
CA THR C 4 -39.71 56.58 -31.28
C THR C 4 -38.33 56.41 -31.88
N ILE C 5 -37.33 56.32 -31.00
CA ILE C 5 -35.98 55.92 -31.37
C ILE C 5 -35.53 54.86 -30.38
N CYS C 6 -34.91 53.79 -30.89
CA CYS C 6 -34.47 52.67 -30.08
C CYS C 6 -32.99 52.44 -30.35
N ILE C 7 -32.26 52.08 -29.31
CA ILE C 7 -30.86 51.72 -29.43
C ILE C 7 -30.78 50.21 -29.37
N GLY C 8 -30.02 49.62 -30.29
CA GLY C 8 -29.92 48.19 -30.39
C GLY C 8 -28.60 47.74 -30.99
N TYR C 9 -28.48 46.45 -31.27
CA TYR C 9 -27.21 45.90 -31.72
C TYR C 9 -27.45 44.85 -32.78
N HIS C 10 -26.37 44.50 -33.46
CA HIS C 10 -26.43 43.68 -34.66
C HIS C 10 -26.72 42.21 -34.35
N ALA C 11 -27.41 41.56 -35.30
CA ALA C 11 -27.59 40.12 -35.29
C ALA C 11 -27.57 39.63 -36.73
N ASN C 12 -27.23 38.35 -36.90
CA ASN C 12 -27.19 37.75 -38.24
C ASN C 12 -27.50 36.26 -38.12
N ASN C 13 -27.19 35.50 -39.17
CA ASN C 13 -27.47 34.08 -39.25
C ASN C 13 -26.26 33.23 -38.91
N SER C 14 -25.26 33.82 -38.24
CA SER C 14 -24.06 33.07 -37.91
C SER C 14 -24.38 31.97 -36.92
N THR C 15 -23.66 30.85 -37.04
CA THR C 15 -23.73 29.77 -36.07
C THR C 15 -22.38 29.52 -35.41
N ASP C 16 -21.43 30.46 -35.54
CA ASP C 16 -20.17 30.33 -34.83
C ASP C 16 -20.41 30.37 -33.33
N THR C 17 -19.69 29.51 -32.61
CA THR C 17 -19.78 29.44 -31.15
C THR C 17 -18.38 29.59 -30.58
N VAL C 18 -18.27 30.29 -29.45
CA VAL C 18 -17.02 30.42 -28.71
C VAL C 18 -17.29 30.06 -27.25
N ASP C 19 -16.22 29.86 -26.51
CA ASP C 19 -16.30 29.56 -25.09
C ASP C 19 -15.66 30.70 -24.30
N THR C 20 -16.16 30.89 -23.09
CA THR C 20 -15.53 31.75 -22.11
C THR C 20 -15.37 30.95 -20.83
N LEU C 21 -14.78 31.56 -19.82
CA LEU C 21 -14.73 30.89 -18.51
C LEU C 21 -16.13 30.75 -17.95
N LEU C 22 -17.00 31.73 -18.19
CA LEU C 22 -18.35 31.69 -17.60
C LEU C 22 -19.31 30.78 -18.36
N GLU C 23 -19.18 30.68 -19.69
CA GLU C 23 -20.17 30.00 -20.51
C GLU C 23 -19.52 29.23 -21.64
N LYS C 24 -20.19 28.15 -22.05
CA LYS C 24 -19.78 27.35 -23.20
C LYS C 24 -20.77 27.52 -24.34
N ASN C 25 -20.26 27.39 -25.57
CA ASN C 25 -21.07 27.36 -26.79
C ASN C 25 -22.00 28.58 -26.89
N VAL C 26 -21.36 29.75 -26.91
CA VAL C 26 -22.06 31.02 -27.11
C VAL C 26 -22.05 31.36 -28.59
N THR C 27 -23.24 31.45 -29.19
CA THR C 27 -23.33 31.83 -30.60
C THR C 27 -23.04 33.31 -30.77
N VAL C 28 -22.16 33.65 -31.71
CA VAL C 28 -21.70 35.02 -31.89
C VAL C 28 -21.79 35.41 -33.37
N THR C 29 -21.87 36.73 -33.62
CA THR C 29 -22.11 37.23 -34.98
C THR C 29 -20.86 37.11 -35.85
N HIS C 30 -19.68 37.28 -35.25
CA HIS C 30 -18.40 37.24 -35.97
C HIS C 30 -17.36 36.65 -35.04
N SER C 31 -16.44 35.89 -35.62
CA SER C 31 -15.37 35.27 -34.83
C SER C 31 -14.25 34.89 -35.79
N VAL C 32 -13.10 34.52 -35.21
CA VAL C 32 -11.92 34.16 -35.98
CA VAL C 32 -11.90 34.18 -35.96
C VAL C 32 -11.34 32.88 -35.40
N ASN C 33 -11.00 31.95 -36.28
CA ASN C 33 -10.34 30.70 -35.90
C ASN C 33 -8.83 30.94 -35.84
N LEU C 34 -8.19 30.53 -34.74
CA LEU C 34 -6.76 30.69 -34.59
C LEU C 34 -6.00 29.38 -34.73
N LEU C 35 -6.71 28.28 -34.98
CA LEU C 35 -6.12 26.95 -34.94
C LEU C 35 -6.15 26.33 -36.33
N GLU C 36 -4.98 26.15 -36.92
CA GLU C 36 -4.86 25.50 -38.21
C GLU C 36 -4.91 24.00 -38.02
N ASP C 37 -5.84 23.35 -38.70
CA ASP C 37 -5.94 21.90 -38.61
C ASP C 37 -5.90 21.22 -39.97
N SER C 38 -5.55 21.94 -41.04
CA SER C 38 -5.54 21.36 -42.39
C SER C 38 -4.14 21.40 -42.99
N HIS C 39 -3.78 20.32 -43.68
CA HIS C 39 -2.53 20.20 -44.42
C HIS C 39 -2.78 19.45 -45.73
N ASN C 40 -1.80 19.50 -46.63
CA ASN C 40 -2.00 18.88 -47.94
C ASN C 40 -1.59 17.42 -47.98
N GLY C 41 -1.13 16.85 -46.86
CA GLY C 41 -0.79 15.44 -46.85
C GLY C 41 0.35 15.03 -47.75
N LYS C 42 1.16 15.98 -48.23
CA LYS C 42 2.26 15.68 -49.15
C LYS C 42 3.57 16.26 -48.61
N LEU C 43 4.69 15.70 -49.10
CA LEU C 43 5.99 16.30 -48.92
C LEU C 43 6.23 17.27 -50.07
N CYS C 44 6.71 18.46 -49.75
CA CYS C 44 6.85 19.53 -50.73
C CYS C 44 8.26 20.08 -50.67
N LYS C 45 8.57 20.90 -51.68
CA LYS C 45 9.78 21.68 -51.62
C LYS C 45 9.62 22.76 -50.57
N LEU C 46 10.75 23.20 -50.03
CA LEU C 46 10.79 24.24 -49.03
C LEU C 46 11.55 25.41 -49.64
N LYS C 47 10.85 26.54 -49.82
CA LYS C 47 11.45 27.72 -50.44
C LYS C 47 12.07 27.35 -51.79
N GLY C 48 11.40 26.44 -52.49
CA GLY C 48 11.83 26.03 -53.82
C GLY C 48 12.86 24.91 -53.86
N ILE C 49 13.36 24.44 -52.72
CA ILE C 49 14.41 23.42 -52.68
CA ILE C 49 14.41 23.42 -52.68
C ILE C 49 13.79 22.10 -52.24
N ALA C 50 13.98 21.07 -53.04
CA ALA C 50 13.47 19.75 -52.73
C ALA C 50 14.21 19.12 -51.55
N PRO C 51 13.56 18.23 -50.80
CA PRO C 51 14.28 17.49 -49.77
C PRO C 51 15.09 16.34 -50.37
N LEU C 52 15.96 15.79 -49.55
CA LEU C 52 16.69 14.56 -49.88
C LEU C 52 15.88 13.38 -49.36
N GLN C 53 15.41 12.53 -50.27
CA GLN C 53 14.62 11.35 -49.88
C GLN C 53 15.51 10.11 -49.85
N LEU C 54 15.77 9.58 -48.64
CA LEU C 54 16.62 8.39 -48.49
C LEU C 54 15.90 7.12 -48.89
N GLY C 55 14.57 7.16 -48.96
CA GLY C 55 13.79 6.05 -49.49
C GLY C 55 13.96 4.82 -48.62
N LYS C 56 14.47 3.76 -49.24
CA LYS C 56 14.68 2.51 -48.52
C LYS C 56 15.95 2.53 -47.67
N CYS C 57 16.74 3.61 -47.70
CA CYS C 57 17.98 3.63 -46.95
C CYS C 57 17.84 4.51 -45.72
N ASN C 58 18.61 4.23 -44.69
CA ASN C 58 18.69 5.17 -43.58
C ASN C 58 19.97 6.00 -43.72
N ILE C 59 20.24 6.84 -42.74
CA ILE C 59 21.42 7.70 -42.82
C ILE C 59 22.68 6.85 -42.95
N ALA C 60 22.75 5.75 -42.17
CA ALA C 60 23.93 4.88 -42.21
C ALA C 60 24.14 4.32 -43.61
N GLY C 61 23.09 3.79 -44.23
CA GLY C 61 23.23 3.21 -45.56
C GLY C 61 23.68 4.23 -46.59
N TRP C 62 23.15 5.44 -46.50
CA TRP C 62 23.57 6.54 -47.39
C TRP C 62 25.05 6.92 -47.18
N LEU C 63 25.43 7.27 -45.96
CA LEU C 63 26.79 7.78 -45.76
C LEU C 63 27.83 6.68 -45.96
N LEU C 64 27.52 5.43 -45.58
CA LEU C 64 28.48 4.36 -45.85
C LEU C 64 28.48 3.99 -47.32
N GLY C 65 27.38 4.25 -48.02
CA GLY C 65 27.27 3.80 -49.41
C GLY C 65 26.89 2.34 -49.55
N ASN C 66 25.96 1.88 -48.73
CA ASN C 66 25.37 0.56 -48.93
C ASN C 66 25.02 0.37 -50.40
N PRO C 67 25.47 -0.72 -51.05
CA PRO C 67 25.28 -0.86 -52.52
C PRO C 67 23.82 -0.86 -52.97
N GLU C 68 22.85 -1.05 -52.05
CA GLU C 68 21.46 -0.86 -52.40
C GLU C 68 21.05 0.60 -52.44
N CYS C 69 21.97 1.52 -52.16
CA CYS C 69 21.63 2.94 -52.06
C CYS C 69 22.29 3.76 -53.16
N ASP C 70 22.66 3.13 -54.27
CA ASP C 70 23.38 3.87 -55.31
C ASP C 70 22.59 5.07 -55.82
N SER C 71 21.26 5.03 -55.79
CA SER C 71 20.53 6.19 -56.27
C SER C 71 20.81 7.45 -55.46
N LEU C 72 21.39 7.34 -54.26
CA LEU C 72 21.73 8.51 -53.44
C LEU C 72 23.11 9.08 -53.73
N LEU C 73 23.93 8.40 -54.53
CA LEU C 73 25.31 8.85 -54.73
C LEU C 73 25.43 10.25 -55.36
N PRO C 74 24.58 10.68 -56.29
CA PRO C 74 24.73 12.03 -56.85
C PRO C 74 24.30 13.15 -55.92
N ALA C 75 23.84 12.83 -54.70
CA ALA C 75 23.21 13.80 -53.78
C ALA C 75 24.10 15.01 -53.52
N ARG C 76 23.54 16.20 -53.73
CA ARG C 76 24.27 17.46 -53.61
C ARG C 76 23.66 18.36 -52.54
N SER C 77 22.46 18.92 -52.76
CA SER C 77 21.89 19.88 -51.82
C SER C 77 20.41 19.62 -51.60
N TRP C 78 19.89 20.05 -50.44
CA TRP C 78 18.53 19.73 -50.08
C TRP C 78 18.02 20.73 -49.04
N SER C 79 16.71 20.73 -48.83
CA SER C 79 16.07 21.57 -47.83
C SER C 79 15.84 20.85 -46.52
N TYR C 80 15.63 19.53 -46.57
CA TYR C 80 15.57 18.70 -45.38
C TYR C 80 15.78 17.28 -45.85
N ILE C 81 15.99 16.37 -44.89
CA ILE C 81 16.26 14.97 -45.18
C ILE C 81 15.13 14.14 -44.62
N VAL C 82 14.67 13.18 -45.42
CA VAL C 82 13.53 12.35 -45.09
C VAL C 82 13.94 10.89 -45.01
N GLU C 83 13.82 10.32 -43.82
CA GLU C 83 13.85 8.87 -43.64
C GLU C 83 12.44 8.33 -43.69
N THR C 84 12.29 7.14 -44.24
CA THR C 84 10.99 6.50 -44.22
C THR C 84 10.92 5.51 -43.06
N PRO C 85 9.73 5.17 -42.60
CA PRO C 85 9.62 4.24 -41.48
C PRO C 85 10.18 2.86 -41.81
N ASN C 86 11.05 2.37 -40.93
CA ASN C 86 11.62 1.02 -41.01
C ASN C 86 12.51 0.84 -42.25
N SER C 87 13.38 1.82 -42.48
CA SER C 87 14.41 1.72 -43.52
C SER C 87 15.05 0.34 -43.50
N GLU C 88 15.12 -0.31 -44.66
CA GLU C 88 15.68 -1.65 -44.67
C GLU C 88 17.15 -1.71 -45.07
N ASN C 89 17.75 -0.62 -45.56
CA ASN C 89 19.12 -0.63 -46.06
C ASN C 89 19.97 0.34 -45.24
N GLY C 90 20.75 -0.21 -44.31
CA GLY C 90 21.64 0.62 -43.52
C GLY C 90 23.04 0.07 -43.57
N ALA C 91 23.62 -0.17 -42.40
CA ALA C 91 24.94 -0.78 -42.31
C ALA C 91 24.72 -2.25 -42.53
N CYS C 92 24.92 -2.69 -43.79
CA CYS C 92 24.60 -4.06 -44.16
C CYS C 92 25.47 -5.06 -43.42
N TYR C 93 26.75 -4.75 -43.24
CA TYR C 93 27.60 -5.67 -42.50
C TYR C 93 27.43 -5.38 -41.02
N PRO C 94 27.03 -6.36 -40.21
CA PRO C 94 26.64 -6.07 -38.81
C PRO C 94 27.78 -5.56 -37.95
N GLY C 95 27.44 -4.63 -37.08
CA GLY C 95 28.40 -4.06 -36.16
C GLY C 95 27.81 -2.82 -35.51
N ASP C 96 28.66 -2.09 -34.81
CA ASP C 96 28.27 -0.88 -34.12
C ASP C 96 28.69 0.32 -34.93
N PHE C 97 27.80 1.30 -35.06
CA PHE C 97 28.09 2.60 -35.68
C PHE C 97 28.30 3.59 -34.54
N ILE C 98 29.56 3.89 -34.23
CA ILE C 98 29.87 4.64 -33.00
C ILE C 98 29.50 6.11 -33.17
N ASP C 99 28.80 6.67 -32.17
CA ASP C 99 28.35 8.07 -32.17
C ASP C 99 27.47 8.40 -33.37
N TYR C 100 26.64 7.43 -33.77
CA TYR C 100 25.74 7.56 -34.90
C TYR C 100 24.74 8.68 -34.70
N GLU C 101 24.14 8.77 -33.50
CA GLU C 101 23.16 9.84 -33.26
C GLU C 101 23.83 11.20 -33.35
N GLU C 102 25.06 11.31 -32.86
CA GLU C 102 25.78 12.58 -32.94
C GLU C 102 26.04 12.93 -34.38
N LEU C 103 26.36 11.93 -35.20
CA LEU C 103 26.53 12.17 -36.64
C LEU C 103 25.24 12.67 -37.28
N LYS C 104 24.10 12.07 -36.93
CA LYS C 104 22.83 12.53 -37.49
C LYS C 104 22.55 13.97 -37.06
N GLU C 105 22.83 14.28 -35.80
CA GLU C 105 22.70 15.65 -35.32
C GLU C 105 23.59 16.61 -36.11
N GLN C 106 24.81 16.20 -36.45
CA GLN C 106 25.66 17.03 -37.31
C GLN C 106 25.02 17.26 -38.67
N LEU C 107 24.53 16.17 -39.31
CA LEU C 107 23.93 16.32 -40.64
C LEU C 107 22.70 17.19 -40.60
N SER C 108 22.09 17.37 -39.42
CA SER C 108 20.86 18.14 -39.34
C SER C 108 21.08 19.61 -39.72
N SER C 109 22.32 20.11 -39.64
CA SER C 109 22.64 21.48 -40.02
C SER C 109 23.46 21.56 -41.30
N VAL C 110 23.47 20.50 -42.12
CA VAL C 110 24.22 20.51 -43.37
C VAL C 110 23.24 20.80 -44.51
N SER C 111 23.54 21.82 -45.30
CA SER C 111 22.69 22.14 -46.44
C SER C 111 23.12 21.46 -47.73
N SER C 112 24.40 21.10 -47.84
CA SER C 112 24.91 20.45 -49.03
C SER C 112 26.24 19.77 -48.69
N LEU C 113 26.56 18.73 -49.44
CA LEU C 113 27.88 18.14 -49.38
C LEU C 113 28.35 17.78 -50.78
N GLU C 114 29.67 17.62 -50.93
CA GLU C 114 30.23 17.04 -52.13
C GLU C 114 30.98 15.77 -51.74
N ARG C 115 30.51 14.65 -52.28
CA ARG C 115 31.22 13.39 -52.17
C ARG C 115 32.44 13.41 -53.08
N PHE C 116 33.60 13.02 -52.55
CA PHE C 116 34.84 12.99 -53.33
C PHE C 116 35.70 11.81 -52.87
N GLU C 117 36.61 11.41 -53.75
CA GLU C 117 37.43 10.22 -53.57
C GLU C 117 38.62 10.61 -52.70
N ILE C 118 38.48 10.41 -51.39
CA ILE C 118 39.51 10.85 -50.47
C ILE C 118 40.79 10.05 -50.67
N PHE C 119 40.67 8.73 -50.90
CA PHE C 119 41.81 7.84 -51.14
C PHE C 119 41.52 7.09 -52.43
N PRO C 120 41.99 7.61 -53.56
CA PRO C 120 41.75 6.93 -54.84
C PRO C 120 42.16 5.48 -54.79
N LYS C 121 41.19 4.63 -55.15
CA LYS C 121 41.30 3.19 -54.98
C LYS C 121 42.50 2.63 -55.74
N GLU C 122 42.71 3.05 -56.99
CA GLU C 122 43.70 2.34 -57.80
C GLU C 122 45.13 2.67 -57.43
N SER C 123 45.38 3.74 -56.69
CA SER C 123 46.75 4.20 -56.46
C SER C 123 47.13 4.37 -54.99
N SER C 124 46.17 4.37 -54.07
CA SER C 124 46.47 4.73 -52.69
C SER C 124 47.06 3.58 -51.88
N TRP C 125 46.88 2.34 -52.33
CA TRP C 125 47.18 1.17 -51.51
C TRP C 125 48.07 0.19 -52.27
N PRO C 126 49.28 0.62 -52.67
CA PRO C 126 50.09 -0.21 -53.56
C PRO C 126 50.55 -1.51 -52.91
N ASN C 127 50.58 -1.58 -51.59
CA ASN C 127 51.13 -2.75 -50.91
C ASN C 127 50.04 -3.66 -50.38
N HIS C 128 48.80 -3.44 -50.77
CA HIS C 128 47.67 -4.19 -50.23
C HIS C 128 46.70 -4.53 -51.35
N ASN C 129 45.81 -5.47 -51.07
CA ASN C 129 44.87 -5.93 -52.07
C ASN C 129 43.57 -5.12 -51.94
N THR C 130 43.18 -4.45 -53.01
CA THR C 130 41.96 -3.65 -53.03
C THR C 130 40.81 -4.35 -53.72
N LEU C 131 40.99 -5.60 -54.14
CA LEU C 131 40.04 -6.22 -55.04
C LEU C 131 39.15 -7.29 -54.39
N LYS C 132 39.58 -7.88 -53.28
CA LYS C 132 38.86 -9.02 -52.71
C LYS C 132 37.83 -8.65 -51.66
N GLY C 133 37.61 -7.37 -51.40
CA GLY C 133 36.79 -6.97 -50.28
C GLY C 133 35.29 -6.86 -50.52
N VAL C 134 34.63 -7.98 -50.85
CA VAL C 134 33.19 -8.04 -51.04
C VAL C 134 32.63 -9.10 -50.09
N THR C 135 31.31 -9.04 -49.85
CA THR C 135 30.71 -9.92 -48.87
C THR C 135 29.22 -10.13 -49.16
N ALA C 136 28.74 -11.32 -48.83
CA ALA C 136 27.33 -11.61 -48.93
C ALA C 136 26.50 -10.80 -47.93
N SER C 137 27.11 -10.30 -46.84
CA SER C 137 26.40 -9.41 -45.93
C SER C 137 25.96 -8.12 -46.60
N CYS C 138 26.66 -7.71 -47.67
CA CYS C 138 26.32 -6.50 -48.42
C CYS C 138 26.06 -6.86 -49.85
N SER C 139 25.06 -7.69 -50.09
CA SER C 139 24.76 -8.19 -51.42
C SER C 139 24.02 -7.14 -52.25
N HIS C 140 24.14 -7.27 -53.57
CA HIS C 140 23.50 -6.34 -54.49
C HIS C 140 23.48 -6.99 -55.86
N GLY C 141 22.33 -6.93 -56.51
CA GLY C 141 22.17 -7.62 -57.79
C GLY C 141 22.49 -9.10 -57.71
N GLY C 142 22.12 -9.75 -56.62
CA GLY C 142 22.37 -11.18 -56.47
C GLY C 142 23.83 -11.58 -56.32
N LYS C 143 24.74 -10.64 -56.07
CA LYS C 143 26.14 -10.98 -55.86
C LYS C 143 26.66 -10.30 -54.59
N SER C 144 27.72 -10.89 -54.03
CA SER C 144 28.47 -10.24 -52.97
C SER C 144 28.98 -8.90 -53.45
N SER C 145 28.86 -7.88 -52.60
CA SER C 145 29.34 -6.54 -52.95
C SER C 145 29.84 -5.89 -51.68
N PHE C 146 29.93 -4.56 -51.69
CA PHE C 146 30.42 -3.84 -50.54
C PHE C 146 30.03 -2.37 -50.62
N TYR C 147 30.24 -1.68 -49.50
CA TYR C 147 30.02 -0.24 -49.46
C TYR C 147 30.75 0.47 -50.59
N ARG C 148 30.09 1.52 -51.12
CA ARG C 148 30.69 2.35 -52.17
C ARG C 148 31.66 3.38 -51.62
N ASN C 149 31.57 3.71 -50.34
CA ASN C 149 32.38 4.78 -49.75
C ASN C 149 33.53 4.28 -48.88
N LEU C 150 33.64 2.96 -48.66
CA LEU C 150 34.71 2.35 -47.89
C LEU C 150 35.37 1.29 -48.74
N LEU C 151 36.56 0.87 -48.32
CA LEU C 151 37.32 -0.08 -49.13
C LEU C 151 37.90 -1.16 -48.23
N TRP C 152 37.49 -2.42 -48.45
CA TRP C 152 37.96 -3.51 -47.60
C TRP C 152 39.34 -4.00 -48.06
N LEU C 153 40.40 -3.43 -47.48
CA LEU C 153 41.76 -3.86 -47.80
C LEU C 153 42.07 -5.21 -47.14
N THR C 154 42.79 -6.07 -47.87
CA THR C 154 43.25 -7.37 -47.36
C THR C 154 44.70 -7.56 -47.78
N LYS C 155 45.28 -8.70 -47.38
CA LYS C 155 46.68 -8.91 -47.72
C LYS C 155 46.85 -9.26 -49.21
N THR C 156 47.99 -8.90 -49.76
CA THR C 156 48.41 -9.35 -51.08
C THR C 156 49.51 -10.37 -50.89
N GLY C 157 49.40 -11.51 -51.59
CA GLY C 157 50.22 -12.66 -51.31
C GLY C 157 49.95 -13.09 -49.87
N ASP C 158 50.98 -13.04 -49.03
CA ASP C 158 50.83 -13.35 -47.61
C ASP C 158 51.48 -12.26 -46.77
N SER C 159 51.33 -11.01 -47.19
CA SER C 159 51.94 -9.88 -46.50
CA SER C 159 51.93 -9.88 -46.49
C SER C 159 50.93 -8.76 -46.36
N TYR C 160 50.90 -8.16 -45.17
CA TYR C 160 50.11 -6.96 -44.92
C TYR C 160 51.06 -6.01 -44.22
N PRO C 161 51.87 -5.27 -44.97
CA PRO C 161 52.81 -4.36 -44.33
C PRO C 161 52.06 -3.21 -43.68
N LYS C 162 52.73 -2.60 -42.70
CA LYS C 162 52.17 -1.43 -42.04
C LYS C 162 51.90 -0.34 -43.04
N LEU C 163 50.65 0.09 -43.11
CA LEU C 163 50.30 1.17 -44.02
C LEU C 163 50.22 2.47 -43.25
N THR C 164 50.53 3.54 -43.95
CA THR C 164 50.38 4.90 -43.46
C THR C 164 49.89 5.73 -44.64
N ASN C 165 48.69 6.30 -44.53
CA ASN C 165 48.13 7.17 -45.56
C ASN C 165 47.60 8.43 -44.89
N SER C 166 47.90 9.57 -45.50
CA SER C 166 47.48 10.87 -45.00
CA SER C 166 47.45 10.85 -44.98
C SER C 166 46.59 11.55 -46.02
N TYR C 167 45.66 12.35 -45.51
CA TYR C 167 44.89 13.24 -46.38
C TYR C 167 44.86 14.63 -45.75
N VAL C 168 45.26 15.64 -46.52
CA VAL C 168 45.17 17.05 -46.11
C VAL C 168 43.84 17.61 -46.63
N ASN C 169 43.07 18.23 -45.73
CA ASN C 169 41.80 18.84 -46.12
C ASN C 169 42.05 20.19 -46.81
N ASN C 170 41.99 20.22 -48.14
CA ASN C 170 42.10 21.42 -48.94
CA ASN C 170 42.08 21.48 -48.84
C ASN C 170 40.78 21.82 -49.57
N LYS C 171 39.66 21.36 -49.01
CA LYS C 171 38.33 21.63 -49.53
C LYS C 171 37.77 22.98 -49.07
N GLY C 172 38.43 23.65 -48.13
CA GLY C 172 37.85 24.87 -47.60
C GLY C 172 36.61 24.67 -46.76
N LYS C 173 36.30 23.43 -46.37
CA LYS C 173 35.12 23.12 -45.58
C LYS C 173 35.48 21.98 -44.65
N GLU C 174 34.63 21.70 -43.68
CA GLU C 174 34.77 20.49 -42.89
C GLU C 174 34.66 19.29 -43.81
N VAL C 175 35.45 18.25 -43.55
CA VAL C 175 35.33 17.01 -44.32
C VAL C 175 34.91 15.90 -43.35
N LEU C 176 33.80 15.25 -43.65
CA LEU C 176 33.35 14.08 -42.90
C LEU C 176 34.05 12.85 -43.45
N VAL C 177 34.85 12.20 -42.60
CA VAL C 177 35.59 11.00 -42.96
C VAL C 177 34.99 9.83 -42.20
N LEU C 178 34.65 8.77 -42.92
CA LEU C 178 34.14 7.54 -42.32
C LEU C 178 35.07 6.38 -42.61
N TRP C 179 35.17 5.48 -41.64
CA TRP C 179 35.95 4.27 -41.83
C TRP C 179 35.34 3.15 -40.99
N GLY C 180 35.93 1.96 -41.11
CA GLY C 180 35.47 0.85 -40.31
C GLY C 180 36.65 0.06 -39.80
N VAL C 181 36.37 -0.79 -38.79
CA VAL C 181 37.31 -1.77 -38.25
C VAL C 181 36.63 -3.15 -38.27
N HIS C 182 37.27 -4.13 -38.88
CA HIS C 182 36.68 -5.44 -39.05
C HIS C 182 37.17 -6.35 -37.93
N HIS C 183 36.26 -7.20 -37.44
CA HIS C 183 36.55 -8.13 -36.34
C HIS C 183 36.26 -9.56 -36.79
N PRO C 184 37.28 -10.31 -37.21
CA PRO C 184 37.07 -11.71 -37.62
C PRO C 184 36.54 -12.58 -36.48
N SER C 185 36.12 -13.78 -36.87
CA SER C 185 35.57 -14.75 -35.93
C SER C 185 36.58 -15.76 -35.44
N SER C 186 37.78 -15.77 -36.01
CA SER C 186 38.80 -16.69 -35.53
C SER C 186 40.17 -16.12 -35.89
N SER C 187 41.20 -16.63 -35.19
CA SER C 187 42.56 -16.24 -35.51
C SER C 187 42.95 -16.67 -36.93
N ASN C 188 42.48 -17.85 -37.36
CA ASN C 188 42.78 -18.30 -38.72
C ASN C 188 42.18 -17.33 -39.74
N GLU C 189 40.97 -16.84 -39.47
CA GLU C 189 40.38 -15.85 -40.39
C GLU C 189 41.16 -14.55 -40.37
N GLN C 190 41.56 -14.09 -39.19
CA GLN C 190 42.41 -12.92 -39.08
C GLN C 190 43.65 -13.06 -39.97
N GLN C 191 44.28 -14.24 -39.91
CA GLN C 191 45.49 -14.47 -40.71
C GLN C 191 45.17 -14.57 -42.19
N SER C 192 44.09 -15.27 -42.54
CA SER C 192 43.73 -15.41 -43.95
CA SER C 192 43.72 -15.41 -43.94
C SER C 192 43.48 -14.05 -44.59
N LEU C 193 42.82 -13.14 -43.89
CA LEU C 193 42.51 -11.83 -44.46
C LEU C 193 43.69 -10.86 -44.32
N TYR C 194 44.40 -10.87 -43.18
CA TYR C 194 45.35 -9.82 -42.88
C TYR C 194 46.74 -10.30 -42.54
N HIS C 195 46.96 -11.61 -42.47
CA HIS C 195 48.22 -12.23 -42.09
C HIS C 195 48.65 -11.98 -40.64
N ASN C 196 48.77 -10.71 -40.23
CA ASN C 196 49.29 -10.40 -38.90
C ASN C 196 48.32 -10.82 -37.80
N VAL C 197 48.81 -11.59 -36.83
CA VAL C 197 47.92 -12.10 -35.78
C VAL C 197 47.43 -10.97 -34.87
N ASN C 198 48.32 -10.07 -34.47
CA ASN C 198 47.99 -8.97 -33.56
C ASN C 198 48.15 -7.66 -34.34
N ALA C 199 47.04 -7.21 -34.94
CA ALA C 199 47.00 -6.01 -35.75
C ALA C 199 46.38 -4.83 -35.00
N TYR C 200 46.52 -3.63 -35.57
CA TYR C 200 45.89 -2.44 -35.00
C TYR C 200 45.57 -1.46 -36.12
N VAL C 201 44.65 -0.55 -35.82
CA VAL C 201 44.31 0.58 -36.68
C VAL C 201 44.50 1.83 -35.85
N SER C 202 45.12 2.86 -36.44
CA SER C 202 45.28 4.14 -35.78
C SER C 202 44.78 5.23 -36.72
N VAL C 203 43.99 6.15 -36.19
CA VAL C 203 43.44 7.27 -36.95
C VAL C 203 43.65 8.53 -36.12
N VAL C 204 44.42 9.48 -36.62
CA VAL C 204 44.82 10.67 -35.87
C VAL C 204 44.75 11.90 -36.75
N SER C 205 44.16 12.96 -36.22
CA SER C 205 44.21 14.30 -36.81
C SER C 205 44.75 15.24 -35.75
N SER C 206 44.54 16.56 -35.93
CA SER C 206 44.95 17.50 -34.89
C SER C 206 43.99 17.52 -33.71
N ASN C 207 42.75 17.03 -33.89
CA ASN C 207 41.77 16.98 -32.80
C ASN C 207 41.02 15.65 -32.72
N TYR C 208 41.49 14.61 -33.42
CA TYR C 208 40.96 13.26 -33.30
C TYR C 208 42.15 12.32 -33.08
N ASN C 209 41.96 11.29 -32.26
CA ASN C 209 43.07 10.40 -31.91
C ASN C 209 42.46 9.12 -31.35
N ARG C 210 42.43 8.07 -32.15
CA ARG C 210 41.87 6.83 -31.65
C ARG C 210 42.63 5.64 -32.21
N ARG C 211 42.78 4.60 -31.39
CA ARG C 211 43.46 3.38 -31.80
C ARG C 211 42.52 2.20 -31.61
N PHE C 212 42.52 1.29 -32.57
CA PHE C 212 41.58 0.17 -32.58
C PHE C 212 42.32 -1.14 -32.66
N THR C 213 41.90 -2.10 -31.82
CA THR C 213 42.43 -3.45 -31.80
C THR C 213 41.33 -4.45 -32.13
N PRO C 214 41.53 -5.33 -33.10
CA PRO C 214 40.57 -6.43 -33.33
C PRO C 214 40.25 -7.18 -32.04
N GLU C 215 38.96 -7.41 -31.81
CA GLU C 215 38.51 -8.24 -30.71
C GLU C 215 37.81 -9.45 -31.32
N ILE C 216 38.49 -10.59 -31.26
CA ILE C 216 38.07 -11.79 -31.97
C ILE C 216 37.41 -12.73 -30.99
N ALA C 217 36.18 -13.14 -31.29
CA ALA C 217 35.44 -14.02 -30.39
C ALA C 217 34.29 -14.65 -31.16
N ALA C 218 33.72 -15.69 -30.54
CA ALA C 218 32.49 -16.30 -31.02
C ALA C 218 31.32 -15.35 -30.77
N ARG C 219 30.51 -15.15 -31.79
CA ARG C 219 29.40 -14.21 -31.74
C ARG C 219 28.18 -14.84 -32.39
N PRO C 220 26.97 -14.44 -32.01
CA PRO C 220 25.80 -14.90 -32.75
C PRO C 220 25.83 -14.34 -34.16
N LYS C 221 25.34 -15.14 -35.11
CA LYS C 221 25.24 -14.68 -36.48
C LYS C 221 24.15 -13.63 -36.58
N VAL C 222 24.45 -12.53 -37.25
CA VAL C 222 23.47 -11.50 -37.60
C VAL C 222 23.35 -11.54 -39.12
N ARG C 223 22.16 -11.88 -39.60
CA ARG C 223 21.96 -12.14 -41.01
C ARG C 223 23.09 -13.03 -41.52
N ASP C 224 23.24 -14.16 -40.82
CA ASP C 224 24.18 -15.23 -41.14
CA ASP C 224 24.18 -15.23 -41.16
C ASP C 224 25.64 -14.80 -41.06
N GLN C 225 25.95 -13.72 -40.35
CA GLN C 225 27.32 -13.22 -40.27
C GLN C 225 27.83 -13.21 -38.84
N PRO C 226 28.78 -14.08 -38.47
CA PRO C 226 29.32 -14.01 -37.10
C PRO C 226 30.41 -12.96 -36.93
N GLY C 227 30.97 -12.44 -38.01
CA GLY C 227 31.91 -11.33 -37.90
C GLY C 227 31.20 -10.05 -37.53
N ARG C 228 31.98 -9.02 -37.21
CA ARG C 228 31.44 -7.70 -36.97
C ARG C 228 32.34 -6.68 -37.64
N MET C 229 31.74 -5.53 -37.97
CA MET C 229 32.43 -4.39 -38.55
C MET C 229 31.90 -3.14 -37.88
N ASN C 230 32.75 -2.44 -37.14
CA ASN C 230 32.33 -1.23 -36.45
C ASN C 230 32.68 -0.02 -37.32
N TYR C 231 31.81 1.00 -37.30
CA TYR C 231 31.96 2.17 -38.15
C TYR C 231 32.25 3.39 -37.30
N TYR C 232 33.17 4.23 -37.79
CA TYR C 232 33.61 5.42 -37.06
C TYR C 232 33.67 6.60 -38.01
N TRP C 233 33.67 7.80 -37.43
CA TRP C 233 33.69 9.00 -38.26
C TRP C 233 34.34 10.12 -37.49
N THR C 234 34.82 11.12 -38.23
CA THR C 234 35.29 12.36 -37.64
C THR C 234 35.11 13.50 -38.64
N LEU C 235 35.10 14.71 -38.13
CA LEU C 235 35.08 15.92 -38.94
C LEU C 235 36.49 16.48 -39.04
N LEU C 236 37.04 16.45 -40.25
CA LEU C 236 38.38 16.97 -40.47
C LEU C 236 38.29 18.45 -40.82
N GLU C 237 38.89 19.31 -39.98
CA GLU C 237 38.80 20.74 -40.18
C GLU C 237 39.57 21.21 -41.43
N PRO C 238 39.17 22.35 -42.01
CA PRO C 238 39.91 22.92 -43.14
C PRO C 238 41.39 23.10 -42.83
N GLY C 239 42.25 22.64 -43.73
CA GLY C 239 43.69 22.72 -43.53
C GLY C 239 44.29 21.59 -42.73
N ASP C 240 43.48 20.81 -42.03
CA ASP C 240 44.02 19.78 -41.16
C ASP C 240 44.31 18.51 -41.95
N THR C 241 45.14 17.64 -41.36
CA THR C 241 45.55 16.38 -41.92
C THR C 241 45.00 15.21 -41.09
N ILE C 242 44.55 14.14 -41.75
CA ILE C 242 44.19 12.90 -41.05
C ILE C 242 45.12 11.79 -41.52
N ILE C 243 45.63 11.01 -40.56
CA ILE C 243 46.60 9.96 -40.86
C ILE C 243 46.02 8.62 -40.42
N PHE C 244 45.93 7.69 -41.36
CA PHE C 244 45.53 6.32 -41.11
C PHE C 244 46.77 5.43 -41.08
N GLU C 245 46.87 4.59 -40.06
CA GLU C 245 47.99 3.66 -39.91
C GLU C 245 47.38 2.33 -39.50
N ALA C 246 47.79 1.24 -40.14
CA ALA C 246 47.16 -0.04 -39.82
C ALA C 246 48.06 -1.20 -40.23
N THR C 247 47.98 -2.27 -39.45
CA THR C 247 48.61 -3.54 -39.75
C THR C 247 47.56 -4.62 -40.04
N GLY C 248 46.32 -4.21 -40.15
CA GLY C 248 45.23 -5.10 -40.50
C GLY C 248 43.90 -4.47 -40.14
N ASN C 249 42.84 -5.09 -40.64
CA ASN C 249 41.47 -4.90 -40.19
C ASN C 249 40.87 -3.54 -40.53
N LEU C 250 41.60 -2.66 -41.23
CA LEU C 250 41.06 -1.35 -41.59
C LEU C 250 40.13 -1.46 -42.80
N ILE C 251 38.92 -0.92 -42.64
CA ILE C 251 38.01 -0.72 -43.75
C ILE C 251 38.22 0.75 -44.14
N ALA C 252 39.08 0.97 -45.12
CA ALA C 252 39.63 2.30 -45.34
C ALA C 252 38.59 3.24 -45.96
N PRO C 253 38.70 4.54 -45.71
CA PRO C 253 37.90 5.49 -46.48
C PRO C 253 38.21 5.38 -47.96
N TRP C 254 37.14 5.38 -48.76
CA TRP C 254 37.24 5.51 -50.20
C TRP C 254 36.69 6.84 -50.66
N TYR C 255 35.46 7.19 -50.28
CA TYR C 255 34.87 8.51 -50.48
C TYR C 255 34.62 9.20 -49.16
N ALA C 256 34.80 10.52 -49.12
CA ALA C 256 34.43 11.31 -47.96
C ALA C 256 33.54 12.46 -48.42
N PHE C 257 33.14 13.34 -47.50
CA PHE C 257 32.15 14.38 -47.81
C PHE C 257 32.62 15.74 -47.30
N ALA C 258 32.76 16.69 -48.23
CA ALA C 258 32.98 18.08 -47.83
C ALA C 258 31.62 18.72 -47.53
N LEU C 259 31.46 19.21 -46.30
CA LEU C 259 30.17 19.66 -45.80
C LEU C 259 30.04 21.18 -45.86
N SER C 260 28.88 21.63 -46.30
CA SER C 260 28.48 23.02 -46.21
C SER C 260 27.35 23.14 -45.19
N ARG C 261 27.53 24.03 -44.24
CA ARG C 261 26.57 24.24 -43.16
C ARG C 261 25.46 25.19 -43.61
N GLY C 262 24.25 24.93 -43.14
CA GLY C 262 23.11 25.76 -43.46
C GLY C 262 22.22 25.98 -42.26
N PHE C 263 21.15 26.74 -42.48
CA PHE C 263 20.19 27.11 -41.46
C PHE C 263 18.82 26.54 -41.80
N GLY C 264 18.13 26.04 -40.79
CA GLY C 264 16.73 25.64 -40.91
C GLY C 264 16.47 24.25 -41.45
N SER C 265 17.50 23.43 -41.62
CA SER C 265 17.34 22.06 -42.08
C SER C 265 17.08 21.13 -40.90
N SER C 266 16.70 19.89 -41.21
CA SER C 266 16.44 18.86 -40.22
C SER C 266 16.32 17.52 -40.92
N ILE C 267 16.25 16.47 -40.12
CA ILE C 267 15.97 15.11 -40.55
C ILE C 267 14.65 14.72 -39.93
N ILE C 268 13.73 14.20 -40.75
CA ILE C 268 12.43 13.75 -40.28
C ILE C 268 12.20 12.33 -40.78
N ILE C 269 11.24 11.67 -40.14
CA ILE C 269 10.78 10.36 -40.59
C ILE C 269 9.37 10.54 -41.11
N SER C 270 9.11 10.11 -42.34
CA SER C 270 7.79 10.34 -42.89
C SER C 270 7.45 9.28 -43.92
N ASN C 271 6.17 8.92 -43.97
CA ASN C 271 5.65 8.03 -44.98
C ASN C 271 4.84 8.77 -46.05
N ALA C 272 4.87 10.10 -46.03
CA ALA C 272 4.20 10.89 -47.04
C ALA C 272 4.99 10.87 -48.33
N SER C 273 4.31 11.17 -49.43
CA SER C 273 4.91 11.14 -50.75
C SER C 273 5.25 12.55 -51.22
N MET C 274 6.32 12.65 -52.00
CA MET C 274 6.76 13.91 -52.58
C MET C 274 5.88 14.29 -53.77
N HIS C 275 5.54 15.57 -53.85
CA HIS C 275 4.77 16.14 -54.96
C HIS C 275 5.42 17.43 -55.40
N GLU C 276 4.97 17.96 -56.55
CA GLU C 276 5.53 19.21 -57.06
C GLU C 276 4.74 20.36 -56.43
N CYS C 277 4.96 20.52 -55.14
CA CYS C 277 4.37 21.59 -54.36
C CYS C 277 5.50 22.35 -53.68
N ASN C 278 5.22 23.60 -53.35
CA ASN C 278 6.17 24.42 -52.61
C ASN C 278 5.49 24.95 -51.36
N THR C 279 6.22 24.96 -50.25
CA THR C 279 5.62 25.37 -48.99
C THR C 279 6.66 26.16 -48.20
N LYS C 280 6.16 26.96 -47.28
CA LYS C 280 6.97 27.59 -46.26
C LYS C 280 7.00 26.79 -44.96
N CYS C 281 6.15 25.77 -44.84
CA CYS C 281 6.06 24.99 -43.62
C CYS C 281 5.76 23.54 -43.97
N GLN C 282 6.62 22.64 -43.53
CA GLN C 282 6.50 21.21 -43.78
C GLN C 282 6.48 20.46 -42.46
N THR C 283 5.57 19.48 -42.34
CA THR C 283 5.53 18.54 -41.23
C THR C 283 5.60 17.13 -41.80
N PRO C 284 5.93 16.11 -40.99
CA PRO C 284 5.97 14.74 -41.51
C PRO C 284 4.65 14.26 -42.08
N GLN C 285 3.53 14.88 -41.68
CA GLN C 285 2.23 14.47 -42.19
C GLN C 285 1.82 15.24 -43.46
N GLY C 286 2.43 16.37 -43.72
CA GLY C 286 2.05 17.18 -44.87
C GLY C 286 2.42 18.62 -44.64
N ALA C 287 2.31 19.40 -45.71
CA ALA C 287 2.66 20.80 -45.70
C ALA C 287 1.48 21.65 -45.24
N ILE C 288 1.79 22.77 -44.61
CA ILE C 288 0.82 23.70 -44.06
C ILE C 288 0.97 25.01 -44.82
N ASN C 289 -0.15 25.55 -45.29
CA ASN C 289 -0.23 26.85 -45.94
C ASN C 289 -1.20 27.68 -45.11
N SER C 290 -0.67 28.46 -44.18
CA SER C 290 -1.53 29.11 -43.20
C SER C 290 -0.82 30.30 -42.58
N SER C 291 -1.61 31.27 -42.13
CA SER C 291 -1.12 32.39 -41.35
C SER C 291 -1.58 32.35 -39.89
N LEU C 292 -2.31 31.30 -39.50
CA LEU C 292 -2.81 31.23 -38.14
C LEU C 292 -1.67 31.03 -37.14
N PRO C 293 -1.86 31.47 -35.89
CA PRO C 293 -0.77 31.35 -34.90
C PRO C 293 -0.54 29.94 -34.40
N PHE C 294 -1.55 29.07 -34.39
CA PHE C 294 -1.43 27.73 -33.82
C PHE C 294 -1.82 26.67 -34.83
N GLN C 295 -1.32 25.46 -34.59
CA GLN C 295 -1.67 24.31 -35.40
C GLN C 295 -1.65 23.09 -34.49
N ASN C 296 -2.48 22.10 -34.82
CA ASN C 296 -2.52 20.86 -34.07
C ASN C 296 -2.20 19.67 -34.97
N ILE C 297 -1.43 19.93 -36.02
CA ILE C 297 -1.11 18.91 -37.00
C ILE C 297 0.08 18.07 -36.55
N HIS C 298 1.19 18.70 -36.15
CA HIS C 298 2.35 17.91 -35.77
C HIS C 298 3.32 18.76 -34.99
N PRO C 299 3.94 18.24 -33.92
CA PRO C 299 4.98 19.02 -33.23
C PRO C 299 6.26 19.16 -34.04
N VAL C 300 6.51 18.29 -35.01
CA VAL C 300 7.72 18.35 -35.84
C VAL C 300 7.45 19.23 -37.05
N THR C 301 8.24 20.29 -37.19
CA THR C 301 8.05 21.26 -38.25
C THR C 301 9.40 21.59 -38.87
N ILE C 302 9.35 22.00 -40.13
CA ILE C 302 10.49 22.53 -40.86
C ILE C 302 10.04 23.83 -41.50
N GLY C 303 10.86 24.86 -41.38
CA GLY C 303 10.54 26.16 -41.98
C GLY C 303 9.97 27.14 -40.98
N GLU C 304 8.92 27.86 -41.38
CA GLU C 304 8.24 28.82 -40.52
C GLU C 304 6.80 28.37 -40.40
N CYS C 305 6.42 27.92 -39.21
CA CYS C 305 5.18 27.20 -38.99
C CYS C 305 4.41 27.82 -37.84
N PRO C 306 3.10 27.58 -37.77
CA PRO C 306 2.35 27.94 -36.57
C PRO C 306 2.81 27.08 -35.41
N LYS C 307 2.64 27.61 -34.20
CA LYS C 307 3.04 26.87 -33.01
C LYS C 307 2.13 25.67 -32.77
N TYR C 308 2.73 24.53 -32.46
CA TYR C 308 1.96 23.32 -32.21
C TYR C 308 1.32 23.37 -30.83
N VAL C 309 0.05 22.99 -30.76
CA VAL C 309 -0.68 22.89 -29.50
C VAL C 309 -1.54 21.63 -29.55
N ARG C 310 -1.94 21.16 -28.38
CA ARG C 310 -2.81 19.98 -28.30
C ARG C 310 -4.28 20.33 -28.53
N SER C 311 -4.63 21.61 -28.68
CA SER C 311 -6.02 22.05 -28.73
C SER C 311 -6.76 21.49 -29.95
N THR C 312 -8.08 21.32 -29.79
CA THR C 312 -8.98 20.98 -30.89
C THR C 312 -9.82 22.17 -31.34
N LYS C 313 -9.90 23.24 -30.54
CA LYS C 313 -10.62 24.44 -30.93
CA LYS C 313 -10.61 24.44 -30.94
C LYS C 313 -9.98 25.65 -30.28
N LEU C 314 -9.72 26.67 -31.08
CA LEU C 314 -9.23 27.97 -30.59
C LEU C 314 -9.92 29.02 -31.44
N ARG C 315 -11.01 29.59 -30.92
CA ARG C 315 -11.80 30.54 -31.69
C ARG C 315 -12.04 31.75 -30.82
N MET C 316 -11.63 32.91 -31.33
CA MET C 316 -11.80 34.19 -30.66
C MET C 316 -13.04 34.87 -31.21
N VAL C 317 -13.94 35.31 -30.32
CA VAL C 317 -15.08 36.09 -30.76
C VAL C 317 -14.62 37.49 -31.12
N THR C 318 -15.11 38.02 -32.23
CA THR C 318 -14.89 39.42 -32.57
C THR C 318 -16.16 40.26 -32.54
N GLY C 319 -17.31 39.69 -32.93
CA GLY C 319 -18.61 40.36 -32.87
C GLY C 319 -19.31 40.17 -31.53
N LEU C 320 -20.64 40.19 -31.57
CA LEU C 320 -21.52 40.18 -30.40
C LEU C 320 -22.20 38.83 -30.23
N ARG C 321 -22.80 38.61 -29.06
CA ARG C 321 -23.77 37.53 -28.96
C ARG C 321 -24.80 37.66 -30.08
N ASN C 322 -25.12 36.54 -30.72
CA ASN C 322 -26.08 36.53 -31.82
C ASN C 322 -27.46 36.21 -31.27
N ILE C 323 -28.31 37.24 -31.17
CA ILE C 323 -29.66 37.08 -30.64
C ILE C 323 -30.66 37.61 -31.67
N PRO C 324 -30.98 36.86 -32.71
CA PRO C 324 -31.97 37.33 -33.68
C PRO C 324 -33.38 36.99 -33.25
N SER C 325 -34.23 38.00 -33.12
CA SER C 325 -35.64 37.77 -32.72
C SER C 325 -36.52 37.52 -33.95
N GLY C 330 -25.17 39.85 -18.90
CA GLY C 330 -24.01 40.62 -19.28
C GLY C 330 -23.53 41.50 -18.15
N LEU C 331 -22.26 41.89 -18.21
CA LEU C 331 -21.66 42.64 -17.11
C LEU C 331 -22.19 44.06 -17.05
N PHE C 332 -22.59 44.62 -18.19
CA PHE C 332 -23.08 45.99 -18.23
C PHE C 332 -24.59 46.06 -18.40
N GLY C 333 -25.25 44.92 -18.65
CA GLY C 333 -26.69 44.83 -18.53
C GLY C 333 -27.49 45.13 -19.79
N ALA C 334 -26.83 45.57 -20.87
CA ALA C 334 -27.57 45.96 -22.07
C ALA C 334 -27.85 44.75 -22.98
N ILE C 335 -26.80 44.19 -23.59
CA ILE C 335 -26.98 43.06 -24.49
C ILE C 335 -27.51 41.86 -23.70
N ALA C 336 -28.55 41.22 -24.24
CA ALA C 336 -29.24 40.14 -23.53
C ALA C 336 -29.70 40.61 -22.15
N GLY C 337 -29.91 41.92 -22.01
CA GLY C 337 -30.33 42.49 -20.75
C GLY C 337 -31.58 43.29 -20.99
N PHE C 338 -31.57 44.60 -20.73
CA PHE C 338 -32.78 45.36 -21.01
C PHE C 338 -33.04 45.54 -22.49
N ILE C 339 -32.01 45.46 -23.34
CA ILE C 339 -32.21 45.35 -24.79
C ILE C 339 -32.15 43.86 -25.11
N GLU C 340 -33.33 43.24 -25.13
CA GLU C 340 -33.42 41.77 -25.04
C GLU C 340 -32.91 41.05 -26.30
N GLY C 341 -32.83 41.72 -27.43
CA GLY C 341 -32.46 41.03 -28.65
C GLY C 341 -31.77 41.95 -29.64
N GLY C 342 -31.11 41.32 -30.64
CA GLY C 342 -30.39 42.03 -31.68
C GLY C 342 -31.23 42.24 -32.94
N TRP C 343 -30.67 43.05 -33.85
CA TRP C 343 -31.36 43.46 -35.06
C TRP C 343 -30.69 42.83 -36.28
N THR C 344 -31.32 41.80 -36.85
CA THR C 344 -30.88 41.34 -38.16
C THR C 344 -31.07 42.43 -39.21
N GLY C 345 -32.08 43.29 -39.02
CA GLY C 345 -32.32 44.39 -39.94
C GLY C 345 -31.17 45.38 -40.06
N MET C 346 -30.29 45.46 -39.06
CA MET C 346 -29.18 46.42 -39.11
C MET C 346 -27.96 45.71 -39.68
N ILE C 347 -27.68 45.92 -40.97
CA ILE C 347 -26.64 45.15 -41.65
C ILE C 347 -25.35 45.93 -41.83
N ASP C 348 -25.29 47.18 -41.37
CA ASP C 348 -24.18 48.08 -41.67
C ASP C 348 -23.35 48.45 -40.44
N GLY C 349 -23.61 47.87 -39.28
CA GLY C 349 -22.80 48.17 -38.12
C GLY C 349 -23.13 47.24 -36.98
N TRP C 350 -22.30 47.32 -35.93
CA TRP C 350 -22.49 46.51 -34.73
C TRP C 350 -23.53 47.14 -33.79
N TYR C 351 -23.49 48.46 -33.63
CA TYR C 351 -24.45 49.15 -32.78
C TYR C 351 -25.13 50.25 -33.59
N GLY C 352 -26.40 50.49 -33.29
CA GLY C 352 -27.11 51.50 -34.02
C GLY C 352 -28.47 51.81 -33.46
N TYR C 353 -29.30 52.37 -34.33
CA TYR C 353 -30.59 52.93 -33.98
C TYR C 353 -31.67 52.44 -34.93
N HIS C 354 -32.87 52.29 -34.39
CA HIS C 354 -34.08 52.16 -35.17
C HIS C 354 -34.99 53.33 -34.82
N HIS C 355 -35.54 54.00 -35.85
CA HIS C 355 -36.42 55.13 -35.65
C HIS C 355 -37.78 54.83 -36.28
N GLN C 356 -38.80 55.55 -35.82
CA GLN C 356 -40.16 55.38 -36.35
C GLN C 356 -40.91 56.71 -36.20
N ASN C 357 -40.93 57.50 -37.28
CA ASN C 357 -41.71 58.74 -37.32
C ASN C 357 -42.78 58.70 -38.43
N GLU C 358 -43.45 59.83 -38.62
CA GLU C 358 -44.50 59.94 -39.65
C GLU C 358 -43.95 59.74 -41.06
N GLN C 359 -42.67 60.05 -41.27
CA GLN C 359 -42.01 59.84 -42.56
C GLN C 359 -41.65 58.38 -42.81
N GLY C 360 -41.76 57.50 -41.81
CA GLY C 360 -41.45 56.10 -41.98
C GLY C 360 -40.50 55.62 -40.91
N SER C 361 -39.77 54.55 -41.23
CA SER C 361 -38.89 53.92 -40.25
C SER C 361 -37.68 53.36 -40.98
N GLY C 362 -36.66 52.98 -40.21
CA GLY C 362 -35.46 52.42 -40.80
C GLY C 362 -34.43 52.11 -39.73
N TYR C 363 -33.35 51.49 -40.19
CA TYR C 363 -32.20 51.14 -39.35
C TYR C 363 -30.98 51.96 -39.76
N ALA C 364 -30.22 52.40 -38.76
CA ALA C 364 -28.99 53.10 -39.04
C ALA C 364 -27.98 52.75 -37.97
N ALA C 365 -26.81 52.34 -38.39
CA ALA C 365 -25.78 51.97 -37.44
C ALA C 365 -25.07 53.24 -37.01
N ASP C 366 -24.62 53.25 -35.76
CA ASP C 366 -23.77 54.33 -35.29
C ASP C 366 -22.34 54.05 -35.77
N GLN C 367 -21.86 54.83 -36.73
CA GLN C 367 -20.57 54.53 -37.34
C GLN C 367 -19.41 54.73 -36.37
N LYS C 368 -19.52 55.69 -35.44
CA LYS C 368 -18.38 56.04 -34.61
C LYS C 368 -18.12 54.97 -33.56
N SER C 369 -19.17 54.59 -32.83
CA SER C 369 -19.02 53.53 -31.83
C SER C 369 -18.68 52.20 -32.49
N THR C 370 -19.28 51.92 -33.66
CA THR C 370 -18.97 50.68 -34.36
C THR C 370 -17.51 50.66 -34.79
N GLN C 371 -17.03 51.75 -35.40
CA GLN C 371 -15.67 51.77 -35.91
C GLN C 371 -14.65 51.80 -34.78
N ASN C 372 -14.97 52.43 -33.65
CA ASN C 372 -14.04 52.37 -32.52
C ASN C 372 -13.97 50.96 -31.95
N ALA C 373 -15.10 50.23 -31.93
CA ALA C 373 -15.08 48.85 -31.46
C ALA C 373 -14.35 47.95 -32.44
N ILE C 374 -14.55 48.17 -33.74
CA ILE C 374 -13.83 47.39 -34.75
C ILE C 374 -12.34 47.58 -34.60
N ASN C 375 -11.90 48.82 -34.36
CA ASN C 375 -10.47 49.10 -34.20
C ASN C 375 -9.90 48.39 -32.98
N GLY C 376 -10.62 48.45 -31.85
CA GLY C 376 -10.13 47.80 -30.64
C GLY C 376 -10.03 46.29 -30.80
N ILE C 377 -11.07 45.67 -31.35
CA ILE C 377 -11.08 44.23 -31.49
C ILE C 377 -10.03 43.77 -32.48
N THR C 378 -9.85 44.52 -33.59
CA THR C 378 -8.81 44.18 -34.54
C THR C 378 -7.43 44.26 -33.91
N ASN C 379 -7.18 45.29 -33.10
CA ASN C 379 -5.89 45.35 -32.43
C ASN C 379 -5.75 44.20 -31.45
N LYS C 380 -6.83 43.83 -30.78
CA LYS C 380 -6.75 42.76 -29.79
C LYS C 380 -6.34 41.45 -30.46
N VAL C 381 -6.97 41.14 -31.59
CA VAL C 381 -6.67 39.89 -32.26
C VAL C 381 -5.24 39.90 -32.79
N ASN C 382 -4.83 41.00 -33.43
CA ASN C 382 -3.47 41.08 -33.95
C ASN C 382 -2.44 41.07 -32.84
N SER C 383 -2.76 41.74 -31.72
CA SER C 383 -1.82 41.74 -30.60
C SER C 383 -1.66 40.33 -30.04
N VAL C 384 -2.75 39.57 -30.00
CA VAL C 384 -2.66 38.20 -29.53
C VAL C 384 -1.79 37.39 -30.48
N ILE C 385 -2.04 37.52 -31.79
CA ILE C 385 -1.29 36.73 -32.76
C ILE C 385 0.19 37.09 -32.71
N GLU C 386 0.48 38.38 -32.57
CA GLU C 386 1.86 38.84 -32.53
C GLU C 386 2.65 38.26 -31.37
N LYS C 387 2.00 38.05 -30.21
CA LYS C 387 2.70 37.51 -29.06
C LYS C 387 3.07 36.04 -29.23
N MET C 388 2.37 35.33 -30.13
CA MET C 388 2.59 33.91 -30.39
C MET C 388 3.60 33.81 -31.53
N ASN C 389 4.88 33.88 -31.17
CA ASN C 389 5.93 33.92 -32.17
C ASN C 389 5.99 32.59 -32.92
N THR C 390 6.33 32.71 -34.20
CA THR C 390 6.38 31.57 -35.12
C THR C 390 7.28 30.45 -34.60
N GLN C 391 6.93 29.21 -34.95
CA GLN C 391 7.75 28.04 -34.65
C GLN C 391 8.66 27.74 -35.84
N PHE C 392 9.96 27.83 -35.63
CA PHE C 392 10.91 27.52 -36.70
C PHE C 392 11.26 26.04 -36.66
N THR C 393 12.12 25.60 -37.58
CA THR C 393 12.44 24.20 -37.75
C THR C 393 12.78 23.54 -36.42
N THR C 394 12.03 22.50 -36.06
CA THR C 394 12.36 21.75 -34.85
C THR C 394 13.48 20.76 -35.16
N VAL C 395 14.40 20.62 -34.20
CA VAL C 395 15.57 19.74 -34.37
C VAL C 395 15.21 18.37 -33.79
N GLY C 396 15.24 17.34 -34.62
CA GLY C 396 15.02 16.00 -34.10
C GLY C 396 16.06 15.63 -33.05
N LYS C 397 15.67 14.72 -32.17
CA LYS C 397 16.56 14.21 -31.14
C LYS C 397 16.43 12.70 -31.09
N GLU C 398 17.53 11.99 -31.27
CA GLU C 398 17.59 10.53 -31.25
CA GLU C 398 17.54 10.54 -31.20
C GLU C 398 18.63 10.07 -30.26
N PHE C 399 18.36 8.96 -29.58
CA PHE C 399 19.21 8.47 -28.51
C PHE C 399 19.35 6.96 -28.63
N ASN C 400 20.53 6.43 -28.28
CA ASN C 400 20.74 4.99 -28.40
C ASN C 400 20.25 4.30 -27.14
N ASN C 401 20.40 2.96 -27.08
CA ASN C 401 19.81 2.17 -26.00
C ASN C 401 20.53 2.35 -24.67
N LEU C 402 21.61 3.12 -24.62
CA LEU C 402 22.22 3.46 -23.34
C LEU C 402 22.07 4.95 -23.04
N GLU C 403 21.09 5.61 -23.66
CA GLU C 403 20.81 7.01 -23.46
C GLU C 403 19.35 7.22 -23.12
N LYS C 404 18.78 6.28 -22.36
CA LYS C 404 17.37 6.33 -22.01
C LYS C 404 17.08 7.53 -21.12
N ARG C 405 18.00 7.87 -20.22
CA ARG C 405 17.77 8.99 -19.34
C ARG C 405 17.70 10.29 -20.13
N MET C 406 18.66 10.49 -21.03
CA MET C 406 18.65 11.68 -21.89
C MET C 406 17.41 11.70 -22.78
N GLU C 407 17.00 10.53 -23.26
CA GLU C 407 15.78 10.44 -24.05
C GLU C 407 14.57 10.89 -23.24
N ASN C 408 14.46 10.44 -21.99
CA ASN C 408 13.32 10.82 -21.17
C ASN C 408 13.39 12.28 -20.75
N LEU C 409 14.59 12.79 -20.53
CA LEU C 409 14.73 14.21 -20.26
C LEU C 409 14.23 15.03 -21.45
N ASN C 410 14.65 14.66 -22.64
CA ASN C 410 14.19 15.37 -23.84
C ASN C 410 12.67 15.32 -23.96
N LYS C 411 12.07 14.17 -23.66
CA LYS C 411 10.62 14.04 -23.74
C LYS C 411 9.95 14.92 -22.69
N LYS C 412 10.48 14.96 -21.46
CA LYS C 412 9.95 15.83 -20.43
C LYS C 412 9.98 17.29 -20.86
N VAL C 413 11.07 17.73 -21.49
CA VAL C 413 11.17 19.10 -21.98
C VAL C 413 10.09 19.39 -23.03
N ASP C 414 9.98 18.52 -24.03
CA ASP C 414 9.01 18.76 -25.09
C ASP C 414 7.60 18.73 -24.53
N ASP C 415 7.30 17.71 -23.71
CA ASP C 415 5.97 17.61 -23.11
C ASP C 415 5.66 18.81 -22.24
N GLY C 416 6.64 19.26 -21.44
CA GLY C 416 6.40 20.38 -20.54
C GLY C 416 6.11 21.67 -21.27
N PHE C 417 6.90 21.98 -22.30
CA PHE C 417 6.64 23.18 -23.09
C PHE C 417 5.30 23.10 -23.79
N LEU C 418 4.96 21.93 -24.33
CA LEU C 418 3.67 21.75 -24.99
C LEU C 418 2.52 21.98 -24.02
N ASP C 419 2.62 21.43 -22.80
CA ASP C 419 1.60 21.67 -21.78
C ASP C 419 1.42 23.16 -21.57
N ILE C 420 2.53 23.89 -21.44
CA ILE C 420 2.41 25.30 -21.10
C ILE C 420 1.80 26.07 -22.28
N TRP C 421 2.23 25.80 -23.50
CA TRP C 421 1.69 26.59 -24.60
C TRP C 421 0.24 26.23 -24.91
N THR C 422 -0.15 24.96 -24.69
CA THR C 422 -1.55 24.61 -24.86
C THR C 422 -2.41 25.33 -23.83
N TYR C 423 -1.94 25.38 -22.58
CA TYR C 423 -2.63 26.10 -21.53
C TYR C 423 -2.70 27.59 -21.80
N ASN C 424 -1.56 28.18 -22.19
CA ASN C 424 -1.55 29.62 -22.46
C ASN C 424 -2.52 29.96 -23.58
N ALA C 425 -2.48 29.20 -24.67
CA ALA C 425 -3.29 29.54 -25.83
C ALA C 425 -4.77 29.44 -25.47
N GLU C 426 -5.19 28.34 -24.83
CA GLU C 426 -6.60 28.15 -24.56
C GLU C 426 -7.11 29.16 -23.54
N LEU C 427 -6.31 29.43 -22.51
CA LEU C 427 -6.75 30.31 -21.45
C LEU C 427 -6.86 31.75 -21.94
N LEU C 428 -5.88 32.23 -22.72
CA LEU C 428 -5.95 33.60 -23.21
C LEU C 428 -7.20 33.81 -24.05
N VAL C 429 -7.53 32.83 -24.89
CA VAL C 429 -8.71 32.96 -25.74
C VAL C 429 -9.97 33.00 -24.88
N LEU C 430 -10.07 32.13 -23.87
CA LEU C 430 -11.24 32.14 -23.00
C LEU C 430 -11.38 33.49 -22.30
N LEU C 431 -10.29 34.01 -21.72
CA LEU C 431 -10.36 35.29 -21.02
C LEU C 431 -10.70 36.42 -21.98
N GLU C 432 -10.05 36.45 -23.14
CA GLU C 432 -10.32 37.57 -24.03
C GLU C 432 -11.71 37.48 -24.63
N ASN C 433 -12.22 36.27 -24.85
CA ASN C 433 -13.60 36.13 -25.33
C ASN C 433 -14.58 36.73 -24.34
N GLU C 434 -14.40 36.45 -23.05
CA GLU C 434 -15.26 37.07 -22.06
C GLU C 434 -15.14 38.59 -22.09
N ARG C 435 -13.92 39.09 -22.19
CA ARG C 435 -13.71 40.54 -22.21
C ARG C 435 -14.30 41.17 -23.47
N THR C 436 -14.28 40.44 -24.60
CA THR C 436 -14.82 40.99 -25.84
C THR C 436 -16.33 41.15 -25.75
N LEU C 437 -17.03 40.14 -25.24
CA LEU C 437 -18.47 40.23 -25.03
C LEU C 437 -18.81 41.38 -24.07
N ASP C 438 -18.06 41.52 -22.97
CA ASP C 438 -18.27 42.64 -22.04
C ASP C 438 -18.02 43.99 -22.71
N PHE C 439 -17.03 44.04 -23.60
CA PHE C 439 -16.71 45.26 -24.36
C PHE C 439 -17.91 45.70 -25.19
N HIS C 440 -18.53 44.77 -25.93
CA HIS C 440 -19.71 45.08 -26.74
C HIS C 440 -20.88 45.50 -25.85
N ASP C 441 -21.10 44.77 -24.75
CA ASP C 441 -22.14 45.15 -23.81
C ASP C 441 -21.93 46.57 -23.33
N SER C 442 -20.67 46.90 -23.00
CA SER C 442 -20.36 48.25 -22.55
C SER C 442 -20.62 49.29 -23.64
N ASN C 443 -20.26 48.98 -24.89
CA ASN C 443 -20.45 49.97 -25.94
C ASN C 443 -21.93 50.24 -26.15
N VAL C 444 -22.76 49.19 -26.16
CA VAL C 444 -24.21 49.38 -26.31
C VAL C 444 -24.73 50.22 -25.14
N LYS C 445 -24.26 49.91 -23.94
CA LYS C 445 -24.67 50.67 -22.75
C LYS C 445 -24.28 52.13 -22.88
N ASN C 446 -23.05 52.40 -23.29
CA ASN C 446 -22.59 53.79 -23.40
C ASN C 446 -23.37 54.53 -24.47
N LEU C 447 -23.68 53.85 -25.58
CA LEU C 447 -24.47 54.48 -26.63
C LEU C 447 -25.86 54.81 -26.13
N TYR C 448 -26.49 53.88 -25.41
CA TYR C 448 -27.81 54.13 -24.87
C TYR C 448 -27.80 55.34 -23.93
N GLU C 449 -26.79 55.43 -23.05
CA GLU C 449 -26.74 56.51 -22.07
C GLU C 449 -26.46 57.86 -22.72
N LYS C 450 -25.70 57.88 -23.81
CA LYS C 450 -25.50 59.13 -24.53
C LYS C 450 -26.81 59.65 -25.12
N VAL C 451 -27.64 58.77 -25.69
CA VAL C 451 -28.93 59.18 -26.24
C VAL C 451 -29.89 59.60 -25.13
N LYS C 452 -29.88 58.88 -23.99
CA LYS C 452 -30.70 59.28 -22.86
C LYS C 452 -30.31 60.65 -22.33
N SER C 453 -29.03 60.98 -22.39
CA SER C 453 -28.59 62.28 -21.90
C SER C 453 -28.96 63.41 -22.85
N GLN C 454 -29.15 63.09 -24.13
CA GLN C 454 -29.54 64.09 -25.13
C GLN C 454 -31.01 64.47 -24.98
N LEU C 455 -31.87 63.49 -24.73
CA LEU C 455 -33.30 63.73 -24.80
C LEU C 455 -33.91 64.16 -23.47
N LYS C 456 -33.23 63.91 -22.35
CA LYS C 456 -33.74 64.26 -21.02
C LYS C 456 -35.24 64.00 -20.90
N ASN C 457 -35.99 64.98 -20.37
CA ASN C 457 -37.44 64.86 -20.21
C ASN C 457 -38.23 65.00 -21.51
N ASN C 458 -37.57 65.11 -22.67
CA ASN C 458 -38.29 65.22 -23.94
C ASN C 458 -38.78 63.88 -24.46
N ALA C 459 -38.44 62.78 -23.78
CA ALA C 459 -38.93 61.47 -24.16
C ALA C 459 -39.04 60.61 -22.92
N LYS C 460 -39.90 59.60 -22.99
CA LYS C 460 -40.02 58.60 -21.94
C LYS C 460 -39.28 57.33 -22.34
N GLU C 461 -38.60 56.72 -21.37
CA GLU C 461 -37.93 55.45 -21.59
C GLU C 461 -38.95 54.32 -21.61
N ILE C 462 -39.00 53.59 -22.73
CA ILE C 462 -39.97 52.50 -22.88
C ILE C 462 -39.51 51.21 -22.23
N GLY C 463 -38.25 51.14 -21.76
CA GLY C 463 -37.74 50.01 -21.02
C GLY C 463 -36.85 49.07 -21.80
N ASN C 464 -36.97 49.05 -23.13
CA ASN C 464 -36.32 48.08 -24.00
C ASN C 464 -35.20 48.70 -24.83
N GLY C 465 -34.60 49.78 -24.34
CA GLY C 465 -33.68 50.59 -25.12
C GLY C 465 -34.34 51.59 -26.03
N CYS C 466 -35.63 51.86 -25.85
CA CYS C 466 -36.38 52.75 -26.72
C CYS C 466 -36.78 54.03 -25.98
N PHE C 467 -36.89 55.12 -26.74
CA PHE C 467 -37.39 56.39 -26.24
C PHE C 467 -38.60 56.80 -27.07
N GLU C 468 -39.69 57.12 -26.38
CA GLU C 468 -40.91 57.60 -27.03
C GLU C 468 -40.93 59.11 -26.89
N PHE C 469 -40.74 59.82 -28.01
CA PHE C 469 -40.67 61.27 -27.98
C PHE C 469 -42.01 61.88 -27.57
N TYR C 470 -41.94 62.99 -26.82
CA TYR C 470 -43.09 63.77 -26.42
C TYR C 470 -43.51 64.78 -27.48
N HIS C 471 -42.65 65.03 -28.45
CA HIS C 471 -42.95 65.87 -29.60
C HIS C 471 -42.80 65.01 -30.85
N LYS C 472 -43.16 65.56 -31.99
CA LYS C 472 -42.89 64.88 -33.24
C LYS C 472 -41.43 65.10 -33.63
N CYS C 473 -40.75 64.02 -34.01
CA CYS C 473 -39.32 64.03 -34.36
C CYS C 473 -39.18 63.49 -35.77
N ASP C 474 -38.98 64.39 -36.74
CA ASP C 474 -38.94 64.01 -38.14
C ASP C 474 -37.56 63.44 -38.48
N ASN C 475 -37.33 63.13 -39.75
CA ASN C 475 -36.05 62.54 -40.14
C ASN C 475 -34.87 63.47 -39.84
N GLU C 476 -35.06 64.78 -39.95
CA GLU C 476 -33.99 65.71 -39.60
C GLU C 476 -33.75 65.72 -38.10
N CYS C 477 -34.83 65.58 -37.34
CA CYS C 477 -34.71 65.49 -35.89
C CYS C 477 -34.05 64.17 -35.49
N MET C 478 -34.41 63.07 -36.15
CA MET C 478 -33.79 61.79 -35.85
C MET C 478 -32.29 61.83 -36.12
N GLU C 479 -31.89 62.39 -37.27
CA GLU C 479 -30.46 62.49 -37.56
C GLU C 479 -29.73 63.31 -36.49
N SER C 480 -30.37 64.36 -35.97
CA SER C 480 -29.74 65.13 -34.90
C SER C 480 -29.45 64.23 -33.70
N VAL C 481 -30.37 63.34 -33.35
CA VAL C 481 -30.10 62.41 -32.25
C VAL C 481 -28.98 61.44 -32.63
N ARG C 482 -29.02 60.90 -33.85
CA ARG C 482 -28.01 59.92 -34.25
C ARG C 482 -26.62 60.53 -34.31
N ASN C 483 -26.47 61.72 -34.88
CA ASN C 483 -25.14 62.32 -34.91
C ASN C 483 -24.81 63.13 -33.65
N GLY C 484 -25.68 63.11 -32.64
CA GLY C 484 -25.38 63.72 -31.36
C GLY C 484 -25.62 65.21 -31.20
N THR C 485 -26.41 65.85 -32.08
CA THR C 485 -26.63 67.28 -32.02
C THR C 485 -28.10 67.62 -31.76
N TYR C 486 -28.78 66.79 -30.99
CA TYR C 486 -30.20 67.00 -30.72
C TYR C 486 -30.40 68.28 -29.92
N ASP C 487 -31.26 69.16 -30.45
CA ASP C 487 -31.49 70.48 -29.83
C ASP C 487 -32.63 70.32 -28.83
N TYR C 488 -32.24 69.97 -27.60
CA TYR C 488 -33.21 69.81 -26.52
C TYR C 488 -34.05 71.06 -26.23
N PRO C 489 -33.49 72.27 -26.12
CA PRO C 489 -34.35 73.43 -25.80
C PRO C 489 -35.44 73.70 -26.81
N LYS C 490 -35.24 73.30 -28.07
CA LYS C 490 -36.24 73.57 -29.11
C LYS C 490 -37.54 72.83 -28.84
N TYR C 491 -37.50 71.72 -28.12
CA TYR C 491 -38.70 70.92 -27.88
C TYR C 491 -39.06 70.94 -26.40
N ASP D 3 -47.52 30.10 36.90
CA ASP D 3 -46.54 29.28 37.59
C ASP D 3 -46.36 27.92 36.87
N THR D 4 -45.12 27.42 36.84
CA THR D 4 -44.78 26.21 36.08
C THR D 4 -43.88 25.29 36.89
N ILE D 5 -44.05 23.99 36.67
CA ILE D 5 -43.17 22.95 37.20
C ILE D 5 -42.78 22.02 36.06
N CYS D 6 -41.49 21.66 35.98
CA CYS D 6 -40.95 20.91 34.84
C CYS D 6 -40.27 19.62 35.23
N ILE D 7 -40.46 18.59 34.41
CA ILE D 7 -39.78 17.31 34.53
C ILE D 7 -38.71 17.23 33.44
N GLY D 8 -37.50 16.86 33.82
CA GLY D 8 -36.42 16.84 32.86
C GLY D 8 -35.33 15.86 33.28
N TYR D 9 -34.22 15.91 32.56
CA TYR D 9 -33.15 14.94 32.75
C TYR D 9 -31.79 15.63 32.73
N HIS D 10 -30.79 14.90 33.23
CA HIS D 10 -29.47 15.47 33.53
C HIS D 10 -28.66 15.76 32.26
N ALA D 11 -27.81 16.79 32.36
CA ALA D 11 -26.77 17.06 31.38
C ALA D 11 -25.56 17.62 32.11
N ASN D 12 -24.37 17.42 31.51
CA ASN D 12 -23.14 17.86 32.15
C ASN D 12 -22.12 18.22 31.07
N ASN D 13 -20.85 18.36 31.48
CA ASN D 13 -19.76 18.74 30.59
C ASN D 13 -18.95 17.54 30.11
N SER D 14 -19.47 16.32 30.26
CA SER D 14 -18.75 15.13 29.82
C SER D 14 -18.69 15.11 28.30
N THR D 15 -17.55 14.65 27.77
CA THR D 15 -17.36 14.46 26.34
C THR D 15 -17.16 13.00 25.99
N ASP D 16 -17.52 12.09 26.90
CA ASP D 16 -17.40 10.68 26.64
C ASP D 16 -18.37 10.25 25.54
N THR D 17 -17.91 9.38 24.65
CA THR D 17 -18.70 8.85 23.55
C THR D 17 -18.75 7.33 23.59
N VAL D 18 -19.89 6.77 23.23
CA VAL D 18 -20.08 5.33 23.07
C VAL D 18 -20.68 5.07 21.70
N ASP D 19 -20.71 3.81 21.34
CA ASP D 19 -21.28 3.36 20.07
C ASP D 19 -22.43 2.41 20.35
N THR D 20 -23.37 2.37 19.43
CA THR D 20 -24.39 1.33 19.44
C THR D 20 -24.46 0.74 18.05
N LEU D 21 -25.30 -0.25 17.86
CA LEU D 21 -25.54 -0.75 16.52
C LEU D 21 -26.18 0.33 15.65
N LEU D 22 -27.03 1.16 16.24
CA LEU D 22 -27.73 2.20 15.48
C LEU D 22 -26.85 3.41 15.21
N GLU D 23 -26.01 3.80 16.17
CA GLU D 23 -25.27 5.06 16.08
C GLU D 23 -23.85 4.89 16.61
N LYS D 24 -22.95 5.70 16.06
CA LYS D 24 -21.57 5.76 16.52
C LYS D 24 -21.31 7.13 17.15
N ASN D 25 -20.39 7.17 18.11
CA ASN D 25 -19.93 8.41 18.73
C ASN D 25 -21.10 9.20 19.34
N VAL D 26 -21.81 8.55 20.25
CA VAL D 26 -22.89 9.23 20.96
C VAL D 26 -22.30 9.80 22.26
N THR D 27 -22.32 11.13 22.37
CA THR D 27 -21.81 11.77 23.57
C THR D 27 -22.79 11.55 24.72
N VAL D 28 -22.28 11.05 25.84
CA VAL D 28 -23.12 10.62 26.95
C VAL D 28 -22.59 11.19 28.26
N THR D 29 -23.49 11.30 29.23
CA THR D 29 -23.20 11.99 30.49
C THR D 29 -22.30 11.18 31.40
N HIS D 30 -22.46 9.85 31.41
CA HIS D 30 -21.67 8.98 32.26
C HIS D 30 -21.43 7.67 31.54
N SER D 31 -20.25 7.10 31.76
CA SER D 31 -19.89 5.84 31.13
C SER D 31 -18.71 5.22 31.88
N VAL D 32 -18.41 3.97 31.54
CA VAL D 32 -17.31 3.25 32.16
C VAL D 32 -16.50 2.52 31.09
N ASN D 33 -15.20 2.73 31.09
CA ASN D 33 -14.28 2.00 30.23
C ASN D 33 -14.11 0.58 30.77
N LEU D 34 -14.28 -0.41 29.90
CA LEU D 34 -14.14 -1.81 30.30
C LEU D 34 -12.86 -2.45 29.77
N LEU D 35 -12.04 -1.70 29.05
CA LEU D 35 -10.87 -2.23 28.35
C LEU D 35 -9.61 -1.61 28.95
N GLU D 36 -8.81 -2.44 29.60
CA GLU D 36 -7.56 -1.98 30.20
C GLU D 36 -6.46 -1.92 29.14
N ASP D 37 -5.82 -0.76 29.01
CA ASP D 37 -4.74 -0.63 28.04
C ASP D 37 -3.45 -0.04 28.62
N SER D 38 -3.34 0.07 29.94
CA SER D 38 -2.14 0.62 30.55
C SER D 38 -1.46 -0.43 31.43
N HIS D 39 -0.13 -0.44 31.38
CA HIS D 39 0.68 -1.30 32.21
C HIS D 39 1.91 -0.51 32.64
N ASN D 40 2.65 -1.04 33.62
CA ASN D 40 3.81 -0.32 34.13
C ASN D 40 5.09 -0.64 33.34
N GLY D 41 5.00 -1.43 32.29
CA GLY D 41 6.17 -1.71 31.48
C GLY D 41 7.30 -2.42 32.19
N LYS D 42 7.04 -3.05 33.34
CA LYS D 42 8.08 -3.69 34.13
C LYS D 42 7.73 -5.14 34.44
N LEU D 43 8.74 -5.92 34.78
CA LEU D 43 8.53 -7.24 35.34
C LEU D 43 8.43 -7.09 36.86
N CYS D 44 7.44 -7.74 37.46
CA CYS D 44 7.20 -7.60 38.89
C CYS D 44 7.13 -8.96 39.57
N LYS D 45 7.18 -8.89 40.90
CA LYS D 45 6.87 -10.06 41.70
C LYS D 45 5.39 -10.35 41.57
N LEU D 46 5.06 -11.61 41.77
CA LEU D 46 3.67 -12.06 41.71
C LEU D 46 3.37 -12.63 43.09
N LYS D 47 2.43 -12.00 43.80
CA LYS D 47 2.11 -12.40 45.17
C LYS D 47 3.37 -12.46 46.02
N GLY D 48 4.26 -11.48 45.83
CA GLY D 48 5.46 -11.35 46.63
C GLY D 48 6.65 -12.21 46.20
N ILE D 49 6.53 -12.99 45.14
CA ILE D 49 7.58 -13.93 44.74
C ILE D 49 8.19 -13.47 43.42
N ALA D 50 9.52 -13.36 43.39
CA ALA D 50 10.15 -12.88 42.18
C ALA D 50 10.19 -13.97 41.11
N PRO D 51 10.22 -13.60 39.84
CA PRO D 51 10.41 -14.59 38.78
C PRO D 51 11.87 -14.99 38.68
N LEU D 52 12.10 -16.08 37.95
CA LEU D 52 13.45 -16.52 37.60
C LEU D 52 13.84 -15.88 36.28
N GLN D 53 14.85 -15.03 36.30
CA GLN D 53 15.32 -14.35 35.09
C GLN D 53 16.54 -15.08 34.56
N LEU D 54 16.36 -15.78 33.44
CA LEU D 54 17.45 -16.52 32.82
C LEU D 54 18.40 -15.62 32.04
N GLY D 55 17.98 -14.41 31.73
CA GLY D 55 18.88 -13.45 31.10
C GLY D 55 19.35 -13.90 29.72
N LYS D 56 20.67 -14.01 29.56
CA LYS D 56 21.24 -14.43 28.29
C LYS D 56 21.19 -15.94 28.10
N CYS D 57 20.63 -16.70 29.04
CA CYS D 57 20.59 -18.15 28.94
C CYS D 57 19.17 -18.61 28.61
N ASN D 58 19.07 -19.75 27.95
CA ASN D 58 17.77 -20.37 27.81
C ASN D 58 17.69 -21.53 28.79
N ILE D 59 16.57 -22.26 28.74
CA ILE D 59 16.35 -23.34 29.68
C ILE D 59 17.47 -24.38 29.58
N ALA D 60 17.85 -24.76 28.35
CA ALA D 60 18.93 -25.72 28.17
C ALA D 60 20.20 -25.24 28.86
N GLY D 61 20.57 -23.97 28.62
CA GLY D 61 21.79 -23.45 29.21
C GLY D 61 21.74 -23.46 30.71
N TRP D 62 20.59 -23.13 31.28
CA TRP D 62 20.40 -23.19 32.72
C TRP D 62 20.56 -24.62 33.25
N LEU D 63 19.80 -25.57 32.70
CA LEU D 63 19.70 -26.92 33.26
C LEU D 63 20.97 -27.73 33.00
N LEU D 64 21.57 -27.57 31.83
CA LEU D 64 22.85 -28.23 31.61
C LEU D 64 23.96 -27.58 32.42
N GLY D 65 23.78 -26.32 32.79
CA GLY D 65 24.87 -25.60 33.45
C GLY D 65 25.92 -25.10 32.48
N ASN D 66 25.51 -24.55 31.35
CA ASN D 66 26.42 -23.79 30.51
C ASN D 66 27.22 -22.80 31.37
N PRO D 67 28.55 -22.77 31.24
CA PRO D 67 29.38 -21.94 32.16
C PRO D 67 29.06 -20.45 32.11
N GLU D 68 28.40 -19.97 31.07
CA GLU D 68 27.91 -18.60 31.00
C GLU D 68 26.66 -18.40 31.85
N CYS D 69 26.19 -19.44 32.54
CA CYS D 69 24.94 -19.36 33.30
C CYS D 69 25.16 -19.59 34.80
N ASP D 70 26.40 -19.43 35.28
CA ASP D 70 26.72 -19.74 36.67
C ASP D 70 25.88 -18.95 37.66
N SER D 71 25.42 -17.75 37.28
CA SER D 71 24.60 -16.98 38.20
C SER D 71 23.27 -17.66 38.51
N LEU D 72 22.84 -18.63 37.69
CA LEU D 72 21.58 -19.33 37.91
C LEU D 72 21.73 -20.55 38.80
N LEU D 73 22.95 -20.97 39.10
CA LEU D 73 23.13 -22.21 39.86
C LEU D 73 22.49 -22.16 41.27
N PRO D 74 22.52 -21.05 42.03
CA PRO D 74 21.81 -21.05 43.33
C PRO D 74 20.30 -20.99 43.23
N ALA D 75 19.73 -20.93 42.01
CA ALA D 75 18.30 -20.70 41.78
C ALA D 75 17.45 -21.75 42.48
N ARG D 76 16.48 -21.29 43.27
CA ARG D 76 15.68 -22.17 44.11
C ARG D 76 14.19 -22.12 43.74
N SER D 77 13.52 -20.99 43.97
CA SER D 77 12.08 -20.90 43.76
C SER D 77 11.72 -19.57 43.11
N TRP D 78 10.61 -19.57 42.37
CA TRP D 78 10.21 -18.43 41.56
C TRP D 78 8.71 -18.51 41.29
N SER D 79 8.17 -17.40 40.81
CA SER D 79 6.75 -17.33 40.46
C SER D 79 6.51 -17.56 38.97
N TYR D 80 7.50 -17.26 38.13
CA TYR D 80 7.46 -17.56 36.71
C TYR D 80 8.90 -17.45 36.21
N ILE D 81 9.13 -17.89 34.97
CA ILE D 81 10.47 -17.92 34.37
C ILE D 81 10.49 -17.00 33.16
N VAL D 82 11.55 -16.20 33.02
CA VAL D 82 11.64 -15.21 31.97
C VAL D 82 12.85 -15.54 31.10
N GLU D 83 12.61 -15.90 29.84
CA GLU D 83 13.63 -15.91 28.81
C GLU D 83 13.62 -14.56 28.09
N THR D 84 14.77 -14.12 27.65
CA THR D 84 14.86 -12.90 26.85
C THR D 84 14.98 -13.24 25.37
N PRO D 85 14.65 -12.30 24.47
CA PRO D 85 14.77 -12.61 23.03
C PRO D 85 16.21 -12.90 22.61
N ASN D 86 17.19 -12.47 23.40
CA ASN D 86 18.58 -12.74 23.10
C ASN D 86 18.89 -14.24 23.13
N SER D 87 18.94 -14.83 24.33
CA SER D 87 19.25 -16.25 24.53
C SER D 87 20.35 -16.76 23.62
N GLU D 88 21.57 -16.38 23.91
CA GLU D 88 22.71 -16.87 23.17
C GLU D 88 23.43 -18.01 23.89
N ASN D 89 23.02 -18.36 25.11
CA ASN D 89 23.75 -19.36 25.89
C ASN D 89 22.82 -20.53 26.16
N GLY D 90 22.96 -21.58 25.36
CA GLY D 90 22.21 -22.80 25.52
C GLY D 90 23.14 -23.99 25.64
N ALA D 91 23.00 -24.94 24.73
CA ALA D 91 23.94 -26.06 24.68
C ALA D 91 25.18 -25.60 23.93
N CYS D 92 26.23 -25.21 24.66
CA CYS D 92 27.44 -24.69 24.02
C CYS D 92 28.07 -25.73 23.09
N TYR D 93 28.01 -27.01 23.47
CA TYR D 93 28.50 -28.07 22.60
C TYR D 93 27.38 -28.48 21.65
N PRO D 94 27.56 -28.37 20.32
CA PRO D 94 26.44 -28.56 19.39
C PRO D 94 25.85 -29.96 19.41
N GLY D 95 24.54 -30.04 19.27
CA GLY D 95 23.83 -31.31 19.22
C GLY D 95 22.34 -31.09 19.40
N ASP D 96 21.60 -32.20 19.49
CA ASP D 96 20.16 -32.16 19.70
C ASP D 96 19.82 -32.33 21.20
N PHE D 97 18.82 -31.57 21.67
CA PHE D 97 18.28 -31.69 23.02
C PHE D 97 16.94 -32.39 22.79
N ILE D 98 16.88 -33.69 23.10
CA ILE D 98 15.70 -34.48 22.73
CA ILE D 98 15.71 -34.48 22.72
C ILE D 98 14.53 -34.13 23.63
N ASP D 99 13.35 -33.97 23.01
CA ASP D 99 12.13 -33.63 23.76
C ASP D 99 12.33 -32.38 24.59
N TYR D 100 13.05 -31.42 24.03
CA TYR D 100 13.32 -30.17 24.72
C TYR D 100 12.01 -29.43 25.01
N GLU D 101 11.11 -29.34 24.02
CA GLU D 101 9.86 -28.61 24.26
C GLU D 101 9.04 -29.29 25.38
N GLU D 102 9.04 -30.62 25.43
CA GLU D 102 8.32 -31.31 26.51
C GLU D 102 8.93 -30.97 27.85
N LEU D 103 10.26 -30.90 27.90
CA LEU D 103 10.93 -30.53 29.15
C LEU D 103 10.48 -29.16 29.63
N LYS D 104 10.40 -28.18 28.72
CA LYS D 104 9.96 -26.84 29.09
C LYS D 104 8.53 -26.86 29.58
N GLU D 105 7.70 -27.63 28.92
CA GLU D 105 6.31 -27.76 29.35
C GLU D 105 6.23 -28.32 30.77
N GLN D 106 7.06 -29.31 31.09
CA GLN D 106 7.12 -29.83 32.45
C GLN D 106 7.52 -28.73 33.42
N LEU D 107 8.56 -27.98 33.07
CA LEU D 107 9.01 -26.88 33.92
C LEU D 107 7.97 -25.79 34.07
N SER D 108 7.02 -25.66 33.14
CA SER D 108 6.04 -24.59 33.30
C SER D 108 5.20 -24.78 34.56
N SER D 109 5.12 -25.98 35.11
CA SER D 109 4.36 -26.19 36.35
C SER D 109 5.24 -26.45 37.56
N VAL D 110 6.52 -26.09 37.47
CA VAL D 110 7.46 -26.30 38.58
C VAL D 110 7.64 -24.98 39.30
N SER D 111 7.45 -24.99 40.61
CA SER D 111 7.61 -23.82 41.47
C SER D 111 9.00 -23.74 42.11
N SER D 112 9.70 -24.86 42.22
CA SER D 112 11.04 -24.85 42.77
C SER D 112 11.77 -26.11 42.32
N LEU D 113 13.08 -25.98 42.19
CA LEU D 113 14.01 -27.04 41.80
C LEU D 113 15.17 -27.05 42.80
N GLU D 114 15.46 -28.20 43.38
CA GLU D 114 16.62 -28.31 44.26
CA GLU D 114 16.61 -28.32 44.27
C GLU D 114 17.74 -29.01 43.51
N ARG D 115 18.77 -28.27 43.16
CA ARG D 115 19.94 -28.83 42.51
C ARG D 115 20.81 -29.59 43.52
N PHE D 116 21.12 -30.86 43.24
CA PHE D 116 21.91 -31.65 44.20
C PHE D 116 22.87 -32.54 43.43
N GLU D 117 23.94 -32.94 44.11
CA GLU D 117 25.02 -33.68 43.46
C GLU D 117 24.66 -35.15 43.38
N ILE D 118 24.00 -35.53 42.29
CA ILE D 118 23.53 -36.90 42.17
C ILE D 118 24.69 -37.89 42.10
N PHE D 119 25.75 -37.57 41.34
CA PHE D 119 26.94 -38.42 41.24
C PHE D 119 28.16 -37.54 41.46
N PRO D 120 28.64 -37.42 42.70
CA PRO D 120 29.81 -36.56 42.96
C PRO D 120 31.00 -36.89 42.06
N LYS D 121 31.53 -35.88 41.38
CA LYS D 121 32.66 -36.09 40.47
C LYS D 121 33.82 -36.76 41.19
N GLU D 122 34.04 -36.37 42.45
CA GLU D 122 35.20 -36.77 43.24
CA GLU D 122 35.24 -36.79 43.15
C GLU D 122 35.22 -38.27 43.55
N SER D 123 34.04 -38.89 43.62
CA SER D 123 33.92 -40.22 44.20
C SER D 123 33.16 -41.25 43.37
N SER D 124 32.42 -40.83 42.34
CA SER D 124 31.51 -41.75 41.67
C SER D 124 32.19 -42.61 40.61
N TRP D 125 33.35 -42.20 40.10
CA TRP D 125 33.93 -42.79 38.90
C TRP D 125 35.39 -43.17 39.12
N PRO D 126 35.64 -44.12 40.03
CA PRO D 126 37.04 -44.42 40.38
C PRO D 126 37.87 -45.00 39.25
N ASN D 127 37.24 -45.55 38.21
CA ASN D 127 37.96 -46.24 37.15
C ASN D 127 37.99 -45.45 35.84
N HIS D 128 37.63 -44.18 35.86
CA HIS D 128 37.57 -43.39 34.65
C HIS D 128 38.18 -42.03 34.92
N ASN D 129 38.52 -41.33 33.84
CA ASN D 129 39.19 -40.04 33.96
C ASN D 129 38.11 -38.97 34.05
N THR D 130 38.13 -38.20 35.13
CA THR D 130 37.14 -37.15 35.35
C THR D 130 37.69 -35.77 35.03
N LEU D 131 38.94 -35.66 34.57
CA LEU D 131 39.61 -34.37 34.51
C LEU D 131 39.80 -33.82 33.11
N LYS D 132 39.72 -34.64 32.09
CA LYS D 132 40.04 -34.16 30.75
C LYS D 132 38.84 -33.68 29.98
N GLY D 133 37.65 -33.69 30.58
CA GLY D 133 36.44 -33.45 29.84
C GLY D 133 36.07 -31.99 29.73
N VAL D 134 36.95 -31.21 29.09
CA VAL D 134 36.70 -29.79 28.84
C VAL D 134 36.82 -29.55 27.35
N THR D 135 36.27 -28.44 26.88
CA THR D 135 36.22 -28.18 25.45
C THR D 135 36.18 -26.69 25.18
N ALA D 136 36.81 -26.30 24.06
CA ALA D 136 36.76 -24.93 23.60
C ALA D 136 35.36 -24.52 23.18
N SER D 137 34.47 -25.49 22.87
CA SER D 137 33.08 -25.17 22.60
C SER D 137 32.37 -24.60 23.81
N CYS D 138 32.88 -24.90 25.01
CA CYS D 138 32.29 -24.42 26.25
C CYS D 138 33.32 -23.66 27.08
N SER D 139 33.86 -22.58 26.53
CA SER D 139 34.95 -21.86 27.18
C SER D 139 34.47 -20.97 28.32
N HIS D 140 35.38 -20.69 29.23
CA HIS D 140 35.06 -19.78 30.32
C HIS D 140 36.36 -19.20 30.88
N GLY D 141 36.39 -17.89 31.06
CA GLY D 141 37.62 -17.26 31.52
C GLY D 141 38.81 -17.52 30.61
N GLY D 142 38.58 -17.61 29.31
CA GLY D 142 39.68 -17.84 28.38
C GLY D 142 40.28 -19.23 28.43
N LYS D 143 39.60 -20.19 29.05
CA LYS D 143 40.07 -21.56 29.09
C LYS D 143 38.95 -22.48 28.61
N SER D 144 39.34 -23.65 28.11
CA SER D 144 38.35 -24.67 27.80
C SER D 144 37.68 -25.08 29.10
N SER D 145 36.35 -25.28 29.05
CA SER D 145 35.62 -25.65 30.24
C SER D 145 34.50 -26.61 29.84
N PHE D 146 33.50 -26.76 30.70
CA PHE D 146 32.42 -27.69 30.42
C PHE D 146 31.22 -27.31 31.27
N TYR D 147 30.09 -27.94 30.97
CA TYR D 147 28.85 -27.79 31.72
C TYR D 147 29.08 -28.05 33.21
N ARG D 148 28.33 -27.35 34.05
CA ARG D 148 28.46 -27.54 35.50
C ARG D 148 27.66 -28.73 36.02
N ASN D 149 26.65 -29.20 35.30
CA ASN D 149 25.78 -30.24 35.84
C ASN D 149 26.06 -31.60 35.22
N LEU D 150 27.00 -31.67 34.29
CA LEU D 150 27.35 -32.91 33.60
C LEU D 150 28.85 -33.12 33.69
N LEU D 151 29.28 -34.36 33.43
CA LEU D 151 30.68 -34.75 33.56
C LEU D 151 31.09 -35.60 32.36
N TRP D 152 32.03 -35.09 31.56
CA TRP D 152 32.54 -35.76 30.37
C TRP D 152 33.60 -36.77 30.76
N LEU D 153 33.18 -38.03 30.96
CA LEU D 153 34.10 -39.10 31.32
C LEU D 153 34.92 -39.58 30.13
N THR D 154 36.21 -39.87 30.37
CA THR D 154 37.08 -40.42 29.34
C THR D 154 37.93 -41.54 29.96
N LYS D 155 38.77 -42.16 29.13
CA LYS D 155 39.55 -43.30 29.59
C LYS D 155 40.68 -42.89 30.53
N THR D 156 41.05 -43.81 31.41
CA THR D 156 42.31 -43.70 32.15
C THR D 156 43.28 -44.68 31.51
N GLY D 157 44.48 -44.21 31.21
CA GLY D 157 45.39 -45.03 30.44
C GLY D 157 44.74 -45.34 29.11
N ASP D 158 44.73 -46.62 28.75
CA ASP D 158 44.06 -47.05 27.54
C ASP D 158 42.95 -48.01 27.92
N SER D 159 42.17 -47.63 28.93
CA SER D 159 41.14 -48.50 29.46
C SER D 159 39.90 -47.70 29.78
N TYR D 160 38.74 -48.24 29.41
CA TYR D 160 37.44 -47.68 29.80
C TYR D 160 36.57 -48.88 30.17
N PRO D 161 36.63 -49.30 31.43
CA PRO D 161 35.83 -50.44 31.84
C PRO D 161 34.35 -50.09 31.80
N LYS D 162 33.53 -51.12 31.71
CA LYS D 162 32.10 -50.92 31.78
C LYS D 162 31.75 -50.23 33.09
N LEU D 163 31.08 -49.10 33.02
CA LEU D 163 30.65 -48.45 34.25
C LEU D 163 29.19 -48.77 34.49
N THR D 164 28.82 -48.84 35.77
CA THR D 164 27.43 -49.01 36.19
C THR D 164 27.24 -48.15 37.42
N ASN D 165 26.32 -47.19 37.35
CA ASN D 165 26.07 -46.35 38.51
C ASN D 165 24.57 -46.23 38.67
N SER D 166 24.11 -46.23 39.91
CA SER D 166 22.69 -46.23 40.23
CA SER D 166 22.68 -46.17 40.17
C SER D 166 22.41 -45.10 41.22
N TYR D 167 21.25 -44.47 41.07
CA TYR D 167 20.80 -43.49 42.04
C TYR D 167 19.38 -43.86 42.48
N VAL D 168 19.16 -43.97 43.78
CA VAL D 168 17.83 -44.24 44.31
C VAL D 168 17.22 -42.93 44.75
N ASN D 169 16.06 -42.59 44.21
CA ASN D 169 15.38 -41.35 44.55
C ASN D 169 14.65 -41.47 45.89
N ASN D 170 15.29 -40.98 46.97
CA ASN D 170 14.65 -40.86 48.28
C ASN D 170 14.29 -39.40 48.61
N LYS D 171 14.07 -38.57 47.61
CA LYS D 171 13.76 -37.16 47.82
C LYS D 171 12.29 -36.92 48.16
N GLY D 172 11.42 -37.92 48.03
CA GLY D 172 10.02 -37.65 48.21
C GLY D 172 9.45 -36.76 47.12
N LYS D 173 10.21 -36.58 46.03
CA LYS D 173 9.85 -35.71 44.91
C LYS D 173 10.32 -36.33 43.60
N GLU D 174 9.77 -35.83 42.50
CA GLU D 174 10.31 -36.16 41.18
C GLU D 174 11.71 -35.59 41.08
N VAL D 175 12.62 -36.34 40.47
CA VAL D 175 13.98 -35.87 40.25
C VAL D 175 14.22 -35.79 38.74
N LEU D 176 14.59 -34.62 38.25
CA LEU D 176 14.95 -34.44 36.84
C LEU D 176 16.42 -34.77 36.67
N VAL D 177 16.71 -35.78 35.85
CA VAL D 177 18.09 -36.21 35.58
C VAL D 177 18.39 -35.90 34.13
N LEU D 178 19.51 -35.19 33.87
CA LEU D 178 19.96 -34.90 32.52
C LEU D 178 21.29 -35.59 32.24
N TRP D 179 21.48 -35.98 30.98
CA TRP D 179 22.76 -36.56 30.56
C TRP D 179 22.97 -36.29 29.07
N GLY D 180 24.13 -36.66 28.58
CA GLY D 180 24.46 -36.49 27.19
C GLY D 180 25.16 -37.71 26.65
N VAL D 181 25.14 -37.82 25.32
CA VAL D 181 25.88 -38.84 24.58
C VAL D 181 26.72 -38.11 23.55
N HIS D 182 28.02 -38.39 23.54
CA HIS D 182 28.95 -37.74 22.66
C HIS D 182 29.20 -38.56 21.41
N HIS D 183 29.31 -37.89 20.26
CA HIS D 183 29.48 -38.52 18.96
C HIS D 183 30.76 -38.00 18.31
N PRO D 184 31.86 -38.75 18.40
CA PRO D 184 33.13 -38.34 17.80
C PRO D 184 33.02 -38.17 16.30
N SER D 185 34.03 -37.53 15.73
CA SER D 185 34.08 -37.30 14.30
C SER D 185 34.90 -38.33 13.57
N SER D 186 35.57 -39.24 14.29
CA SER D 186 36.35 -40.28 13.64
C SER D 186 36.51 -41.43 14.60
N SER D 187 36.81 -42.61 14.05
CA SER D 187 37.06 -43.76 14.89
C SER D 187 38.30 -43.54 15.76
N ASN D 188 39.32 -42.88 15.21
CA ASN D 188 40.50 -42.56 16.00
C ASN D 188 40.13 -41.71 17.21
N GLU D 189 39.26 -40.71 17.02
CA GLU D 189 38.83 -39.91 18.15
C GLU D 189 38.07 -40.75 19.18
N GLN D 190 37.20 -41.66 18.70
CA GLN D 190 36.50 -42.58 19.59
C GLN D 190 37.47 -43.37 20.45
N GLN D 191 38.53 -43.91 19.83
CA GLN D 191 39.51 -44.69 20.57
C GLN D 191 40.31 -43.80 21.50
N SER D 192 40.64 -42.59 21.05
CA SER D 192 41.44 -41.68 21.87
C SER D 192 40.70 -41.32 23.17
N LEU D 193 39.39 -41.10 23.07
CA LEU D 193 38.61 -40.68 24.23
C LEU D 193 38.16 -41.85 25.10
N TYR D 194 37.70 -42.94 24.48
CA TYR D 194 37.00 -43.98 25.22
C TYR D 194 37.57 -45.38 25.02
N HIS D 195 38.63 -45.53 24.21
CA HIS D 195 39.26 -46.80 23.85
C HIS D 195 38.36 -47.75 23.06
N ASN D 196 37.17 -48.05 23.60
CA ASN D 196 36.29 -49.03 22.99
C ASN D 196 35.72 -48.52 21.67
N VAL D 197 35.88 -49.32 20.62
CA VAL D 197 35.43 -48.91 19.29
C VAL D 197 33.91 -48.94 19.19
N ASN D 198 33.28 -49.96 19.73
CA ASN D 198 31.84 -50.14 19.65
C ASN D 198 31.30 -50.01 21.08
N ALA D 199 31.06 -48.78 21.47
CA ALA D 199 30.61 -48.43 22.81
C ALA D 199 29.10 -48.27 22.82
N TYR D 200 28.54 -48.18 24.02
CA TYR D 200 27.13 -47.89 24.13
C TYR D 200 26.90 -47.23 25.47
N VAL D 201 25.75 -46.55 25.58
CA VAL D 201 25.24 -45.99 26.82
C VAL D 201 23.84 -46.56 27.02
N SER D 202 23.53 -46.97 28.24
CA SER D 202 22.23 -47.49 28.61
C SER D 202 21.72 -46.69 29.80
N VAL D 203 20.46 -46.25 29.77
CA VAL D 203 19.88 -45.50 30.89
C VAL D 203 18.49 -46.06 31.13
N VAL D 204 18.27 -46.64 32.32
CA VAL D 204 17.04 -47.38 32.61
C VAL D 204 16.54 -47.07 34.02
N SER D 205 15.25 -46.77 34.12
CA SER D 205 14.52 -46.67 35.38
C SER D 205 13.36 -47.66 35.33
N SER D 206 12.35 -47.49 36.19
CA SER D 206 11.17 -48.34 36.09
C SER D 206 10.25 -47.93 34.97
N ASN D 207 10.38 -46.71 34.47
CA ASN D 207 9.53 -46.33 33.35
C ASN D 207 10.32 -45.60 32.25
N TYR D 208 11.66 -45.63 32.29
CA TYR D 208 12.52 -45.10 31.24
C TYR D 208 13.51 -46.19 30.88
N ASN D 209 13.80 -46.32 29.58
CA ASN D 209 14.61 -47.43 29.09
C ASN D 209 15.08 -47.07 27.69
N ARG D 210 16.32 -46.63 27.57
CA ARG D 210 16.82 -46.24 26.26
C ARG D 210 18.27 -46.62 26.13
N ARG D 211 18.69 -47.03 24.93
CA ARG D 211 20.09 -47.35 24.64
CA ARG D 211 20.08 -47.34 24.64
C ARG D 211 20.61 -46.43 23.54
N PHE D 212 21.82 -45.91 23.72
CA PHE D 212 22.42 -44.99 22.78
C PHE D 212 23.71 -45.58 22.22
N THR D 213 23.87 -45.54 20.89
CA THR D 213 25.16 -45.89 20.33
C THR D 213 25.74 -44.69 19.57
N PRO D 214 27.04 -44.44 19.69
CA PRO D 214 27.66 -43.34 18.94
C PRO D 214 27.45 -43.53 17.45
N GLU D 215 27.28 -42.41 16.75
CA GLU D 215 27.09 -42.38 15.30
C GLU D 215 28.15 -41.44 14.77
N ILE D 216 29.21 -42.04 14.27
CA ILE D 216 30.44 -41.36 13.89
C ILE D 216 30.37 -41.12 12.39
N ALA D 217 30.49 -39.86 11.99
CA ALA D 217 30.42 -39.47 10.59
C ALA D 217 30.98 -38.06 10.44
N ALA D 218 31.24 -37.71 9.19
CA ALA D 218 31.60 -36.34 8.83
C ALA D 218 30.39 -35.41 8.96
N ARG D 219 30.58 -34.29 9.63
CA ARG D 219 29.51 -33.33 9.89
C ARG D 219 30.02 -31.91 9.68
N PRO D 220 29.16 -30.97 9.31
CA PRO D 220 29.59 -29.58 9.25
C PRO D 220 29.94 -29.08 10.65
N LYS D 221 30.93 -28.21 10.71
CA LYS D 221 31.28 -27.60 11.98
C LYS D 221 30.17 -26.64 12.39
N VAL D 222 29.73 -26.76 13.63
CA VAL D 222 28.83 -25.81 14.27
C VAL D 222 29.68 -25.14 15.35
N ARG D 223 29.85 -23.82 15.23
CA ARG D 223 30.81 -23.09 16.06
C ARG D 223 32.14 -23.83 16.13
N ASP D 224 32.64 -24.21 14.95
CA ASP D 224 33.94 -24.82 14.76
C ASP D 224 34.03 -26.24 15.30
N GLN D 225 32.92 -26.88 15.63
CA GLN D 225 32.93 -28.21 16.22
C GLN D 225 32.23 -29.23 15.32
N PRO D 226 32.97 -30.20 14.75
CA PRO D 226 32.31 -31.24 13.93
C PRO D 226 31.75 -32.39 14.74
N GLY D 227 32.13 -32.52 16.01
CA GLY D 227 31.50 -33.51 16.86
C GLY D 227 30.09 -33.07 17.20
N ARG D 228 29.32 -33.98 17.82
CA ARG D 228 28.01 -33.65 18.37
C ARG D 228 27.87 -34.28 19.75
N MET D 229 26.98 -33.67 20.53
CA MET D 229 26.64 -34.16 21.84
C MET D 229 25.14 -34.00 21.98
N ASN D 230 24.41 -35.11 22.06
CA ASN D 230 22.94 -35.03 22.20
C ASN D 230 22.61 -35.12 23.69
N TYR D 231 21.56 -34.41 24.09
CA TYR D 231 21.19 -34.28 25.49
C TYR D 231 19.85 -34.94 25.74
N TYR D 232 19.74 -35.63 26.88
CA TYR D 232 18.53 -36.38 27.20
C TYR D 232 18.13 -36.12 28.64
N TRP D 233 16.88 -36.42 28.94
CA TRP D 233 16.38 -36.20 30.28
C TRP D 233 15.26 -37.19 30.57
N THR D 234 15.02 -37.39 31.87
CA THR D 234 13.86 -38.13 32.32
C THR D 234 13.52 -37.64 33.72
N LEU D 235 12.26 -37.84 34.10
CA LEU D 235 11.78 -37.60 35.44
C LEU D 235 11.78 -38.93 36.17
N LEU D 236 12.56 -39.01 37.24
CA LEU D 236 12.66 -40.19 38.06
C LEU D 236 11.63 -40.09 39.18
N GLU D 237 10.67 -41.02 39.22
CA GLU D 237 9.60 -40.93 40.21
C GLU D 237 10.17 -41.13 41.63
N PRO D 238 9.48 -40.60 42.64
CA PRO D 238 9.86 -40.86 44.03
C PRO D 238 9.94 -42.36 44.28
N GLY D 239 11.01 -42.80 44.93
CA GLY D 239 11.20 -44.21 45.22
C GLY D 239 11.81 -45.03 44.10
N ASP D 240 11.91 -44.49 42.89
CA ASP D 240 12.43 -45.27 41.78
C ASP D 240 13.95 -45.17 41.72
N THR D 241 14.56 -46.11 41.00
CA THR D 241 16.00 -46.12 40.79
C THR D 241 16.30 -45.91 39.31
N ILE D 242 17.35 -45.14 39.01
CA ILE D 242 17.82 -45.00 37.64
C ILE D 242 19.24 -45.58 37.56
N ILE D 243 19.50 -46.36 36.53
CA ILE D 243 20.79 -47.03 36.39
C ILE D 243 21.42 -46.64 35.08
N PHE D 244 22.63 -46.08 35.14
CA PHE D 244 23.46 -45.73 34.00
C PHE D 244 24.49 -46.83 33.79
N GLU D 245 24.61 -47.30 32.55
CA GLU D 245 25.60 -48.30 32.16
C GLU D 245 26.21 -47.85 30.84
N ALA D 246 27.55 -47.87 30.72
CA ALA D 246 28.23 -47.34 29.54
C ALA D 246 29.63 -47.95 29.36
N THR D 247 30.00 -48.16 28.09
CA THR D 247 31.37 -48.52 27.72
C THR D 247 32.05 -47.39 26.95
N GLY D 248 31.43 -46.21 26.93
CA GLY D 248 32.04 -45.04 26.35
C GLY D 248 30.98 -43.99 26.08
N ASN D 249 31.45 -42.77 25.80
CA ASN D 249 30.64 -41.70 25.21
C ASN D 249 29.59 -41.11 26.14
N LEU D 250 29.54 -41.53 27.41
CA LEU D 250 28.55 -40.99 28.31
C LEU D 250 28.99 -39.63 28.86
N ILE D 251 28.13 -38.63 28.72
CA ILE D 251 28.29 -37.38 29.44
C ILE D 251 27.42 -37.51 30.68
N ALA D 252 28.03 -37.89 31.75
CA ALA D 252 27.29 -38.38 32.89
C ALA D 252 26.60 -37.25 33.67
N PRO D 253 25.47 -37.56 34.31
CA PRO D 253 24.92 -36.63 35.30
C PRO D 253 25.94 -36.39 36.40
N TRP D 254 26.10 -35.13 36.76
CA TRP D 254 26.83 -34.72 37.96
C TRP D 254 25.90 -34.09 39.00
N TYR D 255 25.10 -33.11 38.59
CA TYR D 255 24.02 -32.56 39.40
C TYR D 255 22.69 -32.86 38.74
N ALA D 256 21.67 -33.11 39.56
CA ALA D 256 20.30 -33.30 39.09
C ALA D 256 19.39 -32.40 39.93
N PHE D 257 18.07 -32.49 39.72
CA PHE D 257 17.14 -31.51 40.30
C PHE D 257 15.95 -32.21 40.91
N ALA D 258 15.69 -31.99 42.22
CA ALA D 258 14.46 -32.43 42.85
C ALA D 258 13.38 -31.36 42.68
N LEU D 259 12.23 -31.72 42.11
CA LEU D 259 11.21 -30.74 41.72
C LEU D 259 10.10 -30.57 42.74
N SER D 260 9.67 -29.33 42.93
CA SER D 260 8.43 -29.01 43.62
C SER D 260 7.43 -28.45 42.62
N ARG D 261 6.26 -29.07 42.53
CA ARG D 261 5.23 -28.66 41.59
C ARG D 261 4.42 -27.50 42.14
N GLY D 262 4.04 -26.56 41.27
CA GLY D 262 3.25 -25.42 41.67
C GLY D 262 2.13 -25.14 40.67
N PHE D 263 1.33 -24.14 41.01
CA PHE D 263 0.16 -23.78 40.23
C PHE D 263 0.32 -22.36 39.72
N GLY D 264 -0.07 -22.13 38.46
CA GLY D 264 -0.11 -20.78 37.94
C GLY D 264 1.21 -20.21 37.45
N SER D 265 2.25 -21.03 37.34
CA SER D 265 3.54 -20.60 36.81
C SER D 265 3.55 -20.78 35.29
N SER D 266 4.57 -20.21 34.65
CA SER D 266 4.75 -20.35 33.21
C SER D 266 6.13 -19.86 32.82
N ILE D 267 6.45 -20.03 31.53
CA ILE D 267 7.65 -19.49 30.91
C ILE D 267 7.23 -18.47 29.87
N ILE D 268 7.82 -17.26 29.92
CA ILE D 268 7.53 -16.23 28.94
C ILE D 268 8.83 -15.69 28.37
N ILE D 269 8.72 -15.00 27.24
CA ILE D 269 9.83 -14.28 26.63
C ILE D 269 9.57 -12.81 26.79
N SER D 270 10.52 -12.08 27.38
CA SER D 270 10.32 -10.67 27.59
C SER D 270 11.67 -9.95 27.66
N ASN D 271 11.71 -8.73 27.13
CA ASN D 271 12.88 -7.87 27.29
C ASN D 271 12.63 -6.75 28.27
N ALA D 272 11.52 -6.79 29.00
CA ALA D 272 11.27 -5.82 30.05
C ALA D 272 12.18 -6.10 31.24
N SER D 273 12.39 -5.08 32.05
CA SER D 273 13.33 -5.18 33.16
C SER D 273 12.60 -5.44 34.47
N MET D 274 13.27 -6.13 35.37
CA MET D 274 12.74 -6.39 36.70
C MET D 274 12.82 -5.12 37.53
N HIS D 275 11.76 -4.84 38.28
CA HIS D 275 11.71 -3.70 39.18
C HIS D 275 11.15 -4.19 40.52
N GLU D 276 11.20 -3.34 41.53
CA GLU D 276 10.72 -3.75 42.86
C GLU D 276 9.22 -3.44 42.98
N CYS D 277 8.43 -4.16 42.21
CA CYS D 277 6.99 -4.02 42.22
C CYS D 277 6.35 -5.38 42.45
N ASN D 278 5.11 -5.34 42.91
CA ASN D 278 4.32 -6.53 43.10
C ASN D 278 3.04 -6.39 42.30
N THR D 279 2.59 -7.48 41.70
CA THR D 279 1.41 -7.45 40.86
C THR D 279 0.60 -8.71 41.05
N LYS D 280 -0.69 -8.62 40.74
CA LYS D 280 -1.51 -9.80 40.63
C LYS D 280 -1.58 -10.30 39.20
N CYS D 281 -1.09 -9.51 38.24
CA CYS D 281 -1.20 -9.85 36.82
C CYS D 281 0.07 -9.37 36.10
N GLN D 282 0.75 -10.30 35.44
CA GLN D 282 1.97 -10.00 34.72
C GLN D 282 1.81 -10.39 33.25
N THR D 283 2.24 -9.51 32.36
CA THR D 283 2.35 -9.81 30.95
C THR D 283 3.79 -9.58 30.49
N PRO D 284 4.18 -10.10 29.33
CA PRO D 284 5.56 -9.88 28.85
C PRO D 284 5.89 -8.41 28.60
N GLN D 285 4.88 -7.55 28.41
CA GLN D 285 5.14 -6.14 28.19
C GLN D 285 5.18 -5.33 29.48
N GLY D 286 4.59 -5.86 30.56
CA GLY D 286 4.51 -5.13 31.81
C GLY D 286 3.39 -5.68 32.66
N ALA D 287 3.36 -5.23 33.90
CA ALA D 287 2.36 -5.69 34.86
C ALA D 287 1.08 -4.87 34.76
N ILE D 288 -0.05 -5.49 35.09
CA ILE D 288 -1.37 -4.87 35.02
C ILE D 288 -1.95 -4.79 36.42
N ASN D 289 -2.44 -3.61 36.78
CA ASN D 289 -3.14 -3.34 38.04
C ASN D 289 -4.52 -2.82 37.69
N SER D 290 -5.51 -3.71 37.62
CA SER D 290 -6.80 -3.33 37.08
C SER D 290 -7.87 -4.28 37.59
N SER D 291 -9.10 -3.77 37.64
CA SER D 291 -10.28 -4.59 37.89
C SER D 291 -11.17 -4.67 36.65
N LEU D 292 -10.72 -4.11 35.53
CA LEU D 292 -11.53 -4.13 34.33
C LEU D 292 -11.64 -5.54 33.76
N PRO D 293 -12.72 -5.85 33.05
CA PRO D 293 -12.90 -7.22 32.54
C PRO D 293 -12.00 -7.59 31.37
N PHE D 294 -11.58 -6.63 30.56
CA PHE D 294 -10.83 -6.91 29.33
C PHE D 294 -9.52 -6.15 29.31
N GLN D 295 -8.60 -6.63 28.48
CA GLN D 295 -7.34 -5.95 28.25
C GLN D 295 -6.89 -6.20 26.82
N ASN D 296 -6.17 -5.24 26.23
CA ASN D 296 -5.63 -5.39 24.89
C ASN D 296 -4.12 -5.29 24.89
N ILE D 297 -3.48 -5.59 26.01
CA ILE D 297 -2.04 -5.42 26.14
C ILE D 297 -1.30 -6.64 25.62
N HIS D 298 -1.71 -7.83 26.03
CA HIS D 298 -0.96 -8.97 25.54
C HIS D 298 -1.78 -10.24 25.72
N PRO D 299 -1.76 -11.18 24.76
CA PRO D 299 -2.45 -12.45 24.99
C PRO D 299 -1.77 -13.33 26.03
N VAL D 300 -0.49 -13.15 26.29
CA VAL D 300 0.24 -13.96 27.29
C VAL D 300 0.17 -13.27 28.64
N THR D 301 -0.38 -13.95 29.65
CA THR D 301 -0.55 -13.36 30.96
C THR D 301 -0.17 -14.37 32.02
N ILE D 302 0.19 -13.85 33.20
CA ILE D 302 0.47 -14.67 34.37
C ILE D 302 -0.33 -14.12 35.54
N GLY D 303 -0.98 -15.00 36.29
CA GLY D 303 -1.73 -14.58 37.47
C GLY D 303 -3.22 -14.46 37.22
N GLU D 304 -3.83 -13.41 37.79
CA GLU D 304 -5.25 -13.11 37.60
CA GLU D 304 -5.24 -13.12 37.59
C GLU D 304 -5.35 -11.84 36.77
N CYS D 305 -5.77 -11.98 35.52
CA CYS D 305 -5.67 -10.94 34.52
C CYS D 305 -7.00 -10.75 33.82
N PRO D 306 -7.25 -9.57 33.25
CA PRO D 306 -8.41 -9.39 32.39
C PRO D 306 -8.26 -10.19 31.11
N LYS D 307 -9.39 -10.51 30.51
CA LYS D 307 -9.43 -11.31 29.30
C LYS D 307 -8.85 -10.53 28.12
N TYR D 308 -7.97 -11.17 27.34
CA TYR D 308 -7.34 -10.50 26.19
C TYR D 308 -8.30 -10.42 25.01
N VAL D 309 -8.38 -9.23 24.39
CA VAL D 309 -9.19 -9.04 23.19
C VAL D 309 -8.45 -8.15 22.21
N ARG D 310 -8.87 -8.21 20.95
CA ARG D 310 -8.26 -7.36 19.92
C ARG D 310 -8.82 -5.94 19.91
N SER D 311 -9.84 -5.67 20.74
CA SER D 311 -10.54 -4.39 20.69
C SER D 311 -9.61 -3.23 21.04
N THR D 312 -9.91 -2.08 20.45
CA THR D 312 -9.27 -0.83 20.83
C THR D 312 -10.19 0.10 21.61
N LYS D 313 -11.48 -0.22 21.72
CA LYS D 313 -12.37 0.54 22.56
C LYS D 313 -13.54 -0.33 23.00
N LEU D 314 -13.78 -0.38 24.30
CA LEU D 314 -14.96 -1.04 24.87
C LEU D 314 -15.47 -0.14 25.98
N ARG D 315 -16.48 0.68 25.68
CA ARG D 315 -17.01 1.63 26.65
C ARG D 315 -18.51 1.49 26.71
N MET D 316 -19.03 1.23 27.91
CA MET D 316 -20.45 1.10 28.15
C MET D 316 -21.00 2.41 28.68
N VAL D 317 -22.07 2.91 28.04
CA VAL D 317 -22.75 4.09 28.55
C VAL D 317 -23.52 3.70 29.80
N THR D 318 -23.39 4.49 30.85
CA THR D 318 -24.18 4.32 32.06
C THR D 318 -25.20 5.43 32.24
N GLY D 319 -24.86 6.65 31.86
CA GLY D 319 -25.75 7.78 31.94
C GLY D 319 -26.60 7.93 30.69
N LEU D 320 -26.97 9.17 30.40
CA LEU D 320 -27.87 9.51 29.31
C LEU D 320 -27.09 10.17 28.18
N ARG D 321 -27.73 10.32 27.02
CA ARG D 321 -27.20 11.20 26.00
C ARG D 321 -27.03 12.61 26.59
N ASN D 322 -25.85 13.19 26.36
CA ASN D 322 -25.54 14.52 26.87
C ASN D 322 -26.03 15.55 25.87
N ILE D 323 -27.12 16.25 26.21
CA ILE D 323 -27.65 17.28 25.33
C ILE D 323 -27.75 18.60 26.07
N PRO D 324 -26.64 19.33 26.25
CA PRO D 324 -26.63 20.63 26.94
C PRO D 324 -26.94 21.81 26.01
N GLY D 330 -35.19 8.73 19.19
CA GLY D 330 -35.29 7.83 20.32
C GLY D 330 -36.43 6.83 20.19
N LEU D 331 -36.31 5.73 20.90
CA LEU D 331 -37.30 4.67 20.76
C LEU D 331 -38.60 5.00 21.49
N PHE D 332 -38.53 5.80 22.56
CA PHE D 332 -39.72 6.16 23.32
C PHE D 332 -40.15 7.62 23.15
N GLY D 333 -39.34 8.46 22.55
CA GLY D 333 -39.77 9.79 22.16
C GLY D 333 -39.50 10.91 23.15
N ALA D 334 -38.98 10.62 24.34
CA ALA D 334 -38.76 11.67 25.34
C ALA D 334 -37.43 12.39 25.13
N ILE D 335 -36.32 11.71 25.43
CA ILE D 335 -35.00 12.31 25.27
C ILE D 335 -34.75 12.61 23.80
N ALA D 336 -34.24 13.80 23.52
CA ALA D 336 -34.10 14.29 22.16
C ALA D 336 -35.44 14.25 21.44
N GLY D 337 -36.52 14.31 22.21
CA GLY D 337 -37.87 14.26 21.68
C GLY D 337 -38.69 15.43 22.16
N PHE D 338 -39.80 15.19 22.88
CA PHE D 338 -40.60 16.30 23.35
C PHE D 338 -39.93 17.05 24.50
N ILE D 339 -39.06 16.41 25.26
CA ILE D 339 -38.14 17.12 26.15
C ILE D 339 -36.81 17.19 25.40
N GLU D 340 -36.64 18.31 24.67
CA GLU D 340 -35.60 18.38 23.63
C GLU D 340 -34.19 18.39 24.18
N GLY D 341 -34.00 18.70 25.46
CA GLY D 341 -32.66 18.84 26.00
C GLY D 341 -32.60 18.58 27.49
N GLY D 342 -31.36 18.40 27.97
CA GLY D 342 -31.10 18.18 29.37
C GLY D 342 -30.75 19.46 30.10
N TRP D 343 -30.67 19.34 31.42
CA TRP D 343 -30.44 20.48 32.30
C TRP D 343 -29.04 20.37 32.89
N THR D 344 -28.18 21.33 32.53
CA THR D 344 -26.93 21.48 33.27
C THR D 344 -27.21 21.83 34.73
N GLY D 345 -28.33 22.49 34.99
CA GLY D 345 -28.66 22.98 36.32
C GLY D 345 -29.03 21.91 37.32
N MET D 346 -29.48 20.74 36.86
CA MET D 346 -29.87 19.70 37.81
C MET D 346 -28.62 18.85 38.09
N ILE D 347 -27.99 19.10 39.23
CA ILE D 347 -26.68 18.52 39.52
C ILE D 347 -26.75 17.35 40.48
N ASP D 348 -27.93 16.93 40.92
CA ASP D 348 -28.01 15.88 41.93
C ASP D 348 -28.70 14.60 41.48
N GLY D 349 -29.11 14.49 40.22
CA GLY D 349 -29.74 13.24 39.78
C GLY D 349 -29.92 13.22 38.28
N TRP D 350 -30.26 12.04 37.77
CA TRP D 350 -30.41 11.84 36.33
C TRP D 350 -31.73 12.39 35.81
N TYR D 351 -32.81 12.18 36.56
CA TYR D 351 -34.12 12.71 36.26
C TYR D 351 -34.60 13.50 37.47
N GLY D 352 -35.38 14.55 37.23
CA GLY D 352 -35.87 15.32 38.35
C GLY D 352 -36.85 16.38 37.94
N TYR D 353 -36.98 17.38 38.79
CA TYR D 353 -37.96 18.44 38.63
C TYR D 353 -37.32 19.80 38.80
N HIS D 354 -37.94 20.78 38.14
CA HIS D 354 -37.50 22.17 38.15
C HIS D 354 -38.74 23.03 38.28
N HIS D 355 -38.81 23.82 39.36
CA HIS D 355 -40.02 24.55 39.76
C HIS D 355 -39.72 26.03 39.87
N GLN D 356 -40.79 26.84 39.81
CA GLN D 356 -40.67 28.30 39.98
C GLN D 356 -41.99 28.80 40.58
N ASN D 357 -41.99 28.93 41.91
CA ASN D 357 -43.12 29.42 42.70
C ASN D 357 -42.75 30.78 43.30
N GLU D 358 -43.58 31.25 44.24
CA GLU D 358 -43.32 32.54 44.87
C GLU D 358 -41.96 32.58 45.54
N GLN D 359 -41.46 31.42 45.99
CA GLN D 359 -40.14 31.38 46.64
C GLN D 359 -39.00 31.50 45.63
N GLY D 360 -39.16 30.98 44.42
CA GLY D 360 -38.16 31.14 43.38
C GLY D 360 -37.73 29.88 42.67
N SER D 361 -37.24 30.04 41.45
CA SER D 361 -36.90 28.91 40.57
C SER D 361 -35.85 28.00 41.21
N GLY D 362 -35.96 26.69 40.92
CA GLY D 362 -35.03 25.72 41.46
C GLY D 362 -35.09 24.39 40.74
N TYR D 363 -34.07 23.56 41.01
CA TYR D 363 -33.98 22.18 40.53
C TYR D 363 -33.98 21.21 41.71
N ALA D 364 -34.61 20.06 41.53
CA ALA D 364 -34.63 18.99 42.53
C ALA D 364 -34.65 17.63 41.86
N ALA D 365 -33.84 16.71 42.35
CA ALA D 365 -33.78 15.36 41.78
C ALA D 365 -34.87 14.47 42.38
N ASP D 366 -35.47 13.62 41.53
CA ASP D 366 -36.41 12.59 41.99
C ASP D 366 -35.61 11.41 42.52
N GLN D 367 -35.58 11.25 43.85
CA GLN D 367 -34.67 10.27 44.44
C GLN D 367 -35.03 8.83 44.07
N LYS D 368 -36.32 8.55 43.85
CA LYS D 368 -36.78 7.18 43.58
C LYS D 368 -36.58 6.72 42.13
N SER D 369 -37.05 7.50 41.15
CA SER D 369 -36.91 7.09 39.75
C SER D 369 -35.44 7.06 39.35
N THR D 370 -34.68 8.04 39.81
CA THR D 370 -33.24 8.07 39.56
C THR D 370 -32.54 6.86 40.15
N GLN D 371 -32.85 6.52 41.41
CA GLN D 371 -32.17 5.41 42.06
C GLN D 371 -32.58 4.06 41.46
N ASN D 372 -33.82 3.95 40.97
CA ASN D 372 -34.23 2.71 40.30
C ASN D 372 -33.48 2.54 38.98
N ALA D 373 -33.20 3.65 38.28
CA ALA D 373 -32.41 3.57 37.06
C ALA D 373 -30.96 3.27 37.39
N ILE D 374 -30.43 3.88 38.46
CA ILE D 374 -29.06 3.59 38.87
C ILE D 374 -28.92 2.13 39.24
N ASN D 375 -29.92 1.58 39.95
CA ASN D 375 -29.84 0.17 40.34
C ASN D 375 -29.84 -0.73 39.11
N GLY D 376 -30.68 -0.44 38.13
CA GLY D 376 -30.70 -1.26 36.93
C GLY D 376 -29.41 -1.18 36.15
N ILE D 377 -28.91 0.04 35.94
CA ILE D 377 -27.68 0.22 35.17
C ILE D 377 -26.47 -0.31 35.93
N THR D 378 -26.41 -0.09 37.24
CA THR D 378 -25.31 -0.66 38.02
C THR D 378 -25.34 -2.18 37.97
N ASN D 379 -26.54 -2.78 38.03
CA ASN D 379 -26.64 -4.23 37.95
C ASN D 379 -26.26 -4.74 36.56
N LYS D 380 -26.66 -4.02 35.50
CA LYS D 380 -26.32 -4.49 34.17
C LYS D 380 -24.81 -4.49 33.96
N VAL D 381 -24.13 -3.43 34.41
CA VAL D 381 -22.69 -3.40 34.23
C VAL D 381 -22.02 -4.51 35.04
N ASN D 382 -22.43 -4.69 36.29
CA ASN D 382 -21.84 -5.75 37.09
C ASN D 382 -22.17 -7.13 36.54
N SER D 383 -23.38 -7.32 35.99
CA SER D 383 -23.72 -8.62 35.43
C SER D 383 -22.83 -8.93 34.25
N VAL D 384 -22.54 -7.93 33.42
CA VAL D 384 -21.68 -8.14 32.26
C VAL D 384 -20.27 -8.52 32.69
N ILE D 385 -19.70 -7.79 33.66
CA ILE D 385 -18.33 -8.07 34.07
C ILE D 385 -18.22 -9.48 34.66
N GLU D 386 -19.22 -9.88 35.46
CA GLU D 386 -19.20 -11.19 36.10
C GLU D 386 -19.18 -12.32 35.08
N LYS D 387 -19.86 -12.13 33.94
CA LYS D 387 -19.89 -13.16 32.91
C LYS D 387 -18.54 -13.31 32.21
N MET D 388 -17.69 -12.28 32.27
CA MET D 388 -16.37 -12.28 31.64
C MET D 388 -15.37 -12.79 32.66
N ASN D 389 -15.23 -14.10 32.72
CA ASN D 389 -14.40 -14.71 33.74
C ASN D 389 -12.95 -14.33 33.55
N THR D 390 -12.25 -14.22 34.67
CA THR D 390 -10.85 -13.84 34.69
C THR D 390 -10.03 -14.78 33.78
N GLN D 391 -8.99 -14.22 33.17
CA GLN D 391 -8.04 -15.02 32.41
C GLN D 391 -6.88 -15.38 33.34
N PHE D 392 -6.69 -16.67 33.61
CA PHE D 392 -5.60 -17.09 34.48
C PHE D 392 -4.34 -17.38 33.64
N THR D 393 -3.25 -17.78 34.31
CA THR D 393 -1.97 -17.94 33.65
C THR D 393 -2.10 -18.76 32.38
N THR D 394 -1.73 -18.16 31.24
CA THR D 394 -1.72 -18.92 30.00
C THR D 394 -0.42 -19.69 29.90
N VAL D 395 -0.48 -20.93 29.43
CA VAL D 395 0.71 -21.76 29.31
C VAL D 395 1.27 -21.60 27.91
N GLY D 396 2.50 -21.10 27.80
CA GLY D 396 3.14 -21.02 26.49
C GLY D 396 3.22 -22.39 25.84
N LYS D 397 3.27 -22.40 24.51
CA LYS D 397 3.37 -23.64 23.76
C LYS D 397 4.44 -23.47 22.67
N GLU D 398 5.45 -24.32 22.71
CA GLU D 398 6.54 -24.30 21.73
CA GLU D 398 6.54 -24.31 21.74
C GLU D 398 6.65 -25.67 21.05
N PHE D 399 7.07 -25.64 19.79
CA PHE D 399 7.09 -26.80 18.91
C PHE D 399 8.40 -26.80 18.13
N ASN D 400 8.96 -27.99 17.87
CA ASN D 400 10.20 -28.05 17.13
C ASN D 400 9.92 -28.05 15.61
N ASN D 401 10.97 -28.18 14.82
CA ASN D 401 10.80 -27.94 13.39
C ASN D 401 10.13 -29.11 12.65
N LEU D 402 9.78 -30.21 13.34
CA LEU D 402 8.98 -31.29 12.79
C LEU D 402 7.61 -31.36 13.48
N GLU D 403 7.16 -30.27 14.06
CA GLU D 403 5.85 -30.22 14.71
C GLU D 403 5.07 -29.02 14.20
N LYS D 404 5.25 -28.73 12.92
CA LYS D 404 4.58 -27.59 12.30
C LYS D 404 3.07 -27.74 12.31
N ARG D 405 2.55 -28.96 12.11
CA ARG D 405 1.11 -29.15 12.14
C ARG D 405 0.55 -28.88 13.54
N MET D 406 1.16 -29.46 14.55
CA MET D 406 0.73 -29.16 15.91
C MET D 406 0.84 -27.67 16.20
N GLU D 407 1.90 -27.02 15.70
CA GLU D 407 2.06 -25.58 15.91
C GLU D 407 0.90 -24.81 15.31
N ASN D 408 0.50 -25.18 14.10
CA ASN D 408 -0.59 -24.48 13.44
C ASN D 408 -1.95 -24.78 14.07
N LEU D 409 -2.14 -26.00 14.56
CA LEU D 409 -3.36 -26.31 15.30
C LEU D 409 -3.47 -25.46 16.56
N ASN D 410 -2.39 -25.38 17.32
CA ASN D 410 -2.37 -24.51 18.50
C ASN D 410 -2.71 -23.07 18.14
N LYS D 411 -2.18 -22.58 17.03
CA LYS D 411 -2.45 -21.22 16.58
C LYS D 411 -3.90 -21.05 16.17
N LYS D 412 -4.45 -22.04 15.45
CA LYS D 412 -5.86 -21.99 15.06
C LYS D 412 -6.75 -21.93 16.28
N VAL D 413 -6.39 -22.68 17.32
CA VAL D 413 -7.13 -22.66 18.59
C VAL D 413 -7.07 -21.28 19.22
N ASP D 414 -5.86 -20.74 19.38
CA ASP D 414 -5.72 -19.44 20.04
C ASP D 414 -6.40 -18.33 19.25
N ASP D 415 -6.16 -18.29 17.93
CA ASP D 415 -6.78 -17.27 17.09
C ASP D 415 -8.30 -17.41 17.10
N GLY D 416 -8.79 -18.66 17.07
CA GLY D 416 -10.23 -18.88 17.04
C GLY D 416 -10.92 -18.44 18.31
N PHE D 417 -10.35 -18.77 19.46
CA PHE D 417 -10.95 -18.29 20.72
C PHE D 417 -10.91 -16.77 20.78
N LEU D 418 -9.77 -16.19 20.37
CA LEU D 418 -9.65 -14.72 20.40
C LEU D 418 -10.68 -14.04 19.49
N ASP D 419 -10.92 -14.60 18.29
CA ASP D 419 -11.97 -14.06 17.42
C ASP D 419 -13.31 -14.01 18.15
N ILE D 420 -13.65 -15.11 18.82
CA ILE D 420 -14.97 -15.23 19.44
C ILE D 420 -15.10 -14.29 20.63
N TRP D 421 -14.08 -14.19 21.47
CA TRP D 421 -14.19 -13.30 22.62
C TRP D 421 -14.17 -11.84 22.21
N THR D 422 -13.42 -11.48 21.18
CA THR D 422 -13.44 -10.09 20.73
C THR D 422 -14.82 -9.73 20.18
N TYR D 423 -15.40 -10.63 19.40
CA TYR D 423 -16.75 -10.46 18.87
C TYR D 423 -17.78 -10.39 19.99
N ASN D 424 -17.71 -11.30 20.96
CA ASN D 424 -18.67 -11.30 22.06
C ASN D 424 -18.65 -9.98 22.83
N ALA D 425 -17.46 -9.51 23.20
CA ALA D 425 -17.36 -8.31 24.02
C ALA D 425 -17.86 -7.09 23.27
N GLU D 426 -17.41 -6.91 22.03
CA GLU D 426 -17.78 -5.71 21.30
C GLU D 426 -19.26 -5.69 21.00
N LEU D 427 -19.81 -6.82 20.59
CA LEU D 427 -21.22 -6.90 20.24
C LEU D 427 -22.11 -6.71 21.47
N LEU D 428 -21.75 -7.32 22.60
CA LEU D 428 -22.54 -7.15 23.81
C LEU D 428 -22.59 -5.68 24.23
N VAL D 429 -21.44 -5.00 24.16
CA VAL D 429 -21.40 -3.59 24.56
C VAL D 429 -22.25 -2.75 23.62
N LEU D 430 -22.14 -2.99 22.31
CA LEU D 430 -22.94 -2.25 21.33
C LEU D 430 -24.42 -2.48 21.56
N LEU D 431 -24.81 -3.75 21.73
CA LEU D 431 -26.21 -4.10 21.94
C LEU D 431 -26.74 -3.49 23.24
N GLU D 432 -25.98 -3.62 24.32
CA GLU D 432 -26.44 -3.11 25.61
C GLU D 432 -26.38 -1.59 25.70
N ASN D 433 -25.46 -0.95 24.99
CA ASN D 433 -25.44 0.51 24.96
C ASN D 433 -26.74 1.04 24.38
N GLU D 434 -27.21 0.41 23.31
CA GLU D 434 -28.47 0.82 22.69
C GLU D 434 -29.64 0.64 23.66
N ARG D 435 -29.67 -0.49 24.36
CA ARG D 435 -30.73 -0.75 25.33
C ARG D 435 -30.67 0.21 26.51
N THR D 436 -29.48 0.64 26.92
CA THR D 436 -29.35 1.56 28.05
C THR D 436 -29.92 2.92 27.69
N LEU D 437 -29.62 3.42 26.50
CA LEU D 437 -30.19 4.67 26.05
C LEU D 437 -31.71 4.59 25.97
N ASP D 438 -32.22 3.48 25.42
CA ASP D 438 -33.66 3.26 25.38
C ASP D 438 -34.23 3.20 26.79
N PHE D 439 -33.46 2.64 27.74
CA PHE D 439 -33.89 2.56 29.13
C PHE D 439 -34.15 3.95 29.71
N HIS D 440 -33.18 4.87 29.56
CA HIS D 440 -33.37 6.23 30.06
C HIS D 440 -34.53 6.94 29.36
N ASP D 441 -34.65 6.77 28.04
CA ASP D 441 -35.76 7.35 27.30
C ASP D 441 -37.10 6.93 27.89
N SER D 442 -37.24 5.63 28.19
CA SER D 442 -38.48 5.13 28.78
C SER D 442 -38.72 5.67 30.19
N ASN D 443 -37.67 5.77 31.01
CA ASN D 443 -37.86 6.19 32.40
C ASN D 443 -38.36 7.61 32.51
N VAL D 444 -37.71 8.54 31.77
CA VAL D 444 -38.14 9.93 31.81
C VAL D 444 -39.59 10.05 31.36
N LYS D 445 -39.94 9.36 30.28
CA LYS D 445 -41.32 9.35 29.82
C LYS D 445 -42.24 8.75 30.89
N ASN D 446 -41.85 7.62 31.48
CA ASN D 446 -42.68 6.98 32.50
C ASN D 446 -42.79 7.86 33.74
N LEU D 447 -41.69 8.50 34.16
CA LEU D 447 -41.75 9.39 35.31
C LEU D 447 -42.68 10.56 35.04
N TYR D 448 -42.64 11.09 33.82
CA TYR D 448 -43.51 12.19 33.43
C TYR D 448 -44.99 11.83 33.60
N GLU D 449 -45.37 10.63 33.17
CA GLU D 449 -46.77 10.25 33.27
C GLU D 449 -47.20 9.96 34.71
N LYS D 450 -46.28 9.50 35.56
CA LYS D 450 -46.60 9.31 36.97
C LYS D 450 -46.93 10.65 37.64
N VAL D 451 -46.14 11.69 37.34
CA VAL D 451 -46.43 13.03 37.86
C VAL D 451 -47.70 13.57 37.24
N LYS D 452 -47.94 13.27 35.96
CA LYS D 452 -49.16 13.67 35.28
C LYS D 452 -50.38 12.99 35.90
N SER D 453 -50.19 11.78 36.45
CA SER D 453 -51.29 11.08 37.09
C SER D 453 -51.64 11.66 38.44
N GLN D 454 -50.72 12.39 39.09
CA GLN D 454 -51.06 13.01 40.37
C GLN D 454 -52.00 14.19 40.18
N LEU D 455 -51.80 14.95 39.10
CA LEU D 455 -52.60 16.13 38.78
C LEU D 455 -53.06 15.96 37.33
N LYS D 456 -54.31 15.54 37.15
CA LYS D 456 -54.87 15.28 35.83
C LYS D 456 -55.58 16.52 35.29
N ASN D 457 -55.62 16.62 33.97
CA ASN D 457 -56.25 17.72 33.20
C ASN D 457 -57.00 18.81 33.99
N ASN D 464 -42.76 19.28 25.81
CA ASN D 464 -42.31 20.28 26.77
C ASN D 464 -41.78 19.64 28.04
N GLY D 465 -42.63 18.84 28.69
CA GLY D 465 -42.32 18.26 29.98
C GLY D 465 -42.55 19.19 31.17
N CYS D 466 -43.21 20.32 30.93
CA CYS D 466 -43.53 21.32 31.95
C CYS D 466 -45.04 21.33 32.15
N PHE D 467 -45.45 21.69 33.36
CA PHE D 467 -46.87 21.80 33.68
C PHE D 467 -47.18 23.22 34.11
N GLU D 468 -48.21 23.82 33.51
CA GLU D 468 -48.68 25.16 33.89
C GLU D 468 -49.83 24.95 34.85
N PHE D 469 -49.56 25.16 36.13
CA PHE D 469 -50.56 24.94 37.16
C PHE D 469 -51.65 26.00 37.09
N TYR D 470 -52.89 25.59 37.34
CA TYR D 470 -53.99 26.52 37.46
C TYR D 470 -54.22 27.02 38.89
N HIS D 471 -53.63 26.38 39.90
CA HIS D 471 -53.77 26.82 41.28
C HIS D 471 -52.41 27.23 41.84
N LYS D 472 -52.42 27.80 43.06
CA LYS D 472 -51.20 28.19 43.76
C LYS D 472 -50.50 27.01 44.44
N CYS D 473 -49.20 26.87 44.20
CA CYS D 473 -48.40 25.76 44.71
C CYS D 473 -47.14 26.31 45.40
N ASP D 474 -47.12 26.27 46.73
CA ASP D 474 -45.99 26.81 47.49
C ASP D 474 -44.85 25.78 47.52
N ASN D 475 -43.78 26.12 48.26
CA ASN D 475 -42.66 25.20 48.44
C ASN D 475 -43.08 23.92 49.18
N GLU D 476 -44.09 24.02 50.04
CA GLU D 476 -44.65 22.83 50.69
C GLU D 476 -45.47 22.00 49.70
N CYS D 477 -46.16 22.67 48.78
CA CYS D 477 -46.98 21.99 47.77
C CYS D 477 -46.13 21.23 46.75
N MET D 478 -45.02 21.81 46.30
CA MET D 478 -44.17 21.14 45.33
C MET D 478 -43.63 19.83 45.88
N GLU D 479 -43.12 19.86 47.11
CA GLU D 479 -42.53 18.66 47.73
C GLU D 479 -43.51 17.50 47.77
N SER D 480 -44.80 17.79 47.97
CA SER D 480 -45.81 16.74 47.95
C SER D 480 -45.86 16.04 46.59
N VAL D 481 -45.79 16.81 45.50
CA VAL D 481 -45.73 16.20 44.17
C VAL D 481 -44.43 15.42 44.00
N ARG D 482 -43.31 16.05 44.37
CA ARG D 482 -41.99 15.44 44.26
C ARG D 482 -41.91 14.18 45.11
N ASN D 483 -42.58 14.19 46.27
CA ASN D 483 -42.61 13.01 47.13
C ASN D 483 -43.53 11.95 46.53
N GLY D 484 -44.67 12.37 46.01
CA GLY D 484 -45.61 11.44 45.41
C GLY D 484 -46.90 11.46 46.20
N THR D 485 -47.05 12.50 47.01
CA THR D 485 -48.16 12.61 47.95
C THR D 485 -49.05 13.80 47.59
N TYR D 486 -49.21 14.07 46.30
CA TYR D 486 -49.99 15.22 45.88
C TYR D 486 -51.46 15.02 46.24
N ASP D 487 -52.00 15.95 47.02
CA ASP D 487 -53.39 15.90 47.49
C ASP D 487 -54.24 16.72 46.52
N TYR D 488 -54.78 16.04 45.51
CA TYR D 488 -55.67 16.72 44.55
C TYR D 488 -56.88 17.36 45.24
N PRO D 489 -57.61 16.67 46.14
CA PRO D 489 -58.76 17.32 46.80
C PRO D 489 -58.43 18.57 47.62
N LYS D 490 -57.20 18.73 48.10
CA LYS D 490 -56.85 19.93 48.88
C LYS D 490 -56.92 21.19 48.02
N TYR D 491 -56.76 21.06 46.71
CA TYR D 491 -56.78 22.18 45.79
C TYR D 491 -57.98 22.06 44.84
N SER E 2 -71.04 4.38 37.91
CA SER E 2 -70.90 3.18 38.72
C SER E 2 -70.54 1.96 37.85
N ASP E 3 -70.61 2.15 36.54
CA ASP E 3 -70.43 1.08 35.55
C ASP E 3 -69.02 1.19 34.95
N THR E 4 -68.10 0.33 35.41
CA THR E 4 -66.69 0.43 35.05
C THR E 4 -66.15 -0.90 34.55
N ILE E 5 -65.18 -0.80 33.64
CA ILE E 5 -64.41 -1.94 33.13
C ILE E 5 -62.92 -1.61 33.26
N CYS E 6 -62.13 -2.59 33.72
CA CYS E 6 -60.71 -2.40 33.99
C CYS E 6 -59.86 -3.39 33.19
N ILE E 7 -58.68 -2.95 32.76
CA ILE E 7 -57.73 -3.81 32.07
C ILE E 7 -56.62 -4.18 33.05
N GLY E 8 -56.30 -5.47 33.11
CA GLY E 8 -55.30 -5.96 34.05
C GLY E 8 -54.63 -7.23 33.59
N TYR E 9 -53.82 -7.85 34.44
CA TYR E 9 -52.99 -8.98 34.05
C TYR E 9 -52.99 -10.05 35.14
N HIS E 10 -52.52 -11.24 34.76
CA HIS E 10 -52.63 -12.44 35.57
C HIS E 10 -51.63 -12.39 36.74
N ALA E 11 -52.02 -13.03 37.85
CA ALA E 11 -51.13 -13.26 38.97
C ALA E 11 -51.50 -14.60 39.60
N ASN E 12 -50.54 -15.22 40.29
CA ASN E 12 -50.77 -16.50 40.94
C ASN E 12 -49.85 -16.61 42.15
N ASN E 13 -49.69 -17.83 42.68
CA ASN E 13 -48.87 -18.12 43.85
C ASN E 13 -47.52 -18.72 43.50
N SER E 14 -47.06 -18.56 42.25
CA SER E 14 -45.78 -19.12 41.84
C SER E 14 -44.63 -18.43 42.57
N THR E 15 -43.65 -19.20 43.03
CA THR E 15 -42.46 -18.67 43.67
CA THR E 15 -42.46 -18.67 43.68
C THR E 15 -41.22 -18.78 42.79
N ASP E 16 -41.40 -19.09 41.50
CA ASP E 16 -40.29 -19.16 40.57
C ASP E 16 -39.63 -17.79 40.40
N THR E 17 -38.30 -17.75 40.36
CA THR E 17 -37.58 -16.51 40.16
C THR E 17 -36.64 -16.66 38.97
N VAL E 18 -36.49 -15.59 38.20
CA VAL E 18 -35.55 -15.53 37.09
C VAL E 18 -34.69 -14.29 37.26
N ASP E 19 -33.63 -14.22 36.45
CA ASP E 19 -32.69 -13.10 36.47
C ASP E 19 -32.71 -12.40 35.12
N THR E 20 -32.41 -11.11 35.16
CA THR E 20 -32.12 -10.35 33.95
C THR E 20 -30.83 -9.60 34.18
N LEU E 21 -30.34 -8.91 33.15
CA LEU E 21 -29.17 -8.09 33.35
C LEU E 21 -29.46 -6.94 34.32
N LEU E 22 -30.68 -6.38 34.28
CA LEU E 22 -31.01 -5.21 35.09
C LEU E 22 -31.29 -5.57 36.55
N GLU E 23 -31.95 -6.70 36.80
CA GLU E 23 -32.27 -7.08 38.18
C GLU E 23 -32.28 -8.59 38.29
N LYS E 24 -32.04 -9.08 39.51
CA LYS E 24 -32.03 -10.51 39.81
C LYS E 24 -33.20 -10.91 40.69
N ASN E 25 -33.58 -12.19 40.58
CA ASN E 25 -34.62 -12.82 41.41
C ASN E 25 -35.98 -12.12 41.27
N VAL E 26 -36.49 -12.09 40.04
CA VAL E 26 -37.83 -11.56 39.77
C VAL E 26 -38.81 -12.72 39.83
N THR E 27 -39.76 -12.65 40.76
CA THR E 27 -40.76 -13.69 40.86
C THR E 27 -41.76 -13.54 39.72
N VAL E 28 -42.00 -14.65 39.01
CA VAL E 28 -42.80 -14.64 37.79
C VAL E 28 -43.87 -15.73 37.89
N THR E 29 -44.94 -15.55 37.11
CA THR E 29 -46.10 -16.44 37.16
C THR E 29 -45.84 -17.79 36.50
N HIS E 30 -45.02 -17.82 35.44
CA HIS E 30 -44.70 -19.04 34.71
C HIS E 30 -43.26 -18.95 34.19
N SER E 31 -42.59 -20.11 34.15
CA SER E 31 -41.21 -20.17 33.68
C SER E 31 -40.89 -21.61 33.29
N VAL E 32 -39.74 -21.79 32.65
CA VAL E 32 -39.27 -23.08 32.17
C VAL E 32 -37.81 -23.24 32.55
N ASN E 33 -37.49 -24.35 33.21
CA ASN E 33 -36.11 -24.72 33.50
C ASN E 33 -35.49 -25.38 32.28
N LEU E 34 -34.31 -24.90 31.88
CA LEU E 34 -33.58 -25.46 30.74
C LEU E 34 -32.36 -26.27 31.16
N LEU E 35 -32.08 -26.41 32.45
CA LEU E 35 -30.83 -27.01 32.93
C LEU E 35 -31.16 -28.32 33.64
N GLU E 36 -30.71 -29.43 33.07
CA GLU E 36 -30.88 -30.74 33.69
C GLU E 36 -29.77 -31.01 34.70
N ASP E 37 -30.14 -31.33 35.95
CA ASP E 37 -29.13 -31.59 36.97
C ASP E 37 -29.30 -32.92 37.71
N SER E 38 -30.17 -33.81 37.24
CA SER E 38 -30.40 -35.09 37.91
C SER E 38 -30.00 -36.26 37.00
N HIS E 39 -29.40 -37.28 37.61
CA HIS E 39 -29.02 -38.51 36.95
C HIS E 39 -29.31 -39.67 37.90
N ASN E 40 -29.29 -40.89 37.37
CA ASN E 40 -29.64 -42.06 38.18
C ASN E 40 -28.43 -42.69 38.87
N GLY E 41 -27.25 -42.09 38.73
CA GLY E 41 -26.08 -42.59 39.44
C GLY E 41 -25.64 -43.99 39.08
N LYS E 42 -26.09 -44.51 37.93
CA LYS E 42 -25.77 -45.86 37.53
C LYS E 42 -25.24 -45.88 36.10
N LEU E 43 -24.52 -46.96 35.78
CA LEU E 43 -24.18 -47.28 34.40
C LEU E 43 -25.31 -48.10 33.82
N CYS E 44 -25.72 -47.79 32.60
CA CYS E 44 -26.85 -48.43 31.95
C CYS E 44 -26.46 -48.94 30.58
N LYS E 45 -27.37 -49.75 30.04
CA LYS E 45 -27.27 -50.12 28.65
C LYS E 45 -27.58 -48.89 27.80
N LEU E 46 -27.04 -48.88 26.58
CA LEU E 46 -27.27 -47.80 25.63
C LEU E 46 -27.96 -48.39 24.42
N LYS E 47 -29.20 -47.97 24.16
CA LYS E 47 -29.98 -48.51 23.06
C LYS E 47 -30.05 -50.04 23.17
N GLY E 48 -30.20 -50.53 24.39
CA GLY E 48 -30.33 -51.95 24.67
C GLY E 48 -29.03 -52.70 24.87
N ILE E 49 -27.88 -52.12 24.55
CA ILE E 49 -26.61 -52.87 24.53
C ILE E 49 -25.77 -52.51 25.76
N ALA E 50 -25.37 -53.54 26.51
CA ALA E 50 -24.56 -53.30 27.69
C ALA E 50 -23.14 -52.87 27.33
N PRO E 51 -22.48 -52.11 28.19
CA PRO E 51 -21.08 -51.74 27.96
C PRO E 51 -20.18 -52.91 28.30
N LEU E 52 -18.92 -52.79 27.88
CA LEU E 52 -17.89 -53.72 28.30
C LEU E 52 -17.20 -53.19 29.56
N GLN E 53 -17.32 -53.91 30.66
CA GLN E 53 -16.73 -53.51 31.93
C GLN E 53 -15.41 -54.24 32.13
N LEU E 54 -14.30 -53.51 32.02
CA LEU E 54 -12.99 -54.13 32.19
C LEU E 54 -12.67 -54.43 33.66
N GLY E 55 -13.41 -53.85 34.60
CA GLY E 55 -13.26 -54.24 36.00
C GLY E 55 -11.88 -53.95 36.54
N LYS E 56 -11.19 -55.00 36.98
CA LYS E 56 -9.84 -54.86 37.53
C LYS E 56 -8.76 -54.73 36.46
N CYS E 57 -9.11 -54.82 35.18
CA CYS E 57 -8.14 -54.80 34.10
C CYS E 57 -8.22 -53.50 33.34
N ASN E 58 -7.10 -53.10 32.73
CA ASN E 58 -7.15 -52.01 31.78
C ASN E 58 -7.09 -52.58 30.37
N ILE E 59 -7.05 -51.68 29.39
CA ILE E 59 -7.10 -52.10 27.99
C ILE E 59 -5.94 -53.04 27.67
N ALA E 60 -4.73 -52.69 28.13
CA ALA E 60 -3.56 -53.53 27.88
C ALA E 60 -3.75 -54.94 28.45
N GLY E 61 -4.23 -55.04 29.69
CA GLY E 61 -4.43 -56.34 30.30
C GLY E 61 -5.45 -57.17 29.54
N TRP E 62 -6.51 -56.53 29.07
CA TRP E 62 -7.53 -57.20 28.27
C TRP E 62 -6.95 -57.71 26.97
N LEU E 63 -6.34 -56.81 26.18
CA LEU E 63 -5.93 -57.17 24.83
C LEU E 63 -4.73 -58.11 24.83
N LEU E 64 -3.81 -57.94 25.78
CA LEU E 64 -2.68 -58.88 25.87
C LEU E 64 -3.12 -60.23 26.43
N GLY E 65 -4.18 -60.26 27.22
CA GLY E 65 -4.55 -61.49 27.90
C GLY E 65 -3.81 -61.73 29.20
N ASN E 66 -3.64 -60.69 30.00
CA ASN E 66 -3.19 -60.88 31.37
C ASN E 66 -4.03 -62.00 32.00
N PRO E 67 -3.41 -63.03 32.57
CA PRO E 67 -4.18 -64.18 33.08
C PRO E 67 -5.20 -63.82 34.17
N GLU E 68 -5.05 -62.67 34.84
CA GLU E 68 -6.05 -62.18 35.79
C GLU E 68 -7.24 -61.55 35.10
N CYS E 69 -7.27 -61.51 33.76
CA CYS E 69 -8.35 -60.92 32.99
C CYS E 69 -9.14 -61.95 32.18
N ASP E 70 -9.06 -63.24 32.57
CA ASP E 70 -9.67 -64.31 31.75
C ASP E 70 -11.18 -64.12 31.62
N SER E 71 -11.83 -63.49 32.60
CA SER E 71 -13.27 -63.28 32.48
C SER E 71 -13.62 -62.41 31.25
N LEU E 72 -12.67 -61.65 30.71
CA LEU E 72 -12.90 -60.81 29.55
C LEU E 72 -12.70 -61.54 28.23
N LEU E 73 -12.24 -62.79 28.27
CA LEU E 73 -11.97 -63.51 27.04
C LEU E 73 -13.17 -63.69 26.12
N PRO E 74 -14.39 -63.92 26.61
CA PRO E 74 -15.52 -64.06 25.67
C PRO E 74 -16.05 -62.75 25.09
N ALA E 75 -15.45 -61.61 25.46
CA ALA E 75 -16.01 -60.31 25.09
C ALA E 75 -16.22 -60.20 23.58
N ARG E 76 -17.45 -59.87 23.19
CA ARG E 76 -17.86 -59.87 21.79
C ARG E 76 -18.26 -58.46 21.33
N SER E 77 -19.37 -57.92 21.85
CA SER E 77 -19.87 -56.61 21.44
C SER E 77 -20.32 -55.81 22.65
N TRP E 78 -20.30 -54.50 22.50
CA TRP E 78 -20.61 -53.61 23.61
C TRP E 78 -21.04 -52.27 23.02
N SER E 79 -21.60 -51.42 23.88
CA SER E 79 -22.00 -50.07 23.48
C SER E 79 -20.98 -49.01 23.85
N TYR E 80 -20.19 -49.26 24.88
CA TYR E 80 -19.07 -48.43 25.29
C TYR E 80 -18.21 -49.27 26.21
N ILE E 81 -17.02 -48.77 26.52
CA ILE E 81 -16.05 -49.50 27.33
C ILE E 81 -15.78 -48.70 28.59
N VAL E 82 -15.77 -49.38 29.74
CA VAL E 82 -15.62 -48.73 31.05
C VAL E 82 -14.34 -49.28 31.69
N GLU E 83 -13.35 -48.41 31.88
CA GLU E 83 -12.26 -48.69 32.78
C GLU E 83 -12.63 -48.13 34.16
N THR E 84 -12.16 -48.82 35.22
CA THR E 84 -12.34 -48.31 36.57
C THR E 84 -11.08 -47.62 37.01
N PRO E 85 -11.16 -46.73 38.01
CA PRO E 85 -9.93 -46.06 38.48
C PRO E 85 -8.92 -47.01 39.08
N ASN E 86 -9.35 -48.17 39.57
CA ASN E 86 -8.43 -49.17 40.11
C ASN E 86 -7.50 -49.67 39.02
N SER E 87 -8.00 -50.63 38.21
CA SER E 87 -7.27 -51.20 37.08
C SER E 87 -5.83 -51.53 37.49
N GLU E 88 -5.67 -52.63 38.22
CA GLU E 88 -4.38 -53.06 38.71
C GLU E 88 -3.75 -54.11 37.80
N ASN E 89 -4.46 -54.56 36.77
CA ASN E 89 -3.98 -55.63 35.89
C ASN E 89 -3.86 -55.13 34.45
N GLY E 90 -2.63 -54.87 34.04
CA GLY E 90 -2.33 -54.46 32.69
C GLY E 90 -1.26 -55.36 32.12
N ALA E 91 -0.12 -54.78 31.79
CA ALA E 91 1.06 -55.53 31.36
C ALA E 91 1.74 -56.07 32.61
N CYS E 92 1.45 -57.34 32.94
CA CYS E 92 2.04 -57.93 34.13
C CYS E 92 3.56 -58.01 34.01
N TYR E 93 4.08 -58.34 32.83
CA TYR E 93 5.54 -58.31 32.65
C TYR E 93 5.97 -56.90 32.29
N PRO E 94 6.84 -56.28 33.09
CA PRO E 94 7.11 -54.85 32.90
C PRO E 94 7.77 -54.53 31.56
N GLY E 95 7.37 -53.40 30.99
CA GLY E 95 7.91 -52.94 29.74
C GLY E 95 7.05 -51.80 29.22
N ASP E 96 7.37 -51.34 28.02
CA ASP E 96 6.68 -50.20 27.43
C ASP E 96 5.68 -50.76 26.45
N PHE E 97 4.46 -50.21 26.46
CA PHE E 97 3.43 -50.55 25.49
C PHE E 97 3.44 -49.43 24.45
N ILE E 98 4.02 -49.70 23.27
CA ILE E 98 4.25 -48.62 22.29
CA ILE E 98 4.25 -48.61 22.31
C ILE E 98 2.94 -48.17 21.67
N ASP E 99 2.76 -46.86 21.54
CA ASP E 99 1.57 -46.27 20.93
C ASP E 99 0.29 -46.78 21.60
N TYR E 100 0.36 -46.94 22.92
CA TYR E 100 -0.79 -47.42 23.68
C TYR E 100 -1.98 -46.46 23.58
N GLU E 101 -1.75 -45.16 23.74
CA GLU E 101 -2.87 -44.22 23.65
C GLU E 101 -3.51 -44.28 22.27
N GLU E 102 -2.70 -44.46 21.22
CA GLU E 102 -3.26 -44.57 19.87
C GLU E 102 -4.11 -45.83 19.72
N LEU E 103 -3.64 -46.95 20.28
CA LEU E 103 -4.45 -48.17 20.24
C LEU E 103 -5.78 -47.95 20.91
N LYS E 104 -5.77 -47.32 22.09
CA LYS E 104 -7.04 -47.10 22.77
C LYS E 104 -7.97 -46.22 21.93
N GLU E 105 -7.41 -45.19 21.27
CA GLU E 105 -8.22 -44.35 20.38
C GLU E 105 -8.86 -45.17 19.29
N GLN E 106 -8.11 -46.13 18.74
CA GLN E 106 -8.65 -47.05 17.75
C GLN E 106 -9.82 -47.85 18.34
N LEU E 107 -9.64 -48.40 19.55
CA LEU E 107 -10.72 -49.15 20.17
C LEU E 107 -11.95 -48.31 20.49
N SER E 108 -11.79 -47.00 20.62
CA SER E 108 -12.93 -46.16 20.95
C SER E 108 -14.02 -46.19 19.89
N SER E 109 -13.69 -46.56 18.65
CA SER E 109 -14.69 -46.68 17.59
C SER E 109 -14.97 -48.13 17.17
N VAL E 110 -14.59 -49.11 17.99
CA VAL E 110 -14.85 -50.51 17.71
C VAL E 110 -16.08 -50.90 18.50
N SER E 111 -17.08 -51.46 17.83
CA SER E 111 -18.29 -51.90 18.50
C SER E 111 -18.26 -53.38 18.88
N SER E 112 -17.44 -54.17 18.21
CA SER E 112 -17.32 -55.58 18.51
C SER E 112 -16.03 -56.10 17.89
N LEU E 113 -15.47 -57.14 18.48
CA LEU E 113 -14.34 -57.85 17.87
C LEU E 113 -14.52 -59.36 17.99
N GLU E 114 -13.75 -60.07 17.17
CA GLU E 114 -13.68 -61.54 17.19
C GLU E 114 -12.24 -61.93 17.53
N ARG E 115 -12.04 -62.48 18.73
CA ARG E 115 -10.77 -63.05 19.14
C ARG E 115 -10.56 -64.39 18.43
N PHE E 116 -9.39 -64.58 17.81
CA PHE E 116 -9.15 -65.84 17.11
C PHE E 116 -7.68 -66.20 17.18
N GLU E 117 -7.39 -67.48 16.98
CA GLU E 117 -6.02 -68.00 17.10
C GLU E 117 -5.28 -67.73 15.80
N ILE E 118 -4.57 -66.59 15.73
CA ILE E 118 -3.87 -66.21 14.51
C ILE E 118 -2.77 -67.22 14.17
N PHE E 119 -2.03 -67.67 15.17
CA PHE E 119 -0.95 -68.66 15.00
C PHE E 119 -1.23 -69.78 15.98
N PRO E 120 -1.94 -70.82 15.57
CA PRO E 120 -2.23 -71.91 16.50
C PRO E 120 -0.95 -72.43 17.14
N LYS E 121 -0.94 -72.43 18.48
CA LYS E 121 0.25 -72.81 19.22
C LYS E 121 0.73 -74.21 18.85
N GLU E 122 -0.19 -75.15 18.69
CA GLU E 122 0.18 -76.55 18.49
C GLU E 122 0.89 -76.80 17.17
N SER E 123 0.75 -75.91 16.18
CA SER E 123 1.27 -76.21 14.84
C SER E 123 2.09 -75.09 14.19
N SER E 124 2.16 -73.89 14.77
CA SER E 124 2.79 -72.75 14.09
C SER E 124 4.31 -72.71 14.24
N TRP E 125 4.88 -73.40 15.23
CA TRP E 125 6.29 -73.24 15.58
C TRP E 125 6.96 -74.60 15.72
N PRO E 126 7.01 -75.38 14.64
CA PRO E 126 7.55 -76.74 14.75
C PRO E 126 9.02 -76.78 15.10
N ASN E 127 9.74 -75.68 14.88
CA ASN E 127 11.18 -75.65 15.06
C ASN E 127 11.60 -74.93 16.34
N HIS E 128 10.66 -74.60 17.22
CA HIS E 128 10.96 -73.83 18.43
C HIS E 128 10.16 -74.38 19.60
N ASN E 129 10.56 -73.99 20.81
CA ASN E 129 9.94 -74.53 22.02
C ASN E 129 8.76 -73.65 22.41
N THR E 130 7.58 -74.25 22.52
CA THR E 130 6.38 -73.52 22.88
C THR E 130 6.01 -73.68 24.35
N LEU E 131 6.82 -74.38 25.15
CA LEU E 131 6.36 -74.86 26.44
C LEU E 131 6.96 -74.16 27.65
N LYS E 132 8.13 -73.54 27.54
CA LYS E 132 8.80 -73.00 28.73
C LYS E 132 8.46 -71.54 28.98
N GLY E 133 7.58 -70.93 28.18
CA GLY E 133 7.40 -69.49 28.28
C GLY E 133 6.43 -69.01 29.35
N VAL E 134 6.74 -69.33 30.60
CA VAL E 134 5.97 -68.83 31.73
C VAL E 134 6.89 -68.06 32.66
N THR E 135 6.30 -67.25 33.51
CA THR E 135 7.07 -66.34 34.34
C THR E 135 6.26 -66.02 35.57
N ALA E 136 6.95 -65.80 36.69
CA ALA E 136 6.29 -65.37 37.93
C ALA E 136 5.75 -63.95 37.86
N SER E 137 6.25 -63.09 36.94
CA SER E 137 5.67 -61.77 36.78
C SER E 137 4.21 -61.84 36.34
N CYS E 138 3.81 -62.92 35.67
CA CYS E 138 2.44 -63.11 35.24
C CYS E 138 1.87 -64.38 35.83
N SER E 139 1.86 -64.47 37.16
CA SER E 139 1.46 -65.70 37.81
C SER E 139 -0.05 -65.83 37.86
N HIS E 140 -0.50 -67.08 37.83
CA HIS E 140 -1.91 -67.41 37.90
CA HIS E 140 -1.90 -67.42 37.89
C HIS E 140 -2.05 -68.73 38.63
N GLY E 141 -3.08 -68.83 39.47
CA GLY E 141 -3.30 -70.06 40.21
C GLY E 141 -2.05 -70.56 40.91
N GLY E 142 -1.23 -69.62 41.41
CA GLY E 142 -0.02 -69.98 42.13
C GLY E 142 1.08 -70.61 41.33
N LYS E 143 1.02 -70.54 39.99
CA LYS E 143 2.06 -71.06 39.14
C LYS E 143 2.52 -69.97 38.17
N SER E 144 3.78 -70.03 37.78
CA SER E 144 4.26 -69.17 36.70
C SER E 144 3.42 -69.39 35.45
N SER E 145 2.98 -68.30 34.82
CA SER E 145 2.09 -68.40 33.66
C SER E 145 2.49 -67.30 32.67
N PHE E 146 1.58 -66.96 31.74
CA PHE E 146 1.87 -65.95 30.73
C PHE E 146 0.56 -65.41 30.15
N TYR E 147 0.68 -64.32 29.35
CA TYR E 147 -0.47 -63.77 28.65
C TYR E 147 -1.19 -64.86 27.86
N ARG E 148 -2.52 -64.74 27.77
CA ARG E 148 -3.30 -65.70 27.01
C ARG E 148 -3.22 -65.46 25.52
N ASN E 149 -2.86 -64.25 25.08
CA ASN E 149 -2.92 -63.95 23.67
C ASN E 149 -1.56 -63.91 23.01
N LEU E 150 -0.49 -64.15 23.78
CA LEU E 150 0.87 -64.17 23.27
C LEU E 150 1.57 -65.47 23.65
N LEU E 151 2.64 -65.78 22.94
CA LEU E 151 3.36 -67.04 23.13
C LEU E 151 4.86 -66.77 23.21
N TRP E 152 5.44 -67.09 24.35
CA TRP E 152 6.87 -66.87 24.58
C TRP E 152 7.66 -68.05 24.00
N LEU E 153 8.11 -67.89 22.76
CA LEU E 153 8.92 -68.90 22.09
C LEU E 153 10.35 -68.92 22.61
N THR E 154 10.90 -70.13 22.79
CA THR E 154 12.28 -70.28 23.24
C THR E 154 12.98 -71.36 22.40
N LYS E 155 14.26 -71.58 22.70
CA LYS E 155 15.07 -72.49 21.90
C LYS E 155 14.68 -73.93 22.16
N THR E 156 14.97 -74.79 21.18
CA THR E 156 14.85 -76.23 21.35
C THR E 156 16.26 -76.78 21.55
N GLY E 157 16.43 -77.53 22.61
CA GLY E 157 17.74 -78.00 23.01
C GLY E 157 18.68 -76.83 23.17
N ASP E 158 19.50 -76.56 22.15
CA ASP E 158 20.40 -75.41 22.15
C ASP E 158 20.42 -74.75 20.80
N SER E 159 19.25 -74.65 20.16
CA SER E 159 19.15 -74.10 18.83
C SER E 159 17.89 -73.25 18.71
N TYR E 160 18.03 -72.09 18.07
CA TYR E 160 16.91 -71.22 17.75
C TYR E 160 17.11 -70.76 16.32
N PRO E 161 16.69 -71.56 15.34
CA PRO E 161 16.85 -71.16 13.94
C PRO E 161 15.94 -69.99 13.62
N LYS E 162 16.33 -69.24 12.58
CA LYS E 162 15.53 -68.13 12.12
C LYS E 162 14.14 -68.63 11.75
N LEU E 163 13.11 -68.03 12.34
CA LEU E 163 11.73 -68.41 12.02
C LEU E 163 11.13 -67.44 11.01
N THR E 164 10.19 -67.93 10.20
CA THR E 164 9.46 -67.03 9.32
C THR E 164 8.02 -67.50 9.24
N ASN E 165 7.10 -66.73 9.82
CA ASN E 165 5.70 -67.11 9.78
C ASN E 165 4.88 -66.00 9.14
N SER E 166 3.93 -66.41 8.32
CA SER E 166 3.07 -65.49 7.59
C SER E 166 1.64 -65.72 8.03
N TYR E 167 0.89 -64.63 8.14
CA TYR E 167 -0.54 -64.71 8.35
C TYR E 167 -1.23 -63.84 7.30
N VAL E 168 -2.18 -64.44 6.55
CA VAL E 168 -3.00 -63.69 5.61
C VAL E 168 -4.32 -63.33 6.26
N ASN E 169 -4.68 -62.05 6.22
CA ASN E 169 -5.96 -61.64 6.79
C ASN E 169 -7.09 -62.00 5.83
N ASN E 170 -7.78 -63.10 6.10
CA ASN E 170 -8.91 -63.51 5.30
C ASN E 170 -10.22 -63.34 6.05
N LYS E 171 -10.27 -62.35 6.95
CA LYS E 171 -11.38 -62.13 7.86
C LYS E 171 -12.36 -61.07 7.36
N GLY E 172 -12.03 -60.38 6.26
CA GLY E 172 -12.88 -59.34 5.73
C GLY E 172 -12.96 -58.09 6.58
N LYS E 173 -12.09 -57.98 7.58
CA LYS E 173 -12.07 -56.87 8.54
C LYS E 173 -10.63 -56.60 8.93
N GLU E 174 -10.39 -55.43 9.54
CA GLU E 174 -9.10 -55.14 10.14
C GLU E 174 -8.82 -56.18 11.22
N VAL E 175 -7.58 -56.65 11.29
CA VAL E 175 -7.14 -57.57 12.32
C VAL E 175 -6.09 -56.85 13.15
N LEU E 176 -6.37 -56.74 14.45
CA LEU E 176 -5.44 -56.20 15.43
C LEU E 176 -4.49 -57.31 15.86
N VAL E 177 -3.21 -57.12 15.55
CA VAL E 177 -2.15 -58.08 15.89
C VAL E 177 -1.27 -57.45 16.95
N LEU E 178 -1.06 -58.16 18.05
CA LEU E 178 -0.18 -57.74 19.12
C LEU E 178 0.96 -58.74 19.29
N TRP E 179 2.14 -58.23 19.61
CA TRP E 179 3.28 -59.08 19.91
C TRP E 179 4.17 -58.32 20.89
N GLY E 180 5.21 -59.00 21.39
CA GLY E 180 6.13 -58.40 22.30
C GLY E 180 7.55 -58.75 21.92
N VAL E 181 8.50 -58.00 22.49
CA VAL E 181 9.93 -58.27 22.36
C VAL E 181 10.52 -58.31 23.76
N HIS E 182 11.25 -59.39 24.06
CA HIS E 182 11.80 -59.61 25.39
C HIS E 182 13.25 -59.13 25.46
N HIS E 183 13.61 -58.53 26.58
CA HIS E 183 14.94 -57.98 26.82
C HIS E 183 15.54 -58.59 28.08
N PRO E 184 16.35 -59.63 27.94
CA PRO E 184 17.01 -60.26 29.10
C PRO E 184 17.92 -59.28 29.82
N SER E 185 18.32 -59.69 31.02
CA SER E 185 19.19 -58.91 31.90
C SER E 185 20.67 -59.26 31.77
N SER E 186 21.03 -60.27 30.98
CA SER E 186 22.44 -60.59 30.78
C SER E 186 22.58 -61.34 29.46
N SER E 187 23.81 -61.35 28.94
CA SER E 187 24.06 -62.18 27.77
C SER E 187 23.81 -63.66 28.08
N ASN E 188 24.15 -64.10 29.29
CA ASN E 188 23.88 -65.48 29.69
C ASN E 188 22.40 -65.84 29.57
N GLU E 189 21.53 -64.98 30.08
CA GLU E 189 20.10 -65.23 29.98
C GLU E 189 19.65 -65.24 28.52
N GLN E 190 20.16 -64.30 27.72
CA GLN E 190 19.87 -64.30 26.29
C GLN E 190 20.22 -65.67 25.68
N GLN E 191 21.41 -66.18 26.02
CA GLN E 191 21.82 -67.47 25.49
C GLN E 191 20.98 -68.61 26.06
N SER E 192 20.65 -68.54 27.36
CA SER E 192 19.84 -69.60 27.95
C SER E 192 18.46 -69.67 27.32
N LEU E 193 17.93 -68.53 26.89
CA LEU E 193 16.59 -68.49 26.33
C LEU E 193 16.57 -68.75 24.83
N TYR E 194 17.50 -68.15 24.08
CA TYR E 194 17.41 -68.08 22.64
C TYR E 194 18.67 -68.52 21.91
N HIS E 195 19.71 -68.92 22.64
CA HIS E 195 21.00 -69.34 22.09
C HIS E 195 21.76 -68.21 21.39
N ASN E 196 21.15 -67.58 20.39
CA ASN E 196 21.86 -66.59 19.58
C ASN E 196 22.16 -65.34 20.41
N VAL E 197 23.43 -64.95 20.43
CA VAL E 197 23.85 -63.79 21.21
C VAL E 197 23.27 -62.51 20.64
N ASN E 198 23.25 -62.39 19.31
CA ASN E 198 22.75 -61.21 18.60
C ASN E 198 21.54 -61.63 17.78
N ALA E 199 20.36 -61.48 18.36
CA ALA E 199 19.10 -61.83 17.72
C ALA E 199 18.39 -60.57 17.21
N TYR E 200 17.36 -60.77 16.40
CA TYR E 200 16.49 -59.67 16.00
C TYR E 200 15.09 -60.21 15.78
N VAL E 201 14.13 -59.29 15.79
CA VAL E 201 12.75 -59.56 15.42
C VAL E 201 12.38 -58.60 14.29
N SER E 202 11.69 -59.11 13.28
CA SER E 202 11.22 -58.28 12.18
C SER E 202 9.74 -58.51 11.98
N VAL E 203 8.96 -57.44 11.81
CA VAL E 203 7.52 -57.56 11.63
C VAL E 203 7.13 -56.64 10.49
N VAL E 204 6.62 -57.23 9.39
CA VAL E 204 6.39 -56.48 8.15
C VAL E 204 5.07 -56.91 7.51
N SER E 205 4.27 -55.93 7.12
CA SER E 205 3.08 -56.09 6.30
C SER E 205 3.24 -55.20 5.07
N SER E 206 2.14 -54.90 4.38
CA SER E 206 2.25 -53.96 3.27
C SER E 206 2.34 -52.51 3.72
N ASN E 207 1.94 -52.22 4.95
CA ASN E 207 2.02 -50.84 5.42
C ASN E 207 2.61 -50.73 6.84
N TYR E 208 3.22 -51.80 7.36
CA TYR E 208 3.94 -51.79 8.63
C TYR E 208 5.30 -52.44 8.41
N ASN E 209 6.34 -51.88 9.04
CA ASN E 209 7.70 -52.33 8.76
C ASN E 209 8.59 -51.93 9.94
N ARG E 210 8.88 -52.88 10.83
CA ARG E 210 9.69 -52.50 11.98
C ARG E 210 10.59 -53.66 12.38
N ARG E 211 11.78 -53.31 12.87
CA ARG E 211 12.76 -54.29 13.33
CA ARG E 211 12.75 -54.28 13.34
C ARG E 211 13.11 -54.00 14.77
N PHE E 212 13.30 -55.06 15.57
CA PHE E 212 13.61 -54.89 16.97
C PHE E 212 14.85 -55.68 17.36
N THR E 213 15.74 -55.03 18.11
CA THR E 213 16.95 -55.62 18.66
C THR E 213 16.90 -55.63 20.19
N PRO E 214 17.16 -56.76 20.83
CA PRO E 214 17.24 -56.79 22.29
C PRO E 214 18.31 -55.83 22.80
N GLU E 215 18.00 -55.15 23.90
CA GLU E 215 18.91 -54.20 24.55
C GLU E 215 19.08 -54.68 25.98
N ILE E 216 20.23 -55.29 26.24
CA ILE E 216 20.51 -55.98 27.50
C ILE E 216 21.29 -55.03 28.38
N ALA E 217 20.87 -54.90 29.64
CA ALA E 217 21.52 -53.97 30.55
C ALA E 217 20.99 -54.22 31.95
N ALA E 218 21.70 -53.65 32.93
CA ALA E 218 21.23 -53.65 34.31
C ALA E 218 20.04 -52.68 34.44
N ARG E 219 18.95 -53.16 35.04
CA ARG E 219 17.70 -52.41 35.18
C ARG E 219 17.17 -52.60 36.59
N PRO E 220 16.48 -51.60 37.15
CA PRO E 220 15.84 -51.81 38.46
C PRO E 220 14.72 -52.80 38.30
N LYS E 221 14.50 -53.59 39.34
CA LYS E 221 13.42 -54.57 39.33
C LYS E 221 12.07 -53.88 39.41
N VAL E 222 11.15 -54.28 38.55
CA VAL E 222 9.76 -53.88 38.66
C VAL E 222 8.97 -55.12 39.01
N ARG E 223 8.28 -55.07 40.14
CA ARG E 223 7.61 -56.24 40.70
C ARG E 223 8.56 -57.45 40.65
N ASP E 224 9.78 -57.24 41.14
CA ASP E 224 10.86 -58.21 41.24
C ASP E 224 11.45 -58.65 39.91
N GLN E 225 11.15 -57.96 38.81
CA GLN E 225 11.60 -58.42 37.48
C GLN E 225 12.54 -57.40 36.86
N PRO E 226 13.83 -57.73 36.70
CA PRO E 226 14.77 -56.83 36.02
C PRO E 226 14.73 -56.90 34.50
N GLY E 227 14.13 -57.95 33.94
CA GLY E 227 13.95 -58.02 32.51
C GLY E 227 12.90 -57.03 32.07
N ARG E 228 12.79 -56.85 30.75
CA ARG E 228 11.72 -56.04 30.20
C ARG E 228 11.12 -56.77 29.02
N MET E 229 9.86 -56.43 28.73
CA MET E 229 9.14 -56.94 27.57
C MET E 229 8.36 -55.77 27.00
N ASN E 230 8.68 -55.33 25.79
CA ASN E 230 7.96 -54.23 25.17
C ASN E 230 6.88 -54.79 24.26
N TYR E 231 5.75 -54.09 24.16
CA TYR E 231 4.59 -54.58 23.44
C TYR E 231 4.29 -53.68 22.25
N TYR E 232 3.95 -54.31 21.11
CA TYR E 232 3.69 -53.59 19.86
C TYR E 232 2.42 -54.13 19.24
N TRP E 233 1.84 -53.35 18.33
CA TRP E 233 0.58 -53.73 17.70
C TRP E 233 0.52 -53.10 16.31
N THR E 234 -0.29 -53.70 15.45
CA THR E 234 -0.58 -53.07 14.18
C THR E 234 -1.95 -53.54 13.72
N LEU E 235 -2.56 -52.72 12.87
CA LEU E 235 -3.81 -53.07 12.21
C LEU E 235 -3.46 -53.60 10.82
N LEU E 236 -3.76 -54.88 10.61
CA LEU E 236 -3.52 -55.56 9.35
C LEU E 236 -4.78 -55.41 8.49
N GLU E 237 -4.64 -54.79 7.33
CA GLU E 237 -5.80 -54.56 6.49
C GLU E 237 -6.36 -55.88 5.95
N PRO E 238 -7.66 -55.91 5.65
CA PRO E 238 -8.24 -57.11 5.02
C PRO E 238 -7.50 -57.46 3.73
N GLY E 239 -7.17 -58.75 3.57
CA GLY E 239 -6.45 -59.23 2.42
C GLY E 239 -4.94 -59.12 2.49
N ASP E 240 -4.40 -58.36 3.44
CA ASP E 240 -2.96 -58.19 3.54
C ASP E 240 -2.31 -59.32 4.35
N THR E 241 -1.01 -59.47 4.15
CA THR E 241 -0.22 -60.47 4.85
C THR E 241 0.74 -59.77 5.83
N ILE E 242 0.95 -60.38 6.98
CA ILE E 242 1.97 -59.93 7.93
C ILE E 242 2.98 -61.07 8.10
N ILE E 243 4.27 -60.74 8.09
CA ILE E 243 5.33 -61.73 8.17
C ILE E 243 6.18 -61.46 9.41
N PHE E 244 6.26 -62.44 10.30
CA PHE E 244 7.12 -62.38 11.48
C PHE E 244 8.41 -63.14 11.18
N GLU E 245 9.56 -62.53 11.47
CA GLU E 245 10.84 -63.18 11.25
C GLU E 245 11.70 -62.91 12.46
N ALA E 246 12.35 -63.93 13.02
CA ALA E 246 13.10 -63.68 14.25
C ALA E 246 14.19 -64.72 14.46
N THR E 247 15.29 -64.28 15.08
CA THR E 247 16.33 -65.18 15.55
C THR E 247 16.39 -65.24 17.08
N GLY E 248 15.39 -64.69 17.76
CA GLY E 248 15.29 -64.76 19.21
C GLY E 248 14.36 -63.68 19.72
N ASN E 249 14.00 -63.77 21.00
CA ASN E 249 13.36 -62.69 21.77
C ASN E 249 11.95 -62.31 21.30
N LEU E 250 11.38 -63.01 20.32
CA LEU E 250 10.03 -62.72 19.87
C LEU E 250 9.01 -63.32 20.84
N ILE E 251 8.10 -62.48 21.33
CA ILE E 251 6.90 -62.93 22.02
C ILE E 251 5.80 -62.94 20.96
N ALA E 252 5.52 -64.12 20.40
CA ALA E 252 4.74 -64.23 19.19
C ALA E 252 3.24 -64.00 19.43
N PRO E 253 2.51 -63.49 18.42
CA PRO E 253 1.05 -63.50 18.49
C PRO E 253 0.57 -64.93 18.62
N TRP E 254 -0.41 -65.12 19.50
CA TRP E 254 -1.15 -66.37 19.59
C TRP E 254 -2.59 -66.16 19.19
N TYR E 255 -3.24 -65.19 19.82
CA TYR E 255 -4.57 -64.75 19.46
C TYR E 255 -4.49 -63.32 18.96
N ALA E 256 -5.28 -63.00 17.93
CA ALA E 256 -5.43 -61.62 17.46
C ALA E 256 -6.92 -61.32 17.42
N PHE E 257 -7.30 -60.11 16.99
CA PHE E 257 -8.70 -59.67 17.06
C PHE E 257 -9.12 -59.08 15.72
N ALA E 258 -10.17 -59.63 15.14
CA ALA E 258 -10.83 -59.01 13.98
C ALA E 258 -11.79 -57.93 14.47
N LEU E 259 -11.62 -56.71 13.97
CA LEU E 259 -12.35 -55.55 14.49
C LEU E 259 -13.56 -55.22 13.63
N SER E 260 -14.68 -54.92 14.29
CA SER E 260 -15.86 -54.36 13.67
C SER E 260 -16.03 -52.94 14.14
N ARG E 261 -16.10 -52.00 13.21
CA ARG E 261 -16.20 -50.59 13.58
C ARG E 261 -17.66 -50.19 13.84
N GLY E 262 -17.86 -49.30 14.81
CA GLY E 262 -19.16 -48.78 15.13
C GLY E 262 -19.17 -47.27 15.28
N PHE E 263 -20.34 -46.73 15.55
CA PHE E 263 -20.53 -45.29 15.69
C PHE E 263 -21.02 -44.99 17.09
N GLY E 264 -20.51 -43.91 17.66
CA GLY E 264 -21.04 -43.44 18.93
C GLY E 264 -20.49 -44.16 20.14
N SER E 265 -19.46 -44.98 19.98
CA SER E 265 -18.87 -45.65 21.13
C SER E 265 -17.78 -44.79 21.71
N SER E 266 -17.30 -45.21 22.89
CA SER E 266 -16.20 -44.51 23.53
C SER E 266 -15.67 -45.36 24.68
N ILE E 267 -14.55 -44.90 25.26
CA ILE E 267 -13.98 -45.46 26.46
C ILE E 267 -14.08 -44.42 27.56
N ILE E 268 -14.64 -44.81 28.69
CA ILE E 268 -14.76 -43.91 29.83
C ILE E 268 -14.16 -44.57 31.05
N ILE E 269 -13.87 -43.73 32.04
CA ILE E 269 -13.44 -44.15 33.37
C ILE E 269 -14.58 -43.82 34.31
N SER E 270 -15.06 -44.82 35.06
CA SER E 270 -16.15 -44.60 35.99
C SER E 270 -16.07 -45.63 37.10
N ASN E 271 -16.48 -45.23 38.30
CA ASN E 271 -16.64 -46.16 39.40
C ASN E 271 -18.10 -46.48 39.69
N ALA E 272 -19.01 -46.02 38.83
CA ALA E 272 -20.41 -46.34 39.02
C ALA E 272 -20.68 -47.81 38.65
N SER E 273 -21.79 -48.31 39.16
CA SER E 273 -22.14 -49.72 38.98
C SER E 273 -23.17 -49.90 37.88
N MET E 274 -23.09 -51.05 37.22
CA MET E 274 -24.01 -51.42 36.17
C MET E 274 -25.34 -51.87 36.77
N HIS E 275 -26.44 -51.41 36.18
CA HIS E 275 -27.78 -51.83 36.58
C HIS E 275 -28.60 -52.21 35.34
N GLU E 276 -29.79 -52.76 35.58
CA GLU E 276 -30.68 -53.20 34.51
C GLU E 276 -31.56 -52.05 34.05
N CYS E 277 -30.90 -51.03 33.48
CA CYS E 277 -31.56 -49.85 32.94
C CYS E 277 -31.08 -49.63 31.51
N ASN E 278 -31.90 -48.91 30.75
CA ASN E 278 -31.60 -48.52 29.38
C ASN E 278 -31.70 -47.00 29.30
N THR E 279 -30.79 -46.39 28.56
CA THR E 279 -30.72 -44.94 28.48
C THR E 279 -30.32 -44.53 27.07
N LYS E 280 -30.65 -43.30 26.73
CA LYS E 280 -30.12 -42.67 25.52
C LYS E 280 -28.90 -41.81 25.81
N CYS E 281 -28.59 -41.57 27.09
CA CYS E 281 -27.48 -40.69 27.45
C CYS E 281 -26.80 -41.18 28.71
N GLN E 282 -25.52 -41.50 28.59
CA GLN E 282 -24.74 -42.03 29.69
C GLN E 282 -23.56 -41.11 29.98
N THR E 283 -23.33 -40.85 31.25
CA THR E 283 -22.14 -40.17 31.73
C THR E 283 -21.41 -41.07 32.73
N PRO E 284 -20.14 -40.77 33.03
CA PRO E 284 -19.42 -41.59 34.01
C PRO E 284 -20.04 -41.52 35.38
N GLN E 285 -20.81 -40.48 35.68
CA GLN E 285 -21.45 -40.39 36.98
C GLN E 285 -22.83 -41.03 37.01
N GLY E 286 -23.45 -41.25 35.86
CA GLY E 286 -24.78 -41.83 35.82
C GLY E 286 -25.47 -41.50 34.51
N ALA E 287 -26.62 -42.16 34.31
CA ALA E 287 -27.41 -41.97 33.10
C ALA E 287 -28.37 -40.81 33.27
N ILE E 288 -28.65 -40.13 32.16
CA ILE E 288 -29.47 -38.93 32.14
C ILE E 288 -30.69 -39.23 31.29
N ASN E 289 -31.87 -38.91 31.83
CA ASN E 289 -33.15 -39.09 31.15
C ASN E 289 -33.80 -37.71 31.08
N SER E 290 -33.59 -37.01 29.97
CA SER E 290 -34.01 -35.62 29.90
C SER E 290 -34.14 -35.17 28.46
N SER E 291 -35.02 -34.22 28.24
CA SER E 291 -35.13 -33.53 26.96
C SER E 291 -34.67 -32.09 27.03
N LEU E 292 -34.14 -31.65 28.16
CA LEU E 292 -33.69 -30.28 28.32
C LEU E 292 -32.45 -30.00 27.45
N PRO E 293 -32.25 -28.75 27.05
CA PRO E 293 -31.10 -28.45 26.17
C PRO E 293 -29.75 -28.52 26.88
N PHE E 294 -29.70 -28.28 28.20
CA PHE E 294 -28.42 -28.18 28.91
C PHE E 294 -28.39 -29.14 30.10
N GLN E 295 -27.17 -29.48 30.51
CA GLN E 295 -26.94 -30.29 31.69
C GLN E 295 -25.61 -29.87 32.31
N ASN E 296 -25.52 -30.02 33.63
CA ASN E 296 -24.31 -29.69 34.37
C ASN E 296 -23.79 -30.89 35.15
N ILE E 297 -24.12 -32.09 34.68
CA ILE E 297 -23.75 -33.30 35.40
C ILE E 297 -22.33 -33.72 35.05
N HIS E 298 -21.97 -33.76 33.75
CA HIS E 298 -20.63 -34.20 33.36
C HIS E 298 -20.29 -33.78 31.94
N PRO E 299 -19.04 -33.37 31.67
CA PRO E 299 -18.64 -33.09 30.28
C PRO E 299 -18.51 -34.35 29.42
N VAL E 300 -18.28 -35.52 30.01
CA VAL E 300 -18.12 -36.78 29.27
C VAL E 300 -19.48 -37.42 29.08
N THR E 301 -19.89 -37.62 27.83
CA THR E 301 -21.21 -38.16 27.56
C THR E 301 -21.12 -39.23 26.49
N ILE E 302 -22.07 -40.15 26.51
CA ILE E 302 -22.22 -41.18 25.50
C ILE E 302 -23.67 -41.19 25.05
N GLY E 303 -23.89 -41.21 23.73
CA GLY E 303 -25.24 -41.24 23.21
C GLY E 303 -25.72 -39.90 22.75
N GLU E 304 -26.96 -39.54 23.08
CA GLU E 304 -27.50 -38.22 22.76
C GLU E 304 -27.83 -37.54 24.08
N CYS E 305 -27.11 -36.47 24.38
CA CYS E 305 -27.12 -35.84 25.69
C CYS E 305 -27.38 -34.35 25.59
N PRO E 306 -27.85 -33.72 26.66
CA PRO E 306 -27.90 -32.26 26.69
C PRO E 306 -26.50 -31.69 26.72
N LYS E 307 -26.35 -30.48 26.22
CA LYS E 307 -25.03 -29.86 26.16
C LYS E 307 -24.54 -29.52 27.57
N TYR E 308 -23.29 -29.87 27.86
CA TYR E 308 -22.72 -29.64 29.17
C TYR E 308 -22.33 -28.18 29.35
N VAL E 309 -22.72 -27.60 30.48
CA VAL E 309 -22.33 -26.23 30.81
C VAL E 309 -22.00 -26.21 32.29
N ARG E 310 -21.28 -25.18 32.72
CA ARG E 310 -20.97 -25.03 34.13
C ARG E 310 -22.12 -24.43 34.92
N SER E 311 -23.20 -23.98 34.28
CA SER E 311 -24.21 -23.18 34.96
C SER E 311 -24.81 -23.94 36.13
N THR E 312 -25.24 -23.18 37.15
CA THR E 312 -26.01 -23.73 38.25
C THR E 312 -27.49 -23.38 38.15
N LYS E 313 -27.85 -22.41 37.31
CA LYS E 313 -29.26 -22.11 37.07
C LYS E 313 -29.42 -21.55 35.67
N LEU E 314 -30.38 -22.11 34.92
CA LEU E 314 -30.78 -21.61 33.61
C LEU E 314 -32.30 -21.66 33.55
N ARG E 315 -32.96 -20.54 33.82
CA ARG E 315 -34.42 -20.50 33.90
C ARG E 315 -34.93 -19.32 33.06
N MET E 316 -35.79 -19.63 32.09
CA MET E 316 -36.40 -18.63 31.22
C MET E 316 -37.80 -18.31 31.75
N VAL E 317 -38.11 -17.02 31.91
CA VAL E 317 -39.48 -16.64 32.25
C VAL E 317 -40.35 -16.78 31.01
N THR E 318 -41.53 -17.38 31.17
CA THR E 318 -42.50 -17.44 30.08
C THR E 318 -43.73 -16.59 30.35
N GLY E 319 -44.14 -16.50 31.60
CA GLY E 319 -45.25 -15.68 32.01
C GLY E 319 -44.82 -14.28 32.37
N LEU E 320 -45.56 -13.69 33.29
CA LEU E 320 -45.42 -12.32 33.70
C LEU E 320 -44.79 -12.23 35.09
N ARG E 321 -44.14 -11.09 35.35
CA ARG E 321 -43.78 -10.70 36.69
C ARG E 321 -44.98 -10.88 37.62
N ASN E 322 -44.78 -11.58 38.74
CA ASN E 322 -45.88 -12.02 39.62
C ASN E 322 -46.15 -10.98 40.72
N ILE E 323 -47.27 -10.27 40.59
CA ILE E 323 -47.65 -9.24 41.56
C ILE E 323 -49.06 -9.51 42.08
N PRO E 324 -49.25 -10.42 43.05
CA PRO E 324 -50.59 -10.70 43.58
C PRO E 324 -51.05 -9.72 44.66
N GLY E 330 -40.96 -1.04 35.11
CA GLY E 330 -41.28 -1.48 33.77
C GLY E 330 -40.86 -0.50 32.67
N LEU E 331 -40.67 -1.03 31.46
CA LEU E 331 -40.23 -0.24 30.32
C LEU E 331 -41.37 0.46 29.58
N PHE E 332 -42.58 -0.11 29.62
CA PHE E 332 -43.71 0.45 28.91
C PHE E 332 -44.75 1.09 29.82
N GLY E 333 -44.60 0.93 31.14
CA GLY E 333 -45.40 1.69 32.06
C GLY E 333 -46.70 1.05 32.47
N ALA E 334 -47.07 -0.08 31.87
CA ALA E 334 -48.35 -0.74 32.17
C ALA E 334 -48.17 -1.66 33.38
N ILE E 335 -47.50 -2.79 33.19
CA ILE E 335 -47.27 -3.74 34.28
C ILE E 335 -46.33 -3.11 35.31
N ALA E 336 -46.71 -3.24 36.59
CA ALA E 336 -46.04 -2.56 37.69
C ALA E 336 -45.96 -1.05 37.47
N GLY E 337 -46.88 -0.52 36.66
CA GLY E 337 -46.90 0.90 36.31
C GLY E 337 -48.23 1.54 36.62
N PHE E 338 -48.95 2.03 35.61
CA PHE E 338 -50.25 2.61 35.91
C PHE E 338 -51.25 1.53 36.30
N ILE E 339 -51.02 0.29 35.85
CA ILE E 339 -51.73 -0.88 36.38
C ILE E 339 -50.81 -1.48 37.44
N GLU E 340 -51.02 -1.07 38.70
CA GLU E 340 -50.03 -1.28 39.76
C GLU E 340 -49.88 -2.73 40.19
N GLY E 341 -50.86 -3.60 39.90
CA GLY E 341 -50.81 -4.95 40.43
C GLY E 341 -51.56 -5.92 39.54
N GLY E 342 -51.34 -7.22 39.80
CA GLY E 342 -51.97 -8.28 39.06
C GLY E 342 -53.23 -8.83 39.73
N TRP E 343 -53.95 -9.64 38.97
CA TRP E 343 -55.24 -10.20 39.40
C TRP E 343 -55.10 -11.71 39.59
N THR E 344 -55.10 -12.14 40.86
CA THR E 344 -55.21 -13.58 41.16
CA THR E 344 -55.20 -13.58 41.13
C THR E 344 -56.53 -14.15 40.68
N GLY E 345 -57.59 -13.34 40.68
CA GLY E 345 -58.92 -13.78 40.28
C GLY E 345 -59.03 -14.17 38.82
N MET E 346 -58.13 -13.70 37.97
CA MET E 346 -58.22 -14.06 36.55
C MET E 346 -57.35 -15.28 36.33
N ILE E 347 -57.97 -16.45 36.27
CA ILE E 347 -57.24 -17.70 36.23
C ILE E 347 -57.19 -18.31 34.83
N ASP E 348 -57.76 -17.64 33.84
CA ASP E 348 -57.92 -18.22 32.52
C ASP E 348 -57.10 -17.54 31.43
N GLY E 349 -56.29 -16.54 31.77
CA GLY E 349 -55.49 -15.90 30.75
C GLY E 349 -54.48 -14.96 31.36
N TRP E 350 -53.55 -14.51 30.51
CA TRP E 350 -52.50 -13.62 30.95
C TRP E 350 -52.97 -12.18 31.10
N TYR E 351 -53.76 -11.72 30.14
CA TYR E 351 -54.34 -10.38 30.16
C TYR E 351 -55.85 -10.50 30.01
N GLY E 352 -56.56 -9.58 30.62
CA GLY E 352 -58.01 -9.62 30.55
C GLY E 352 -58.65 -8.40 31.15
N TYR E 353 -59.91 -8.54 31.55
CA TYR E 353 -60.70 -7.43 32.03
C TYR E 353 -61.43 -7.80 33.32
N HIS E 354 -61.68 -6.79 34.14
CA HIS E 354 -62.58 -6.90 35.28
CA HIS E 354 -62.58 -6.90 35.28
C HIS E 354 -63.66 -5.83 35.14
N HIS E 355 -64.91 -6.26 34.99
CA HIS E 355 -66.06 -5.39 34.82
C HIS E 355 -66.84 -5.24 36.13
N GLN E 356 -67.63 -4.17 36.21
CA GLN E 356 -68.50 -3.94 37.37
C GLN E 356 -69.71 -3.11 36.93
N ASN E 357 -70.80 -3.79 36.62
CA ASN E 357 -72.07 -3.12 36.33
C ASN E 357 -73.11 -3.55 37.37
N GLU E 358 -74.35 -3.09 37.18
CA GLU E 358 -75.43 -3.39 38.12
C GLU E 358 -75.73 -4.89 38.19
N GLN E 359 -75.47 -5.64 37.11
CA GLN E 359 -75.72 -7.08 37.12
C GLN E 359 -74.70 -7.89 37.92
N GLY E 360 -73.58 -7.28 38.30
CA GLY E 360 -72.57 -7.97 39.05
C GLY E 360 -71.19 -7.57 38.57
N SER E 361 -70.21 -8.42 38.88
CA SER E 361 -68.82 -8.21 38.50
C SER E 361 -68.16 -9.56 38.26
N GLY E 362 -66.95 -9.51 37.70
CA GLY E 362 -66.22 -10.74 37.44
C GLY E 362 -65.07 -10.49 36.49
N TYR E 363 -64.22 -11.50 36.38
CA TYR E 363 -63.01 -11.47 35.57
C TYR E 363 -63.24 -12.20 34.24
N ALA E 364 -62.60 -11.70 33.18
CA ALA E 364 -62.64 -12.35 31.88
C ALA E 364 -61.31 -12.13 31.18
N ALA E 365 -60.75 -13.20 30.62
CA ALA E 365 -59.47 -13.09 29.93
C ALA E 365 -59.69 -12.63 28.50
N ASP E 366 -58.78 -11.78 28.03
CA ASP E 366 -58.79 -11.40 26.62
C ASP E 366 -58.12 -12.52 25.84
N GLN E 367 -58.93 -13.29 25.10
CA GLN E 367 -58.42 -14.48 24.43
C GLN E 367 -57.47 -14.13 23.29
N LYS E 368 -57.67 -12.99 22.63
CA LYS E 368 -56.88 -12.69 21.43
C LYS E 368 -55.46 -12.28 21.81
N SER E 369 -55.33 -11.32 22.74
CA SER E 369 -54.00 -10.89 23.15
C SER E 369 -53.25 -12.00 23.88
N THR E 370 -53.97 -12.78 24.70
CA THR E 370 -53.32 -13.86 25.45
C THR E 370 -52.78 -14.93 24.50
N GLN E 371 -53.59 -15.36 23.53
CA GLN E 371 -53.14 -16.42 22.62
C GLN E 371 -52.02 -15.91 21.71
N ASN E 372 -52.03 -14.62 21.37
CA ASN E 372 -50.93 -14.07 20.59
C ASN E 372 -49.65 -14.04 21.42
N ALA E 373 -49.78 -13.76 22.73
CA ALA E 373 -48.60 -13.75 23.60
C ALA E 373 -48.07 -15.17 23.83
N ILE E 374 -48.98 -16.13 24.05
CA ILE E 374 -48.57 -17.52 24.24
C ILE E 374 -47.88 -18.04 22.99
N ASN E 375 -48.41 -17.71 21.82
CA ASN E 375 -47.79 -18.18 20.58
C ASN E 375 -46.38 -17.62 20.43
N GLY E 376 -46.20 -16.34 20.74
CA GLY E 376 -44.88 -15.73 20.65
C GLY E 376 -43.88 -16.31 21.62
N ILE E 377 -44.28 -16.48 22.89
CA ILE E 377 -43.36 -16.99 23.90
C ILE E 377 -43.01 -18.44 23.60
N THR E 378 -43.99 -19.22 23.14
CA THR E 378 -43.71 -20.60 22.74
C THR E 378 -42.70 -20.66 21.61
N ASN E 379 -42.80 -19.73 20.65
CA ASN E 379 -41.80 -19.70 19.60
C ASN E 379 -40.44 -19.30 20.15
N LYS E 380 -40.41 -18.34 21.09
CA LYS E 380 -39.14 -17.88 21.63
C LYS E 380 -38.42 -19.02 22.34
N VAL E 381 -39.13 -19.76 23.17
CA VAL E 381 -38.50 -20.84 23.92
C VAL E 381 -38.05 -21.94 22.97
N ASN E 382 -38.93 -22.38 22.08
CA ASN E 382 -38.56 -23.42 21.13
C ASN E 382 -37.45 -22.98 20.20
N SER E 383 -37.43 -21.69 19.83
CA SER E 383 -36.35 -21.21 18.99
C SER E 383 -35.02 -21.27 19.73
N VAL E 384 -35.02 -20.96 21.02
CA VAL E 384 -33.80 -21.02 21.82
C VAL E 384 -33.30 -22.45 21.91
N ILE E 385 -34.19 -23.39 22.22
CA ILE E 385 -33.81 -24.79 22.36
C ILE E 385 -33.27 -25.33 21.03
N GLU E 386 -33.89 -24.90 19.92
CA GLU E 386 -33.43 -25.36 18.61
C GLU E 386 -31.98 -24.97 18.34
N LYS E 387 -31.56 -23.78 18.82
CA LYS E 387 -30.19 -23.32 18.63
C LYS E 387 -29.17 -24.08 19.49
N MET E 388 -29.60 -24.68 20.59
CA MET E 388 -28.70 -25.42 21.48
C MET E 388 -28.71 -26.89 21.07
N ASN E 389 -27.88 -27.21 20.08
CA ASN E 389 -27.88 -28.55 19.51
C ASN E 389 -27.34 -29.58 20.49
N THR E 390 -27.91 -30.78 20.44
CA THR E 390 -27.53 -31.86 21.33
C THR E 390 -26.05 -32.18 21.22
N GLN E 391 -25.47 -32.65 22.32
CA GLN E 391 -24.09 -33.13 22.34
C GLN E 391 -24.08 -34.66 22.20
N PHE E 392 -23.37 -35.15 21.19
CA PHE E 392 -23.21 -36.59 20.97
C PHE E 392 -21.97 -37.09 21.71
N THR E 393 -21.70 -38.39 21.61
CA THR E 393 -20.62 -39.03 22.38
C THR E 393 -19.32 -38.26 22.29
N THR E 394 -18.78 -37.87 23.45
CA THR E 394 -17.48 -37.21 23.51
C THR E 394 -16.37 -38.26 23.44
N VAL E 395 -15.31 -37.92 22.74
CA VAL E 395 -14.19 -38.83 22.51
C VAL E 395 -13.13 -38.58 23.56
N GLY E 396 -12.86 -39.61 24.38
CA GLY E 396 -11.80 -39.49 25.36
C GLY E 396 -10.47 -39.19 24.70
N LYS E 397 -9.60 -38.52 25.46
CA LYS E 397 -8.26 -38.15 25.01
C LYS E 397 -7.27 -38.44 26.12
N GLU E 398 -6.35 -39.37 25.87
CA GLU E 398 -5.26 -39.68 26.80
C GLU E 398 -3.92 -39.52 26.11
N PHE E 399 -2.94 -39.08 26.90
CA PHE E 399 -1.59 -38.76 26.44
C PHE E 399 -0.56 -39.40 27.37
N ASN E 400 0.59 -39.79 26.83
CA ASN E 400 1.62 -40.40 27.68
C ASN E 400 2.51 -39.30 28.30
N ASN E 401 3.51 -39.71 29.08
CA ASN E 401 4.28 -38.75 29.86
C ASN E 401 5.23 -37.92 29.02
N LEU E 402 5.32 -38.19 27.71
CA LEU E 402 6.03 -37.29 26.80
C LEU E 402 5.07 -36.55 25.87
N GLU E 403 3.81 -36.40 26.27
CA GLU E 403 2.87 -35.68 25.44
C GLU E 403 2.11 -34.65 26.25
N LYS E 404 2.83 -33.99 27.19
CA LYS E 404 2.22 -33.00 28.06
C LYS E 404 1.73 -31.78 27.28
N ARG E 405 2.43 -31.36 26.22
CA ARG E 405 1.98 -30.21 25.44
C ARG E 405 0.64 -30.50 24.76
N MET E 406 0.55 -31.69 24.16
CA MET E 406 -0.69 -32.11 23.53
CA MET E 406 -0.68 -32.17 23.54
C MET E 406 -1.81 -32.25 24.55
N GLU E 407 -1.51 -32.85 25.71
CA GLU E 407 -2.52 -32.94 26.76
C GLU E 407 -3.04 -31.56 27.15
N ASN E 408 -2.15 -30.57 27.31
CA ASN E 408 -2.58 -29.23 27.70
C ASN E 408 -3.29 -28.52 26.55
N LEU E 409 -2.86 -28.76 25.31
CA LEU E 409 -3.62 -28.21 24.19
C LEU E 409 -5.05 -28.75 24.19
N ASN E 410 -5.20 -30.06 24.40
CA ASN E 410 -6.55 -30.63 24.49
C ASN E 410 -7.35 -29.96 25.59
N LYS E 411 -6.72 -29.73 26.74
CA LYS E 411 -7.40 -29.11 27.87
C LYS E 411 -7.80 -27.68 27.54
N LYS E 412 -6.91 -26.94 26.86
CA LYS E 412 -7.26 -25.57 26.48
C LYS E 412 -8.48 -25.53 25.56
N VAL E 413 -8.55 -26.47 24.62
CA VAL E 413 -9.70 -26.57 23.73
C VAL E 413 -10.97 -26.87 24.52
N ASP E 414 -10.91 -27.90 25.39
CA ASP E 414 -12.11 -28.29 26.14
C ASP E 414 -12.60 -27.17 27.06
N ASP E 415 -11.68 -26.56 27.81
CA ASP E 415 -12.03 -25.45 28.70
C ASP E 415 -12.54 -24.26 27.91
N GLY E 416 -11.91 -23.96 26.78
CA GLY E 416 -12.29 -22.80 26.01
C GLY E 416 -13.70 -22.89 25.48
N PHE E 417 -14.07 -24.05 24.92
CA PHE E 417 -15.43 -24.24 24.44
C PHE E 417 -16.44 -24.22 25.58
N LEU E 418 -16.09 -24.87 26.69
CA LEU E 418 -16.98 -24.85 27.85
C LEU E 418 -17.20 -23.42 28.33
N ASP E 419 -16.15 -22.60 28.34
CA ASP E 419 -16.31 -21.20 28.74
C ASP E 419 -17.31 -20.50 27.84
N ILE E 420 -17.17 -20.67 26.53
CA ILE E 420 -18.01 -19.93 25.61
C ILE E 420 -19.45 -20.38 25.71
N TRP E 421 -19.69 -21.69 25.80
CA TRP E 421 -21.07 -22.16 25.84
C TRP E 421 -21.74 -21.81 27.16
N THR E 422 -20.99 -21.79 28.25
CA THR E 422 -21.57 -21.34 29.52
C THR E 422 -21.95 -19.88 29.43
N TYR E 423 -21.09 -19.07 28.82
CA TYR E 423 -21.38 -17.67 28.60
C TYR E 423 -22.58 -17.49 27.68
N ASN E 424 -22.61 -18.20 26.54
CA ASN E 424 -23.71 -18.08 25.60
C ASN E 424 -25.04 -18.40 26.25
N ALA E 425 -25.10 -19.54 26.95
CA ALA E 425 -26.36 -20.00 27.51
C ALA E 425 -26.87 -19.02 28.55
N GLU E 426 -26.00 -18.59 29.46
CA GLU E 426 -26.45 -17.70 30.53
C GLU E 426 -26.84 -16.34 30.00
N LEU E 427 -26.05 -15.80 29.08
CA LEU E 427 -26.31 -14.46 28.57
C LEU E 427 -27.60 -14.42 27.78
N LEU E 428 -27.84 -15.43 26.94
CA LEU E 428 -29.06 -15.45 26.15
C LEU E 428 -30.28 -15.43 27.06
N VAL E 429 -30.24 -16.18 28.17
CA VAL E 429 -31.37 -16.22 29.09
C VAL E 429 -31.60 -14.87 29.76
N LEU E 430 -30.51 -14.21 30.19
CA LEU E 430 -30.64 -12.88 30.79
C LEU E 430 -31.26 -11.90 29.81
N LEU E 431 -30.76 -11.90 28.58
CA LEU E 431 -31.27 -10.99 27.56
C LEU E 431 -32.73 -11.28 27.25
N GLU E 432 -33.04 -12.56 27.01
CA GLU E 432 -34.40 -12.90 26.62
C GLU E 432 -35.38 -12.78 27.76
N ASN E 433 -34.93 -12.99 29.00
CA ASN E 433 -35.82 -12.76 30.14
C ASN E 433 -36.28 -11.31 30.20
N GLU E 434 -35.37 -10.37 29.96
CA GLU E 434 -35.74 -8.97 29.92
C GLU E 434 -36.69 -8.67 28.75
N ARG E 435 -36.41 -9.23 27.57
CA ARG E 435 -37.24 -8.96 26.40
C ARG E 435 -38.66 -9.48 26.60
N THR E 436 -38.81 -10.64 27.26
CA THR E 436 -40.14 -11.21 27.49
C THR E 436 -40.96 -10.37 28.46
N LEU E 437 -40.33 -9.93 29.56
CA LEU E 437 -41.06 -9.10 30.50
C LEU E 437 -41.57 -7.84 29.82
N ASP E 438 -40.70 -7.19 29.06
CA ASP E 438 -41.11 -6.00 28.32
C ASP E 438 -42.20 -6.34 27.30
N PHE E 439 -42.15 -7.55 26.73
CA PHE E 439 -43.18 -8.00 25.80
C PHE E 439 -44.55 -7.99 26.46
N HIS E 440 -44.67 -8.59 27.64
CA HIS E 440 -45.95 -8.59 28.35
C HIS E 440 -46.37 -7.17 28.69
N ASP E 441 -45.42 -6.34 29.14
CA ASP E 441 -45.71 -4.94 29.45
C ASP E 441 -46.29 -4.22 28.23
N SER E 442 -45.67 -4.43 27.07
CA SER E 442 -46.15 -3.81 25.84
C SER E 442 -47.56 -4.31 25.48
N ASN E 443 -47.84 -5.59 25.70
CA ASN E 443 -49.15 -6.14 25.36
C ASN E 443 -50.24 -5.51 26.22
N VAL E 444 -50.01 -5.37 27.52
CA VAL E 444 -50.99 -4.78 28.41
C VAL E 444 -51.33 -3.35 27.98
N LYS E 445 -50.29 -2.56 27.69
CA LYS E 445 -50.52 -1.20 27.22
C LYS E 445 -51.28 -1.20 25.90
N ASN E 446 -50.91 -2.09 24.96
CA ASN E 446 -51.59 -2.11 23.66
C ASN E 446 -53.06 -2.48 23.81
N LEU E 447 -53.36 -3.44 24.70
CA LEU E 447 -54.76 -3.78 24.94
C LEU E 447 -55.49 -2.62 25.57
N TYR E 448 -54.85 -1.96 26.54
CA TYR E 448 -55.45 -0.79 27.18
C TYR E 448 -55.77 0.29 26.15
N GLU E 449 -54.84 0.56 25.24
CA GLU E 449 -55.06 1.61 24.24
C GLU E 449 -56.13 1.20 23.23
N LYS E 450 -56.24 -0.10 22.93
CA LYS E 450 -57.31 -0.56 22.05
C LYS E 450 -58.67 -0.34 22.69
N VAL E 451 -58.79 -0.63 23.99
CA VAL E 451 -60.04 -0.41 24.69
C VAL E 451 -60.35 1.07 24.79
N LYS E 452 -59.33 1.91 25.01
CA LYS E 452 -59.59 3.35 25.06
C LYS E 452 -60.03 3.89 23.71
N SER E 453 -59.53 3.31 22.61
CA SER E 453 -59.91 3.75 21.27
C SER E 453 -61.31 3.30 20.90
N GLN E 454 -61.79 2.21 21.50
CA GLN E 454 -63.18 1.78 21.32
C GLN E 454 -64.14 2.69 22.06
N LEU E 455 -63.73 3.20 23.22
CA LEU E 455 -64.64 3.91 24.09
C LEU E 455 -64.72 5.40 23.76
N LYS E 456 -63.58 6.06 23.53
CA LYS E 456 -63.51 7.49 23.21
C LYS E 456 -64.26 8.27 24.29
N ASN E 457 -64.95 9.35 23.91
CA ASN E 457 -65.72 10.22 24.82
C ASN E 457 -66.90 9.52 25.50
N ASN E 458 -67.13 8.22 25.29
CA ASN E 458 -68.23 7.53 25.96
C ASN E 458 -67.89 7.10 27.40
N ALA E 459 -66.73 7.48 27.93
CA ALA E 459 -66.28 7.02 29.24
C ALA E 459 -65.09 7.86 29.72
N LYS E 460 -64.97 7.98 31.05
CA LYS E 460 -63.86 8.66 31.71
C LYS E 460 -62.75 7.66 32.01
N GLU E 461 -61.59 8.18 32.40
CA GLU E 461 -60.40 7.36 32.67
C GLU E 461 -59.86 7.68 34.06
N ILE E 462 -59.68 6.65 34.88
CA ILE E 462 -58.97 6.78 36.15
C ILE E 462 -57.52 6.42 35.91
N GLY E 463 -56.72 6.38 36.98
CA GLY E 463 -55.30 6.20 36.82
C GLY E 463 -54.77 4.78 36.92
N ASN E 464 -55.63 3.77 36.89
CA ASN E 464 -55.19 2.39 37.12
C ASN E 464 -55.76 1.46 36.05
N GLY E 465 -55.79 1.91 34.81
CA GLY E 465 -56.29 1.06 33.74
C GLY E 465 -57.79 0.84 33.72
N CYS E 466 -58.58 1.66 34.42
CA CYS E 466 -60.03 1.49 34.50
C CYS E 466 -60.75 2.61 33.76
N PHE E 467 -61.90 2.27 33.15
CA PHE E 467 -62.75 3.22 32.44
C PHE E 467 -64.13 3.25 33.09
N GLU E 468 -64.61 4.45 33.44
CA GLU E 468 -65.93 4.65 34.06
C GLU E 468 -66.92 5.09 32.98
N PHE E 469 -67.85 4.21 32.62
CA PHE E 469 -68.79 4.51 31.55
C PHE E 469 -69.75 5.64 31.94
N TYR E 470 -70.06 6.49 30.96
CA TYR E 470 -71.03 7.57 31.13
C TYR E 470 -72.45 7.08 30.91
N HIS E 471 -72.61 5.92 30.30
CA HIS E 471 -73.90 5.30 30.04
C HIS E 471 -74.01 3.97 30.77
N LYS E 472 -75.19 3.38 30.69
CA LYS E 472 -75.42 2.05 31.25
C LYS E 472 -74.78 1.02 30.33
N CYS E 473 -74.00 0.11 30.92
CA CYS E 473 -73.24 -0.89 30.17
C CYS E 473 -73.59 -2.27 30.71
N ASP E 474 -74.39 -3.02 29.94
CA ASP E 474 -74.89 -4.32 30.38
C ASP E 474 -73.79 -5.37 30.30
N ASN E 475 -74.16 -6.61 30.63
CA ASN E 475 -73.23 -7.72 30.39
C ASN E 475 -72.99 -7.89 28.90
N GLU E 476 -73.97 -7.52 28.06
CA GLU E 476 -73.78 -7.53 26.62
C GLU E 476 -72.88 -6.36 26.18
N CYS E 477 -73.04 -5.20 26.82
CA CYS E 477 -72.18 -4.06 26.53
C CYS E 477 -70.75 -4.31 26.98
N MET E 478 -70.57 -4.91 28.16
CA MET E 478 -69.23 -5.26 28.63
C MET E 478 -68.60 -6.26 27.67
N GLU E 479 -69.36 -7.30 27.30
CA GLU E 479 -68.87 -8.28 26.34
C GLU E 479 -68.50 -7.63 25.01
N SER E 480 -69.28 -6.63 24.58
CA SER E 480 -68.93 -5.90 23.37
C SER E 480 -67.58 -5.20 23.51
N VAL E 481 -67.32 -4.59 24.69
CA VAL E 481 -66.03 -3.97 24.93
C VAL E 481 -64.93 -5.03 24.96
N ARG E 482 -65.18 -6.14 25.67
CA ARG E 482 -64.19 -7.21 25.75
C ARG E 482 -63.93 -7.78 24.37
N ASN E 483 -64.98 -7.92 23.55
CA ASN E 483 -64.83 -8.33 22.17
C ASN E 483 -64.36 -7.11 21.37
N GLY E 484 -64.28 -7.24 20.06
CA GLY E 484 -63.87 -6.09 19.27
C GLY E 484 -65.02 -5.32 18.67
N THR E 485 -66.22 -5.47 19.24
CA THR E 485 -67.45 -4.97 18.63
C THR E 485 -68.19 -3.89 19.43
N TYR E 486 -67.47 -3.00 20.14
CA TYR E 486 -68.19 -1.98 20.88
C TYR E 486 -68.90 -1.04 19.89
N ASP E 487 -70.21 -0.89 20.03
CA ASP E 487 -71.01 -0.06 19.14
C ASP E 487 -71.09 1.33 19.75
N TYR E 488 -70.16 2.19 19.35
CA TYR E 488 -70.13 3.55 19.88
C TYR E 488 -71.43 4.32 19.65
N PRO E 489 -72.01 4.38 18.44
CA PRO E 489 -73.24 5.18 18.27
C PRO E 489 -74.42 4.72 19.11
N LYS E 490 -74.48 3.45 19.50
CA LYS E 490 -75.62 2.94 20.26
C LYS E 490 -75.73 3.56 21.65
N TYR E 491 -74.63 4.05 22.22
CA TYR E 491 -74.63 4.58 23.57
C TYR E 491 -74.28 6.07 23.67
N SER E 492 -73.85 6.71 22.58
CA SER E 492 -73.31 8.06 22.65
C SER E 492 -74.38 9.12 22.93
N GLU E 493 -75.67 8.80 22.76
CA GLU E 493 -76.73 9.71 23.13
C GLU E 493 -77.63 9.10 24.21
N GLU E 494 -77.05 8.24 25.05
CA GLU E 494 -77.76 7.55 26.14
C GLU E 494 -77.04 7.76 27.47
N PHE E 495 -76.55 8.98 27.71
CA PHE E 495 -75.83 9.31 28.93
C PHE E 495 -76.77 9.35 30.14
N ASP F 3 -60.44 17.46 4.22
CA ASP F 3 -60.34 17.95 5.58
C ASP F 3 -59.55 17.00 6.51
N THR F 4 -58.72 16.12 5.94
CA THR F 4 -58.06 15.10 6.73
C THR F 4 -56.59 14.98 6.36
N ILE F 5 -55.78 14.66 7.37
CA ILE F 5 -54.38 14.27 7.20
C ILE F 5 -54.16 13.01 8.03
N CYS F 6 -53.52 12.00 7.42
CA CYS F 6 -53.30 10.70 8.04
C CYS F 6 -51.81 10.37 8.02
N ILE F 7 -51.35 9.70 9.08
CA ILE F 7 -49.97 9.22 9.18
C ILE F 7 -49.95 7.73 8.91
N GLY F 8 -48.99 7.29 8.08
CA GLY F 8 -48.88 5.88 7.73
C GLY F 8 -47.49 5.46 7.32
N TYR F 9 -47.36 4.20 6.89
CA TYR F 9 -46.06 3.62 6.62
C TYR F 9 -46.11 2.81 5.33
N HIS F 10 -44.92 2.50 4.83
CA HIS F 10 -44.75 1.96 3.50
C HIS F 10 -45.24 0.52 3.40
N ALA F 11 -45.69 0.14 2.20
CA ALA F 11 -45.94 -1.24 1.83
C ALA F 11 -45.60 -1.41 0.36
N ASN F 12 -45.32 -2.64 -0.03
CA ASN F 12 -44.95 -2.96 -1.42
C ASN F 12 -45.40 -4.38 -1.74
N ASN F 13 -44.89 -4.91 -2.85
CA ASN F 13 -45.22 -6.27 -3.29
C ASN F 13 -44.11 -7.27 -2.94
N SER F 14 -43.28 -6.95 -1.95
CA SER F 14 -42.17 -7.82 -1.59
C SER F 14 -42.67 -9.16 -1.03
N THR F 15 -42.03 -10.23 -1.50
CA THR F 15 -42.29 -11.60 -1.06
C THR F 15 -41.21 -12.09 -0.09
N ASP F 16 -40.35 -11.19 0.39
CA ASP F 16 -39.27 -11.57 1.29
C ASP F 16 -39.79 -11.85 2.69
N THR F 17 -39.22 -12.89 3.31
CA THR F 17 -39.56 -13.31 4.65
C THR F 17 -38.30 -13.38 5.52
N VAL F 18 -38.44 -12.97 6.79
CA VAL F 18 -37.41 -13.12 7.80
C VAL F 18 -38.03 -13.75 9.04
N ASP F 19 -37.17 -14.19 9.96
CA ASP F 19 -37.57 -14.80 11.21
C ASP F 19 -37.09 -13.95 12.37
N THR F 20 -37.82 -14.03 13.47
CA THR F 20 -37.36 -13.52 14.75
C THR F 20 -37.56 -14.62 15.78
N LEU F 21 -37.18 -14.36 17.03
CA LEU F 21 -37.46 -15.34 18.08
C LEU F 21 -38.95 -15.46 18.35
N LEU F 22 -39.69 -14.36 18.26
CA LEU F 22 -41.12 -14.40 18.54
C LEU F 22 -41.93 -14.98 17.38
N GLU F 23 -41.49 -14.77 16.14
CA GLU F 23 -42.31 -15.10 14.99
C GLU F 23 -41.42 -15.65 13.88
N LYS F 24 -42.00 -16.50 13.04
CA LYS F 24 -41.34 -17.02 11.84
C LYS F 24 -42.06 -16.51 10.60
N ASN F 25 -41.31 -16.39 9.51
CA ASN F 25 -41.85 -16.06 8.19
C ASN F 25 -42.69 -14.79 8.21
N VAL F 26 -42.06 -13.70 8.61
CA VAL F 26 -42.70 -12.39 8.59
C VAL F 26 -42.36 -11.70 7.28
N THR F 27 -43.36 -11.45 6.45
CA THR F 27 -43.12 -10.76 5.19
C THR F 27 -42.83 -9.28 5.44
N VAL F 28 -41.72 -8.80 4.87
CA VAL F 28 -41.22 -7.46 5.17
C VAL F 28 -40.97 -6.73 3.86
N THR F 29 -40.95 -5.39 3.95
CA THR F 29 -40.85 -4.56 2.74
C THR F 29 -39.45 -4.61 2.15
N HIS F 30 -38.42 -4.70 3.00
CA HIS F 30 -37.03 -4.72 2.53
C HIS F 30 -36.19 -5.61 3.45
N SER F 31 -35.20 -6.28 2.87
CA SER F 31 -34.32 -7.16 3.62
C SER F 31 -33.03 -7.37 2.84
N VAL F 32 -32.05 -7.98 3.50
CA VAL F 32 -30.73 -8.22 2.94
C VAL F 32 -30.29 -9.62 3.32
N ASN F 33 -29.89 -10.41 2.32
CA ASN F 33 -29.39 -11.74 2.56
C ASN F 33 -27.91 -11.66 2.92
N LEU F 34 -27.53 -12.31 4.01
CA LEU F 34 -26.14 -12.31 4.48
C LEU F 34 -25.42 -13.62 4.18
N LEU F 35 -26.08 -14.58 3.53
CA LEU F 35 -25.52 -15.92 3.34
C LEU F 35 -25.27 -16.21 1.86
N GLU F 36 -24.00 -16.32 1.48
CA GLU F 36 -23.66 -16.70 0.13
C GLU F 36 -23.76 -18.21 -0.03
N ASP F 37 -24.54 -18.66 -1.02
CA ASP F 37 -24.69 -20.09 -1.25
C ASP F 37 -24.42 -20.48 -2.70
N SER F 38 -23.88 -19.59 -3.51
CA SER F 38 -23.62 -19.87 -4.92
C SER F 38 -22.14 -19.74 -5.24
N HIS F 39 -21.64 -20.67 -6.05
CA HIS F 39 -20.27 -20.65 -6.53
C HIS F 39 -20.29 -21.06 -8.00
N ASN F 40 -19.17 -20.85 -8.69
CA ASN F 40 -19.12 -21.17 -10.12
C ASN F 40 -18.69 -22.60 -10.41
N GLY F 41 -18.46 -23.41 -9.38
CA GLY F 41 -18.12 -24.81 -9.60
C GLY F 41 -16.82 -25.08 -10.35
N LYS F 42 -15.92 -24.10 -10.41
CA LYS F 42 -14.68 -24.28 -11.15
C LYS F 42 -13.49 -23.91 -10.28
N LEU F 43 -12.32 -24.39 -10.68
CA LEU F 43 -11.07 -23.91 -10.11
C LEU F 43 -10.62 -22.68 -10.90
N CYS F 44 -10.17 -21.65 -10.18
CA CYS F 44 -9.82 -20.40 -10.82
C CYS F 44 -8.42 -19.96 -10.44
N LYS F 45 -7.94 -18.98 -11.19
CA LYS F 45 -6.75 -18.25 -10.79
C LYS F 45 -7.11 -17.44 -9.55
N LEU F 46 -6.12 -17.22 -8.71
CA LEU F 46 -6.28 -16.45 -7.49
C LEU F 46 -5.37 -15.24 -7.61
N LYS F 47 -5.96 -14.05 -7.66
CA LYS F 47 -5.23 -12.80 -7.86
C LYS F 47 -4.33 -12.91 -9.10
N GLY F 48 -4.85 -13.58 -10.14
CA GLY F 48 -4.17 -13.71 -11.42
C GLY F 48 -3.21 -14.89 -11.57
N ILE F 49 -2.98 -15.66 -10.51
CA ILE F 49 -1.97 -16.72 -10.52
C ILE F 49 -2.67 -18.07 -10.48
N ALA F 50 -2.34 -18.93 -11.44
CA ALA F 50 -2.96 -20.23 -11.54
C ALA F 50 -2.45 -21.17 -10.42
N PRO F 51 -3.27 -22.14 -10.03
CA PRO F 51 -2.81 -23.15 -9.07
C PRO F 51 -1.92 -24.18 -9.75
N LEU F 52 -1.25 -24.99 -8.93
CA LEU F 52 -0.52 -26.14 -9.44
C LEU F 52 -1.44 -27.36 -9.37
N GLN F 53 -1.74 -27.93 -10.51
CA GLN F 53 -2.59 -29.11 -10.60
C GLN F 53 -1.71 -30.35 -10.70
N LEU F 54 -1.65 -31.13 -9.63
CA LEU F 54 -0.86 -32.35 -9.66
C LEU F 54 -1.51 -33.44 -10.48
N GLY F 55 -2.80 -33.30 -10.81
CA GLY F 55 -3.46 -34.26 -11.68
C GLY F 55 -3.48 -35.64 -11.04
N LYS F 56 -2.91 -36.62 -11.73
CA LYS F 56 -2.89 -38.00 -11.26
C LYS F 56 -1.78 -38.28 -10.25
N CYS F 57 -0.97 -37.29 -9.91
CA CYS F 57 0.14 -37.48 -9.00
C CYS F 57 -0.20 -36.86 -7.65
N ASN F 58 0.34 -37.44 -6.57
CA ASN F 58 0.24 -36.78 -5.29
C ASN F 58 1.54 -36.04 -5.00
N ILE F 59 1.61 -35.39 -3.84
CA ILE F 59 2.80 -34.60 -3.52
C ILE F 59 4.06 -35.47 -3.56
N ALA F 60 3.95 -36.71 -3.06
CA ALA F 60 5.10 -37.62 -3.08
C ALA F 60 5.59 -37.90 -4.50
N GLY F 61 4.67 -38.22 -5.42
CA GLY F 61 5.11 -38.52 -6.77
C GLY F 61 5.79 -37.35 -7.45
N TRP F 62 5.25 -36.15 -7.24
CA TRP F 62 5.84 -34.91 -7.78
C TRP F 62 7.24 -34.67 -7.21
N LEU F 63 7.37 -34.65 -5.87
CA LEU F 63 8.65 -34.27 -5.29
C LEU F 63 9.73 -35.32 -5.52
N LEU F 64 9.35 -36.62 -5.51
CA LEU F 64 10.32 -37.68 -5.82
C LEU F 64 10.66 -37.74 -7.30
N GLY F 65 9.75 -37.27 -8.14
CA GLY F 65 9.93 -37.40 -9.58
C GLY F 65 9.57 -38.77 -10.11
N ASN F 66 8.48 -39.36 -9.59
CA ASN F 66 7.90 -40.54 -10.20
C ASN F 66 7.83 -40.31 -11.70
N PRO F 67 8.34 -41.21 -12.52
CA PRO F 67 8.40 -40.94 -13.98
C PRO F 67 7.05 -40.65 -14.62
N GLU F 68 5.95 -41.01 -13.97
CA GLU F 68 4.64 -40.66 -14.50
C GLU F 68 4.29 -39.20 -14.27
N CYS F 69 5.14 -38.46 -13.57
CA CYS F 69 4.84 -37.09 -13.19
C CYS F 69 5.74 -36.10 -13.91
N ASP F 70 6.35 -36.54 -15.03
CA ASP F 70 7.30 -35.70 -15.75
C ASP F 70 6.67 -34.41 -16.23
N SER F 71 5.37 -34.42 -16.51
CA SER F 71 4.73 -33.19 -16.97
C SER F 71 4.77 -32.10 -15.90
N LEU F 72 5.01 -32.47 -14.64
CA LEU F 72 5.09 -31.51 -13.56
C LEU F 72 6.48 -30.93 -13.38
N LEU F 73 7.47 -31.42 -14.13
CA LEU F 73 8.86 -31.03 -13.91
C LEU F 73 9.12 -29.54 -14.09
N PRO F 74 8.55 -28.83 -15.06
CA PRO F 74 8.82 -27.40 -15.23
C PRO F 74 8.14 -26.49 -14.22
N ALA F 75 7.39 -27.05 -13.27
CA ALA F 75 6.52 -26.28 -12.38
C ALA F 75 7.25 -25.12 -11.73
N ARG F 76 6.66 -23.92 -11.81
CA ARG F 76 7.36 -22.75 -11.35
C ARG F 76 6.71 -22.09 -10.13
N SER F 77 5.58 -21.40 -10.33
CA SER F 77 4.96 -20.67 -9.24
C SER F 77 3.46 -20.88 -9.28
N TRP F 78 2.83 -20.77 -8.12
CA TRP F 78 1.41 -21.07 -8.04
C TRP F 78 0.78 -20.34 -6.87
N SER F 79 -0.55 -20.29 -6.90
CA SER F 79 -1.35 -19.68 -5.83
C SER F 79 -1.86 -20.69 -4.83
N TYR F 80 -2.03 -21.94 -5.24
CA TYR F 80 -2.38 -23.05 -4.37
C TYR F 80 -2.08 -24.34 -5.11
N ILE F 81 -2.15 -25.46 -4.40
CA ILE F 81 -1.83 -26.76 -4.99
C ILE F 81 -3.08 -27.63 -4.92
N VAL F 82 -3.36 -28.33 -6.00
CA VAL F 82 -4.57 -29.15 -6.11
C VAL F 82 -4.14 -30.60 -6.30
N GLU F 83 -4.45 -31.43 -5.31
CA GLU F 83 -4.42 -32.88 -5.45
C GLU F 83 -5.82 -33.34 -5.82
N THR F 84 -5.90 -34.39 -6.62
CA THR F 84 -7.22 -34.96 -6.89
C THR F 84 -7.43 -36.21 -6.04
N PRO F 85 -8.68 -36.56 -5.75
CA PRO F 85 -8.94 -37.76 -4.95
C PRO F 85 -8.48 -39.01 -5.68
N ASN F 86 -7.96 -39.96 -4.90
CA ASN F 86 -7.49 -41.25 -5.41
C ASN F 86 -6.39 -41.04 -6.47
N SER F 87 -5.32 -40.39 -6.04
CA SER F 87 -4.15 -40.21 -6.89
C SER F 87 -3.48 -41.55 -7.16
N GLU F 88 -3.09 -41.78 -8.41
CA GLU F 88 -2.48 -43.06 -8.77
C GLU F 88 -0.95 -43.06 -8.82
N ASN F 89 -0.30 -41.91 -8.78
CA ASN F 89 1.15 -41.88 -8.94
C ASN F 89 1.79 -41.23 -7.72
N GLY F 90 2.32 -42.05 -6.83
CA GLY F 90 3.00 -41.47 -5.68
C GLY F 90 4.40 -42.00 -5.56
N ALA F 91 4.72 -42.61 -4.42
CA ALA F 91 6.00 -43.31 -4.24
C ALA F 91 5.82 -44.67 -4.87
N CYS F 92 6.24 -44.79 -6.13
CA CYS F 92 6.02 -46.01 -6.91
C CYS F 92 6.74 -47.19 -6.27
N TYR F 93 7.93 -46.98 -5.73
CA TYR F 93 8.61 -48.08 -5.05
C TYR F 93 8.12 -48.13 -3.60
N PRO F 94 7.56 -49.24 -3.15
CA PRO F 94 6.90 -49.26 -1.83
C PRO F 94 7.87 -49.02 -0.67
N GLY F 95 7.37 -48.28 0.31
CA GLY F 95 8.17 -47.94 1.48
C GLY F 95 7.47 -46.85 2.26
N ASP F 96 8.15 -46.35 3.27
CA ASP F 96 7.57 -45.36 4.17
C ASP F 96 8.18 -44.01 3.81
N PHE F 97 7.33 -42.98 3.70
CA PHE F 97 7.78 -41.60 3.48
C PHE F 97 7.72 -40.90 4.84
N ILE F 98 8.87 -40.81 5.51
CA ILE F 98 8.89 -40.33 6.89
C ILE F 98 8.55 -38.84 6.97
N ASP F 99 7.72 -38.47 7.97
CA ASP F 99 7.27 -37.10 8.22
C ASP F 99 6.67 -36.46 6.97
N TYR F 100 5.96 -37.27 6.20
CA TYR F 100 5.31 -36.83 4.97
C TYR F 100 4.27 -35.74 5.22
N GLU F 101 3.41 -35.95 6.24
CA GLU F 101 2.40 -34.91 6.53
C GLU F 101 3.08 -33.62 6.94
N GLU F 102 4.21 -33.70 7.64
CA GLU F 102 4.92 -32.47 8.02
C GLU F 102 5.46 -31.76 6.79
N LEU F 103 5.99 -32.52 5.83
CA LEU F 103 6.47 -31.93 4.57
C LEU F 103 5.33 -31.21 3.82
N LYS F 104 4.15 -31.83 3.77
CA LYS F 104 3.01 -31.18 3.13
C LYS F 104 2.65 -29.89 3.87
N GLU F 105 2.65 -29.92 5.21
CA GLU F 105 2.40 -28.72 5.98
C GLU F 105 3.42 -27.63 5.66
N GLN F 106 4.69 -28.00 5.51
CA GLN F 106 5.71 -27.02 5.11
C GLN F 106 5.39 -26.42 3.74
N LEU F 107 5.04 -27.28 2.78
CA LEU F 107 4.73 -26.85 1.43
C LEU F 107 3.51 -25.96 1.38
N SER F 108 2.65 -26.00 2.41
CA SER F 108 1.45 -25.18 2.41
C SER F 108 1.76 -23.68 2.45
N SER F 109 2.95 -23.29 2.90
CA SER F 109 3.36 -21.88 2.93
C SER F 109 4.44 -21.56 1.89
N VAL F 110 4.56 -22.38 0.85
CA VAL F 110 5.51 -22.18 -0.23
C VAL F 110 4.80 -21.67 -1.47
N SER F 111 5.28 -20.58 -2.05
CA SER F 111 4.73 -20.09 -3.31
C SER F 111 5.47 -20.63 -4.53
N SER F 112 6.70 -21.13 -4.35
CA SER F 112 7.42 -21.70 -5.48
C SER F 112 8.51 -22.64 -4.99
N LEU F 113 8.83 -23.61 -5.84
CA LEU F 113 9.92 -24.56 -5.63
C LEU F 113 10.74 -24.52 -6.89
N GLU F 114 12.03 -24.21 -6.78
CA GLU F 114 12.90 -24.19 -7.94
C GLU F 114 13.77 -25.44 -7.92
N ARG F 115 13.55 -26.31 -8.88
CA ARG F 115 14.25 -27.58 -8.98
C ARG F 115 15.64 -27.37 -9.57
N PHE F 116 16.66 -27.95 -8.96
CA PHE F 116 18.03 -27.79 -9.44
C PHE F 116 18.76 -29.10 -9.17
N GLU F 117 19.84 -29.30 -9.92
CA GLU F 117 20.60 -30.55 -9.91
C GLU F 117 21.63 -30.49 -8.79
N ILE F 118 21.23 -30.93 -7.59
CA ILE F 118 22.10 -30.77 -6.43
C ILE F 118 23.36 -31.63 -6.58
N PHE F 119 23.21 -32.84 -7.11
CA PHE F 119 24.33 -33.78 -7.33
C PHE F 119 24.19 -34.31 -8.74
N PRO F 120 24.83 -33.67 -9.72
CA PRO F 120 24.72 -34.13 -11.12
C PRO F 120 25.13 -35.59 -11.23
N LYS F 121 24.23 -36.39 -11.81
CA LYS F 121 24.50 -37.82 -11.98
C LYS F 121 25.81 -38.05 -12.70
N GLU F 122 26.11 -37.21 -13.70
CA GLU F 122 27.24 -37.44 -14.58
C GLU F 122 28.57 -37.31 -13.85
N SER F 123 28.64 -36.47 -12.82
CA SER F 123 29.92 -36.14 -12.23
C SER F 123 30.06 -36.36 -10.73
N SER F 124 28.97 -36.58 -9.98
CA SER F 124 29.07 -36.59 -8.52
C SER F 124 29.56 -37.92 -7.96
N TRP F 125 29.48 -39.01 -8.73
CA TRP F 125 29.71 -40.36 -8.19
C TRP F 125 30.67 -41.16 -9.06
N PRO F 126 31.92 -40.71 -9.18
CA PRO F 126 32.84 -41.37 -10.11
C PRO F 126 33.17 -42.80 -9.73
N ASN F 127 32.99 -43.18 -8.47
CA ASN F 127 33.39 -44.48 -7.95
C ASN F 127 32.24 -45.46 -7.77
N HIS F 128 31.06 -45.14 -8.30
CA HIS F 128 29.89 -45.97 -8.12
C HIS F 128 29.15 -46.05 -9.45
N ASN F 129 28.25 -47.02 -9.55
CA ASN F 129 27.50 -47.24 -10.78
C ASN F 129 26.21 -46.44 -10.72
N THR F 130 26.03 -45.53 -11.69
CA THR F 130 24.86 -44.66 -11.79
C THR F 130 23.85 -45.13 -12.85
N LEU F 131 24.07 -46.29 -13.44
CA LEU F 131 23.29 -46.71 -14.61
C LEU F 131 22.33 -47.85 -14.32
N LYS F 132 22.57 -48.64 -13.27
CA LYS F 132 21.78 -49.84 -13.03
C LYS F 132 20.58 -49.61 -12.14
N GLY F 133 20.34 -48.39 -11.69
CA GLY F 133 19.32 -48.17 -10.68
C GLY F 133 17.93 -47.91 -11.24
N VAL F 134 17.37 -48.89 -11.96
CA VAL F 134 16.01 -48.81 -12.47
C VAL F 134 15.24 -50.03 -11.98
N THR F 135 13.91 -49.91 -12.02
CA THR F 135 13.09 -50.95 -11.43
C THR F 135 11.72 -51.00 -12.11
N ALA F 136 11.14 -52.20 -12.13
CA ALA F 136 9.81 -52.40 -12.67
C ALA F 136 8.74 -51.70 -11.83
N SER F 137 9.03 -51.46 -10.55
CA SER F 137 8.09 -50.72 -9.69
C SER F 137 7.88 -49.29 -10.15
N CYS F 138 8.86 -48.67 -10.80
CA CYS F 138 8.74 -47.29 -11.27
C CYS F 138 8.90 -47.26 -12.79
N SER F 139 7.99 -47.88 -13.49
CA SER F 139 8.19 -48.03 -14.92
C SER F 139 7.87 -46.74 -15.67
N HIS F 140 8.37 -46.68 -16.92
CA HIS F 140 8.18 -45.56 -17.82
C HIS F 140 7.98 -46.14 -19.20
N GLY F 141 6.82 -45.87 -19.81
CA GLY F 141 6.51 -46.57 -21.05
C GLY F 141 6.60 -48.06 -20.92
N GLY F 142 6.25 -48.60 -19.75
CA GLY F 142 6.29 -50.02 -19.52
C GLY F 142 7.67 -50.64 -19.41
N LYS F 143 8.70 -49.83 -19.25
CA LYS F 143 10.05 -50.36 -19.04
C LYS F 143 10.54 -49.88 -17.68
N SER F 144 11.45 -50.65 -17.08
CA SER F 144 11.99 -50.30 -15.77
C SER F 144 12.62 -48.91 -15.81
N SER F 145 12.36 -48.13 -14.77
CA SER F 145 12.85 -46.75 -14.71
C SER F 145 13.03 -46.40 -13.24
N PHE F 146 13.10 -45.11 -12.92
CA PHE F 146 13.26 -44.68 -11.55
C PHE F 146 12.85 -43.23 -11.44
N TYR F 147 12.76 -42.78 -10.20
CA TYR F 147 12.49 -41.38 -9.90
C TYR F 147 13.46 -40.47 -10.65
N ARG F 148 12.97 -39.29 -11.04
CA ARG F 148 13.80 -38.31 -11.74
C ARG F 148 14.67 -37.49 -10.81
N ASN F 149 14.29 -37.38 -9.54
CA ASN F 149 14.98 -36.50 -8.60
C ASN F 149 15.91 -37.26 -7.66
N LEU F 150 15.96 -38.59 -7.76
CA LEU F 150 16.82 -39.41 -6.92
C LEU F 150 17.67 -40.31 -7.81
N LEU F 151 18.76 -40.86 -7.26
CA LEU F 151 19.66 -41.70 -8.06
C LEU F 151 20.03 -42.95 -7.24
N TRP F 152 19.63 -44.11 -7.74
CA TRP F 152 19.84 -45.40 -7.08
C TRP F 152 21.24 -45.89 -7.44
N LEU F 153 22.20 -45.55 -6.58
CA LEU F 153 23.58 -45.96 -6.78
C LEU F 153 23.78 -47.43 -6.43
N THR F 154 24.60 -48.12 -7.21
CA THR F 154 24.99 -49.49 -6.96
C THR F 154 26.49 -49.63 -7.16
N LYS F 155 27.00 -50.84 -6.94
CA LYS F 155 28.44 -51.08 -6.98
C LYS F 155 28.96 -51.13 -8.41
N THR F 156 30.21 -50.73 -8.58
CA THR F 156 30.95 -50.93 -9.83
C THR F 156 31.91 -52.08 -9.65
N GLY F 157 31.90 -53.00 -10.60
CA GLY F 157 32.64 -54.23 -10.39
C GLY F 157 32.07 -54.90 -9.14
N ASP F 158 32.94 -55.21 -8.18
CA ASP F 158 32.55 -55.78 -6.91
C ASP F 158 32.98 -54.88 -5.74
N SER F 159 32.87 -53.57 -5.94
CA SER F 159 33.28 -52.60 -4.93
C SER F 159 32.23 -51.51 -4.81
N TYR F 160 31.91 -51.17 -3.57
CA TYR F 160 31.09 -50.01 -3.24
C TYR F 160 31.86 -49.27 -2.16
N PRO F 161 32.79 -48.40 -2.55
CA PRO F 161 33.57 -47.66 -1.56
C PRO F 161 32.71 -46.66 -0.80
N LYS F 162 33.19 -46.30 0.37
CA LYS F 162 32.52 -45.26 1.15
C LYS F 162 32.48 -43.96 0.35
N LEU F 163 31.28 -43.42 0.20
CA LEU F 163 31.11 -42.12 -0.45
C LEU F 163 30.92 -41.02 0.58
N THR F 164 31.40 -39.83 0.23
CA THR F 164 31.22 -38.63 1.02
C THR F 164 30.99 -37.49 0.04
N ASN F 165 29.80 -36.91 0.06
CA ASN F 165 29.43 -35.83 -0.83
CA ASN F 165 29.45 -35.82 -0.82
C ASN F 165 28.74 -34.75 -0.01
N SER F 166 29.08 -33.50 -0.29
CA SER F 166 28.57 -32.36 0.45
CA SER F 166 28.50 -32.39 0.45
C SER F 166 27.95 -31.38 -0.54
N TYR F 167 26.92 -30.67 -0.11
CA TYR F 167 26.35 -29.57 -0.87
C TYR F 167 26.25 -28.36 0.05
N VAL F 168 26.78 -27.22 -0.40
CA VAL F 168 26.65 -25.97 0.34
C VAL F 168 25.48 -25.18 -0.23
N ASN F 169 24.56 -24.77 0.64
CA ASN F 169 23.38 -24.00 0.23
C ASN F 169 23.74 -22.55 -0.01
N ASN F 170 23.98 -22.20 -1.28
CA ASN F 170 24.28 -20.82 -1.67
C ASN F 170 23.11 -20.17 -2.40
N LYS F 171 21.90 -20.67 -2.18
CA LYS F 171 20.69 -20.22 -2.85
C LYS F 171 20.02 -19.00 -2.19
N GLY F 172 20.41 -18.62 -0.97
CA GLY F 172 19.66 -17.56 -0.34
C GLY F 172 18.25 -17.98 0.04
N LYS F 173 17.98 -19.27 0.01
CA LYS F 173 16.67 -19.81 0.29
C LYS F 173 16.86 -21.15 0.98
N GLU F 174 15.81 -21.59 1.68
CA GLU F 174 15.80 -22.94 2.19
C GLU F 174 15.84 -23.90 1.03
N VAL F 175 16.60 -24.98 1.17
CA VAL F 175 16.66 -26.01 0.14
C VAL F 175 16.05 -27.28 0.72
N LEU F 176 15.04 -27.80 0.04
CA LEU F 176 14.46 -29.08 0.43
C LEU F 176 15.25 -30.19 -0.24
N VAL F 177 15.87 -31.04 0.57
CA VAL F 177 16.67 -32.16 0.07
C VAL F 177 15.92 -33.45 0.39
N LEU F 178 15.74 -34.30 -0.63
CA LEU F 178 15.10 -35.60 -0.46
C LEU F 178 16.07 -36.72 -0.80
N TRP F 179 15.94 -37.84 -0.09
CA TRP F 179 16.74 -39.02 -0.39
C TRP F 179 15.96 -40.26 0.06
N GLY F 180 16.53 -41.42 -0.21
CA GLY F 180 15.89 -42.67 0.19
C GLY F 180 16.93 -43.65 0.67
N VAL F 181 16.44 -44.69 1.34
CA VAL F 181 17.28 -45.81 1.78
C VAL F 181 16.61 -47.10 1.31
N HIS F 182 17.36 -47.95 0.64
CA HIS F 182 16.81 -49.17 0.06
C HIS F 182 17.02 -50.35 1.00
N HIS F 183 16.03 -51.23 1.04
CA HIS F 183 16.08 -52.39 1.93
C HIS F 183 15.91 -53.66 1.13
N PRO F 184 17.02 -54.32 0.79
CA PRO F 184 16.95 -55.57 0.04
C PRO F 184 16.11 -56.61 0.76
N SER F 185 15.75 -57.63 0.01
CA SER F 185 14.97 -58.72 0.54
C SER F 185 15.82 -59.89 0.99
N SER F 186 17.14 -59.84 0.76
CA SER F 186 18.03 -60.92 1.17
C SER F 186 19.44 -60.38 1.31
N SER F 187 20.26 -61.13 2.05
CA SER F 187 21.68 -60.80 2.13
C SER F 187 22.34 -60.93 0.78
N ASN F 188 21.90 -61.90 -0.04
CA ASN F 188 22.50 -62.07 -1.35
C ASN F 188 22.21 -60.85 -2.23
N GLU F 189 21.00 -60.29 -2.12
CA GLU F 189 20.65 -59.08 -2.84
C GLU F 189 21.47 -57.88 -2.36
N GLN F 190 21.62 -57.73 -1.04
CA GLN F 190 22.45 -56.68 -0.48
C GLN F 190 23.86 -56.72 -1.07
N GLN F 191 24.43 -57.93 -1.17
CA GLN F 191 25.77 -58.06 -1.72
C GLN F 191 25.77 -57.81 -3.21
N SER F 192 24.76 -58.29 -3.92
CA SER F 192 24.71 -58.09 -5.36
C SER F 192 24.66 -56.61 -5.73
N LEU F 193 23.91 -55.82 -4.96
CA LEU F 193 23.72 -54.41 -5.28
C LEU F 193 24.84 -53.53 -4.71
N TYR F 194 25.28 -53.83 -3.48
CA TYR F 194 26.13 -52.92 -2.72
C TYR F 194 27.43 -53.54 -2.21
N HIS F 195 27.64 -54.83 -2.43
CA HIS F 195 28.78 -55.60 -1.96
C HIS F 195 28.85 -55.69 -0.44
N ASN F 196 28.86 -54.54 0.23
CA ASN F 196 29.04 -54.54 1.68
C ASN F 196 27.83 -55.13 2.40
N VAL F 197 28.09 -56.13 3.24
CA VAL F 197 27.02 -56.80 3.98
C VAL F 197 26.46 -55.88 5.04
N ASN F 198 27.32 -55.13 5.73
CA ASN F 198 26.88 -54.24 6.80
C ASN F 198 27.18 -52.81 6.36
N ALA F 199 26.22 -52.23 5.65
CA ALA F 199 26.35 -50.87 5.14
C ALA F 199 25.56 -49.90 6.01
N TYR F 200 25.81 -48.61 5.81
CA TYR F 200 25.03 -47.59 6.49
C TYR F 200 24.93 -46.36 5.59
N VAL F 201 23.98 -45.51 5.94
CA VAL F 201 23.84 -44.19 5.32
C VAL F 201 23.88 -43.16 6.44
N SER F 202 24.64 -42.08 6.23
CA SER F 202 24.67 -40.99 7.19
C SER F 202 24.35 -39.69 6.47
N VAL F 203 23.46 -38.88 7.06
CA VAL F 203 23.07 -37.60 6.50
C VAL F 203 23.11 -36.55 7.62
N VAL F 204 23.98 -35.55 7.47
CA VAL F 204 24.19 -34.58 8.55
C VAL F 204 24.30 -33.17 7.98
N SER F 205 23.57 -32.23 8.60
CA SER F 205 23.75 -30.81 8.36
C SER F 205 24.04 -30.15 9.71
N SER F 206 23.87 -28.83 9.83
CA SER F 206 24.04 -28.21 11.15
C SER F 206 22.86 -28.43 12.09
N ASN F 207 21.70 -28.83 11.58
CA ASN F 207 20.53 -29.06 12.42
C ASN F 207 19.82 -30.35 12.05
N TYR F 208 20.44 -31.19 11.25
CA TYR F 208 19.91 -32.51 10.94
C TYR F 208 21.03 -33.53 11.13
N ASN F 209 20.69 -34.71 11.65
CA ASN F 209 21.71 -35.71 11.98
C ASN F 209 21.00 -37.06 12.09
N ARG F 210 21.13 -37.90 11.07
CA ARG F 210 20.44 -39.18 11.16
C ARG F 210 21.27 -40.24 10.45
N ARG F 211 21.24 -41.46 11.00
CA ARG F 211 21.97 -42.60 10.45
CA ARG F 211 21.97 -42.59 10.47
C ARG F 211 21.00 -43.71 10.09
N PHE F 212 21.25 -44.36 8.97
CA PHE F 212 20.36 -45.42 8.53
C PHE F 212 21.14 -46.69 8.25
N THR F 213 20.56 -47.81 8.65
CA THR F 213 21.08 -49.14 8.35
CA THR F 213 21.05 -49.17 8.43
C THR F 213 20.00 -49.98 7.69
N PRO F 214 20.37 -50.75 6.68
CA PRO F 214 19.40 -51.64 6.03
C PRO F 214 18.79 -52.62 7.02
N GLU F 215 17.51 -52.91 6.82
CA GLU F 215 16.78 -53.87 7.63
C GLU F 215 16.22 -54.88 6.65
N ILE F 216 16.89 -56.03 6.56
CA ILE F 216 16.65 -57.04 5.54
C ILE F 216 15.77 -58.12 6.13
N ALA F 217 14.69 -58.46 5.42
CA ALA F 217 13.72 -59.43 5.94
C ALA F 217 12.74 -59.82 4.85
N ALA F 218 12.03 -60.93 5.10
CA ALA F 218 10.95 -61.37 4.23
C ALA F 218 9.76 -60.42 4.39
N ARG F 219 9.23 -59.94 3.27
CA ARG F 219 8.16 -58.96 3.33
C ARG F 219 7.12 -59.31 2.29
N PRO F 220 5.86 -58.97 2.54
CA PRO F 220 4.86 -59.19 1.50
C PRO F 220 5.09 -58.26 0.32
N LYS F 221 4.77 -58.78 -0.87
CA LYS F 221 4.89 -57.99 -2.09
C LYS F 221 3.87 -56.86 -2.10
N VAL F 222 4.35 -55.66 -2.38
CA VAL F 222 3.50 -54.49 -2.64
C VAL F 222 3.69 -54.18 -4.12
N ARG F 223 2.64 -54.31 -4.91
CA ARG F 223 2.77 -54.19 -6.36
C ARG F 223 3.96 -55.02 -6.83
N ASP F 224 3.93 -56.30 -6.44
CA ASP F 224 4.86 -57.33 -6.85
C ASP F 224 6.30 -57.07 -6.39
N GLN F 225 6.49 -56.22 -5.40
CA GLN F 225 7.82 -55.85 -4.94
C GLN F 225 8.01 -56.21 -3.46
N PRO F 226 8.87 -57.18 -3.12
CA PRO F 226 9.15 -57.47 -1.72
C PRO F 226 10.19 -56.55 -1.08
N GLY F 227 10.96 -55.81 -1.88
CA GLY F 227 11.85 -54.83 -1.31
C GLY F 227 11.09 -53.63 -0.76
N ARG F 228 11.81 -52.75 -0.05
CA ARG F 228 11.23 -51.50 0.40
C ARG F 228 12.23 -50.38 0.17
N MET F 229 11.71 -49.17 0.03
CA MET F 229 12.53 -47.97 -0.07
C MET F 229 11.87 -46.89 0.79
N ASN F 230 12.53 -46.45 1.85
CA ASN F 230 11.99 -45.42 2.73
C ASN F 230 12.54 -44.05 2.32
N TYR F 231 11.71 -43.02 2.44
CA TYR F 231 12.04 -41.70 1.94
C TYR F 231 12.17 -40.72 3.08
N TYR F 232 13.18 -39.86 2.98
CA TYR F 232 13.48 -38.88 4.01
C TYR F 232 13.73 -37.53 3.35
N TRP F 233 13.61 -36.47 4.14
CA TRP F 233 13.79 -35.11 3.65
C TRP F 233 14.27 -34.26 4.81
N THR F 234 14.89 -33.13 4.49
CA THR F 234 15.20 -32.10 5.47
C THR F 234 15.24 -30.76 4.74
N LEU F 235 15.05 -29.69 5.50
CA LEU F 235 15.20 -28.34 4.96
C LEU F 235 16.57 -27.84 5.35
N LEU F 236 17.40 -27.60 4.34
CA LEU F 236 18.75 -27.11 4.54
C LEU F 236 18.72 -25.59 4.57
N GLU F 237 19.12 -25.00 5.69
CA GLU F 237 19.05 -23.55 5.82
C GLU F 237 20.03 -22.87 4.86
N PRO F 238 19.73 -21.64 4.43
CA PRO F 238 20.70 -20.87 3.62
C PRO F 238 22.06 -20.80 4.31
N GLY F 239 23.12 -21.04 3.54
CA GLY F 239 24.46 -20.99 4.08
C GLY F 239 24.94 -22.27 4.73
N ASP F 240 24.05 -23.20 5.03
CA ASP F 240 24.44 -24.45 5.67
C ASP F 240 24.89 -25.49 4.66
N THR F 241 25.57 -26.51 5.17
CA THR F 241 26.06 -27.64 4.38
C THR F 241 25.38 -28.94 4.80
N ILE F 242 25.07 -29.80 3.83
CA ILE F 242 24.58 -31.14 4.15
C ILE F 242 25.61 -32.14 3.62
N ILE F 243 25.93 -33.16 4.41
CA ILE F 243 26.96 -34.14 4.07
C ILE F 243 26.34 -35.53 4.06
N PHE F 244 26.41 -36.19 2.91
CA PHE F 244 25.98 -37.56 2.72
C PHE F 244 27.20 -38.47 2.77
N GLU F 245 27.08 -39.56 3.52
CA GLU F 245 28.11 -40.57 3.66
C GLU F 245 27.46 -41.94 3.62
N ALA F 246 28.00 -42.88 2.83
CA ALA F 246 27.32 -44.16 2.71
C ALA F 246 28.26 -45.24 2.23
N THR F 247 28.03 -46.46 2.72
CA THR F 247 28.69 -47.65 2.20
C THR F 247 27.72 -48.58 1.49
N GLY F 248 26.50 -48.11 1.24
CA GLY F 248 25.52 -48.85 0.49
C GLY F 248 24.13 -48.32 0.76
N ASN F 249 23.21 -48.73 -0.11
CA ASN F 249 21.76 -48.60 0.07
C ASN F 249 21.27 -47.16 -0.02
N LEU F 250 22.14 -46.20 -0.30
CA LEU F 250 21.72 -44.81 -0.38
C LEU F 250 21.04 -44.58 -1.71
N ILE F 251 19.83 -44.03 -1.66
CA ILE F 251 19.14 -43.52 -2.83
C ILE F 251 19.41 -42.02 -2.87
N ALA F 252 20.42 -41.61 -3.63
CA ALA F 252 21.01 -40.30 -3.46
C ALA F 252 20.12 -39.18 -4.01
N PRO F 253 20.20 -37.98 -3.43
CA PRO F 253 19.61 -36.81 -4.09
C PRO F 253 20.28 -36.62 -5.43
N TRP F 254 19.47 -36.33 -6.44
CA TRP F 254 19.92 -35.91 -7.77
C TRP F 254 19.46 -34.49 -8.05
N TYR F 255 18.18 -34.22 -7.86
CA TYR F 255 17.63 -32.87 -7.88
C TYR F 255 17.02 -32.56 -6.51
N ALA F 256 17.19 -31.30 -6.07
CA ALA F 256 16.53 -30.77 -4.87
C ALA F 256 15.78 -29.48 -5.25
N PHE F 257 15.18 -28.82 -4.26
CA PHE F 257 14.28 -27.70 -4.49
C PHE F 257 14.62 -26.51 -3.60
N ALA F 258 14.82 -25.35 -4.22
CA ALA F 258 14.95 -24.08 -3.49
C ALA F 258 13.56 -23.48 -3.27
N LEU F 259 13.21 -23.18 -2.02
CA LEU F 259 11.85 -22.76 -1.67
C LEU F 259 11.72 -21.26 -1.61
N SER F 260 10.60 -20.77 -2.11
CA SER F 260 10.19 -19.40 -1.83
C SER F 260 8.95 -19.45 -0.94
N ARG F 261 9.02 -18.82 0.22
CA ARG F 261 7.88 -18.79 1.12
C ARG F 261 6.90 -17.71 0.69
N GLY F 262 5.61 -18.00 0.82
CA GLY F 262 4.57 -17.06 0.48
C GLY F 262 3.46 -17.09 1.51
N PHE F 263 2.47 -16.23 1.31
CA PHE F 263 1.37 -16.08 2.24
C PHE F 263 0.07 -16.46 1.54
N GLY F 264 -0.79 -17.17 2.27
CA GLY F 264 -2.11 -17.45 1.78
C GLY F 264 -2.22 -18.61 0.83
N SER F 265 -1.14 -19.39 0.66
CA SER F 265 -1.20 -20.58 -0.18
C SER F 265 -1.70 -21.75 0.65
N SER F 266 -2.02 -22.85 -0.03
CA SER F 266 -2.49 -24.04 0.66
C SER F 266 -2.52 -25.19 -0.32
N ILE F 267 -2.80 -26.36 0.20
CA ILE F 267 -3.00 -27.58 -0.56
C ILE F 267 -4.44 -28.02 -0.33
N ILE F 268 -5.17 -28.29 -1.40
CA ILE F 268 -6.54 -28.76 -1.30
C ILE F 268 -6.69 -30.01 -2.15
N ILE F 269 -7.76 -30.74 -1.87
CA ILE F 269 -8.17 -31.90 -2.66
C ILE F 269 -9.43 -31.49 -3.39
N SER F 270 -9.44 -31.62 -4.71
CA SER F 270 -10.61 -31.16 -5.46
C SER F 270 -10.72 -31.95 -6.76
N ASN F 271 -11.95 -32.19 -7.22
CA ASN F 271 -12.19 -32.78 -8.53
C ASN F 271 -12.76 -31.78 -9.53
N ALA F 272 -12.82 -30.50 -9.18
CA ALA F 272 -13.30 -29.52 -10.13
C ALA F 272 -12.24 -29.29 -11.19
N SER F 273 -12.68 -28.77 -12.33
CA SER F 273 -11.80 -28.56 -13.46
C SER F 273 -11.36 -27.11 -13.49
N MET F 274 -10.17 -26.89 -14.03
CA MET F 274 -9.63 -25.54 -14.16
C MET F 274 -10.29 -24.83 -15.33
N HIS F 275 -10.61 -23.55 -15.14
CA HIS F 275 -11.16 -22.70 -16.20
C HIS F 275 -10.41 -21.38 -16.22
N GLU F 276 -10.70 -20.57 -17.23
CA GLU F 276 -10.05 -19.26 -17.39
C GLU F 276 -10.81 -18.20 -16.60
N CYS F 277 -10.77 -18.33 -15.27
CA CYS F 277 -11.42 -17.39 -14.36
C CYS F 277 -10.42 -16.93 -13.32
N ASN F 278 -10.73 -15.77 -12.75
CA ASN F 278 -9.95 -15.19 -11.67
C ASN F 278 -10.88 -14.94 -10.50
N THR F 279 -10.39 -15.19 -9.30
CA THR F 279 -11.23 -15.08 -8.12
C THR F 279 -10.40 -14.54 -6.97
N LYS F 280 -11.10 -13.95 -6.01
CA LYS F 280 -10.51 -13.62 -4.72
C LYS F 280 -10.75 -14.71 -3.69
N CYS F 281 -11.58 -15.69 -4.00
CA CYS F 281 -11.94 -16.74 -3.05
C CYS F 281 -12.16 -18.06 -3.77
N GLN F 282 -11.40 -19.09 -3.39
CA GLN F 282 -11.49 -20.42 -3.96
C GLN F 282 -11.79 -21.43 -2.85
N THR F 283 -12.70 -22.36 -3.13
CA THR F 283 -12.99 -23.52 -2.31
C THR F 283 -12.84 -24.78 -3.16
N PRO F 284 -12.76 -25.96 -2.55
CA PRO F 284 -12.65 -27.20 -3.36
C PRO F 284 -13.83 -27.44 -4.27
N GLN F 285 -15.02 -26.87 -3.98
CA GLN F 285 -16.18 -27.09 -4.82
C GLN F 285 -16.32 -26.03 -5.91
N GLY F 286 -15.65 -24.90 -5.78
CA GLY F 286 -15.80 -23.84 -6.77
C GLY F 286 -15.40 -22.50 -6.20
N ALA F 287 -15.28 -21.52 -7.09
CA ALA F 287 -14.86 -20.17 -6.70
C ALA F 287 -16.08 -19.36 -6.27
N ILE F 288 -15.84 -18.42 -5.35
CA ILE F 288 -16.88 -17.56 -4.77
C ILE F 288 -16.57 -16.12 -5.15
N ASN F 289 -17.58 -15.41 -5.63
CA ASN F 289 -17.53 -13.99 -5.96
C ASN F 289 -18.64 -13.33 -5.13
N SER F 290 -18.29 -12.81 -3.96
CA SER F 290 -19.30 -12.32 -3.03
C SER F 290 -18.69 -11.34 -2.05
N SER F 291 -19.52 -10.41 -1.57
CA SER F 291 -19.17 -9.52 -0.48
C SER F 291 -19.96 -9.81 0.78
N LEU F 292 -20.76 -10.87 0.77
CA LEU F 292 -21.58 -11.22 1.92
C LEU F 292 -20.71 -11.74 3.06
N PRO F 293 -21.14 -11.58 4.31
CA PRO F 293 -20.27 -11.99 5.43
C PRO F 293 -20.16 -13.50 5.62
N PHE F 294 -21.16 -14.28 5.22
CA PHE F 294 -21.17 -15.71 5.50
C PHE F 294 -21.35 -16.51 4.20
N GLN F 295 -20.95 -17.77 4.26
CA GLN F 295 -21.14 -18.68 3.15
C GLN F 295 -21.32 -20.08 3.71
N ASN F 296 -22.09 -20.91 3.01
CA ASN F 296 -22.32 -22.31 3.39
C ASN F 296 -21.85 -23.28 2.32
N ILE F 297 -20.87 -22.88 1.52
CA ILE F 297 -20.42 -23.68 0.40
C ILE F 297 -19.38 -24.71 0.83
N HIS F 298 -18.35 -24.30 1.58
CA HIS F 298 -17.30 -25.24 1.98
C HIS F 298 -16.51 -24.67 3.14
N PRO F 299 -16.11 -25.49 4.12
CA PRO F 299 -15.24 -24.98 5.19
C PRO F 299 -13.81 -24.71 4.73
N VAL F 300 -13.35 -25.33 3.65
CA VAL F 300 -12.01 -25.13 3.12
C VAL F 300 -12.06 -23.99 2.12
N THR F 301 -11.27 -22.94 2.36
CA THR F 301 -11.25 -21.75 1.52
C THR F 301 -9.81 -21.32 1.29
N ILE F 302 -9.59 -20.63 0.17
CA ILE F 302 -8.31 -20.03 -0.15
C ILE F 302 -8.57 -18.59 -0.56
N GLY F 303 -7.80 -17.65 -0.01
CA GLY F 303 -7.97 -16.26 -0.37
C GLY F 303 -8.76 -15.46 0.66
N GLU F 304 -9.59 -14.54 0.21
CA GLU F 304 -10.40 -13.72 1.11
C GLU F 304 -11.85 -14.11 0.87
N CYS F 305 -12.44 -14.80 1.83
CA CYS F 305 -13.69 -15.54 1.67
C CYS F 305 -14.67 -15.20 2.77
N PRO F 306 -15.96 -15.42 2.54
CA PRO F 306 -16.94 -15.29 3.62
C PRO F 306 -16.75 -16.40 4.64
N LYS F 307 -17.18 -16.13 5.88
CA LYS F 307 -17.03 -17.11 6.95
C LYS F 307 -17.96 -18.29 6.72
N TYR F 308 -17.43 -19.50 6.87
CA TYR F 308 -18.22 -20.69 6.64
C TYR F 308 -19.16 -20.92 7.82
N VAL F 309 -20.43 -21.21 7.52
CA VAL F 309 -21.40 -21.60 8.54
C VAL F 309 -22.25 -22.73 7.99
N ARG F 310 -22.92 -23.44 8.88
CA ARG F 310 -23.84 -24.49 8.49
C ARG F 310 -25.21 -23.96 8.11
N SER F 311 -25.45 -22.66 8.28
CA SER F 311 -26.78 -22.09 8.10
C SER F 311 -27.28 -22.26 6.68
N THR F 312 -28.60 -22.35 6.54
CA THR F 312 -29.25 -22.39 5.24
C THR F 312 -29.96 -21.10 4.87
N LYS F 313 -30.21 -20.22 5.84
CA LYS F 313 -30.74 -18.89 5.56
C LYS F 313 -30.25 -17.92 6.62
N LEU F 314 -29.76 -16.76 6.17
CA LEU F 314 -29.39 -15.67 7.07
C LEU F 314 -29.89 -14.38 6.41
N ARG F 315 -31.07 -13.92 6.82
CA ARG F 315 -31.68 -12.75 6.19
C ARG F 315 -32.10 -11.75 7.27
N MET F 316 -31.56 -10.54 7.16
CA MET F 316 -31.84 -9.44 8.08
C MET F 316 -32.92 -8.54 7.50
N VAL F 317 -33.95 -8.24 8.29
CA VAL F 317 -34.95 -7.28 7.85
C VAL F 317 -34.35 -5.89 7.91
N THR F 318 -34.58 -5.09 6.87
CA THR F 318 -34.22 -3.69 6.89
C THR F 318 -35.44 -2.76 6.93
N GLY F 319 -36.55 -3.12 6.29
CA GLY F 319 -37.79 -2.34 6.38
C GLY F 319 -38.70 -2.80 7.52
N LEU F 320 -39.99 -2.59 7.35
CA LEU F 320 -40.97 -3.02 8.34
C LEU F 320 -41.83 -4.14 7.76
N ARG F 321 -42.66 -4.75 8.62
CA ARG F 321 -43.60 -5.75 8.12
C ARG F 321 -44.38 -5.18 6.95
N ASN F 322 -44.53 -6.00 5.91
CA ASN F 322 -45.32 -5.61 4.74
C ASN F 322 -46.78 -6.01 5.00
N ILE F 323 -47.62 -5.01 5.23
CA ILE F 323 -49.04 -5.24 5.46
C ILE F 323 -49.82 -4.42 4.44
N PRO F 324 -49.94 -4.88 3.18
CA PRO F 324 -50.66 -4.16 2.12
C PRO F 324 -52.18 -4.42 2.12
N GLY F 330 -47.00 -5.66 17.30
CA GLY F 330 -45.83 -4.81 17.48
C GLY F 330 -45.66 -4.31 18.90
N LEU F 331 -44.41 -3.96 19.24
CA LEU F 331 -44.09 -3.58 20.60
C LEU F 331 -44.61 -2.20 20.97
N PHE F 332 -44.82 -1.33 19.98
CA PHE F 332 -45.28 0.02 20.24
C PHE F 332 -46.72 0.29 19.83
N GLY F 333 -47.36 -0.63 19.12
CA GLY F 333 -48.79 -0.55 18.90
C GLY F 333 -49.24 0.13 17.64
N ALA F 334 -48.30 0.69 16.86
CA ALA F 334 -48.66 1.43 15.65
C ALA F 334 -48.80 0.49 14.46
N ILE F 335 -47.67 -0.03 13.96
CA ILE F 335 -47.70 -0.95 12.84
C ILE F 335 -48.45 -2.21 13.25
N ALA F 336 -49.36 -2.66 12.38
CA ALA F 336 -50.27 -3.77 12.70
C ALA F 336 -51.07 -3.50 13.97
N GLY F 337 -51.25 -2.22 14.29
CA GLY F 337 -51.98 -1.85 15.50
C GLY F 337 -53.12 -0.90 15.18
N PHE F 338 -53.10 0.31 15.73
CA PHE F 338 -54.17 1.26 15.40
C PHE F 338 -54.03 1.80 13.97
N ILE F 339 -52.83 1.81 13.42
CA ILE F 339 -52.66 2.00 11.97
C ILE F 339 -52.54 0.60 11.40
N GLU F 340 -53.69 0.05 10.98
CA GLU F 340 -53.81 -1.38 10.74
C GLU F 340 -53.03 -1.85 9.52
N GLY F 341 -52.66 -0.95 8.61
CA GLY F 341 -52.03 -1.37 7.37
C GLY F 341 -51.15 -0.31 6.74
N GLY F 342 -50.33 -0.76 5.79
CA GLY F 342 -49.43 0.11 5.07
C GLY F 342 -50.03 0.61 3.76
N TRP F 343 -49.31 1.54 3.13
CA TRP F 343 -49.77 2.18 1.90
C TRP F 343 -48.89 1.73 0.74
N THR F 344 -49.45 0.87 -0.12
CA THR F 344 -48.78 0.58 -1.38
C THR F 344 -48.62 1.86 -2.21
N GLY F 345 -49.54 2.81 -2.04
CA GLY F 345 -49.48 4.06 -2.80
C GLY F 345 -48.32 4.96 -2.44
N MET F 346 -47.74 4.82 -1.25
CA MET F 346 -46.62 5.68 -0.85
C MET F 346 -45.33 4.97 -1.23
N ILE F 347 -44.75 5.37 -2.36
CA ILE F 347 -43.63 4.66 -2.95
C ILE F 347 -42.31 5.37 -2.72
N ASP F 348 -42.30 6.46 -1.97
CA ASP F 348 -41.12 7.31 -1.84
C ASP F 348 -40.51 7.33 -0.44
N GLY F 349 -41.04 6.58 0.52
CA GLY F 349 -40.45 6.56 1.83
C GLY F 349 -41.06 5.50 2.72
N TRP F 350 -40.41 5.29 3.88
CA TRP F 350 -40.87 4.30 4.84
C TRP F 350 -42.06 4.82 5.65
N TYR F 351 -42.00 6.08 6.08
CA TYR F 351 -43.05 6.74 6.85
C TYR F 351 -43.47 8.03 6.17
N GLY F 352 -44.74 8.39 6.32
CA GLY F 352 -45.18 9.63 5.72
C GLY F 352 -46.59 9.99 6.11
N TYR F 353 -47.20 10.83 5.26
CA TYR F 353 -48.53 11.35 5.50
C TYR F 353 -49.36 11.20 4.23
N HIS F 354 -50.66 10.99 4.42
CA HIS F 354 -51.61 11.02 3.31
C HIS F 354 -52.70 12.02 3.65
N HIS F 355 -52.82 13.06 2.84
CA HIS F 355 -53.88 14.02 2.99
C HIS F 355 -54.84 13.95 1.82
N GLN F 356 -56.06 14.39 2.08
CA GLN F 356 -57.11 14.50 1.06
C GLN F 356 -57.96 15.67 1.56
N ASN F 357 -57.60 16.86 1.09
CA ASN F 357 -58.25 18.11 1.47
C ASN F 357 -59.01 18.68 0.28
N GLU F 358 -59.54 19.89 0.45
CA GLU F 358 -60.33 20.51 -0.60
C GLU F 358 -59.52 20.71 -1.88
N GLN F 359 -58.21 20.94 -1.77
CA GLN F 359 -57.41 21.12 -2.96
C GLN F 359 -57.10 19.81 -3.69
N GLY F 360 -57.27 18.66 -3.05
CA GLY F 360 -57.00 17.39 -3.71
C GLY F 360 -56.64 16.32 -2.69
N SER F 361 -55.92 15.30 -3.18
CA SER F 361 -55.47 14.19 -2.33
C SER F 361 -54.09 13.73 -2.80
N GLY F 362 -53.32 13.19 -1.86
CA GLY F 362 -51.98 12.70 -2.19
C GLY F 362 -51.17 12.15 -1.04
N TYR F 363 -50.33 11.15 -1.34
CA TYR F 363 -49.41 10.60 -0.35
C TYR F 363 -48.15 11.45 -0.30
N ALA F 364 -47.59 11.61 0.90
CA ALA F 364 -46.34 12.34 1.07
C ALA F 364 -45.51 11.68 2.17
N ALA F 365 -44.24 11.42 1.88
CA ALA F 365 -43.35 10.78 2.82
C ALA F 365 -42.71 11.83 3.73
N ASP F 366 -42.52 11.46 5.00
CA ASP F 366 -41.82 12.32 5.95
C ASP F 366 -40.31 12.14 5.79
N GLN F 367 -39.65 13.16 5.24
CA GLN F 367 -38.23 13.02 4.89
C GLN F 367 -37.37 12.85 6.14
N LYS F 368 -37.78 13.43 7.27
CA LYS F 368 -36.93 13.40 8.45
C LYS F 368 -36.97 12.02 9.10
N SER F 369 -38.17 11.47 9.30
CA SER F 369 -38.30 10.15 9.92
C SER F 369 -37.67 9.06 9.05
N THR F 370 -37.88 9.14 7.74
CA THR F 370 -37.29 8.15 6.84
C THR F 370 -35.76 8.21 6.87
N GLN F 371 -35.20 9.42 6.78
CA GLN F 371 -33.75 9.56 6.73
C GLN F 371 -33.11 9.18 8.07
N ASN F 372 -33.80 9.43 9.18
CA ASN F 372 -33.24 9.01 10.46
C ASN F 372 -33.26 7.49 10.59
N ALA F 373 -34.32 6.85 10.08
CA ALA F 373 -34.41 5.39 10.13
C ALA F 373 -33.45 4.74 9.15
N ILE F 374 -33.30 5.30 7.95
CA ILE F 374 -32.40 4.72 6.97
C ILE F 374 -30.96 4.71 7.51
N ASN F 375 -30.55 5.81 8.15
CA ASN F 375 -29.20 5.90 8.69
C ASN F 375 -29.00 4.91 9.83
N GLY F 376 -29.96 4.82 10.74
CA GLY F 376 -29.79 3.90 11.86
C GLY F 376 -29.69 2.45 11.41
N ILE F 377 -30.59 2.05 10.51
CA ILE F 377 -30.60 0.66 10.05
C ILE F 377 -29.37 0.36 9.21
N THR F 378 -28.95 1.31 8.37
CA THR F 378 -27.75 1.09 7.58
C THR F 378 -26.55 0.87 8.50
N ASN F 379 -26.48 1.60 9.61
CA ASN F 379 -25.39 1.36 10.56
C ASN F 379 -25.50 0.00 11.22
N LYS F 380 -26.72 -0.43 11.51
CA LYS F 380 -26.91 -1.70 12.18
C LYS F 380 -26.37 -2.84 11.32
N VAL F 381 -26.73 -2.83 10.04
CA VAL F 381 -26.27 -3.87 9.13
C VAL F 381 -24.76 -3.80 8.92
N ASN F 382 -24.24 -2.59 8.69
CA ASN F 382 -22.80 -2.44 8.50
C ASN F 382 -22.04 -2.79 9.76
N SER F 383 -22.58 -2.46 10.95
CA SER F 383 -21.90 -2.86 12.17
C SER F 383 -21.89 -4.37 12.33
N VAL F 384 -22.99 -5.04 11.94
CA VAL F 384 -23.06 -6.49 12.03
C VAL F 384 -22.06 -7.14 11.08
N ILE F 385 -22.03 -6.68 9.82
CA ILE F 385 -21.13 -7.26 8.84
C ILE F 385 -19.68 -7.05 9.26
N GLU F 386 -19.37 -5.87 9.82
CA GLU F 386 -18.01 -5.54 10.22
C GLU F 386 -17.49 -6.48 11.31
N LYS F 387 -18.37 -6.92 12.21
CA LYS F 387 -17.96 -7.79 13.30
C LYS F 387 -17.65 -9.20 12.79
N MET F 388 -18.21 -9.59 11.64
CA MET F 388 -18.00 -10.91 11.04
C MET F 388 -16.83 -10.82 10.08
N ASN F 389 -15.62 -10.91 10.64
CA ASN F 389 -14.44 -10.72 9.82
C ASN F 389 -14.27 -11.86 8.83
N THR F 390 -13.77 -11.52 7.64
CA THR F 390 -13.62 -12.48 6.56
C THR F 390 -12.73 -13.66 6.97
N GLN F 391 -12.96 -14.78 6.30
CA GLN F 391 -12.17 -15.99 6.49
C GLN F 391 -11.04 -16.04 5.46
N PHE F 392 -9.80 -16.08 5.94
CA PHE F 392 -8.64 -16.20 5.07
C PHE F 392 -8.31 -17.66 4.84
N THR F 393 -7.28 -17.93 4.03
CA THR F 393 -6.96 -19.31 3.63
C THR F 393 -6.86 -20.22 4.85
N THR F 394 -7.67 -21.29 4.85
CA THR F 394 -7.62 -22.30 5.90
C THR F 394 -6.48 -23.29 5.63
N VAL F 395 -5.80 -23.71 6.69
CA VAL F 395 -4.69 -24.62 6.53
C VAL F 395 -5.22 -26.05 6.63
N GLY F 396 -5.07 -26.81 5.55
CA GLY F 396 -5.42 -28.22 5.61
C GLY F 396 -4.60 -28.94 6.66
N LYS F 397 -5.15 -30.04 7.18
CA LYS F 397 -4.45 -30.80 8.20
C LYS F 397 -4.58 -32.28 7.90
N GLU F 398 -3.45 -32.98 7.80
CA GLU F 398 -3.43 -34.42 7.52
C GLU F 398 -2.61 -35.12 8.59
N PHE F 399 -3.04 -36.33 8.90
CA PHE F 399 -2.46 -37.13 9.97
C PHE F 399 -2.32 -38.55 9.46
N ASN F 400 -1.28 -39.23 9.92
CA ASN F 400 -1.07 -40.61 9.47
C ASN F 400 -1.80 -41.56 10.41
N ASN F 401 -1.69 -42.86 10.12
CA ASN F 401 -2.52 -43.81 10.82
C ASN F 401 -2.10 -44.03 12.26
N LEU F 402 -1.04 -43.37 12.74
CA LEU F 402 -0.69 -43.39 14.15
C LEU F 402 -0.89 -42.03 14.81
N GLU F 403 -1.72 -41.19 14.21
CA GLU F 403 -1.99 -39.87 14.73
C GLU F 403 -3.48 -39.65 14.77
N LYS F 404 -4.19 -40.72 15.14
CA LYS F 404 -5.65 -40.67 15.20
C LYS F 404 -6.10 -39.70 16.27
N ARG F 405 -5.38 -39.64 17.40
CA ARG F 405 -5.78 -38.73 18.47
C ARG F 405 -5.65 -37.27 18.02
N MET F 406 -4.53 -36.93 17.37
CA MET F 406 -4.36 -35.56 16.88
CA MET F 406 -4.35 -35.56 16.86
C MET F 406 -5.41 -35.21 15.84
N GLU F 407 -5.76 -36.18 14.97
CA GLU F 407 -6.78 -35.98 13.96
C GLU F 407 -8.13 -35.68 14.62
N ASN F 408 -8.47 -36.45 15.66
CA ASN F 408 -9.74 -36.21 16.33
C ASN F 408 -9.71 -34.89 17.10
N LEU F 409 -8.57 -34.54 17.67
CA LEU F 409 -8.47 -33.24 18.31
C LEU F 409 -8.69 -32.13 17.29
N ASN F 410 -8.06 -32.25 16.12
CA ASN F 410 -8.27 -31.26 15.07
C ASN F 410 -9.76 -31.18 14.69
N LYS F 411 -10.44 -32.33 14.56
CA LYS F 411 -11.84 -32.31 14.18
C LYS F 411 -12.72 -31.69 15.27
N LYS F 412 -12.44 -31.98 16.54
CA LYS F 412 -13.17 -31.33 17.62
C LYS F 412 -13.01 -29.81 17.56
N VAL F 413 -11.80 -29.33 17.27
CA VAL F 413 -11.57 -27.88 17.15
C VAL F 413 -12.41 -27.30 16.02
N ASP F 414 -12.32 -27.92 14.84
CA ASP F 414 -13.04 -27.41 13.68
C ASP F 414 -14.54 -27.46 13.88
N ASP F 415 -15.06 -28.58 14.41
CA ASP F 415 -16.49 -28.69 14.66
C ASP F 415 -16.96 -27.68 15.70
N GLY F 416 -16.20 -27.52 16.79
CA GLY F 416 -16.61 -26.63 17.86
C GLY F 416 -16.67 -25.18 17.44
N PHE F 417 -15.66 -24.71 16.69
CA PHE F 417 -15.70 -23.35 16.18
C PHE F 417 -16.86 -23.17 15.22
N LEU F 418 -17.06 -24.16 14.34
CA LEU F 418 -18.18 -24.07 13.40
C LEU F 418 -19.52 -24.02 14.11
N ASP F 419 -19.69 -24.82 15.19
CA ASP F 419 -20.91 -24.75 16.00
C ASP F 419 -21.12 -23.34 16.54
N ILE F 420 -20.06 -22.75 17.09
CA ILE F 420 -20.24 -21.46 17.74
C ILE F 420 -20.56 -20.37 16.73
N TRP F 421 -19.88 -20.37 15.57
CA TRP F 421 -20.14 -19.29 14.63
C TRP F 421 -21.50 -19.43 13.97
N THR F 422 -21.96 -20.67 13.73
CA THR F 422 -23.32 -20.86 13.22
C THR F 422 -24.35 -20.38 14.24
N TYR F 423 -24.12 -20.65 15.53
CA TYR F 423 -25.00 -20.19 16.58
C TYR F 423 -25.00 -18.66 16.66
N ASN F 424 -23.81 -18.05 16.66
CA ASN F 424 -23.69 -16.60 16.74
C ASN F 424 -24.43 -15.93 15.58
N ALA F 425 -24.21 -16.43 14.37
CA ALA F 425 -24.76 -15.80 13.17
C ALA F 425 -26.29 -15.88 13.16
N GLU F 426 -26.84 -17.07 13.43
CA GLU F 426 -28.29 -17.21 13.35
C GLU F 426 -28.96 -16.42 14.46
N LEU F 427 -28.39 -16.47 15.67
CA LEU F 427 -29.01 -15.82 16.81
C LEU F 427 -28.96 -14.30 16.69
N LEU F 428 -27.84 -13.74 16.25
CA LEU F 428 -27.76 -12.29 16.08
C LEU F 428 -28.81 -11.79 15.10
N VAL F 429 -29.01 -12.54 14.01
CA VAL F 429 -29.99 -12.15 13.00
C VAL F 429 -31.39 -12.18 13.58
N LEU F 430 -31.72 -13.23 14.34
CA LEU F 430 -33.04 -13.30 14.96
C LEU F 430 -33.29 -12.14 15.90
N LEU F 431 -32.33 -11.86 16.80
CA LEU F 431 -32.51 -10.79 17.77
C LEU F 431 -32.64 -9.43 17.09
N GLU F 432 -31.74 -9.14 16.14
CA GLU F 432 -31.76 -7.83 15.52
C GLU F 432 -32.98 -7.66 14.60
N ASN F 433 -33.50 -8.76 14.04
CA ASN F 433 -34.72 -8.67 13.26
C ASN F 433 -35.88 -8.21 14.13
N GLU F 434 -35.99 -8.78 15.32
CA GLU F 434 -37.02 -8.34 16.26
C GLU F 434 -36.82 -6.88 16.63
N ARG F 435 -35.59 -6.48 16.90
CA ARG F 435 -35.33 -5.11 17.30
C ARG F 435 -35.59 -4.12 16.16
N THR F 436 -35.37 -4.54 14.92
CA THR F 436 -35.60 -3.65 13.78
C THR F 436 -37.09 -3.41 13.56
N LEU F 437 -37.91 -4.46 13.63
CA LEU F 437 -39.35 -4.30 13.49
C LEU F 437 -39.90 -3.37 14.57
N ASP F 438 -39.45 -3.57 15.82
CA ASP F 438 -39.84 -2.69 16.91
C ASP F 438 -39.35 -1.26 16.68
N PHE F 439 -38.18 -1.11 16.07
CA PHE F 439 -37.64 0.21 15.74
C PHE F 439 -38.59 0.98 14.82
N HIS F 440 -39.05 0.33 13.75
CA HIS F 440 -40.01 0.94 12.85
C HIS F 440 -41.31 1.25 13.56
N ASP F 441 -41.79 0.30 14.38
CA ASP F 441 -42.99 0.52 15.17
C ASP F 441 -42.86 1.75 16.06
N SER F 442 -41.70 1.92 16.71
CA SER F 442 -41.49 3.10 17.53
C SER F 442 -41.47 4.38 16.70
N ASN F 443 -40.87 4.33 15.51
CA ASN F 443 -40.76 5.55 14.73
C ASN F 443 -42.14 6.03 14.26
N VAL F 444 -42.99 5.11 13.78
CA VAL F 444 -44.33 5.51 13.35
C VAL F 444 -45.11 6.11 14.52
N LYS F 445 -45.05 5.46 15.69
CA LYS F 445 -45.78 5.98 16.83
C LYS F 445 -45.31 7.39 17.20
N ASN F 446 -43.99 7.59 17.27
CA ASN F 446 -43.46 8.92 17.58
C ASN F 446 -43.79 9.93 16.50
N LEU F 447 -43.84 9.50 15.23
CA LEU F 447 -44.27 10.40 14.17
C LEU F 447 -45.73 10.80 14.36
N TYR F 448 -46.58 9.83 14.70
CA TYR F 448 -47.98 10.16 14.98
C TYR F 448 -48.10 11.11 16.16
N GLU F 449 -47.38 10.84 17.25
CA GLU F 449 -47.54 11.64 18.47
C GLU F 449 -46.99 13.06 18.33
N LYS F 450 -45.94 13.25 17.52
CA LYS F 450 -45.44 14.60 17.26
C LYS F 450 -46.48 15.44 16.52
N VAL F 451 -47.17 14.83 15.54
CA VAL F 451 -48.22 15.52 14.81
C VAL F 451 -49.38 15.86 15.74
N LYS F 452 -49.65 14.98 16.70
CA LYS F 452 -50.69 15.26 17.69
C LYS F 452 -50.30 16.42 18.60
N SER F 453 -49.00 16.55 18.93
CA SER F 453 -48.56 17.67 19.74
C SER F 453 -48.52 18.97 18.95
N GLN F 454 -48.43 18.88 17.61
CA GLN F 454 -48.46 20.06 16.77
C GLN F 454 -49.87 20.63 16.65
N LEU F 455 -50.88 19.77 16.53
CA LEU F 455 -52.22 20.26 16.25
C LEU F 455 -53.01 20.53 17.52
N LYS F 456 -52.54 20.03 18.66
CA LYS F 456 -53.24 20.20 19.93
C LYS F 456 -54.75 20.03 19.73
N ASN F 457 -55.56 20.70 20.57
CA ASN F 457 -57.01 20.64 20.42
C ASN F 457 -57.55 21.22 19.03
N ASN F 458 -56.78 21.63 18.02
CA ASN F 458 -57.35 22.14 16.77
C ASN F 458 -57.78 21.03 15.81
N ALA F 459 -57.84 19.79 16.28
CA ALA F 459 -58.12 18.65 15.40
C ALA F 459 -58.73 17.51 16.22
N LYS F 460 -59.40 16.61 15.52
CA LYS F 460 -60.02 15.43 16.10
C LYS F 460 -59.26 14.18 15.69
N GLU F 461 -59.04 13.27 16.65
CA GLU F 461 -58.34 12.02 16.39
C GLU F 461 -59.33 11.01 15.81
N ILE F 462 -59.26 10.78 14.49
CA ILE F 462 -60.23 9.92 13.82
C ILE F 462 -60.04 8.44 14.12
N GLY F 463 -58.93 8.05 14.77
CA GLY F 463 -58.79 6.70 15.23
C GLY F 463 -57.60 5.93 14.70
N ASN F 464 -57.50 5.77 13.39
CA ASN F 464 -56.47 4.92 12.79
C ASN F 464 -55.32 5.75 12.24
N GLY F 465 -54.77 6.61 13.09
CA GLY F 465 -53.67 7.47 12.69
C GLY F 465 -54.06 8.68 11.87
N CYS F 466 -55.35 9.04 11.85
CA CYS F 466 -55.85 10.16 11.06
C CYS F 466 -56.29 11.30 11.97
N PHE F 467 -56.15 12.53 11.48
CA PHE F 467 -56.55 13.73 12.19
C PHE F 467 -57.60 14.51 11.40
N GLU F 468 -58.72 14.83 12.04
CA GLU F 468 -59.80 15.61 11.44
C GLU F 468 -59.64 17.06 11.92
N PHE F 469 -59.22 17.93 11.02
CA PHE F 469 -59.01 19.33 11.36
C PHE F 469 -60.34 20.02 11.66
N TYR F 470 -60.31 20.96 12.60
CA TYR F 470 -61.50 21.76 12.89
C TYR F 470 -61.62 22.95 11.94
N HIS F 471 -60.53 23.29 11.25
CA HIS F 471 -60.52 24.32 10.23
C HIS F 471 -60.15 23.70 8.89
N LYS F 472 -60.25 24.52 7.84
CA LYS F 472 -59.77 24.11 6.54
C LYS F 472 -58.25 24.26 6.54
N CYS F 473 -57.55 23.24 6.07
CA CYS F 473 -56.10 23.18 6.12
C CYS F 473 -55.58 22.98 4.69
N ASP F 474 -55.11 24.07 4.08
CA ASP F 474 -54.71 24.02 2.68
C ASP F 474 -53.33 23.39 2.57
N ASN F 475 -52.78 23.37 1.34
CA ASN F 475 -51.48 22.76 1.12
C ASN F 475 -50.37 23.43 1.92
N GLU F 476 -50.48 24.75 2.15
CA GLU F 476 -49.48 25.39 3.01
C GLU F 476 -49.67 24.97 4.45
N CYS F 477 -50.92 24.80 4.87
CA CYS F 477 -51.20 24.33 6.22
C CYS F 477 -50.79 22.87 6.39
N MET F 478 -51.05 22.02 5.38
CA MET F 478 -50.64 20.62 5.47
C MET F 478 -49.14 20.47 5.53
N GLU F 479 -48.43 21.12 4.60
CA GLU F 479 -46.98 21.08 4.58
C GLU F 479 -46.39 21.59 5.89
N SER F 480 -47.03 22.59 6.50
CA SER F 480 -46.61 23.07 7.80
C SER F 480 -46.67 21.96 8.86
N VAL F 481 -47.72 21.14 8.82
CA VAL F 481 -47.79 20.02 9.75
C VAL F 481 -46.71 19.00 9.42
N ARG F 482 -46.57 18.66 8.14
CA ARG F 482 -45.60 17.64 7.75
C ARG F 482 -44.17 18.07 8.05
N ASN F 483 -43.82 19.32 7.75
CA ASN F 483 -42.47 19.79 8.06
C ASN F 483 -42.28 20.26 9.50
N GLY F 484 -43.33 20.27 10.32
CA GLY F 484 -43.19 20.71 11.69
C GLY F 484 -43.31 22.20 11.94
N THR F 485 -43.92 22.95 11.02
CA THR F 485 -44.05 24.40 11.16
C THR F 485 -45.52 24.82 11.28
N TYR F 486 -46.33 23.96 11.88
CA TYR F 486 -47.78 24.23 12.01
C TYR F 486 -48.01 25.39 12.97
N ASP F 487 -48.76 26.40 12.50
CA ASP F 487 -49.01 27.60 13.29
C ASP F 487 -50.30 27.41 14.07
N TYR F 488 -50.18 26.87 15.29
CA TYR F 488 -51.33 26.70 16.16
C TYR F 488 -52.00 28.03 16.50
N PRO F 489 -51.29 29.09 16.91
CA PRO F 489 -51.97 30.34 17.22
C PRO F 489 -52.75 30.90 16.06
N LYS F 490 -52.40 30.55 14.82
CA LYS F 490 -53.15 31.08 13.69
C LYS F 490 -54.58 30.56 13.72
N TYR F 491 -54.81 29.39 14.33
CA TYR F 491 -56.16 28.84 14.39
C TYR F 491 -56.60 28.70 15.85
#